data_8PI1
#
_entry.id   8PI1
#
_cell.length_a   254.800
_cell.length_b   146.250
_cell.length_c   154.590
_cell.angle_alpha   90.00
_cell.angle_beta   122.63
_cell.angle_gamma   90.00
#
_symmetry.space_group_name_H-M   'C 1 2 1'
#
loop_
_entity.id
_entity.type
_entity.pdbx_description
1 polymer Arylesterase
2 non-polymer N-[2-[3,5-bis[2-(2-iodanylethanoylamino)ethanoyl]-1,3,5-triazinan-1-yl]-2-oxidanylidene-ethyl]-2-iodanyl-ethanamide
3 non-polymer GLYCEROL
4 water water
#
_entity_poly.entity_id   1
_entity_poly.type   'polypeptide(L)'
_entity_poly.pdbx_seq_one_letter_code
;MSCFVAKDGTQIYFKDWGSGKPVLFSHGWLLDADMWEYQMEYLSSRGYRTIAFDRRGFGRSDQPWTGNDYDTFADDIAQL
IEHLDLKEVTLVGFSMGGGDVARYIARHGSARVAGLVLLGAVTPLFGQKPDYPQGVPLDVFARFKTELLKDRAQFISDFN
APFYGINKGQVVSCGVQTQTLQIALLASLKATVDCVTAFAETDFRPDMAKIDVPTLVIHGDGDQIVPFETTGKVAAELIK
GAELKVYKDAPHGFAVTHAQQLNEDLLAFLKRGSHHHHHH
;
_entity_poly.pdbx_strand_id   A,B,C,D,E,F,G,H,I,J,K,L,M,N,O
#
loop_
_chem_comp.id
_chem_comp.type
_chem_comp.name
_chem_comp.formula
GOL non-polymer GLYCEROL 'C3 H8 O3'
ZIZ non-polymer N-[2-[3,5-bis[2-(2-iodanylethanoylamino)ethanoyl]-1,3,5-triazinan-1-yl]-2-oxidanylidene-ethyl]-2-iodanyl-ethanamide 'C15 H21 I3 N6 O6'
#
# COMPACT_ATOMS: atom_id res chain seq x y z
N SER A 2 -9.86 37.53 12.72
CA SER A 2 -9.44 37.21 11.33
C SER A 2 -8.02 36.65 11.34
N CYS A 3 -7.69 35.83 10.34
CA CYS A 3 -6.31 35.42 10.13
C CYS A 3 -6.04 35.15 8.65
N PHE A 4 -4.76 35.13 8.29
CA PHE A 4 -4.27 34.72 6.98
C PHE A 4 -3.00 33.89 7.18
N VAL A 5 -2.63 33.12 6.16
CA VAL A 5 -1.48 32.23 6.23
C VAL A 5 -0.36 32.84 5.40
N ALA A 6 0.79 33.06 6.05
CA ALA A 6 2.00 33.50 5.37
C ALA A 6 2.55 32.36 4.50
N LYS A 7 3.47 32.70 3.60
CA LYS A 7 4.00 31.79 2.59
C LYS A 7 4.61 30.53 3.24
N ASP A 8 5.21 30.70 4.42
CA ASP A 8 5.91 29.61 5.08
C ASP A 8 4.94 28.81 5.96
N GLY A 9 3.67 29.25 6.01
CA GLY A 9 2.62 28.48 6.63
C GLY A 9 2.17 29.05 7.98
N THR A 10 2.83 30.13 8.41
CA THR A 10 2.54 30.79 9.68
C THR A 10 1.19 31.50 9.61
N GLN A 11 0.33 31.25 10.60
CA GLN A 11 -0.95 31.94 10.70
C GLN A 11 -0.76 33.25 11.47
N ILE A 12 -1.25 34.35 10.88
CA ILE A 12 -1.15 35.67 11.47
C ILE A 12 -2.57 36.15 11.82
N TYR A 13 -2.77 36.56 13.07
CA TYR A 13 -4.04 37.13 13.49
C TYR A 13 -4.05 38.63 13.18
N PHE A 14 -5.20 39.13 12.71
CA PHE A 14 -5.37 40.55 12.46
C PHE A 14 -6.82 40.98 12.75
N LYS A 15 -6.99 42.29 13.01
CA LYS A 15 -8.30 42.92 13.12
C LYS A 15 -8.50 43.86 11.93
N ASP A 16 -9.74 43.90 11.42
CA ASP A 16 -10.15 44.74 10.30
C ASP A 16 -11.45 45.45 10.69
N TRP A 17 -11.33 46.74 11.05
CA TRP A 17 -12.43 47.51 11.59
C TRP A 17 -12.85 48.64 10.64
N GLY A 18 -14.15 48.95 10.65
CA GLY A 18 -14.71 50.11 9.99
C GLY A 18 -14.63 50.03 8.47
N SER A 19 -14.81 51.18 7.82
CA SER A 19 -14.77 51.28 6.36
C SER A 19 -14.23 52.64 5.95
N GLY A 20 -13.88 52.77 4.66
CA GLY A 20 -13.23 53.95 4.12
C GLY A 20 -11.76 53.71 3.83
N LYS A 21 -10.96 54.79 3.88
CA LYS A 21 -9.53 54.73 3.61
C LYS A 21 -8.84 53.89 4.68
N PRO A 22 -8.00 52.90 4.27
CA PRO A 22 -7.34 52.00 5.23
C PRO A 22 -6.10 52.56 5.91
N VAL A 23 -5.95 52.20 7.20
CA VAL A 23 -4.80 52.56 8.03
C VAL A 23 -4.32 51.27 8.71
N LEU A 24 -3.05 50.92 8.49
CA LEU A 24 -2.51 49.63 8.89
C LEU A 24 -1.42 49.84 9.95
N PHE A 25 -1.64 49.26 11.14
CA PHE A 25 -0.80 49.50 12.31
C PHE A 25 0.15 48.33 12.56
N SER A 26 1.40 48.67 12.93
CA SER A 26 2.43 47.69 13.22
C SER A 26 2.92 47.91 14.65
N HIS A 27 2.74 46.88 15.50
CA HIS A 27 2.93 47.02 16.94
C HIS A 27 4.41 46.90 17.30
N GLY A 28 4.73 47.26 18.55
CA GLY A 28 6.10 47.25 19.04
C GLY A 28 6.46 45.92 19.71
N TRP A 29 7.69 45.85 20.20
CA TRP A 29 8.24 44.68 20.88
C TRP A 29 7.42 44.36 22.14
N LEU A 30 7.01 43.09 22.27
CA LEU A 30 6.39 42.54 23.47
C LEU A 30 4.87 42.62 23.41
N LEU A 31 4.35 43.45 22.51
CA LEU A 31 2.93 43.77 22.51
C LEU A 31 2.20 42.96 21.43
N ASP A 32 0.98 43.38 21.10
CA ASP A 32 0.24 42.85 19.96
C ASP A 32 -0.67 43.95 19.41
N ALA A 33 -1.71 43.57 18.66
CA ALA A 33 -2.59 44.53 17.98
C ALA A 33 -3.42 45.33 18.98
N ASP A 34 -3.49 44.85 20.24
CA ASP A 34 -4.32 45.48 21.25
C ASP A 34 -3.73 46.81 21.71
N MET A 35 -2.46 47.08 21.36
CA MET A 35 -1.87 48.36 21.75
C MET A 35 -2.45 49.49 20.90
N TRP A 36 -3.29 49.14 19.93
CA TRP A 36 -3.79 50.11 18.95
C TRP A 36 -5.28 50.38 19.15
N GLU A 37 -5.90 49.67 20.12
CA GLU A 37 -7.35 49.65 20.24
C GLU A 37 -7.96 51.05 20.30
N TYR A 38 -7.36 51.95 21.11
CA TYR A 38 -7.92 53.28 21.28
C TYR A 38 -7.77 54.10 19.99
N GLN A 39 -6.62 53.94 19.32
CA GLN A 39 -6.31 54.64 18.09
C GLN A 39 -7.22 54.14 16.97
N MET A 40 -7.51 52.84 16.99
CA MET A 40 -8.28 52.18 15.95
C MET A 40 -9.76 52.54 16.10
N GLU A 41 -10.28 52.46 17.32
CA GLU A 41 -11.65 52.83 17.62
C GLU A 41 -11.87 54.29 17.26
N TYR A 42 -10.88 55.13 17.57
CA TYR A 42 -10.94 56.57 17.34
C TYR A 42 -11.22 56.87 15.87
N LEU A 43 -10.44 56.25 14.97
CA LEU A 43 -10.43 56.58 13.56
C LEU A 43 -11.56 55.85 12.83
N SER A 44 -11.99 54.70 13.35
CA SER A 44 -12.98 53.89 12.67
C SER A 44 -14.39 54.42 12.88
N SER A 45 -14.59 55.14 13.99
CA SER A 45 -15.86 55.82 14.20
C SER A 45 -15.79 57.25 13.67
N ARG A 46 -14.72 57.54 12.91
CA ARG A 46 -14.55 58.81 12.24
C ARG A 46 -14.32 58.58 10.74
N GLY A 47 -14.72 57.42 10.24
CA GLY A 47 -14.88 57.16 8.82
C GLY A 47 -13.64 56.59 8.13
N TYR A 48 -12.79 55.89 8.90
CA TYR A 48 -11.61 55.24 8.33
C TYR A 48 -11.67 53.74 8.60
N ARG A 49 -10.95 52.98 7.76
CA ARG A 49 -10.79 51.56 7.96
C ARG A 49 -9.44 51.32 8.63
N THR A 50 -9.45 50.61 9.77
CA THR A 50 -8.25 50.40 10.58
C THR A 50 -7.93 48.92 10.67
N ILE A 51 -6.65 48.59 10.45
CA ILE A 51 -6.18 47.22 10.38
C ILE A 51 -4.91 47.08 11.22
N ALA A 52 -4.92 46.10 12.14
CA ALA A 52 -3.76 45.78 12.97
C ALA A 52 -3.63 44.28 13.10
N PHE A 53 -2.38 43.80 13.07
CA PHE A 53 -2.07 42.38 13.09
C PHE A 53 -1.14 42.08 14.26
N ASP A 54 -1.10 40.80 14.66
CA ASP A 54 -0.13 40.32 15.63
C ASP A 54 1.08 39.78 14.87
N ARG A 55 2.25 40.40 15.08
CA ARG A 55 3.48 39.94 14.45
C ARG A 55 3.70 38.47 14.79
N ARG A 56 4.23 37.71 13.81
CA ARG A 56 4.55 36.31 14.04
C ARG A 56 5.34 36.18 15.33
N GLY A 57 4.89 35.25 16.18
CA GLY A 57 5.52 34.98 17.47
C GLY A 57 4.94 35.84 18.60
N PHE A 58 3.89 36.62 18.29
CA PHE A 58 3.30 37.53 19.25
C PHE A 58 1.79 37.37 19.27
N GLY A 59 1.18 37.75 20.41
CA GLY A 59 -0.26 37.74 20.55
C GLY A 59 -0.88 36.39 20.17
N ARG A 60 -1.81 36.44 19.21
CA ARG A 60 -2.66 35.31 18.88
C ARG A 60 -2.11 34.58 17.66
N SER A 61 -0.98 35.07 17.12
CA SER A 61 -0.37 34.52 15.93
C SER A 61 0.45 33.28 16.28
N ASP A 62 0.69 32.44 15.26
CA ASP A 62 1.54 31.26 15.36
C ASP A 62 2.93 31.67 15.82
N GLN A 63 3.71 30.70 16.31
CA GLN A 63 5.02 30.95 16.87
C GLN A 63 6.09 30.13 16.14
N PRO A 64 6.47 30.51 14.90
CA PRO A 64 7.48 29.76 14.15
C PRO A 64 8.91 29.95 14.66
N TRP A 65 9.75 28.94 14.45
CA TRP A 65 11.14 28.93 14.86
C TRP A 65 11.97 29.82 13.93
N THR A 66 11.49 30.01 12.70
CA THR A 66 12.25 30.67 11.65
C THR A 66 11.53 31.94 11.20
N GLY A 67 12.29 32.86 10.60
CA GLY A 67 11.70 34.01 9.91
C GLY A 67 11.51 35.20 10.84
N ASN A 68 12.12 35.15 12.02
CA ASN A 68 12.05 36.25 12.97
C ASN A 68 13.05 37.33 12.59
N ASP A 69 12.86 37.91 11.40
CA ASP A 69 13.73 38.92 10.83
C ASP A 69 12.88 39.96 10.13
N TYR A 70 13.48 41.13 9.85
CA TYR A 70 12.74 42.24 9.27
C TYR A 70 12.23 41.88 7.87
N ASP A 71 13.09 41.24 7.08
CA ASP A 71 12.72 40.85 5.72
C ASP A 71 11.39 40.09 5.74
N THR A 72 11.24 39.18 6.69
CA THR A 72 10.06 38.33 6.78
C THR A 72 8.87 39.14 7.29
N PHE A 73 9.12 40.06 8.23
CA PHE A 73 8.08 40.91 8.82
C PHE A 73 7.42 41.75 7.74
N ALA A 74 8.25 42.34 6.86
CA ALA A 74 7.81 43.18 5.76
C ALA A 74 6.96 42.36 4.79
N ASP A 75 7.40 41.12 4.53
CA ASP A 75 6.74 40.21 3.61
C ASP A 75 5.39 39.77 4.17
N ASP A 76 5.33 39.61 5.50
CA ASP A 76 4.07 39.34 6.19
C ASP A 76 3.09 40.48 5.90
N ILE A 77 3.57 41.73 6.02
CA ILE A 77 2.76 42.92 5.79
C ILE A 77 2.29 42.95 4.34
N ALA A 78 3.22 42.64 3.41
CA ALA A 78 2.92 42.59 1.99
C ALA A 78 1.75 41.63 1.73
N GLN A 79 1.75 40.49 2.44
CA GLN A 79 0.74 39.47 2.22
C GLN A 79 -0.60 39.90 2.81
N LEU A 80 -0.56 40.61 3.93
CA LEU A 80 -1.79 41.11 4.54
C LEU A 80 -2.49 42.08 3.58
N ILE A 81 -1.70 42.96 2.95
CA ILE A 81 -2.22 43.96 2.04
C ILE A 81 -2.78 43.28 0.80
N GLU A 82 -2.10 42.22 0.34
CA GLU A 82 -2.53 41.45 -0.82
C GLU A 82 -3.85 40.73 -0.51
N HIS A 83 -3.93 40.09 0.66
CA HIS A 83 -5.07 39.30 1.09
C HIS A 83 -6.33 40.16 1.19
N LEU A 84 -6.14 41.46 1.50
CA LEU A 84 -7.25 42.36 1.75
C LEU A 84 -7.51 43.27 0.55
N ASP A 85 -6.56 43.27 -0.40
CA ASP A 85 -6.56 44.14 -1.57
C ASP A 85 -6.73 45.59 -1.15
N LEU A 86 -5.81 46.05 -0.29
CA LEU A 86 -5.80 47.41 0.19
C LEU A 86 -5.14 48.32 -0.84
N LYS A 87 -5.65 49.55 -0.93
CA LYS A 87 -5.10 50.61 -1.76
C LYS A 87 -5.15 51.92 -0.97
N GLU A 88 -4.14 52.76 -1.17
CA GLU A 88 -4.05 54.06 -0.51
C GLU A 88 -3.90 53.85 1.01
N VAL A 89 -2.89 53.04 1.39
CA VAL A 89 -2.71 52.60 2.77
C VAL A 89 -1.80 53.59 3.49
N THR A 90 -2.23 54.03 4.68
CA THR A 90 -1.37 54.78 5.58
C THR A 90 -0.76 53.80 6.59
N LEU A 91 0.57 53.65 6.52
CA LEU A 91 1.30 52.72 7.37
C LEU A 91 1.71 53.41 8.67
N VAL A 92 1.30 52.83 9.80
CA VAL A 92 1.63 53.38 11.11
C VAL A 92 2.42 52.33 11.90
N GLY A 93 3.66 52.68 12.27
CA GLY A 93 4.55 51.77 12.97
C GLY A 93 5.06 52.37 14.28
N PHE A 94 4.92 51.59 15.37
CA PHE A 94 5.45 51.95 16.67
C PHE A 94 6.69 51.11 16.97
N SER A 95 7.70 51.77 17.56
CA SER A 95 8.90 51.11 18.08
C SER A 95 9.56 50.26 16.99
N MET A 96 9.76 48.96 17.25
CA MET A 96 10.39 48.08 16.28
C MET A 96 9.49 47.91 15.06
N GLY A 97 8.18 48.11 15.27
CA GLY A 97 7.18 48.00 14.21
C GLY A 97 7.32 49.12 13.18
N GLY A 98 8.19 50.09 13.47
CA GLY A 98 8.53 51.12 12.52
C GLY A 98 9.46 50.59 11.43
N GLY A 99 10.25 49.56 11.79
CA GLY A 99 11.16 48.93 10.87
C GLY A 99 10.44 48.24 9.71
N ASP A 100 9.42 47.43 10.05
CA ASP A 100 8.80 46.55 9.08
C ASP A 100 7.86 47.30 8.14
N VAL A 101 7.31 48.43 8.58
CA VAL A 101 6.53 49.25 7.68
C VAL A 101 7.46 49.91 6.66
N ALA A 102 8.67 50.28 7.11
CA ALA A 102 9.67 50.87 6.24
C ALA A 102 10.20 49.81 5.28
N ARG A 103 10.56 48.65 5.83
CA ARG A 103 11.14 47.57 5.07
C ARG A 103 10.17 47.10 3.99
N TYR A 104 8.86 47.24 4.26
CA TYR A 104 7.83 46.91 3.29
C TYR A 104 7.98 47.78 2.04
N ILE A 105 8.05 49.10 2.25
CA ILE A 105 8.15 50.08 1.17
C ILE A 105 9.46 49.87 0.42
N ALA A 106 10.51 49.50 1.16
CA ALA A 106 11.83 49.28 0.59
C ALA A 106 11.82 48.09 -0.36
N ARG A 107 10.98 47.09 -0.05
CA ARG A 107 10.99 45.81 -0.73
C ARG A 107 9.92 45.72 -1.80
N HIS A 108 8.78 46.40 -1.57
CA HIS A 108 7.61 46.20 -2.42
C HIS A 108 7.23 47.48 -3.14
N GLY A 109 7.84 48.61 -2.75
CA GLY A 109 7.51 49.90 -3.35
C GLY A 109 6.31 50.54 -2.64
N SER A 110 5.90 51.71 -3.13
CA SER A 110 4.83 52.46 -2.48
C SER A 110 3.58 52.52 -3.35
N ALA A 111 3.47 51.58 -4.29
CA ALA A 111 2.36 51.52 -5.24
C ALA A 111 1.03 51.58 -4.51
N ARG A 112 0.97 50.98 -3.31
CA ARG A 112 -0.29 50.83 -2.58
C ARG A 112 -0.35 51.78 -1.39
N VAL A 113 0.70 52.59 -1.23
CA VAL A 113 0.90 53.37 0.00
C VAL A 113 0.51 54.83 -0.25
N ALA A 114 -0.16 55.43 0.75
CA ALA A 114 -0.57 56.82 0.69
C ALA A 114 0.29 57.68 1.61
N GLY A 115 0.62 57.16 2.79
CA GLY A 115 1.43 57.89 3.76
C GLY A 115 2.10 56.94 4.77
N LEU A 116 2.97 57.51 5.61
CA LEU A 116 3.72 56.73 6.61
C LEU A 116 3.85 57.51 7.91
N VAL A 117 3.64 56.82 9.04
CA VAL A 117 3.74 57.40 10.38
C VAL A 117 4.69 56.53 11.21
N LEU A 118 5.71 57.18 11.80
CA LEU A 118 6.74 56.50 12.58
C LEU A 118 6.70 56.99 14.03
N LEU A 119 6.21 56.12 14.93
CA LEU A 119 6.00 56.47 16.33
C LEU A 119 7.08 55.82 17.19
N GLY A 120 7.98 56.65 17.72
CA GLY A 120 9.08 56.18 18.55
C GLY A 120 9.80 54.98 17.93
N ALA A 121 10.04 55.06 16.62
CA ALA A 121 10.51 53.93 15.83
C ALA A 121 12.03 53.79 15.91
N VAL A 122 12.52 52.60 15.54
CA VAL A 122 13.93 52.26 15.63
C VAL A 122 14.68 52.76 14.39
N THR A 123 13.93 53.25 13.40
CA THR A 123 14.50 53.83 12.19
C THR A 123 15.27 55.10 12.55
N PRO A 124 16.46 55.37 11.95
CA PRO A 124 17.05 54.50 10.93
C PRO A 124 17.93 53.35 11.44
N LEU A 125 18.69 53.59 12.52
CA LEU A 125 19.33 52.52 13.25
C LEU A 125 19.04 52.69 14.73
N PHE A 126 19.03 51.56 15.44
CA PHE A 126 18.98 51.54 16.89
C PHE A 126 20.40 51.30 17.42
N GLY A 127 20.97 50.16 17.03
CA GLY A 127 22.26 49.71 17.55
C GLY A 127 23.45 50.38 16.86
N GLN A 128 24.58 50.40 17.58
CA GLN A 128 25.82 51.01 17.18
C GLN A 128 26.49 50.18 16.08
N LYS A 129 27.13 50.87 15.13
CA LYS A 129 27.81 50.26 13.99
C LYS A 129 29.22 50.84 13.88
N PRO A 130 30.07 50.33 12.95
CA PRO A 130 31.36 50.96 12.66
C PRO A 130 31.21 52.39 12.13
N ASP A 131 30.26 52.59 11.20
CA ASP A 131 30.03 53.90 10.62
C ASP A 131 28.77 54.52 11.22
N TYR A 132 28.46 54.18 12.47
CA TYR A 132 27.40 54.80 13.23
C TYR A 132 27.67 54.63 14.72
N PRO A 133 28.72 55.30 15.27
CA PRO A 133 29.10 55.15 16.68
C PRO A 133 28.11 55.74 17.69
N GLN A 134 27.27 56.67 17.23
CA GLN A 134 26.35 57.39 18.10
C GLN A 134 25.17 56.51 18.52
N GLY A 135 25.07 55.32 17.92
CA GLY A 135 24.01 54.37 18.22
C GLY A 135 24.21 53.70 19.59
N VAL A 136 23.22 52.89 19.99
CA VAL A 136 23.28 52.21 21.28
C VAL A 136 24.26 51.05 21.19
N PRO A 137 25.27 50.97 22.09
CA PRO A 137 26.25 49.88 22.09
C PRO A 137 25.55 48.52 22.12
N LEU A 138 26.18 47.52 21.48
CA LEU A 138 25.54 46.24 21.24
C LEU A 138 25.49 45.39 22.52
N ASP A 139 26.29 45.74 23.53
CA ASP A 139 26.34 44.99 24.77
C ASP A 139 25.09 45.23 25.61
N VAL A 140 24.40 46.35 25.34
CA VAL A 140 23.13 46.65 25.97
C VAL A 140 22.13 45.56 25.62
N PHE A 141 22.03 45.26 24.32
CA PHE A 141 21.07 44.30 23.80
C PHE A 141 21.49 42.88 24.15
N ALA A 142 22.79 42.65 24.27
CA ALA A 142 23.32 41.37 24.69
C ALA A 142 22.89 41.07 26.13
N ARG A 143 22.80 42.13 26.95
CA ARG A 143 22.39 42.00 28.34
C ARG A 143 20.90 41.71 28.44
N PHE A 144 20.11 42.30 27.52
CA PHE A 144 18.69 42.00 27.40
C PHE A 144 18.49 40.50 27.21
N LYS A 145 19.15 39.94 26.18
CA LYS A 145 18.99 38.55 25.79
C LYS A 145 19.37 37.62 26.93
N THR A 146 20.39 38.00 27.71
CA THR A 146 20.87 37.19 28.82
C THR A 146 19.78 37.05 29.89
N GLU A 147 19.05 38.13 30.15
CA GLU A 147 18.00 38.12 31.16
C GLU A 147 16.73 37.48 30.60
N LEU A 148 16.49 37.67 29.30
CA LEU A 148 15.35 37.05 28.63
C LEU A 148 15.46 35.52 28.69
N LEU A 149 16.67 35.00 28.44
CA LEU A 149 16.90 33.56 28.40
C LEU A 149 16.98 32.99 29.83
N LYS A 150 16.87 33.86 30.83
CA LYS A 150 16.83 33.46 32.23
C LYS A 150 15.41 33.54 32.77
N ASP A 151 14.78 34.72 32.65
CA ASP A 151 13.49 34.96 33.25
C ASP A 151 12.80 36.12 32.51
N ARG A 152 12.14 35.78 31.39
CA ARG A 152 11.54 36.79 30.53
C ARG A 152 10.29 37.38 31.17
N ALA A 153 9.64 36.61 32.05
CA ALA A 153 8.41 37.05 32.70
C ALA A 153 8.72 38.23 33.63
N GLN A 154 9.81 38.12 34.39
CA GLN A 154 10.20 39.18 35.31
C GLN A 154 10.74 40.37 34.53
N PHE A 155 11.43 40.09 33.41
CA PHE A 155 12.02 41.12 32.59
C PHE A 155 10.95 42.07 32.04
N ILE A 156 9.87 41.48 31.51
CA ILE A 156 8.75 42.24 30.97
C ILE A 156 8.15 43.12 32.07
N SER A 157 8.00 42.52 33.25
CA SER A 157 7.43 43.17 34.42
C SER A 157 8.25 44.41 34.78
N ASP A 158 9.58 44.28 34.70
CA ASP A 158 10.52 45.34 35.06
C ASP A 158 10.59 46.37 33.95
N PHE A 159 10.25 45.96 32.73
CA PHE A 159 10.38 46.81 31.56
C PHE A 159 9.35 47.93 31.60
N ASN A 160 8.26 47.70 32.35
CA ASN A 160 7.14 48.63 32.45
C ASN A 160 7.58 50.02 32.92
N ALA A 161 8.46 50.06 33.93
CA ALA A 161 8.85 51.31 34.56
C ALA A 161 9.56 52.23 33.56
N PRO A 162 10.70 51.84 32.94
CA PRO A 162 11.35 52.68 31.92
C PRO A 162 10.48 52.91 30.67
N PHE A 163 9.70 51.90 30.29
CA PHE A 163 8.88 51.92 29.09
C PHE A 163 7.85 53.05 29.16
N TYR A 164 7.11 53.11 30.27
CA TYR A 164 6.05 54.09 30.43
C TYR A 164 6.55 55.37 31.07
N GLY A 165 7.78 55.33 31.60
CA GLY A 165 8.39 56.48 32.25
C GLY A 165 7.84 56.70 33.66
N ILE A 166 7.41 55.60 34.28
CA ILE A 166 6.87 55.60 35.64
C ILE A 166 7.97 56.04 36.61
N ASN A 167 9.23 55.73 36.26
CA ASN A 167 10.38 56.11 37.07
C ASN A 167 10.68 57.61 36.90
N LYS A 168 9.87 58.31 36.12
CA LYS A 168 10.07 59.74 35.88
C LYS A 168 8.76 60.51 36.07
N GLY A 169 7.86 59.96 36.89
CA GLY A 169 6.66 60.67 37.31
C GLY A 169 5.52 60.62 36.32
N GLN A 170 5.58 59.69 35.35
CA GLN A 170 4.42 59.42 34.50
C GLN A 170 3.45 58.52 35.27
N VAL A 171 2.16 58.82 35.16
CA VAL A 171 1.14 58.10 35.90
C VAL A 171 0.43 57.12 34.95
N VAL A 172 0.67 55.83 35.19
CA VAL A 172 0.07 54.74 34.44
C VAL A 172 -0.60 53.79 35.44
N SER A 173 -1.86 53.42 35.15
CA SER A 173 -2.68 52.65 36.07
C SER A 173 -2.15 51.22 36.21
N CYS A 174 -2.54 50.58 37.32
CA CYS A 174 -2.17 49.19 37.61
C CYS A 174 -2.77 48.25 36.56
N GLY A 175 -3.91 48.66 35.98
CA GLY A 175 -4.58 47.90 34.95
C GLY A 175 -3.75 47.78 33.68
N VAL A 176 -3.22 48.92 33.21
CA VAL A 176 -2.43 48.99 31.99
C VAL A 176 -1.15 48.17 32.18
N GLN A 177 -0.59 48.21 33.39
CA GLN A 177 0.61 47.45 33.70
C GLN A 177 0.30 45.95 33.64
N THR A 178 -0.87 45.57 34.15
CA THR A 178 -1.31 44.18 34.15
C THR A 178 -1.58 43.72 32.72
N GLN A 179 -2.21 44.57 31.92
CA GLN A 179 -2.55 44.24 30.54
C GLN A 179 -1.28 44.09 29.71
N THR A 180 -0.29 44.95 29.96
CA THR A 180 0.96 44.93 29.21
C THR A 180 1.65 43.58 29.41
N LEU A 181 1.67 43.11 30.66
CA LEU A 181 2.36 41.88 31.02
C LEU A 181 1.60 40.66 30.49
N GLN A 182 0.26 40.72 30.50
CA GLN A 182 -0.57 39.62 30.05
C GLN A 182 -0.33 39.37 28.57
N ILE A 183 -0.38 40.45 27.77
CA ILE A 183 -0.16 40.40 26.33
C ILE A 183 1.24 39.85 26.05
N ALA A 184 2.23 40.37 26.78
CA ALA A 184 3.64 40.03 26.56
C ALA A 184 3.89 38.55 26.77
N LEU A 185 3.09 37.91 27.64
CA LEU A 185 3.35 36.53 28.04
C LEU A 185 2.74 35.55 27.03
N LEU A 186 1.92 36.06 26.11
CA LEU A 186 1.33 35.24 25.06
C LEU A 186 2.41 34.88 24.03
N ALA A 187 3.45 35.71 23.95
CA ALA A 187 4.44 35.65 22.89
C ALA A 187 5.41 34.48 23.10
N SER A 188 6.14 34.17 22.02
CA SER A 188 7.16 33.14 21.96
C SER A 188 8.46 33.65 22.58
N LEU A 189 9.08 32.84 23.44
CA LEU A 189 10.38 33.17 24.00
C LEU A 189 11.39 33.34 22.87
N LYS A 190 11.23 32.56 21.80
CA LYS A 190 12.18 32.56 20.70
C LYS A 190 12.04 33.85 19.90
N ALA A 191 10.79 34.27 19.69
CA ALA A 191 10.50 35.47 18.91
C ALA A 191 10.93 36.71 19.69
N THR A 192 10.80 36.66 21.03
CA THR A 192 11.14 37.77 21.89
C THR A 192 12.64 38.06 21.77
N VAL A 193 13.45 37.00 21.77
CA VAL A 193 14.89 37.11 21.79
C VAL A 193 15.41 37.48 20.41
N ASP A 194 14.86 36.85 19.37
CA ASP A 194 15.28 37.07 17.99
C ASP A 194 15.01 38.51 17.57
N CYS A 195 13.89 39.07 18.05
CA CYS A 195 13.53 40.45 17.76
C CYS A 195 14.62 41.39 18.25
N VAL A 196 15.17 41.10 19.43
CA VAL A 196 16.25 41.92 19.97
C VAL A 196 17.35 42.00 18.91
N THR A 197 17.82 40.83 18.44
CA THR A 197 18.84 40.76 17.40
C THR A 197 18.42 41.64 16.22
N ALA A 198 17.18 41.46 15.76
CA ALA A 198 16.63 42.12 14.59
C ALA A 198 16.70 43.63 14.74
N PHE A 199 16.05 44.18 15.77
CA PHE A 199 15.92 45.62 15.89
C PHE A 199 17.22 46.26 16.35
N ALA A 200 18.13 45.46 16.91
CA ALA A 200 19.41 45.96 17.37
C ALA A 200 20.34 46.22 16.19
N GLU A 201 20.28 45.35 15.17
CA GLU A 201 21.36 45.27 14.19
C GLU A 201 20.89 45.58 12.77
N THR A 202 19.57 45.74 12.56
CA THR A 202 19.08 46.02 11.22
C THR A 202 19.29 47.50 10.90
N ASP A 203 19.81 47.74 9.69
CA ASP A 203 20.13 49.06 9.16
C ASP A 203 19.06 49.44 8.14
N PHE A 204 18.30 50.51 8.44
CA PHE A 204 17.21 50.96 7.60
C PHE A 204 17.57 52.25 6.85
N ARG A 205 18.85 52.64 6.88
CA ARG A 205 19.30 53.84 6.19
C ARG A 205 18.99 53.75 4.70
N PRO A 206 19.26 52.60 4.03
CA PRO A 206 18.86 52.43 2.63
C PRO A 206 17.35 52.52 2.40
N ASP A 207 16.58 52.12 3.42
CA ASP A 207 15.12 52.19 3.34
C ASP A 207 14.67 53.65 3.33
N MET A 208 15.42 54.51 4.03
CA MET A 208 15.06 55.91 4.21
C MET A 208 15.05 56.63 2.87
N ALA A 209 15.91 56.18 1.95
CA ALA A 209 16.07 56.79 0.64
C ALA A 209 14.93 56.39 -0.30
N LYS A 210 14.19 55.34 0.07
CA LYS A 210 13.19 54.75 -0.82
C LYS A 210 11.78 55.14 -0.43
N ILE A 211 11.65 55.91 0.66
CA ILE A 211 10.34 56.40 1.10
C ILE A 211 10.03 57.69 0.32
N ASP A 212 8.98 57.63 -0.50
CA ASP A 212 8.58 58.73 -1.36
C ASP A 212 7.08 58.98 -1.20
N VAL A 213 6.63 58.95 0.06
CA VAL A 213 5.25 59.27 0.40
C VAL A 213 5.26 60.29 1.54
N PRO A 214 4.16 61.04 1.78
CA PRO A 214 4.07 61.90 2.96
C PRO A 214 4.37 61.09 4.22
N THR A 215 5.09 61.72 5.16
CA THR A 215 5.61 61.01 6.32
C THR A 215 5.52 61.91 7.56
N LEU A 216 4.99 61.34 8.64
CA LEU A 216 4.94 62.01 9.93
C LEU A 216 5.73 61.20 10.95
N VAL A 217 6.69 61.87 11.59
CA VAL A 217 7.53 61.26 12.62
C VAL A 217 7.17 61.89 13.96
N ILE A 218 6.74 61.04 14.92
CA ILE A 218 6.46 61.46 16.28
C ILE A 218 7.40 60.70 17.21
N HIS A 219 7.98 61.41 18.19
CA HIS A 219 8.92 60.80 19.11
C HIS A 219 8.95 61.59 20.41
N GLY A 220 8.97 60.87 21.55
CA GLY A 220 9.10 61.50 22.85
C GLY A 220 10.56 61.83 23.16
N ASP A 221 10.80 63.01 23.75
CA ASP A 221 12.15 63.45 24.04
C ASP A 221 12.58 63.00 25.44
N GLY A 222 11.71 62.24 26.11
CA GLY A 222 12.04 61.59 27.36
C GLY A 222 12.10 60.06 27.21
N ASP A 223 12.14 59.60 25.95
CA ASP A 223 12.11 58.19 25.61
C ASP A 223 13.38 57.50 26.14
N GLN A 224 13.19 56.54 27.04
CA GLN A 224 14.30 55.89 27.74
C GLN A 224 14.72 54.61 27.02
N ILE A 225 13.91 54.16 26.04
CA ILE A 225 14.17 52.89 25.37
C ILE A 225 14.85 53.15 24.04
N VAL A 226 14.15 53.88 23.15
CA VAL A 226 14.64 54.22 21.83
C VAL A 226 14.98 55.71 21.83
N PRO A 227 16.27 56.09 21.92
CA PRO A 227 16.66 57.50 22.09
C PRO A 227 16.35 58.35 20.85
N PHE A 228 15.65 59.47 21.08
CA PHE A 228 15.19 60.36 20.04
C PHE A 228 16.34 60.84 19.16
N GLU A 229 17.46 61.19 19.80
CA GLU A 229 18.55 61.90 19.16
C GLU A 229 19.10 61.14 17.96
N THR A 230 19.16 59.81 18.04
CA THR A 230 19.84 59.01 17.04
C THR A 230 18.86 58.15 16.25
N THR A 231 17.56 58.35 16.49
CA THR A 231 16.52 57.62 15.77
C THR A 231 15.56 58.59 15.10
N GLY A 232 14.50 58.97 15.83
CA GLY A 232 13.42 59.80 15.29
C GLY A 232 13.93 61.07 14.63
N LYS A 233 14.87 61.75 15.28
CA LYS A 233 15.40 63.03 14.83
C LYS A 233 16.06 62.88 13.46
N VAL A 234 16.82 61.79 13.30
CA VAL A 234 17.58 61.53 12.09
C VAL A 234 16.64 61.02 10.99
N ALA A 235 15.58 60.30 11.39
CA ALA A 235 14.61 59.75 10.46
C ALA A 235 13.90 60.87 9.71
N ALA A 236 13.62 61.97 10.43
CA ALA A 236 12.91 63.11 9.89
C ALA A 236 13.82 63.90 8.95
N GLU A 237 15.13 63.74 9.12
CA GLU A 237 16.10 64.40 8.28
C GLU A 237 16.26 63.65 6.96
N LEU A 238 16.24 62.31 7.03
CA LEU A 238 16.61 61.47 5.90
C LEU A 238 15.44 61.27 4.95
N ILE A 239 14.21 61.20 5.49
CA ILE A 239 13.03 61.01 4.66
C ILE A 239 12.65 62.34 4.03
N LYS A 240 12.49 62.33 2.70
CA LYS A 240 12.20 63.53 1.94
C LYS A 240 10.82 64.04 2.31
N GLY A 241 10.76 65.35 2.65
CA GLY A 241 9.53 66.07 2.91
C GLY A 241 8.80 65.58 4.16
N ALA A 242 9.54 65.01 5.10
CA ALA A 242 8.95 64.45 6.31
C ALA A 242 8.67 65.54 7.32
N GLU A 243 7.60 65.36 8.10
CA GLU A 243 7.24 66.25 9.19
C GLU A 243 7.64 65.59 10.51
N LEU A 244 8.06 66.41 11.47
CA LEU A 244 8.45 65.95 12.80
C LEU A 244 7.59 66.63 13.85
N LYS A 245 7.16 65.85 14.85
CA LYS A 245 6.50 66.39 16.03
C LYS A 245 7.10 65.72 17.27
N VAL A 246 7.57 66.55 18.20
CA VAL A 246 8.23 66.06 19.41
C VAL A 246 7.32 66.32 20.60
N TYR A 247 6.91 65.24 21.27
CA TYR A 247 6.12 65.32 22.49
C TYR A 247 7.06 65.51 23.68
N LYS A 248 6.84 66.61 24.42
CA LYS A 248 7.73 67.05 25.49
C LYS A 248 7.59 66.13 26.70
N ASP A 249 8.74 65.61 27.16
CA ASP A 249 8.89 64.77 28.35
C ASP A 249 8.24 63.41 28.17
N ALA A 250 7.79 63.11 26.94
CA ALA A 250 7.01 61.91 26.66
C ALA A 250 7.92 60.68 26.66
N PRO A 251 7.46 59.54 27.23
CA PRO A 251 8.26 58.32 27.26
C PRO A 251 8.15 57.49 25.99
N HIS A 252 8.68 56.27 26.03
CA HIS A 252 8.60 55.36 24.90
C HIS A 252 7.13 55.02 24.61
N GLY A 253 6.44 54.49 25.63
CA GLY A 253 5.06 54.06 25.47
C GLY A 253 4.10 55.25 25.53
N PHE A 254 4.19 56.14 24.53
CA PHE A 254 3.43 57.38 24.53
C PHE A 254 2.06 57.18 23.89
N ALA A 255 1.79 55.96 23.40
CA ALA A 255 0.49 55.64 22.85
C ALA A 255 -0.52 55.50 23.99
N VAL A 256 -0.01 55.34 25.21
CA VAL A 256 -0.82 55.21 26.42
C VAL A 256 -0.91 56.58 27.10
N THR A 257 0.25 57.21 27.32
CA THR A 257 0.34 58.42 28.13
C THR A 257 -0.20 59.63 27.37
N HIS A 258 0.05 59.69 26.05
CA HIS A 258 -0.31 60.82 25.22
C HIS A 258 -1.36 60.41 24.20
N ALA A 259 -2.29 59.55 24.64
CA ALA A 259 -3.25 58.87 23.76
C ALA A 259 -4.11 59.88 23.00
N GLN A 260 -4.61 60.91 23.70
CA GLN A 260 -5.49 61.89 23.08
C GLN A 260 -4.71 62.72 22.06
N GLN A 261 -3.48 63.09 22.42
CA GLN A 261 -2.62 63.87 21.54
C GLN A 261 -2.32 63.08 20.26
N LEU A 262 -2.08 61.78 20.39
CA LEU A 262 -1.74 60.93 19.26
C LEU A 262 -2.93 60.77 18.33
N ASN A 263 -4.11 60.54 18.91
CA ASN A 263 -5.33 60.35 18.14
C ASN A 263 -5.60 61.55 17.23
N GLU A 264 -5.36 62.76 17.75
CA GLU A 264 -5.65 63.98 17.03
C GLU A 264 -4.60 64.24 15.95
N ASP A 265 -3.34 63.89 16.25
CA ASP A 265 -2.25 64.07 15.31
C ASP A 265 -2.42 63.11 14.13
N LEU A 266 -2.87 61.88 14.42
CA LEU A 266 -3.11 60.87 13.40
C LEU A 266 -4.22 61.33 12.46
N LEU A 267 -5.31 61.87 13.03
CA LEU A 267 -6.45 62.30 12.26
C LEU A 267 -6.09 63.50 11.38
N ALA A 268 -5.30 64.42 11.95
CA ALA A 268 -4.87 65.61 11.24
C ALA A 268 -4.01 65.23 10.04
N PHE A 269 -3.20 64.18 10.21
CA PHE A 269 -2.31 63.72 9.16
C PHE A 269 -3.11 63.11 8.02
N LEU A 270 -4.19 62.39 8.37
CA LEU A 270 -5.02 61.68 7.41
C LEU A 270 -5.87 62.68 6.61
N LYS A 271 -5.97 63.92 7.11
CA LYS A 271 -6.83 64.93 6.52
C LYS A 271 -6.01 65.99 5.82
N ARG A 272 -4.70 65.75 5.65
CA ARG A 272 -3.77 66.70 5.07
C ARG A 272 -4.28 67.19 3.72
N GLY A 273 -4.19 68.52 3.50
CA GLY A 273 -4.54 69.16 2.24
C GLY A 273 -5.86 68.67 1.69
N SER B 2 0.42 25.68 15.54
CA SER B 2 0.02 24.39 14.91
C SER B 2 -1.05 23.70 15.76
N CYS B 3 -1.83 22.83 15.11
CA CYS B 3 -2.72 21.92 15.80
C CYS B 3 -3.01 20.71 14.92
N PHE B 4 -3.56 19.66 15.54
CA PHE B 4 -4.13 18.54 14.83
C PHE B 4 -5.46 18.16 15.48
N VAL B 5 -6.23 17.31 14.80
CA VAL B 5 -7.52 16.87 15.30
C VAL B 5 -7.38 15.43 15.82
N ALA B 6 -7.63 15.25 17.12
CA ALA B 6 -7.66 13.95 17.76
C ALA B 6 -8.88 13.16 17.28
N LYS B 7 -8.91 11.86 17.57
CA LYS B 7 -9.92 10.95 17.03
C LYS B 7 -11.33 11.45 17.33
N ASP B 8 -11.56 11.97 18.55
CA ASP B 8 -12.89 12.36 18.97
C ASP B 8 -13.23 13.75 18.44
N GLY B 9 -12.30 14.36 17.70
CA GLY B 9 -12.53 15.67 17.10
C GLY B 9 -11.99 16.82 17.94
N THR B 10 -11.26 16.50 19.02
CA THR B 10 -10.61 17.52 19.83
C THR B 10 -9.41 18.08 19.08
N GLN B 11 -9.31 19.41 19.02
CA GLN B 11 -8.17 20.08 18.42
C GLN B 11 -7.13 20.35 19.50
N ILE B 12 -5.89 19.92 19.22
CA ILE B 12 -4.79 20.04 20.16
C ILE B 12 -3.72 20.94 19.54
N TYR B 13 -3.36 22.00 20.28
CA TYR B 13 -2.32 22.94 19.89
C TYR B 13 -0.94 22.31 20.16
N PHE B 14 0.03 22.58 19.28
CA PHE B 14 1.40 22.17 19.54
C PHE B 14 2.39 23.14 18.90
N LYS B 15 3.63 23.12 19.41
CA LYS B 15 4.74 23.82 18.81
C LYS B 15 5.72 22.81 18.22
N ASP B 16 6.22 23.13 17.02
CA ASP B 16 7.19 22.29 16.32
C ASP B 16 8.34 23.19 15.84
N TRP B 17 9.47 23.11 16.56
CA TRP B 17 10.59 24.03 16.42
C TRP B 17 11.84 23.27 15.98
N GLY B 18 12.53 23.82 14.97
CA GLY B 18 13.89 23.40 14.62
C GLY B 18 13.92 22.15 13.75
N SER B 19 15.14 21.61 13.57
CA SER B 19 15.37 20.39 12.84
C SER B 19 16.36 19.50 13.60
N GLY B 20 16.43 18.22 13.22
CA GLY B 20 17.20 17.24 13.95
C GLY B 20 16.30 16.14 14.50
N LYS B 21 16.85 15.26 15.35
CA LYS B 21 16.08 14.19 15.97
C LYS B 21 15.00 14.83 16.84
N PRO B 22 13.75 14.31 16.82
CA PRO B 22 12.65 14.94 17.54
C PRO B 22 12.68 14.69 19.04
N VAL B 23 12.43 15.77 19.82
CA VAL B 23 12.23 15.66 21.25
C VAL B 23 10.79 16.14 21.54
N LEU B 24 10.01 15.27 22.19
CA LEU B 24 8.59 15.52 22.36
C LEU B 24 8.29 15.70 23.85
N PHE B 25 7.81 16.89 24.21
CA PHE B 25 7.60 17.29 25.59
C PHE B 25 6.13 17.18 25.98
N SER B 26 5.90 16.59 27.17
CA SER B 26 4.57 16.42 27.73
C SER B 26 4.50 17.10 29.09
N HIS B 27 3.72 18.20 29.15
CA HIS B 27 3.72 19.11 30.27
C HIS B 27 2.92 18.55 31.46
N GLY B 28 3.07 19.21 32.61
CA GLY B 28 2.44 18.77 33.85
C GLY B 28 1.10 19.43 34.11
N TRP B 29 0.52 19.13 35.28
CA TRP B 29 -0.80 19.61 35.68
C TRP B 29 -0.82 21.13 35.72
N LEU B 30 -1.94 21.72 35.27
CA LEU B 30 -2.22 23.14 35.37
C LEU B 30 -1.46 23.95 34.31
N LEU B 31 -0.50 23.32 33.63
CA LEU B 31 0.42 24.07 32.78
C LEU B 31 0.04 23.90 31.31
N ASP B 32 1.00 24.20 30.42
CA ASP B 32 0.86 24.01 28.99
C ASP B 32 2.25 23.90 28.37
N ALA B 33 2.33 23.95 27.04
CA ALA B 33 3.58 23.73 26.33
C ALA B 33 4.58 24.85 26.63
N ASP B 34 4.11 25.95 27.24
CA ASP B 34 4.98 27.09 27.50
C ASP B 34 5.96 26.80 28.64
N MET B 35 5.66 25.82 29.50
CA MET B 35 6.58 25.50 30.59
C MET B 35 7.89 24.98 30.02
N TRP B 36 7.92 24.67 28.72
CA TRP B 36 9.05 24.02 28.09
C TRP B 36 9.91 25.01 27.29
N GLU B 37 9.46 26.27 27.20
CA GLU B 37 10.05 27.25 26.30
C GLU B 37 11.57 27.29 26.40
N TYR B 38 12.13 27.21 27.63
CA TYR B 38 13.56 27.35 27.84
C TYR B 38 14.33 26.11 27.36
N GLN B 39 13.84 24.92 27.73
CA GLN B 39 14.44 23.67 27.27
C GLN B 39 14.39 23.60 25.75
N MET B 40 13.23 23.98 25.20
CA MET B 40 12.97 23.91 23.76
C MET B 40 13.90 24.84 23.02
N GLU B 41 14.16 26.03 23.57
CA GLU B 41 15.02 26.99 22.90
C GLU B 41 16.47 26.50 22.96
N TYR B 42 16.83 25.88 24.08
CA TYR B 42 18.19 25.41 24.31
C TYR B 42 18.53 24.29 23.33
N LEU B 43 17.61 23.33 23.18
CA LEU B 43 17.85 22.13 22.38
C LEU B 43 17.76 22.46 20.88
N SER B 44 16.82 23.33 20.50
CA SER B 44 16.59 23.63 19.10
C SER B 44 17.71 24.49 18.50
N SER B 45 18.43 25.21 19.36
N SER B 45 18.42 25.22 19.37
CA SER B 45 19.57 25.98 18.92
CA SER B 45 19.57 26.00 18.95
C SER B 45 20.84 25.13 18.98
C SER B 45 20.82 25.10 18.89
N ARG B 46 20.67 23.84 19.29
CA ARG B 46 21.80 22.93 19.41
C ARG B 46 21.57 21.63 18.64
N GLY B 47 20.71 21.67 17.61
CA GLY B 47 20.67 20.62 16.60
C GLY B 47 19.53 19.60 16.76
N TYR B 48 18.51 19.95 17.56
CA TYR B 48 17.41 19.04 17.84
C TYR B 48 16.09 19.68 17.44
N ARG B 49 15.10 18.83 17.12
CA ARG B 49 13.76 19.27 16.80
C ARG B 49 12.89 19.10 18.04
N THR B 50 12.31 20.20 18.52
CA THR B 50 11.55 20.14 19.76
C THR B 50 10.07 20.34 19.45
N ILE B 51 9.24 19.54 20.12
CA ILE B 51 7.81 19.51 19.90
C ILE B 51 7.13 19.45 21.27
N ALA B 52 6.15 20.33 21.47
CA ALA B 52 5.40 20.39 22.72
C ALA B 52 3.94 20.71 22.42
N PHE B 53 3.04 19.94 23.03
CA PHE B 53 1.61 20.10 22.82
C PHE B 53 0.97 20.62 24.10
N ASP B 54 -0.21 21.23 23.96
CA ASP B 54 -1.09 21.48 25.09
C ASP B 54 -2.02 20.28 25.22
N ARG B 55 -2.01 19.65 26.40
CA ARG B 55 -2.92 18.55 26.69
C ARG B 55 -4.35 19.04 26.53
N ARG B 56 -5.24 18.13 26.10
CA ARG B 56 -6.67 18.44 25.98
C ARG B 56 -7.18 19.01 27.29
N GLY B 57 -7.88 20.14 27.19
CA GLY B 57 -8.42 20.84 28.36
C GLY B 57 -7.42 21.84 28.95
N PHE B 58 -6.29 22.05 28.27
CA PHE B 58 -5.25 22.94 28.75
C PHE B 58 -4.81 23.89 27.63
N GLY B 59 -4.17 24.99 28.06
CA GLY B 59 -3.58 25.98 27.17
C GLY B 59 -4.53 26.40 26.05
N ARG B 60 -4.07 26.19 24.81
CA ARG B 60 -4.71 26.70 23.62
C ARG B 60 -5.56 25.61 22.97
N SER B 61 -5.57 24.42 23.58
CA SER B 61 -6.28 23.26 23.06
C SER B 61 -7.77 23.36 23.40
N ASP B 62 -8.59 22.55 22.73
CA ASP B 62 -10.00 22.41 23.02
C ASP B 62 -10.20 21.80 24.40
N GLN B 63 -11.41 21.97 24.95
CA GLN B 63 -11.73 21.55 26.31
C GLN B 63 -12.88 20.56 26.29
N PRO B 64 -12.67 19.28 25.89
CA PRO B 64 -13.75 18.30 25.82
C PRO B 64 -14.13 17.78 27.21
N TRP B 65 -15.39 17.37 27.34
CA TRP B 65 -15.91 16.83 28.59
C TRP B 65 -15.35 15.43 28.81
N THR B 66 -15.23 14.63 27.75
CA THR B 66 -14.84 13.24 27.88
C THR B 66 -13.38 13.06 27.46
N GLY B 67 -12.80 11.93 27.91
CA GLY B 67 -11.50 11.48 27.46
C GLY B 67 -10.35 12.11 28.24
N ASN B 68 -10.63 12.55 29.47
CA ASN B 68 -9.60 13.11 30.34
C ASN B 68 -9.03 11.99 31.21
N ASP B 69 -8.33 11.08 30.54
CA ASP B 69 -7.77 9.88 31.16
C ASP B 69 -6.48 9.54 30.42
N TYR B 70 -5.65 8.70 31.05
CA TYR B 70 -4.31 8.41 30.56
C TYR B 70 -4.36 7.62 29.24
N ASP B 71 -5.39 6.79 29.06
CA ASP B 71 -5.52 6.05 27.81
C ASP B 71 -5.64 7.01 26.64
N THR B 72 -6.55 7.99 26.75
CA THR B 72 -6.76 8.97 25.70
C THR B 72 -5.52 9.85 25.53
N PHE B 73 -4.92 10.25 26.66
CA PHE B 73 -3.71 11.07 26.67
C PHE B 73 -2.61 10.41 25.84
N ALA B 74 -2.44 9.09 26.04
CA ALA B 74 -1.46 8.30 25.33
C ALA B 74 -1.79 8.28 23.84
N ASP B 75 -3.08 8.12 23.52
CA ASP B 75 -3.54 8.06 22.14
C ASP B 75 -3.35 9.41 21.45
N ASP B 76 -3.50 10.50 22.23
CA ASP B 76 -3.32 11.85 21.72
C ASP B 76 -1.87 12.02 21.25
N ILE B 77 -0.93 11.51 22.06
CA ILE B 77 0.49 11.53 21.73
C ILE B 77 0.73 10.68 20.49
N ALA B 78 0.05 9.53 20.40
CA ALA B 78 0.21 8.62 19.27
C ALA B 78 -0.26 9.28 17.98
N GLN B 79 -1.31 10.10 18.07
CA GLN B 79 -1.86 10.76 16.89
C GLN B 79 -0.94 11.90 16.45
N LEU B 80 -0.31 12.57 17.41
CA LEU B 80 0.64 13.63 17.11
C LEU B 80 1.87 13.04 16.40
N ILE B 81 2.35 11.90 16.89
CA ILE B 81 3.50 11.21 16.30
C ILE B 81 3.16 10.74 14.88
N GLU B 82 1.91 10.28 14.68
CA GLU B 82 1.46 9.83 13.37
C GLU B 82 1.32 11.02 12.42
N HIS B 83 0.87 12.16 12.98
CA HIS B 83 0.57 13.36 12.21
C HIS B 83 1.85 13.99 11.65
N LEU B 84 2.93 13.96 12.45
CA LEU B 84 4.19 14.54 12.04
C LEU B 84 5.11 13.46 11.50
N ASP B 85 4.67 12.20 11.60
CA ASP B 85 5.40 11.05 11.10
C ASP B 85 6.80 11.01 11.71
N LEU B 86 6.86 11.13 13.03
CA LEU B 86 8.14 11.19 13.74
C LEU B 86 8.72 9.78 13.90
N LYS B 87 10.06 9.72 13.95
CA LYS B 87 10.80 8.51 14.24
C LYS B 87 11.98 8.86 15.17
N GLU B 88 12.40 7.88 15.97
CA GLU B 88 13.49 8.03 16.92
C GLU B 88 13.18 9.16 17.90
N VAL B 89 11.95 9.18 18.40
CA VAL B 89 11.48 10.23 19.28
C VAL B 89 12.08 10.03 20.67
N THR B 90 12.51 11.14 21.29
CA THR B 90 12.79 11.16 22.71
C THR B 90 11.59 11.78 23.42
N LEU B 91 10.87 10.96 24.19
CA LEU B 91 9.72 11.41 24.95
C LEU B 91 10.17 11.99 26.29
N VAL B 92 9.67 13.19 26.61
CA VAL B 92 10.01 13.86 27.85
C VAL B 92 8.72 14.28 28.53
N GLY B 93 8.56 13.85 29.80
CA GLY B 93 7.33 14.12 30.53
C GLY B 93 7.61 14.65 31.93
N PHE B 94 6.88 15.71 32.30
CA PHE B 94 6.99 16.30 33.64
C PHE B 94 5.73 16.01 34.44
N SER B 95 5.91 15.70 35.72
CA SER B 95 4.80 15.56 36.66
C SER B 95 3.80 14.53 36.12
N MET B 96 2.55 14.94 35.89
CA MET B 96 1.53 14.00 35.43
C MET B 96 1.78 13.63 33.98
N GLY B 97 2.57 14.45 33.27
CA GLY B 97 2.89 14.23 31.88
C GLY B 97 3.86 13.06 31.68
N GLY B 98 4.47 12.60 32.78
CA GLY B 98 5.33 11.43 32.77
C GLY B 98 4.50 10.16 32.60
N GLY B 99 3.25 10.24 33.07
CA GLY B 99 2.30 9.16 32.96
C GLY B 99 1.86 8.91 31.52
N ASP B 100 1.69 9.98 30.73
CA ASP B 100 1.09 9.81 29.42
C ASP B 100 2.12 9.32 28.40
N VAL B 101 3.39 9.69 28.58
CA VAL B 101 4.45 9.18 27.74
C VAL B 101 4.72 7.71 28.07
N ALA B 102 4.61 7.37 29.36
CA ALA B 102 4.78 5.99 29.81
C ALA B 102 3.66 5.12 29.23
N ARG B 103 2.43 5.61 29.33
CA ARG B 103 1.27 4.88 28.86
C ARG B 103 1.32 4.75 27.33
N TYR B 104 1.82 5.79 26.65
CA TYR B 104 1.99 5.74 25.21
C TYR B 104 2.82 4.52 24.80
N ILE B 105 3.96 4.34 25.48
CA ILE B 105 4.88 3.26 25.18
C ILE B 105 4.21 1.90 25.45
N ALA B 106 3.46 1.80 26.54
CA ALA B 106 2.82 0.55 26.93
C ALA B 106 1.76 0.15 25.91
N ARG B 107 1.05 1.14 25.37
CA ARG B 107 -0.06 0.89 24.46
C ARG B 107 0.42 0.66 23.04
N HIS B 108 1.38 1.49 22.57
CA HIS B 108 1.71 1.51 21.16
C HIS B 108 3.10 0.91 20.89
N GLY B 109 3.84 0.59 21.96
CA GLY B 109 5.19 0.06 21.79
C GLY B 109 6.19 1.16 21.48
N SER B 110 7.43 0.77 21.17
CA SER B 110 8.51 1.74 21.08
C SER B 110 9.21 1.68 19.72
N ALA B 111 8.45 1.36 18.67
CA ALA B 111 8.92 1.32 17.30
C ALA B 111 9.48 2.68 16.87
N ARG B 112 8.87 3.77 17.33
CA ARG B 112 9.24 5.11 16.89
C ARG B 112 9.95 5.88 18.00
N VAL B 113 10.35 5.17 19.07
CA VAL B 113 10.85 5.83 20.26
C VAL B 113 12.32 5.46 20.46
N ALA B 114 13.16 6.47 20.68
CA ALA B 114 14.58 6.26 20.90
C ALA B 114 14.92 6.32 22.38
N GLY B 115 14.13 7.07 23.17
CA GLY B 115 14.42 7.27 24.57
C GLY B 115 13.28 7.92 25.35
N LEU B 116 13.36 7.82 26.69
CA LEU B 116 12.34 8.34 27.58
C LEU B 116 13.00 9.08 28.75
N VAL B 117 12.45 10.26 29.07
CA VAL B 117 12.91 11.05 30.20
C VAL B 117 11.69 11.37 31.08
N LEU B 118 11.82 11.03 32.37
CA LEU B 118 10.77 11.25 33.36
C LEU B 118 11.24 12.31 34.35
N LEU B 119 10.59 13.48 34.34
CA LEU B 119 10.95 14.59 35.21
C LEU B 119 9.89 14.77 36.28
N GLY B 120 10.27 14.56 37.55
CA GLY B 120 9.35 14.71 38.67
C GLY B 120 8.02 14.01 38.43
N ALA B 121 8.09 12.83 37.81
CA ALA B 121 6.92 12.15 37.26
C ALA B 121 6.18 11.36 38.32
N VAL B 122 4.90 11.08 38.03
CA VAL B 122 3.99 10.42 38.95
C VAL B 122 4.18 8.90 38.85
N THR B 123 5.01 8.49 37.89
CA THR B 123 5.31 7.08 37.65
C THR B 123 6.18 6.54 38.78
N PRO B 124 5.99 5.27 39.22
CA PRO B 124 5.00 4.37 38.63
C PRO B 124 3.59 4.45 39.22
N LEU B 125 3.45 5.15 40.35
CA LEU B 125 2.16 5.24 41.03
C LEU B 125 2.19 6.35 42.08
N PHE B 126 1.17 7.21 42.04
CA PHE B 126 1.08 8.38 42.91
C PHE B 126 0.24 8.02 44.14
N GLY B 127 -1.06 7.74 43.93
CA GLY B 127 -1.99 7.55 45.02
C GLY B 127 -1.85 6.19 45.68
N GLN B 128 -2.46 6.05 46.87
CA GLN B 128 -2.41 4.85 47.68
C GLN B 128 -3.30 3.77 47.04
N LYS B 129 -2.92 2.51 47.29
CA LYS B 129 -3.63 1.32 46.83
C LYS B 129 -3.55 0.27 47.91
N PRO B 130 -4.43 -0.76 47.91
CA PRO B 130 -4.33 -1.87 48.87
C PRO B 130 -2.98 -2.58 48.83
N ASP B 131 -2.35 -2.63 47.64
CA ASP B 131 -1.08 -3.33 47.49
C ASP B 131 0.07 -2.32 47.33
N TYR B 132 -0.22 -1.03 47.57
CA TYR B 132 0.79 0.02 47.56
C TYR B 132 0.47 1.05 48.65
N PRO B 133 0.58 0.69 49.94
CA PRO B 133 0.23 1.62 51.04
C PRO B 133 1.14 2.85 51.17
N GLN B 134 2.30 2.83 50.52
CA GLN B 134 3.28 3.91 50.68
C GLN B 134 2.87 5.13 49.85
N GLY B 135 1.89 4.95 48.96
CA GLY B 135 1.39 6.04 48.13
C GLY B 135 0.68 7.10 48.96
N VAL B 136 0.41 8.26 48.32
CA VAL B 136 -0.29 9.35 48.97
C VAL B 136 -1.75 8.94 49.14
N PRO B 137 -2.30 8.95 50.38
CA PRO B 137 -3.71 8.64 50.64
C PRO B 137 -4.67 9.44 49.76
N LEU B 138 -5.73 8.77 49.30
CA LEU B 138 -6.66 9.32 48.31
C LEU B 138 -7.45 10.49 48.90
N ASP B 139 -7.44 10.60 50.24
CA ASP B 139 -8.13 11.67 50.95
C ASP B 139 -7.55 13.03 50.56
N VAL B 140 -6.23 13.06 50.32
CA VAL B 140 -5.52 14.29 49.96
C VAL B 140 -6.10 14.84 48.65
N PHE B 141 -6.28 13.94 47.68
CA PHE B 141 -6.72 14.31 46.34
C PHE B 141 -8.19 14.69 46.36
N ALA B 142 -8.97 14.04 47.24
CA ALA B 142 -10.38 14.38 47.43
C ALA B 142 -10.50 15.82 47.91
N ARG B 143 -9.53 16.24 48.74
CA ARG B 143 -9.50 17.57 49.32
C ARG B 143 -9.18 18.60 48.23
N PHE B 144 -8.28 18.22 47.31
CA PHE B 144 -7.93 19.05 46.16
C PHE B 144 -9.16 19.38 45.35
N LYS B 145 -9.97 18.37 45.02
CA LYS B 145 -11.11 18.52 44.14
C LYS B 145 -12.15 19.44 44.80
N THR B 146 -12.38 19.22 46.10
CA THR B 146 -13.33 20.00 46.87
C THR B 146 -13.03 21.49 46.74
N GLU B 147 -11.73 21.83 46.78
CA GLU B 147 -11.30 23.22 46.79
C GLU B 147 -11.36 23.78 45.38
N LEU B 148 -10.93 22.97 44.40
CA LEU B 148 -10.97 23.32 43.00
C LEU B 148 -12.40 23.59 42.54
N LEU B 149 -13.37 22.87 43.15
CA LEU B 149 -14.76 23.01 42.76
C LEU B 149 -15.43 24.16 43.50
N LYS B 150 -14.67 24.87 44.34
CA LYS B 150 -15.16 26.05 45.00
C LYS B 150 -14.53 27.29 44.39
N ASP B 151 -13.20 27.27 44.24
CA ASP B 151 -12.43 28.40 43.74
C ASP B 151 -11.09 27.89 43.22
N ARG B 152 -11.05 27.52 41.94
CA ARG B 152 -9.82 26.96 41.39
C ARG B 152 -8.77 28.07 41.24
N ALA B 153 -9.23 29.30 41.01
CA ALA B 153 -8.35 30.43 40.74
C ALA B 153 -7.43 30.67 41.94
N GLN B 154 -8.01 30.64 43.16
CA GLN B 154 -7.23 30.86 44.37
C GLN B 154 -6.36 29.63 44.66
N PHE B 155 -6.89 28.43 44.38
CA PHE B 155 -6.15 27.20 44.64
C PHE B 155 -4.82 27.22 43.88
N ILE B 156 -4.87 27.59 42.59
CA ILE B 156 -3.70 27.65 41.74
C ILE B 156 -2.71 28.65 42.33
N SER B 157 -3.23 29.81 42.75
CA SER B 157 -2.39 30.87 43.27
C SER B 157 -1.65 30.41 44.53
N ASP B 158 -2.36 29.68 45.40
CA ASP B 158 -1.79 29.16 46.64
C ASP B 158 -0.78 28.07 46.32
N PHE B 159 -0.99 27.36 45.20
CA PHE B 159 -0.24 26.17 44.84
C PHE B 159 1.19 26.54 44.47
N ASN B 160 1.41 27.81 44.10
CA ASN B 160 2.71 28.31 43.66
C ASN B 160 3.79 28.08 44.72
N ALA B 161 3.44 28.33 45.99
CA ALA B 161 4.38 28.21 47.09
C ALA B 161 4.99 26.81 47.15
N PRO B 162 4.22 25.73 47.45
CA PRO B 162 4.80 24.39 47.54
C PRO B 162 5.33 23.85 46.22
N PHE B 163 4.76 24.33 45.11
CA PHE B 163 5.15 23.89 43.78
C PHE B 163 6.58 24.31 43.47
N TYR B 164 6.92 25.56 43.83
CA TYR B 164 8.22 26.12 43.50
C TYR B 164 9.18 26.05 44.69
N GLY B 165 8.67 25.66 45.86
CA GLY B 165 9.48 25.58 47.06
C GLY B 165 9.78 26.95 47.63
N ILE B 166 8.89 27.92 47.34
CA ILE B 166 9.02 29.28 47.83
C ILE B 166 8.92 29.28 49.35
N ASN B 167 8.12 28.35 49.89
CA ASN B 167 7.91 28.25 51.34
C ASN B 167 9.14 27.66 52.03
N LYS B 168 10.11 27.18 51.24
CA LYS B 168 11.33 26.61 51.78
C LYS B 168 12.56 27.39 51.30
N GLY B 169 12.33 28.62 50.82
CA GLY B 169 13.41 29.55 50.55
C GLY B 169 14.01 29.45 49.14
N GLN B 170 13.27 28.82 48.21
CA GLN B 170 13.61 28.92 46.80
C GLN B 170 13.26 30.34 46.33
N VAL B 171 13.99 30.84 45.33
CA VAL B 171 13.79 32.20 44.87
C VAL B 171 13.12 32.16 43.49
N VAL B 172 11.85 32.58 43.45
CA VAL B 172 11.09 32.62 42.22
C VAL B 172 10.44 34.00 42.10
N SER B 173 10.60 34.62 40.92
CA SER B 173 10.14 35.98 40.65
C SER B 173 8.61 36.03 40.58
N CYS B 174 8.06 37.22 40.85
CA CYS B 174 6.63 37.48 40.75
C CYS B 174 6.16 37.25 39.32
N GLY B 175 7.00 37.60 38.34
CA GLY B 175 6.72 37.36 36.94
C GLY B 175 6.36 35.90 36.66
N VAL B 176 7.22 34.99 37.12
CA VAL B 176 7.01 33.57 36.91
C VAL B 176 5.70 33.15 37.58
N GLN B 177 5.46 33.71 38.77
CA GLN B 177 4.26 33.36 39.54
C GLN B 177 3.02 33.83 38.79
N THR B 178 3.10 35.01 38.17
CA THR B 178 2.03 35.58 37.36
C THR B 178 1.80 34.70 36.12
N GLN B 179 2.90 34.24 35.51
CA GLN B 179 2.82 33.47 34.27
C GLN B 179 2.13 32.13 34.55
N THR B 180 2.49 31.52 35.69
CA THR B 180 1.99 30.22 36.10
C THR B 180 0.48 30.27 36.31
N LEU B 181 0.00 31.38 36.91
CA LEU B 181 -1.41 31.56 37.21
C LEU B 181 -2.18 31.90 35.94
N GLN B 182 -1.56 32.66 35.02
CA GLN B 182 -2.20 33.06 33.77
C GLN B 182 -2.45 31.83 32.89
N ILE B 183 -1.43 30.98 32.77
CA ILE B 183 -1.51 29.80 31.93
C ILE B 183 -2.57 28.86 32.50
N ALA B 184 -2.57 28.71 33.84
CA ALA B 184 -3.43 27.74 34.50
C ALA B 184 -4.90 28.11 34.34
N LEU B 185 -5.17 29.41 34.19
CA LEU B 185 -6.52 29.91 34.11
C LEU B 185 -7.10 29.69 32.71
N LEU B 186 -6.24 29.39 31.73
CA LEU B 186 -6.67 29.11 30.37
C LEU B 186 -7.36 27.74 30.32
N ALA B 187 -6.99 26.87 31.26
CA ALA B 187 -7.40 25.47 31.29
C ALA B 187 -8.87 25.33 31.70
N SER B 188 -9.44 24.17 31.36
CA SER B 188 -10.81 23.82 31.71
C SER B 188 -10.87 23.42 33.19
N LEU B 189 -11.99 23.77 33.83
CA LEU B 189 -12.27 23.33 35.19
C LEU B 189 -12.41 21.81 35.22
N LYS B 190 -13.04 21.28 34.17
CA LYS B 190 -13.32 19.85 34.07
C LYS B 190 -12.00 19.09 33.95
N ALA B 191 -11.16 19.51 33.00
CA ALA B 191 -9.88 18.85 32.75
C ALA B 191 -9.05 18.84 34.03
N THR B 192 -9.07 19.97 34.77
CA THR B 192 -8.28 20.17 35.97
C THR B 192 -8.67 19.12 37.02
N VAL B 193 -9.97 18.93 37.20
CA VAL B 193 -10.50 18.01 38.20
C VAL B 193 -10.28 16.58 37.74
N ASP B 194 -10.62 16.30 36.47
CA ASP B 194 -10.48 14.97 35.91
C ASP B 194 -9.03 14.49 36.03
N CYS B 195 -8.08 15.38 35.78
CA CYS B 195 -6.67 15.01 35.83
C CYS B 195 -6.28 14.56 37.23
N VAL B 196 -6.90 15.12 38.26
CA VAL B 196 -6.61 14.71 39.62
C VAL B 196 -6.98 13.24 39.78
N THR B 197 -8.21 12.87 39.37
CA THR B 197 -8.65 11.48 39.43
C THR B 197 -7.65 10.61 38.69
N ALA B 198 -7.22 11.07 37.52
CA ALA B 198 -6.33 10.32 36.64
C ALA B 198 -5.01 10.04 37.34
N PHE B 199 -4.30 11.10 37.77
CA PHE B 199 -2.96 10.92 38.32
C PHE B 199 -3.01 10.30 39.72
N ALA B 200 -4.15 10.40 40.40
CA ALA B 200 -4.28 9.86 41.74
C ALA B 200 -4.34 8.33 41.68
N GLU B 201 -5.04 7.80 40.67
CA GLU B 201 -5.50 6.42 40.75
C GLU B 201 -4.92 5.53 39.65
N THR B 202 -4.33 6.13 38.61
CA THR B 202 -3.80 5.33 37.50
C THR B 202 -2.51 4.63 37.92
N ASP B 203 -2.47 3.31 37.71
CA ASP B 203 -1.35 2.46 38.09
C ASP B 203 -0.47 2.23 36.86
N PHE B 204 0.79 2.67 36.92
CA PHE B 204 1.69 2.56 35.77
C PHE B 204 2.73 1.46 35.98
N ARG B 205 2.56 0.65 37.04
CA ARG B 205 3.51 -0.41 37.34
C ARG B 205 3.61 -1.40 36.17
N PRO B 206 2.50 -1.87 35.57
CA PRO B 206 2.59 -2.69 34.35
C PRO B 206 3.39 -2.05 33.21
N ASP B 207 3.27 -0.72 33.09
CA ASP B 207 3.90 0.05 32.02
C ASP B 207 5.42 0.00 32.15
N MET B 208 5.91 0.09 33.39
CA MET B 208 7.33 0.12 33.70
C MET B 208 8.03 -1.09 33.08
N ALA B 209 7.33 -2.24 33.06
CA ALA B 209 7.90 -3.49 32.60
C ALA B 209 7.95 -3.54 31.07
N LYS B 210 7.28 -2.59 30.41
CA LYS B 210 7.15 -2.59 28.96
C LYS B 210 8.02 -1.51 28.33
N ILE B 211 8.72 -0.75 29.17
CA ILE B 211 9.61 0.28 28.69
C ILE B 211 10.97 -0.36 28.41
N ASP B 212 11.33 -0.43 27.12
CA ASP B 212 12.48 -1.17 26.65
C ASP B 212 13.48 -0.21 26.00
N VAL B 213 13.34 1.09 26.30
CA VAL B 213 14.21 2.11 25.72
C VAL B 213 15.07 2.72 26.81
N PRO B 214 16.27 3.28 26.50
CA PRO B 214 17.05 4.04 27.47
C PRO B 214 16.23 5.14 28.16
N THR B 215 16.34 5.19 29.49
CA THR B 215 15.51 6.03 30.32
C THR B 215 16.36 6.84 31.29
N LEU B 216 16.01 8.14 31.43
CA LEU B 216 16.60 9.00 32.43
C LEU B 216 15.49 9.51 33.35
N VAL B 217 15.65 9.26 34.65
CA VAL B 217 14.71 9.73 35.67
C VAL B 217 15.39 10.85 36.46
N ILE B 218 14.77 12.04 36.45
CA ILE B 218 15.27 13.16 37.21
C ILE B 218 14.18 13.59 38.19
N HIS B 219 14.55 13.75 39.46
CA HIS B 219 13.62 14.16 40.51
C HIS B 219 14.36 15.02 41.53
N GLY B 220 13.63 15.93 42.18
CA GLY B 220 14.20 16.73 43.25
C GLY B 220 13.82 16.14 44.62
N ASP B 221 14.77 16.15 45.55
CA ASP B 221 14.59 15.47 46.83
C ASP B 221 13.98 16.42 47.86
N GLY B 222 13.45 17.56 47.39
CA GLY B 222 12.67 18.45 48.22
C GLY B 222 11.26 18.67 47.64
N ASP B 223 10.90 17.78 46.69
CA ASP B 223 9.62 17.82 45.99
C ASP B 223 8.49 17.71 47.00
N GLN B 224 7.56 18.67 46.97
CA GLN B 224 6.48 18.73 47.95
C GLN B 224 5.19 18.19 47.34
N ILE B 225 5.18 18.03 46.02
CA ILE B 225 3.95 17.69 45.31
C ILE B 225 3.95 16.18 45.00
N VAL B 226 4.96 15.73 44.25
CA VAL B 226 5.11 14.32 43.94
C VAL B 226 6.32 13.79 44.71
N PRO B 227 6.13 13.01 45.80
CA PRO B 227 7.23 12.60 46.67
C PRO B 227 8.19 11.66 45.96
N PHE B 228 9.49 11.98 46.05
CA PHE B 228 10.56 11.28 45.34
C PHE B 228 10.55 9.80 45.71
N GLU B 229 10.43 9.51 47.01
CA GLU B 229 10.65 8.20 47.60
C GLU B 229 9.71 7.14 47.03
N THR B 230 8.50 7.54 46.62
CA THR B 230 7.51 6.56 46.20
C THR B 230 7.20 6.71 44.70
N THR B 231 7.99 7.52 44.00
CA THR B 231 7.75 7.76 42.57
C THR B 231 9.06 7.59 41.79
N GLY B 232 9.80 8.70 41.63
CA GLY B 232 11.03 8.72 40.86
C GLY B 232 12.00 7.63 41.29
N LYS B 233 12.23 7.51 42.60
CA LYS B 233 13.12 6.54 43.20
C LYS B 233 12.75 5.12 42.78
N VAL B 234 11.44 4.86 42.69
CA VAL B 234 10.94 3.53 42.41
C VAL B 234 10.94 3.27 40.91
N ALA B 235 10.66 4.30 40.12
CA ALA B 235 10.68 4.21 38.67
C ALA B 235 12.08 3.81 38.20
N ALA B 236 13.11 4.30 38.91
CA ALA B 236 14.49 4.11 38.51
C ALA B 236 14.88 2.66 38.69
N GLU B 237 14.18 1.95 39.60
CA GLU B 237 14.43 0.55 39.88
C GLU B 237 13.63 -0.34 38.93
N LEU B 238 12.40 0.08 38.61
CA LEU B 238 11.45 -0.79 37.93
C LEU B 238 11.68 -0.80 36.42
N ILE B 239 12.18 0.31 35.87
CA ILE B 239 12.51 0.37 34.45
C ILE B 239 13.94 -0.14 34.27
N LYS B 240 14.09 -1.23 33.51
CA LYS B 240 15.39 -1.85 33.31
C LYS B 240 16.32 -0.89 32.58
N GLY B 241 17.51 -0.68 33.16
CA GLY B 241 18.58 0.08 32.54
C GLY B 241 18.50 1.59 32.78
N ALA B 242 17.53 2.03 33.59
CA ALA B 242 17.28 3.45 33.83
C ALA B 242 18.46 4.11 34.55
N GLU B 243 18.74 5.37 34.18
CA GLU B 243 19.71 6.23 34.85
C GLU B 243 18.94 7.16 35.78
N LEU B 244 19.48 7.40 36.98
CA LEU B 244 18.83 8.27 37.97
C LEU B 244 19.70 9.48 38.27
N LYS B 245 19.06 10.66 38.36
CA LYS B 245 19.68 11.89 38.80
C LYS B 245 18.76 12.60 39.78
N VAL B 246 19.29 12.89 40.98
CA VAL B 246 18.54 13.54 42.04
C VAL B 246 19.10 14.97 42.21
N TYR B 247 18.24 15.97 42.04
CA TYR B 247 18.64 17.35 42.27
C TYR B 247 18.45 17.69 43.75
N LYS B 248 19.54 18.15 44.39
CA LYS B 248 19.55 18.39 45.83
C LYS B 248 18.67 19.59 46.19
N ASP B 249 17.74 19.34 47.12
CA ASP B 249 16.86 20.34 47.72
C ASP B 249 15.96 21.00 46.67
N ALA B 250 15.85 20.38 45.50
CA ALA B 250 15.09 20.94 44.38
C ALA B 250 13.59 20.73 44.64
N PRO B 251 12.72 21.69 44.25
CA PRO B 251 11.29 21.54 44.45
C PRO B 251 10.66 20.73 43.31
N HIS B 252 9.33 20.72 43.25
CA HIS B 252 8.62 20.06 42.17
C HIS B 252 8.90 20.79 40.85
N GLY B 253 8.73 22.12 40.87
CA GLY B 253 8.86 22.93 39.67
C GLY B 253 10.31 23.25 39.33
N PHE B 254 11.14 22.21 39.23
CA PHE B 254 12.58 22.39 39.11
C PHE B 254 12.99 22.81 37.69
N ALA B 255 12.05 22.71 36.75
CA ALA B 255 12.28 23.16 35.38
C ALA B 255 12.46 24.67 35.34
N VAL B 256 12.01 25.36 36.40
CA VAL B 256 12.22 26.79 36.56
C VAL B 256 13.50 27.02 37.36
N THR B 257 13.61 26.37 38.52
CA THR B 257 14.63 26.69 39.51
C THR B 257 15.97 26.04 39.16
N HIS B 258 15.93 24.96 38.36
CA HIS B 258 17.14 24.25 37.98
C HIS B 258 17.21 24.17 36.44
N ALA B 259 16.78 25.26 35.79
CA ALA B 259 16.64 25.34 34.35
C ALA B 259 17.92 24.92 33.63
N GLN B 260 19.06 25.51 34.02
CA GLN B 260 20.31 25.30 33.30
C GLN B 260 20.80 23.88 33.52
N GLN B 261 20.60 23.36 34.74
CA GLN B 261 21.03 22.02 35.11
C GLN B 261 20.25 21.00 34.29
N LEU B 262 18.93 21.23 34.15
CA LEU B 262 18.06 20.36 33.37
C LEU B 262 18.45 20.36 31.89
N ASN B 263 18.72 21.55 31.35
CA ASN B 263 19.06 21.71 29.95
C ASN B 263 20.28 20.86 29.59
N GLU B 264 21.30 20.91 30.45
CA GLU B 264 22.55 20.22 30.18
C GLU B 264 22.36 18.72 30.36
N ASP B 265 21.49 18.34 31.30
CA ASP B 265 21.18 16.94 31.56
C ASP B 265 20.43 16.31 30.39
N LEU B 266 19.54 17.08 29.73
CA LEU B 266 18.78 16.59 28.59
C LEU B 266 19.70 16.41 27.38
N LEU B 267 20.61 17.37 27.18
CA LEU B 267 21.50 17.34 26.03
C LEU B 267 22.45 16.17 26.16
N ALA B 268 22.99 15.96 27.37
CA ALA B 268 23.90 14.86 27.65
C ALA B 268 23.24 13.53 27.28
N PHE B 269 21.96 13.39 27.67
CA PHE B 269 21.21 12.16 27.47
C PHE B 269 20.98 11.92 25.98
N LEU B 270 20.71 12.99 25.24
CA LEU B 270 20.46 12.89 23.80
C LEU B 270 21.75 12.51 23.09
N LYS B 271 22.89 12.83 23.70
CA LYS B 271 24.18 12.68 23.04
C LYS B 271 24.90 11.42 23.54
N ARG B 272 24.16 10.52 24.20
CA ARG B 272 24.74 9.34 24.82
C ARG B 272 25.24 8.37 23.74
N GLY B 273 26.12 7.45 24.15
CA GLY B 273 26.65 6.42 23.27
C GLY B 273 25.86 5.12 23.40
N SER B 274 26.40 4.04 22.83
CA SER B 274 25.73 2.75 22.81
C SER B 274 26.27 1.85 23.90
N HIS B 275 25.44 0.88 24.33
CA HIS B 275 25.84 -0.18 25.23
C HIS B 275 25.69 -1.53 24.53
N HIS B 276 26.41 -2.53 25.03
CA HIS B 276 26.39 -3.87 24.46
C HIS B 276 25.49 -4.75 25.32
N HIS B 277 24.50 -5.38 24.68
CA HIS B 277 23.59 -6.30 25.36
C HIS B 277 23.69 -7.67 24.68
N SER C 2 -14.23 24.34 20.41
CA SER C 2 -15.26 24.34 19.33
C SER C 2 -15.62 25.77 18.95
N CYS C 3 -15.90 25.98 17.66
CA CYS C 3 -16.43 27.25 17.16
C CYS C 3 -17.29 27.00 15.92
N PHE C 4 -18.18 27.96 15.64
CA PHE C 4 -18.93 27.99 14.39
C PHE C 4 -18.75 29.36 13.73
N VAL C 5 -19.10 29.44 12.45
CA VAL C 5 -18.97 30.67 11.68
C VAL C 5 -20.37 31.27 11.47
N ALA C 6 -20.52 32.53 11.89
CA ALA C 6 -21.79 33.23 11.83
C ALA C 6 -22.04 33.74 10.40
N LYS C 7 -23.25 34.26 10.19
CA LYS C 7 -23.70 34.78 8.90
C LYS C 7 -22.65 35.71 8.29
N ASP C 8 -22.14 36.65 9.09
CA ASP C 8 -21.28 37.71 8.58
C ASP C 8 -19.82 37.25 8.54
N GLY C 9 -19.54 36.06 9.06
CA GLY C 9 -18.19 35.51 9.02
C GLY C 9 -17.49 35.49 10.37
N THR C 10 -18.15 36.03 11.40
CA THR C 10 -17.59 36.06 12.75
C THR C 10 -17.44 34.63 13.27
N GLN C 11 -16.25 34.32 13.81
CA GLN C 11 -16.02 33.04 14.48
C GLN C 11 -16.36 33.18 15.96
N ILE C 12 -17.11 32.20 16.47
CA ILE C 12 -17.62 32.24 17.83
C ILE C 12 -17.22 30.96 18.54
N TYR C 13 -16.48 31.11 19.64
CA TYR C 13 -16.02 29.98 20.42
C TYR C 13 -17.15 29.50 21.35
N PHE C 14 -17.25 28.18 21.53
CA PHE C 14 -18.16 27.60 22.50
C PHE C 14 -17.62 26.29 23.08
N LYS C 15 -18.27 25.86 24.17
CA LYS C 15 -18.00 24.60 24.84
C LYS C 15 -19.29 23.78 24.85
N ASP C 16 -19.17 22.50 24.47
CA ASP C 16 -20.27 21.55 24.49
C ASP C 16 -19.90 20.39 25.41
N TRP C 17 -20.44 20.39 26.63
CA TRP C 17 -20.09 19.40 27.65
C TRP C 17 -21.26 18.46 27.90
N GLY C 18 -20.94 17.17 28.04
CA GLY C 18 -21.87 16.16 28.52
C GLY C 18 -22.96 15.81 27.51
N SER C 19 -24.00 15.12 27.99
CA SER C 19 -25.13 14.71 27.18
C SER C 19 -26.41 14.73 28.02
N GLY C 20 -27.55 14.73 27.34
CA GLY C 20 -28.85 14.83 27.98
C GLY C 20 -29.59 16.09 27.54
N LYS C 21 -30.52 16.55 28.39
CA LYS C 21 -31.25 17.79 28.16
C LYS C 21 -30.26 18.95 28.07
N PRO C 22 -30.18 19.67 26.94
CA PRO C 22 -29.24 20.78 26.79
C PRO C 22 -29.63 22.03 27.58
N VAL C 23 -28.62 22.64 28.21
CA VAL C 23 -28.72 23.93 28.90
C VAL C 23 -27.71 24.87 28.27
N LEU C 24 -28.19 25.98 27.70
CA LEU C 24 -27.33 26.91 26.98
C LEU C 24 -27.19 28.21 27.77
N PHE C 25 -25.93 28.56 28.08
CA PHE C 25 -25.59 29.67 28.95
C PHE C 25 -25.15 30.89 28.14
N SER C 26 -25.65 32.06 28.56
CA SER C 26 -25.31 33.34 27.93
C SER C 26 -24.72 34.28 28.97
N HIS C 27 -23.43 34.59 28.81
CA HIS C 27 -22.64 35.28 29.83
C HIS C 27 -22.92 36.78 29.82
N GLY C 28 -22.45 37.47 30.86
CA GLY C 28 -22.67 38.90 31.04
C GLY C 28 -21.57 39.76 30.42
N TRP C 29 -21.64 41.06 30.71
CA TRP C 29 -20.72 42.06 30.20
C TRP C 29 -19.32 41.84 30.79
N LEU C 30 -18.29 41.97 29.93
CA LEU C 30 -16.88 41.93 30.31
C LEU C 30 -16.38 40.50 30.51
N LEU C 31 -17.28 39.52 30.50
CA LEU C 31 -16.90 38.16 30.86
C LEU C 31 -16.81 37.29 29.61
N ASP C 32 -16.88 35.96 29.80
CA ASP C 32 -16.96 35.00 28.70
C ASP C 32 -17.59 33.71 29.21
N ALA C 33 -17.46 32.63 28.43
CA ALA C 33 -18.06 31.35 28.75
C ALA C 33 -17.53 30.77 30.07
N ASP C 34 -16.31 31.18 30.44
CA ASP C 34 -15.63 30.64 31.61
C ASP C 34 -16.34 30.99 32.91
N MET C 35 -17.23 32.00 32.90
CA MET C 35 -17.91 32.39 34.13
C MET C 35 -18.93 31.30 34.51
N TRP C 36 -19.19 30.37 33.58
CA TRP C 36 -20.24 29.39 33.75
C TRP C 36 -19.66 28.05 34.23
N GLU C 37 -18.33 27.97 34.30
CA GLU C 37 -17.61 26.70 34.44
C GLU C 37 -18.13 25.88 35.62
N TYR C 38 -18.43 26.55 36.74
CA TYR C 38 -18.87 25.85 37.94
C TYR C 38 -20.27 25.27 37.75
N GLN C 39 -21.17 26.07 37.16
CA GLN C 39 -22.53 25.64 36.88
C GLN C 39 -22.52 24.47 35.91
N MET C 40 -21.68 24.59 34.87
CA MET C 40 -21.61 23.63 33.78
C MET C 40 -21.13 22.28 34.31
N GLU C 41 -20.05 22.30 35.10
CA GLU C 41 -19.52 21.06 35.66
C GLU C 41 -20.56 20.43 36.58
N TYR C 42 -21.26 21.28 37.35
CA TYR C 42 -22.23 20.83 38.33
C TYR C 42 -23.34 20.04 37.64
N LEU C 43 -23.88 20.59 36.55
CA LEU C 43 -25.05 20.02 35.89
C LEU C 43 -24.64 18.84 35.01
N SER C 44 -23.52 19.00 34.29
CA SER C 44 -23.06 17.98 33.35
C SER C 44 -22.60 16.71 34.06
N SER C 45 -22.07 16.86 35.28
CA SER C 45 -21.71 15.70 36.07
C SER C 45 -22.94 15.13 36.77
N ARG C 46 -24.12 15.68 36.43
CA ARG C 46 -25.38 15.17 36.94
C ARG C 46 -26.31 14.81 35.78
N GLY C 47 -25.73 14.56 34.61
CA GLY C 47 -26.44 13.98 33.49
C GLY C 47 -27.18 15.01 32.62
N TYR C 48 -26.70 16.26 32.63
CA TYR C 48 -27.21 17.28 31.73
C TYR C 48 -26.14 17.62 30.68
N ARG C 49 -26.59 18.22 29.57
CA ARG C 49 -25.67 18.74 28.57
C ARG C 49 -25.63 20.26 28.71
N THR C 50 -24.42 20.81 28.87
CA THR C 50 -24.25 22.23 29.08
C THR C 50 -23.42 22.85 27.94
N ILE C 51 -23.89 24.01 27.47
CA ILE C 51 -23.31 24.70 26.32
C ILE C 51 -23.16 26.17 26.66
N ALA C 52 -21.97 26.72 26.39
CA ALA C 52 -21.66 28.13 26.65
C ALA C 52 -20.78 28.66 25.52
N PHE C 53 -21.07 29.89 25.10
CA PHE C 53 -20.35 30.54 24.02
C PHE C 53 -19.72 31.83 24.54
N ASP C 54 -18.61 32.23 23.90
CA ASP C 54 -18.07 33.57 24.03
C ASP C 54 -18.80 34.47 23.03
N ARG C 55 -19.46 35.51 23.54
CA ARG C 55 -20.18 36.46 22.71
C ARG C 55 -19.17 37.14 21.78
N ARG C 56 -19.64 37.52 20.58
CA ARG C 56 -18.78 38.24 19.64
C ARG C 56 -18.12 39.42 20.36
N GLY C 57 -16.79 39.49 20.26
CA GLY C 57 -16.01 40.57 20.82
C GLY C 57 -15.49 40.27 22.21
N PHE C 58 -15.78 39.07 22.72
CA PHE C 58 -15.40 38.68 24.06
C PHE C 58 -14.72 37.32 24.04
N GLY C 59 -13.89 37.06 25.06
CA GLY C 59 -13.21 35.80 25.23
C GLY C 59 -12.37 35.43 24.00
N ARG C 60 -12.68 34.26 23.43
CA ARG C 60 -11.89 33.63 22.39
C ARG C 60 -12.59 33.76 21.03
N SER C 61 -13.66 34.58 20.98
CA SER C 61 -14.37 34.82 19.73
C SER C 61 -13.69 35.94 18.96
N ASP C 62 -14.06 36.07 17.67
CA ASP C 62 -13.60 37.17 16.84
C ASP C 62 -14.18 38.47 17.39
N GLN C 63 -13.71 39.60 16.83
CA GLN C 63 -14.03 40.92 17.32
C GLN C 63 -14.48 41.81 16.16
N PRO C 64 -15.71 41.64 15.63
CA PRO C 64 -16.18 42.43 14.49
C PRO C 64 -16.56 43.86 14.89
N TRP C 65 -16.37 44.78 13.95
CA TRP C 65 -16.72 46.18 14.13
C TRP C 65 -18.24 46.33 14.19
N THR C 66 -18.92 45.57 13.33
CA THR C 66 -20.35 45.66 13.10
C THR C 66 -21.07 44.51 13.76
N GLY C 67 -22.39 44.66 13.94
CA GLY C 67 -23.26 43.63 14.48
C GLY C 67 -23.22 43.52 16.01
N ASN C 68 -22.81 44.60 16.69
CA ASN C 68 -22.73 44.58 18.14
C ASN C 68 -24.05 45.06 18.72
N ASP C 69 -25.12 44.29 18.48
CA ASP C 69 -26.47 44.64 18.86
C ASP C 69 -27.24 43.35 19.20
N TYR C 70 -28.40 43.51 19.84
CA TYR C 70 -29.15 42.38 20.37
C TYR C 70 -29.79 41.55 19.25
N ASP C 71 -30.12 42.20 18.14
CA ASP C 71 -30.69 41.47 17.01
C ASP C 71 -29.66 40.46 16.48
N THR C 72 -28.40 40.90 16.38
CA THR C 72 -27.32 40.04 15.91
C THR C 72 -26.96 39.02 16.99
N PHE C 73 -26.98 39.48 18.25
CA PHE C 73 -26.66 38.62 19.39
C PHE C 73 -27.64 37.44 19.42
N ALA C 74 -28.91 37.72 19.10
CA ALA C 74 -29.96 36.70 19.10
C ALA C 74 -29.74 35.71 17.95
N ASP C 75 -29.37 36.24 16.77
CA ASP C 75 -29.12 35.42 15.60
C ASP C 75 -27.92 34.51 15.82
N ASP C 76 -26.96 34.98 16.63
CA ASP C 76 -25.78 34.20 16.95
C ASP C 76 -26.20 32.95 17.72
N ILE C 77 -27.07 33.14 18.72
CA ILE C 77 -27.60 32.04 19.51
C ILE C 77 -28.39 31.10 18.59
N ALA C 78 -29.21 31.68 17.71
CA ALA C 78 -30.00 30.91 16.75
C ALA C 78 -29.09 29.98 15.95
N GLN C 79 -27.93 30.50 15.53
CA GLN C 79 -27.02 29.74 14.68
C GLN C 79 -26.32 28.65 15.48
N LEU C 80 -26.03 28.94 16.76
CA LEU C 80 -25.39 27.96 17.62
C LEU C 80 -26.31 26.76 17.77
N ILE C 81 -27.58 27.03 18.08
CA ILE C 81 -28.58 26.02 18.36
C ILE C 81 -28.80 25.12 17.13
N GLU C 82 -28.80 25.72 15.93
CA GLU C 82 -29.01 24.99 14.70
C GLU C 82 -27.75 24.19 14.35
N HIS C 83 -26.59 24.72 14.72
CA HIS C 83 -25.31 24.08 14.48
C HIS C 83 -25.22 22.77 15.26
N LEU C 84 -25.81 22.75 16.47
CA LEU C 84 -25.72 21.61 17.38
C LEU C 84 -26.97 20.74 17.32
N ASP C 85 -27.97 21.18 16.53
CA ASP C 85 -29.23 20.49 16.37
C ASP C 85 -29.89 20.27 17.74
N LEU C 86 -29.98 21.35 18.53
CA LEU C 86 -30.54 21.26 19.88
C LEU C 86 -32.07 21.29 19.82
N LYS C 87 -32.70 20.56 20.75
CA LYS C 87 -34.12 20.61 21.01
C LYS C 87 -34.34 20.55 22.53
N GLU C 88 -35.41 21.20 23.01
CA GLU C 88 -35.75 21.30 24.42
C GLU C 88 -34.59 21.94 25.20
N VAL C 89 -34.13 23.09 24.70
CA VAL C 89 -33.03 23.82 25.30
C VAL C 89 -33.56 24.61 26.49
N THR C 90 -32.75 24.70 27.54
CA THR C 90 -33.01 25.61 28.64
C THR C 90 -32.04 26.79 28.54
N LEU C 91 -32.57 27.95 28.12
CA LEU C 91 -31.78 29.16 27.95
C LEU C 91 -31.56 29.81 29.31
N VAL C 92 -30.29 30.03 29.67
CA VAL C 92 -29.90 30.69 30.89
C VAL C 92 -29.04 31.90 30.53
N GLY C 93 -29.44 33.08 31.04
CA GLY C 93 -28.76 34.32 30.72
C GLY C 93 -28.46 35.15 31.96
N PHE C 94 -27.23 35.65 32.04
CA PHE C 94 -26.83 36.51 33.14
C PHE C 94 -26.63 37.93 32.62
N SER C 95 -27.18 38.91 33.37
CA SER C 95 -26.92 40.32 33.11
C SER C 95 -27.41 40.68 31.70
N MET C 96 -26.51 41.25 30.87
CA MET C 96 -26.88 41.63 29.52
C MET C 96 -27.17 40.38 28.69
N GLY C 97 -26.65 39.23 29.15
CA GLY C 97 -26.91 37.94 28.53
C GLY C 97 -28.36 37.52 28.65
N GLY C 98 -29.08 38.13 29.59
CA GLY C 98 -30.51 37.92 29.71
C GLY C 98 -31.26 38.52 28.53
N GLY C 99 -30.61 39.48 27.86
CA GLY C 99 -31.21 40.20 26.74
C GLY C 99 -31.28 39.34 25.48
N ASP C 100 -30.15 38.70 25.12
CA ASP C 100 -30.06 38.02 23.84
C ASP C 100 -30.80 36.69 23.85
N VAL C 101 -30.97 36.08 25.04
CA VAL C 101 -31.80 34.88 25.15
C VAL C 101 -33.27 35.25 24.99
N ALA C 102 -33.65 36.41 25.54
CA ALA C 102 -35.02 36.88 25.47
C ALA C 102 -35.35 37.30 24.03
N ARG C 103 -34.37 37.95 23.38
CA ARG C 103 -34.53 38.41 22.01
C ARG C 103 -34.56 37.22 21.06
N TYR C 104 -33.76 36.19 21.36
CA TYR C 104 -33.79 34.96 20.58
C TYR C 104 -35.21 34.41 20.50
N ILE C 105 -35.86 34.25 21.67
CA ILE C 105 -37.21 33.72 21.76
C ILE C 105 -38.15 34.62 20.97
N ALA C 106 -37.90 35.94 21.02
CA ALA C 106 -38.76 36.92 20.39
C ALA C 106 -38.64 36.83 18.87
N ARG C 107 -37.41 36.61 18.39
CA ARG C 107 -37.17 36.63 16.95
C ARG C 107 -37.45 35.26 16.32
N HIS C 108 -37.14 34.18 17.03
CA HIS C 108 -37.11 32.88 16.40
C HIS C 108 -38.21 31.95 16.92
N GLY C 109 -38.91 32.38 17.98
CA GLY C 109 -39.91 31.55 18.61
C GLY C 109 -39.28 30.54 19.56
N SER C 110 -40.11 29.66 20.13
CA SER C 110 -39.69 28.86 21.27
C SER C 110 -39.73 27.36 20.98
N ALA C 111 -39.80 26.98 19.70
CA ALA C 111 -39.98 25.58 19.31
C ALA C 111 -38.85 24.69 19.82
N ARG C 112 -37.65 25.25 19.98
CA ARG C 112 -36.50 24.48 20.42
C ARG C 112 -36.25 24.70 21.91
N VAL C 113 -37.09 25.52 22.55
CA VAL C 113 -36.84 26.01 23.90
C VAL C 113 -37.79 25.33 24.89
N ALA C 114 -37.22 24.82 25.98
CA ALA C 114 -37.99 24.14 27.03
C ALA C 114 -38.18 25.05 28.24
N GLY C 115 -37.21 25.94 28.49
CA GLY C 115 -37.27 26.82 29.65
C GLY C 115 -36.35 28.03 29.52
N LEU C 116 -36.57 29.02 30.39
CA LEU C 116 -35.78 30.25 30.40
C LEU C 116 -35.45 30.62 31.85
N VAL C 117 -34.18 30.95 32.09
CA VAL C 117 -33.72 31.41 33.39
C VAL C 117 -32.98 32.74 33.19
N LEU C 118 -33.45 33.78 33.89
CA LEU C 118 -32.87 35.11 33.81
C LEU C 118 -32.20 35.44 35.14
N LEU C 119 -30.86 35.61 35.10
CA LEU C 119 -30.03 35.83 36.27
C LEU C 119 -29.53 37.27 36.27
N GLY C 120 -29.94 38.04 37.29
CA GLY C 120 -29.62 39.45 37.42
C GLY C 120 -29.70 40.18 36.08
N ALA C 121 -30.77 39.91 35.33
CA ALA C 121 -30.86 40.23 33.91
C ALA C 121 -31.32 41.67 33.70
N VAL C 122 -30.94 42.22 32.54
CA VAL C 122 -31.22 43.61 32.17
C VAL C 122 -32.67 43.75 31.71
N THR C 123 -33.33 42.61 31.45
CA THR C 123 -34.72 42.57 31.02
C THR C 123 -35.62 43.05 32.15
N PRO C 124 -36.77 43.72 31.87
CA PRO C 124 -37.23 43.96 30.49
C PRO C 124 -36.65 45.20 29.83
N LEU C 125 -35.93 46.02 30.62
CA LEU C 125 -35.42 47.31 30.17
C LEU C 125 -34.57 47.91 31.28
N PHE C 126 -33.35 48.33 30.90
CA PHE C 126 -32.36 48.78 31.87
C PHE C 126 -32.41 50.30 31.98
N GLY C 127 -32.09 50.98 30.88
CA GLY C 127 -31.96 52.43 30.84
C GLY C 127 -33.29 53.15 30.68
N GLN C 128 -33.26 54.45 30.95
CA GLN C 128 -34.43 55.30 31.10
C GLN C 128 -34.97 55.73 29.74
N LYS C 129 -36.30 55.66 29.60
CA LYS C 129 -37.00 56.06 28.39
C LYS C 129 -38.02 57.15 28.75
N PRO C 130 -38.53 57.91 27.76
CA PRO C 130 -39.66 58.82 28.00
C PRO C 130 -40.89 58.14 28.59
N ASP C 131 -41.16 56.89 28.15
CA ASP C 131 -42.28 56.10 28.65
C ASP C 131 -41.80 55.08 29.67
N TYR C 132 -40.55 55.22 30.15
CA TYR C 132 -40.01 54.44 31.25
C TYR C 132 -39.14 55.34 32.14
N PRO C 133 -39.74 56.33 32.84
CA PRO C 133 -38.97 57.27 33.66
C PRO C 133 -38.22 56.62 34.83
N GLN C 134 -38.75 55.49 35.32
CA GLN C 134 -38.18 54.81 36.47
C GLN C 134 -36.87 54.12 36.08
N GLY C 135 -36.49 54.20 34.80
CA GLY C 135 -35.28 53.58 34.30
C GLY C 135 -34.03 54.29 34.80
N VAL C 136 -32.86 53.72 34.48
CA VAL C 136 -31.57 54.26 34.87
C VAL C 136 -31.20 55.38 33.91
N PRO C 137 -30.98 56.62 34.41
CA PRO C 137 -30.64 57.76 33.54
C PRO C 137 -29.44 57.46 32.64
N LEU C 138 -29.53 57.91 31.38
CA LEU C 138 -28.62 57.49 30.32
C LEU C 138 -27.21 58.03 30.55
N ASP C 139 -27.06 59.10 31.35
CA ASP C 139 -25.77 59.73 31.55
C ASP C 139 -24.86 58.84 32.40
N VAL C 140 -25.47 57.98 33.22
CA VAL C 140 -24.76 56.96 33.98
C VAL C 140 -23.92 56.10 33.02
N PHE C 141 -24.53 55.74 31.89
CA PHE C 141 -23.92 54.86 30.90
C PHE C 141 -22.96 55.65 30.00
N ALA C 142 -23.24 56.93 29.82
CA ALA C 142 -22.37 57.81 29.06
C ALA C 142 -21.06 58.01 29.82
N ARG C 143 -21.15 57.92 31.15
CA ARG C 143 -20.00 58.07 32.04
C ARG C 143 -19.15 56.80 32.00
N PHE C 144 -19.80 55.65 31.74
CA PHE C 144 -19.11 54.39 31.50
C PHE C 144 -18.27 54.49 30.24
N LYS C 145 -18.85 55.05 29.17
CA LYS C 145 -18.19 55.16 27.87
C LYS C 145 -16.96 56.06 27.97
N THR C 146 -17.07 57.15 28.75
CA THR C 146 -15.98 58.12 28.89
C THR C 146 -14.75 57.45 29.48
N GLU C 147 -14.96 56.64 30.52
CA GLU C 147 -13.88 55.99 31.26
C GLU C 147 -13.29 54.85 30.43
N LEU C 148 -14.15 54.09 29.75
CA LEU C 148 -13.71 52.96 28.95
C LEU C 148 -12.85 53.42 27.78
N LEU C 149 -13.19 54.59 27.22
CA LEU C 149 -12.47 55.14 26.07
C LEU C 149 -11.17 55.80 26.51
N LYS C 150 -10.90 55.81 27.82
CA LYS C 150 -9.66 56.35 28.36
C LYS C 150 -8.75 55.22 28.84
N ASP C 151 -9.31 54.30 29.64
CA ASP C 151 -8.56 53.22 30.26
C ASP C 151 -9.53 52.12 30.70
N ARG C 152 -9.77 51.14 29.82
CA ARG C 152 -10.74 50.09 30.13
C ARG C 152 -10.14 49.11 31.13
N ALA C 153 -8.81 48.97 31.10
CA ALA C 153 -8.10 48.06 31.97
C ALA C 153 -8.38 48.38 33.43
N GLN C 154 -8.22 49.65 33.83
CA GLN C 154 -8.45 50.07 35.19
C GLN C 154 -9.95 50.05 35.52
N PHE C 155 -10.77 50.38 34.52
CA PHE C 155 -12.22 50.37 34.69
C PHE C 155 -12.68 48.97 35.14
N ILE C 156 -12.25 47.94 34.41
CA ILE C 156 -12.59 46.55 34.70
C ILE C 156 -12.18 46.27 36.14
N SER C 157 -10.97 46.71 36.49
CA SER C 157 -10.36 46.43 37.78
C SER C 157 -11.17 47.06 38.91
N ASP C 158 -11.63 48.30 38.70
CA ASP C 158 -12.40 49.06 39.66
C ASP C 158 -13.82 48.50 39.79
N PHE C 159 -14.27 47.81 38.74
CA PHE C 159 -15.63 47.33 38.62
C PHE C 159 -15.87 46.10 39.50
N ASN C 160 -14.78 45.44 39.91
CA ASN C 160 -14.85 44.23 40.72
C ASN C 160 -15.56 44.50 42.05
N ALA C 161 -15.32 45.67 42.64
CA ALA C 161 -15.81 46.00 43.96
C ALA C 161 -17.34 46.07 43.97
N PRO C 162 -18.00 46.93 43.14
CA PRO C 162 -19.46 46.98 43.11
C PRO C 162 -20.13 45.78 42.43
N PHE C 163 -19.40 45.10 41.53
CA PHE C 163 -19.90 43.93 40.83
C PHE C 163 -20.12 42.78 41.81
N TYR C 164 -19.13 42.52 42.67
CA TYR C 164 -19.13 41.37 43.56
C TYR C 164 -19.67 41.74 44.95
N GLY C 165 -19.81 43.04 45.20
CA GLY C 165 -20.25 43.51 46.51
C GLY C 165 -19.14 43.44 47.56
N ILE C 166 -17.88 43.56 47.09
CA ILE C 166 -16.73 43.60 47.99
C ILE C 166 -16.86 44.81 48.91
N ASN C 167 -17.42 45.90 48.38
CA ASN C 167 -17.57 47.15 49.11
C ASN C 167 -18.74 47.06 50.09
N LYS C 168 -19.39 45.89 50.15
CA LYS C 168 -20.50 45.63 51.06
C LYS C 168 -20.24 44.36 51.88
N GLY C 169 -18.96 43.99 52.01
CA GLY C 169 -18.53 42.94 52.91
C GLY C 169 -18.73 41.53 52.36
N GLN C 170 -18.73 41.39 51.02
CA GLN C 170 -18.73 40.07 50.40
C GLN C 170 -17.29 39.57 50.34
N VAL C 171 -17.13 38.24 50.34
CA VAL C 171 -15.80 37.64 50.39
C VAL C 171 -15.48 37.01 49.03
N VAL C 172 -14.51 37.61 48.33
CA VAL C 172 -14.06 37.14 47.03
C VAL C 172 -12.53 37.15 47.04
N SER C 173 -11.94 36.02 46.61
CA SER C 173 -10.48 35.86 46.63
C SER C 173 -9.84 36.79 45.60
N CYS C 174 -8.52 36.99 45.75
CA CYS C 174 -7.72 37.70 44.76
C CYS C 174 -7.67 36.89 43.47
N GLY C 175 -7.76 35.55 43.62
CA GLY C 175 -7.79 34.63 42.51
C GLY C 175 -8.91 34.95 41.53
N VAL C 176 -10.15 35.05 42.05
CA VAL C 176 -11.34 35.31 41.24
C VAL C 176 -11.19 36.67 40.56
N GLN C 177 -10.63 37.63 41.30
CA GLN C 177 -10.46 39.00 40.83
C GLN C 177 -9.45 39.03 39.68
N THR C 178 -8.38 38.23 39.79
CA THR C 178 -7.37 38.15 38.75
C THR C 178 -7.98 37.53 37.48
N GLN C 179 -8.77 36.47 37.67
CA GLN C 179 -9.36 35.73 36.56
C GLN C 179 -10.39 36.60 35.84
N THR C 180 -11.10 37.45 36.58
CA THR C 180 -12.13 38.29 36.00
C THR C 180 -11.47 39.32 35.09
N LEU C 181 -10.34 39.87 35.55
CA LEU C 181 -9.60 40.87 34.80
C LEU C 181 -8.93 40.21 33.59
N GLN C 182 -8.47 38.97 33.76
CA GLN C 182 -7.80 38.25 32.68
C GLN C 182 -8.78 38.03 31.53
N ILE C 183 -9.96 37.50 31.87
CA ILE C 183 -10.99 37.18 30.89
C ILE C 183 -11.45 38.47 30.22
N ALA C 184 -11.56 39.55 31.01
CA ALA C 184 -12.10 40.81 30.54
C ALA C 184 -11.16 41.43 29.50
N LEU C 185 -9.85 41.29 29.71
CA LEU C 185 -8.86 41.95 28.89
C LEU C 185 -8.73 41.30 27.51
N LEU C 186 -9.35 40.12 27.32
CA LEU C 186 -9.37 39.46 26.02
C LEU C 186 -10.30 40.20 25.07
N ALA C 187 -11.26 40.95 25.65
CA ALA C 187 -12.39 41.49 24.91
C ALA C 187 -11.97 42.64 24.02
N SER C 188 -12.76 42.89 22.97
CA SER C 188 -12.60 44.04 22.09
C SER C 188 -13.04 45.31 22.81
N LEU C 189 -12.26 46.38 22.65
CA LEU C 189 -12.64 47.69 23.18
C LEU C 189 -13.96 48.12 22.55
N LYS C 190 -14.07 47.93 21.24
CA LYS C 190 -15.24 48.35 20.49
C LYS C 190 -16.48 47.64 21.02
N ALA C 191 -16.36 46.33 21.25
CA ALA C 191 -17.47 45.50 21.68
C ALA C 191 -17.91 45.90 23.09
N THR C 192 -16.94 46.22 23.94
CA THR C 192 -17.18 46.66 25.31
C THR C 192 -18.02 47.93 25.30
N VAL C 193 -17.66 48.89 24.44
CA VAL C 193 -18.33 50.17 24.35
C VAL C 193 -19.73 49.98 23.75
N ASP C 194 -19.81 49.25 22.63
CA ASP C 194 -21.05 49.04 21.90
C ASP C 194 -22.10 48.36 22.78
N CYS C 195 -21.64 47.53 23.72
CA CYS C 195 -22.54 46.76 24.57
C CYS C 195 -23.27 47.67 25.56
N VAL C 196 -22.59 48.72 26.00
CA VAL C 196 -23.20 49.70 26.89
C VAL C 196 -24.39 50.33 26.17
N THR C 197 -24.17 50.80 24.93
CA THR C 197 -25.24 51.35 24.13
C THR C 197 -26.38 50.34 24.04
N ALA C 198 -26.01 49.08 23.77
CA ALA C 198 -26.96 47.99 23.56
C ALA C 198 -27.81 47.78 24.80
N PHE C 199 -27.18 47.48 25.94
CA PHE C 199 -27.94 47.10 27.13
C PHE C 199 -28.62 48.31 27.76
N ALA C 200 -28.20 49.53 27.37
CA ALA C 200 -28.72 50.74 27.98
C ALA C 200 -30.00 51.18 27.29
N GLU C 201 -30.12 50.92 25.99
CA GLU C 201 -31.13 51.59 25.17
C GLU C 201 -32.10 50.60 24.53
N THR C 202 -31.79 49.30 24.57
CA THR C 202 -32.62 48.27 23.95
C THR C 202 -33.82 47.97 24.84
N ASP C 203 -35.02 47.97 24.22
CA ASP C 203 -36.28 47.73 24.89
C ASP C 203 -36.72 46.29 24.64
N PHE C 204 -36.93 45.52 25.72
CA PHE C 204 -37.34 44.13 25.60
C PHE C 204 -38.77 43.93 26.14
N ARG C 205 -39.52 45.03 26.30
CA ARG C 205 -40.89 44.95 26.78
C ARG C 205 -41.75 44.16 25.79
N PRO C 206 -41.67 44.41 24.45
CA PRO C 206 -42.41 43.60 23.48
C PRO C 206 -42.04 42.12 23.54
N ASP C 207 -40.80 41.84 23.96
CA ASP C 207 -40.25 40.50 23.99
C ASP C 207 -40.88 39.71 25.13
N MET C 208 -41.20 40.41 26.23
CA MET C 208 -41.74 39.80 27.43
C MET C 208 -43.06 39.10 27.11
N ALA C 209 -43.80 39.66 26.16
CA ALA C 209 -45.11 39.14 25.76
C ALA C 209 -44.97 37.82 25.00
N LYS C 210 -43.80 37.61 24.38
CA LYS C 210 -43.59 36.50 23.45
C LYS C 210 -42.97 35.30 24.15
N ILE C 211 -42.80 35.37 25.47
CA ILE C 211 -42.18 34.28 26.21
C ILE C 211 -43.26 33.33 26.73
N ASP C 212 -43.28 32.12 26.16
CA ASP C 212 -44.34 31.15 26.39
C ASP C 212 -43.75 29.85 26.94
N VAL C 213 -42.70 29.98 27.76
CA VAL C 213 -42.03 28.83 28.34
C VAL C 213 -41.89 29.05 29.85
N PRO C 214 -41.79 27.98 30.67
CA PRO C 214 -41.51 28.15 32.10
C PRO C 214 -40.25 28.99 32.30
N THR C 215 -40.36 30.00 33.18
CA THR C 215 -39.29 30.96 33.41
C THR C 215 -39.02 31.09 34.92
N LEU C 216 -37.74 31.02 35.27
CA LEU C 216 -37.28 31.36 36.61
C LEU C 216 -36.42 32.61 36.54
N VAL C 217 -36.80 33.62 37.35
CA VAL C 217 -36.06 34.86 37.48
C VAL C 217 -35.37 34.86 38.84
N ILE C 218 -34.04 35.02 38.83
CA ILE C 218 -33.25 35.14 40.05
C ILE C 218 -32.49 36.46 40.02
N HIS C 219 -32.51 37.18 41.15
CA HIS C 219 -31.89 38.49 41.25
C HIS C 219 -31.56 38.77 42.72
N GLY C 220 -30.39 39.36 42.96
CA GLY C 220 -30.00 39.77 44.29
C GLY C 220 -30.47 41.20 44.59
N ASP C 221 -31.02 41.42 45.79
CA ASP C 221 -31.63 42.71 46.09
C ASP C 221 -30.58 43.75 46.50
N GLY C 222 -29.31 43.30 46.61
CA GLY C 222 -28.20 44.19 46.88
C GLY C 222 -27.40 44.54 45.63
N ASP C 223 -28.00 44.27 44.45
CA ASP C 223 -27.38 44.45 43.16
C ASP C 223 -27.10 45.93 42.92
N GLN C 224 -25.83 46.27 42.72
CA GLN C 224 -25.39 47.65 42.55
C GLN C 224 -25.19 47.97 41.07
N ILE C 225 -25.50 47.01 40.20
CA ILE C 225 -25.27 47.16 38.77
C ILE C 225 -26.61 47.21 38.03
N VAL C 226 -27.38 46.12 38.15
CA VAL C 226 -28.68 46.02 37.49
C VAL C 226 -29.76 46.09 38.57
N PRO C 227 -30.48 47.23 38.70
CA PRO C 227 -31.43 47.44 39.79
C PRO C 227 -32.60 46.46 39.75
N PHE C 228 -32.73 45.68 40.81
CA PHE C 228 -33.75 44.63 40.92
C PHE C 228 -35.15 45.22 40.72
N GLU C 229 -35.37 46.43 41.25
CA GLU C 229 -36.69 47.02 41.38
C GLU C 229 -37.31 47.35 40.03
N THR C 230 -36.47 47.66 39.04
CA THR C 230 -36.97 48.09 37.74
C THR C 230 -36.58 47.12 36.64
N THR C 231 -36.01 45.96 37.00
CA THR C 231 -35.71 44.93 36.03
C THR C 231 -36.34 43.60 36.44
N GLY C 232 -35.60 42.82 37.23
CA GLY C 232 -35.99 41.46 37.60
C GLY C 232 -37.39 41.38 38.21
N LYS C 233 -37.72 42.35 39.08
CA LYS C 233 -39.03 42.40 39.71
C LYS C 233 -40.11 42.56 38.65
N VAL C 234 -39.81 43.38 37.64
CA VAL C 234 -40.77 43.73 36.59
C VAL C 234 -40.85 42.60 35.57
N ALA C 235 -39.71 41.94 35.30
CA ALA C 235 -39.64 40.86 34.34
C ALA C 235 -40.56 39.71 34.76
N ALA C 236 -40.57 39.41 36.06
CA ALA C 236 -41.37 38.31 36.59
C ALA C 236 -42.85 38.62 36.46
N GLU C 237 -43.20 39.91 36.51
CA GLU C 237 -44.58 40.37 36.40
C GLU C 237 -45.05 40.27 34.95
N LEU C 238 -44.14 40.51 33.99
CA LEU C 238 -44.50 40.65 32.58
C LEU C 238 -44.53 39.30 31.88
N ILE C 239 -43.65 38.38 32.29
CA ILE C 239 -43.59 37.04 31.71
C ILE C 239 -44.67 36.18 32.35
N LYS C 240 -45.51 35.58 31.50
CA LYS C 240 -46.64 34.76 31.92
C LYS C 240 -46.14 33.52 32.65
N GLY C 241 -46.50 33.42 33.94
CA GLY C 241 -46.28 32.24 34.75
C GLY C 241 -44.85 32.12 35.28
N ALA C 242 -44.10 33.23 35.25
CA ALA C 242 -42.71 33.26 35.71
C ALA C 242 -42.66 33.12 37.23
N GLU C 243 -41.56 32.50 37.71
CA GLU C 243 -41.28 32.36 39.13
C GLU C 243 -40.12 33.30 39.47
N LEU C 244 -40.21 33.93 40.65
CA LEU C 244 -39.20 34.88 41.11
C LEU C 244 -38.54 34.37 42.38
N LYS C 245 -37.21 34.37 42.38
CA LYS C 245 -36.42 34.11 43.58
C LYS C 245 -35.47 35.28 43.82
N VAL C 246 -35.46 35.77 45.06
CA VAL C 246 -34.62 36.90 45.44
C VAL C 246 -33.57 36.39 46.42
N TYR C 247 -32.29 36.53 46.04
CA TYR C 247 -31.19 36.21 46.92
C TYR C 247 -30.90 37.40 47.82
N LYS C 248 -31.03 37.18 49.13
CA LYS C 248 -30.94 38.22 50.15
C LYS C 248 -29.54 38.83 50.15
N ASP C 249 -29.48 40.16 49.95
CA ASP C 249 -28.27 40.96 50.05
C ASP C 249 -27.24 40.57 48.99
N ALA C 250 -27.67 39.78 47.99
CA ALA C 250 -26.74 39.25 47.01
C ALA C 250 -26.34 40.33 45.99
N PRO C 251 -25.09 40.33 45.50
CA PRO C 251 -24.63 41.30 44.51
C PRO C 251 -24.95 40.87 43.08
N HIS C 252 -24.48 41.66 42.11
CA HIS C 252 -24.67 41.37 40.71
C HIS C 252 -24.01 40.03 40.37
N GLY C 253 -22.74 39.88 40.76
CA GLY C 253 -21.98 38.68 40.45
C GLY C 253 -22.24 37.58 41.47
N PHE C 254 -23.50 37.18 41.61
CA PHE C 254 -23.87 36.18 42.61
C PHE C 254 -23.47 34.78 42.14
N ALA C 255 -23.23 34.62 40.82
CA ALA C 255 -22.79 33.35 40.26
C ALA C 255 -21.51 32.87 40.97
N VAL C 256 -20.76 33.83 41.53
CA VAL C 256 -19.56 33.55 42.30
C VAL C 256 -19.91 33.45 43.78
N THR C 257 -20.55 34.49 44.33
CA THR C 257 -20.76 34.61 45.76
C THR C 257 -21.78 33.61 46.28
N HIS C 258 -22.77 33.26 45.43
CA HIS C 258 -23.86 32.38 45.84
C HIS C 258 -23.88 31.14 44.93
N ALA C 259 -22.69 30.63 44.61
CA ALA C 259 -22.50 29.64 43.56
C ALA C 259 -23.32 28.38 43.87
N GLN C 260 -23.23 27.90 45.12
CA GLN C 260 -23.86 26.65 45.50
C GLN C 260 -25.38 26.79 45.39
N GLN C 261 -25.90 27.91 45.86
CA GLN C 261 -27.34 28.16 45.85
C GLN C 261 -27.84 28.23 44.41
N LEU C 262 -27.05 28.86 43.53
CA LEU C 262 -27.44 28.97 42.13
C LEU C 262 -27.42 27.57 41.49
N ASN C 263 -26.40 26.77 41.84
CA ASN C 263 -26.25 25.43 41.29
C ASN C 263 -27.45 24.57 41.69
N GLU C 264 -27.90 24.72 42.94
CA GLU C 264 -29.00 23.94 43.45
C GLU C 264 -30.33 24.39 42.82
N ASP C 265 -30.47 25.71 42.62
CA ASP C 265 -31.69 26.27 42.06
C ASP C 265 -31.81 25.95 40.57
N LEU C 266 -30.66 25.87 39.87
CA LEU C 266 -30.66 25.52 38.47
C LEU C 266 -31.06 24.06 38.29
N LEU C 267 -30.53 23.18 39.16
CA LEU C 267 -30.87 21.77 39.10
C LEU C 267 -32.36 21.60 39.38
N ALA C 268 -32.85 22.28 40.43
CA ALA C 268 -34.23 22.18 40.86
C ALA C 268 -35.18 22.56 39.72
N PHE C 269 -34.82 23.61 38.97
CA PHE C 269 -35.62 24.12 37.87
C PHE C 269 -35.73 23.06 36.78
N LEU C 270 -34.60 22.41 36.47
CA LEU C 270 -34.52 21.45 35.38
C LEU C 270 -35.39 20.22 35.66
N LYS C 271 -35.61 19.92 36.95
CA LYS C 271 -36.36 18.76 37.37
C LYS C 271 -37.82 19.13 37.65
N ARG C 272 -38.20 20.37 37.30
CA ARG C 272 -39.56 20.89 37.52
C ARG C 272 -40.60 19.78 37.32
N SER D 2 -26.92 9.75 -14.96
CA SER D 2 -25.83 9.49 -13.98
C SER D 2 -26.11 10.24 -12.69
N CYS D 3 -25.46 9.81 -11.60
CA CYS D 3 -25.46 10.58 -10.37
C CYS D 3 -24.23 10.23 -9.54
N PHE D 4 -23.95 11.07 -8.55
CA PHE D 4 -22.95 10.81 -7.53
C PHE D 4 -23.46 11.32 -6.19
N VAL D 5 -22.85 10.83 -5.11
CA VAL D 5 -23.24 11.20 -3.75
C VAL D 5 -22.26 12.27 -3.24
N ALA D 6 -22.80 13.43 -2.89
CA ALA D 6 -22.00 14.51 -2.31
C ALA D 6 -21.68 14.17 -0.85
N LYS D 7 -20.86 14.99 -0.21
CA LYS D 7 -20.32 14.71 1.12
C LYS D 7 -21.44 14.41 2.13
N ASP D 8 -22.52 15.20 2.10
CA ASP D 8 -23.59 15.12 3.07
C ASP D 8 -24.59 14.01 2.73
N GLY D 9 -24.38 13.32 1.60
CA GLY D 9 -25.22 12.20 1.22
C GLY D 9 -26.24 12.56 0.13
N THR D 10 -26.19 13.83 -0.33
CA THR D 10 -27.08 14.32 -1.37
C THR D 10 -26.67 13.72 -2.71
N GLN D 11 -27.66 13.16 -3.41
CA GLN D 11 -27.45 12.60 -4.74
C GLN D 11 -27.68 13.68 -5.78
N ILE D 12 -26.71 13.82 -6.69
CA ILE D 12 -26.74 14.84 -7.74
C ILE D 12 -26.76 14.14 -9.10
N TYR D 13 -27.80 14.45 -9.90
CA TYR D 13 -27.92 13.95 -11.26
C TYR D 13 -27.00 14.74 -12.19
N PHE D 14 -26.42 14.05 -13.18
CA PHE D 14 -25.67 14.72 -14.22
C PHE D 14 -25.72 13.94 -15.53
N LYS D 15 -25.45 14.64 -16.63
CA LYS D 15 -25.26 14.06 -17.95
C LYS D 15 -23.79 14.20 -18.34
N ASP D 16 -23.25 13.18 -19.01
CA ASP D 16 -21.88 13.19 -19.47
C ASP D 16 -21.85 12.66 -20.91
N TRP D 17 -21.70 13.56 -21.89
CA TRP D 17 -21.91 13.28 -23.30
C TRP D 17 -20.60 13.41 -24.08
N GLY D 18 -20.34 12.43 -24.96
CA GLY D 18 -19.28 12.51 -25.95
C GLY D 18 -17.90 12.28 -25.36
N SER D 19 -16.87 12.62 -26.14
CA SER D 19 -15.48 12.48 -25.75
C SER D 19 -14.69 13.70 -26.20
N GLY D 20 -13.48 13.86 -25.66
CA GLY D 20 -12.66 15.04 -25.90
C GLY D 20 -12.49 15.84 -24.61
N LYS D 21 -11.84 17.00 -24.71
CA LYS D 21 -11.65 17.86 -23.56
C LYS D 21 -13.00 18.10 -22.89
N PRO D 22 -13.09 18.07 -21.54
CA PRO D 22 -14.36 18.21 -20.83
C PRO D 22 -14.81 19.66 -20.67
N VAL D 23 -16.11 19.89 -20.94
CA VAL D 23 -16.76 21.17 -20.70
C VAL D 23 -17.86 20.95 -19.67
N LEU D 24 -17.75 21.64 -18.52
CA LEU D 24 -18.66 21.45 -17.41
C LEU D 24 -19.56 22.67 -17.24
N PHE D 25 -20.89 22.44 -17.28
CA PHE D 25 -21.88 23.50 -17.31
C PHE D 25 -22.59 23.59 -15.95
N SER D 26 -22.76 24.83 -15.47
CA SER D 26 -23.47 25.11 -14.24
C SER D 26 -24.66 26.00 -14.55
N HIS D 27 -25.87 25.46 -14.35
CA HIS D 27 -27.11 26.08 -14.79
C HIS D 27 -27.52 27.19 -13.82
N GLY D 28 -28.52 27.97 -14.25
CA GLY D 28 -28.99 29.13 -13.49
C GLY D 28 -30.16 28.80 -12.59
N TRP D 29 -30.65 29.82 -11.89
CA TRP D 29 -31.74 29.72 -10.94
C TRP D 29 -33.00 29.23 -11.66
N LEU D 30 -33.74 28.34 -11.00
CA LEU D 30 -35.03 27.85 -11.46
C LEU D 30 -34.90 26.76 -12.53
N LEU D 31 -33.70 26.56 -13.08
CA LEU D 31 -33.55 25.69 -14.23
C LEU D 31 -32.92 24.37 -13.80
N ASP D 32 -32.34 23.64 -14.77
CA ASP D 32 -31.55 22.45 -14.51
C ASP D 32 -30.61 22.20 -15.68
N ALA D 33 -30.05 20.98 -15.76
CA ALA D 33 -29.06 20.64 -16.77
C ALA D 33 -29.63 20.73 -18.17
N ASP D 34 -30.97 20.72 -18.29
CA ASP D 34 -31.60 20.68 -19.60
C ASP D 34 -31.42 21.99 -20.34
N MET D 35 -31.13 23.09 -19.63
CA MET D 35 -31.03 24.37 -20.30
C MET D 35 -29.85 24.37 -21.26
N TRP D 36 -28.99 23.36 -21.14
CA TRP D 36 -27.73 23.30 -21.87
C TRP D 36 -27.83 22.41 -23.10
N GLU D 37 -28.97 21.74 -23.28
CA GLU D 37 -29.08 20.63 -24.21
C GLU D 37 -28.55 20.99 -25.60
N TYR D 38 -28.77 22.24 -26.04
CA TYR D 38 -28.41 22.69 -27.38
C TYR D 38 -26.91 22.93 -27.49
N GLN D 39 -26.32 23.59 -26.48
CA GLN D 39 -24.88 23.83 -26.43
C GLN D 39 -24.15 22.49 -26.34
N MET D 40 -24.74 21.57 -25.56
CA MET D 40 -24.14 20.29 -25.29
C MET D 40 -24.14 19.44 -26.55
N GLU D 41 -25.27 19.40 -27.26
CA GLU D 41 -25.34 18.66 -28.52
C GLU D 41 -24.35 19.24 -29.51
N TYR D 42 -24.27 20.58 -29.57
CA TYR D 42 -23.46 21.30 -30.54
C TYR D 42 -21.98 20.94 -30.37
N LEU D 43 -21.49 21.00 -29.12
CA LEU D 43 -20.07 20.82 -28.83
C LEU D 43 -19.69 19.34 -28.87
N SER D 44 -20.58 18.47 -28.38
CA SER D 44 -20.27 17.05 -28.29
C SER D 44 -20.22 16.39 -29.67
N SER D 45 -20.87 17.01 -30.66
N SER D 45 -20.87 17.02 -30.66
CA SER D 45 -20.80 16.51 -32.02
CA SER D 45 -20.83 16.55 -32.03
C SER D 45 -19.67 17.19 -32.78
C SER D 45 -19.61 17.11 -32.75
N ARG D 46 -18.86 17.98 -32.06
CA ARG D 46 -17.71 18.66 -32.64
C ARG D 46 -16.45 18.38 -31.81
N GLY D 47 -16.44 17.25 -31.11
CA GLY D 47 -15.23 16.71 -30.50
C GLY D 47 -14.98 17.12 -29.05
N TYR D 48 -16.02 17.60 -28.34
CA TYR D 48 -15.87 17.94 -26.93
C TYR D 48 -16.71 17.02 -26.05
N ARG D 49 -16.24 16.81 -24.82
CA ARG D 49 -17.01 16.10 -23.82
C ARG D 49 -17.77 17.13 -22.99
N THR D 50 -19.10 17.01 -22.96
CA THR D 50 -19.93 17.99 -22.27
C THR D 50 -20.58 17.32 -21.05
N ILE D 51 -20.53 18.04 -19.93
CA ILE D 51 -21.03 17.56 -18.65
C ILE D 51 -21.86 18.66 -18.02
N ALA D 52 -23.07 18.28 -17.57
CA ALA D 52 -23.97 19.21 -16.91
C ALA D 52 -24.70 18.48 -15.79
N PHE D 53 -24.79 19.15 -14.64
CA PHE D 53 -25.41 18.60 -13.44
C PHE D 53 -26.63 19.43 -13.06
N ASP D 54 -27.58 18.77 -12.40
CA ASP D 54 -28.66 19.45 -11.70
C ASP D 54 -28.16 19.83 -10.31
N ARG D 55 -28.14 21.15 -10.02
CA ARG D 55 -27.74 21.64 -8.71
C ARG D 55 -28.63 21.00 -7.66
N ARG D 56 -28.07 20.77 -6.45
CA ARG D 56 -28.84 20.24 -5.34
C ARG D 56 -30.13 21.06 -5.16
N GLY D 57 -31.25 20.36 -5.10
CA GLY D 57 -32.55 20.98 -4.90
C GLY D 57 -33.24 21.33 -6.22
N PHE D 58 -32.57 21.08 -7.34
CA PHE D 58 -33.15 21.37 -8.64
C PHE D 58 -33.22 20.13 -9.51
N GLY D 59 -34.08 20.17 -10.51
CA GLY D 59 -34.22 19.10 -11.49
C GLY D 59 -34.37 17.74 -10.82
N ARG D 60 -33.46 16.83 -11.17
CA ARG D 60 -33.59 15.41 -10.85
C ARG D 60 -32.75 15.07 -9.61
N SER D 61 -32.11 16.08 -9.01
CA SER D 61 -31.25 15.89 -7.85
C SER D 61 -32.08 15.85 -6.57
N ASP D 62 -31.50 15.26 -5.52
CA ASP D 62 -32.06 15.28 -4.18
C ASP D 62 -32.27 16.73 -3.74
N GLN D 63 -33.13 16.92 -2.73
CA GLN D 63 -33.53 18.24 -2.27
C GLN D 63 -33.24 18.39 -0.78
N PRO D 64 -31.96 18.60 -0.37
CA PRO D 64 -31.62 18.69 1.05
C PRO D 64 -32.02 20.03 1.66
N TRP D 65 -32.24 20.04 2.99
CA TRP D 65 -32.62 21.24 3.71
C TRP D 65 -31.42 22.17 3.84
N THR D 66 -30.24 21.58 4.07
CA THR D 66 -29.04 22.36 4.37
C THR D 66 -28.12 22.36 3.15
N GLY D 67 -27.16 23.29 3.16
CA GLY D 67 -26.08 23.32 2.18
C GLY D 67 -26.46 24.07 0.91
N ASN D 68 -27.49 24.92 0.99
CA ASN D 68 -27.92 25.71 -0.15
C ASN D 68 -27.18 27.04 -0.14
N ASP D 69 -25.87 26.97 -0.35
CA ASP D 69 -24.96 28.11 -0.27
C ASP D 69 -23.83 27.90 -1.27
N TYR D 70 -23.09 28.96 -1.57
CA TYR D 70 -22.08 28.90 -2.61
C TYR D 70 -20.88 28.02 -2.22
N ASP D 71 -20.52 28.03 -0.93
CA ASP D 71 -19.45 27.16 -0.47
C ASP D 71 -19.76 25.70 -0.83
N THR D 72 -20.99 25.25 -0.53
CA THR D 72 -21.39 23.87 -0.75
C THR D 72 -21.53 23.60 -2.25
N PHE D 73 -22.11 24.56 -2.98
CA PHE D 73 -22.31 24.43 -4.41
C PHE D 73 -20.97 24.17 -5.09
N ALA D 74 -19.94 24.90 -4.63
CA ALA D 74 -18.61 24.83 -5.23
C ALA D 74 -17.95 23.49 -4.89
N ASP D 75 -18.18 23.01 -3.66
CA ASP D 75 -17.70 21.72 -3.22
C ASP D 75 -18.41 20.59 -3.97
N ASP D 76 -19.65 20.82 -4.41
CA ASP D 76 -20.38 19.86 -5.22
C ASP D 76 -19.69 19.71 -6.58
N ILE D 77 -19.24 20.85 -7.14
CA ILE D 77 -18.51 20.86 -8.40
C ILE D 77 -17.16 20.17 -8.20
N ALA D 78 -16.50 20.45 -7.07
CA ALA D 78 -15.24 19.80 -6.73
C ALA D 78 -15.39 18.28 -6.74
N GLN D 79 -16.52 17.80 -6.21
CA GLN D 79 -16.74 16.38 -6.02
C GLN D 79 -17.08 15.69 -7.35
N LEU D 80 -17.78 16.41 -8.23
CA LEU D 80 -18.08 15.90 -9.56
C LEU D 80 -16.78 15.75 -10.36
N ILE D 81 -15.88 16.74 -10.24
CA ILE D 81 -14.61 16.71 -10.94
C ILE D 81 -13.76 15.55 -10.46
N GLU D 82 -13.79 15.29 -9.14
CA GLU D 82 -13.07 14.20 -8.52
C GLU D 82 -13.67 12.87 -8.99
N HIS D 83 -15.00 12.84 -9.13
CA HIS D 83 -15.74 11.63 -9.43
C HIS D 83 -15.42 11.15 -10.85
N LEU D 84 -15.34 12.09 -11.79
CA LEU D 84 -15.06 11.75 -13.18
C LEU D 84 -13.57 11.84 -13.45
N ASP D 85 -12.82 12.37 -12.47
CA ASP D 85 -11.37 12.51 -12.52
C ASP D 85 -10.98 13.38 -13.71
N LEU D 86 -11.54 14.59 -13.78
CA LEU D 86 -11.39 15.45 -14.93
C LEU D 86 -10.10 16.26 -14.85
N LYS D 87 -9.51 16.53 -16.02
CA LYS D 87 -8.43 17.50 -16.19
C LYS D 87 -8.80 18.47 -17.32
N GLU D 88 -8.18 19.65 -17.31
CA GLU D 88 -8.30 20.64 -18.37
C GLU D 88 -9.76 20.99 -18.61
N VAL D 89 -10.52 21.18 -17.52
CA VAL D 89 -11.95 21.46 -17.57
C VAL D 89 -12.16 22.92 -17.94
N THR D 90 -13.14 23.15 -18.83
CA THR D 90 -13.69 24.47 -19.09
C THR D 90 -15.01 24.60 -18.33
N LEU D 91 -15.02 25.44 -17.29
CA LEU D 91 -16.20 25.70 -16.49
C LEU D 91 -17.05 26.76 -17.19
N VAL D 92 -18.33 26.44 -17.38
CA VAL D 92 -19.27 27.36 -18.01
C VAL D 92 -20.44 27.57 -17.06
N GLY D 93 -20.66 28.83 -16.66
CA GLY D 93 -21.72 29.15 -15.70
C GLY D 93 -22.70 30.18 -16.25
N PHE D 94 -23.99 29.97 -16.00
CA PHE D 94 -25.03 30.93 -16.37
C PHE D 94 -25.68 31.48 -15.10
N SER D 95 -25.93 32.80 -15.10
CA SER D 95 -26.71 33.45 -14.05
C SER D 95 -26.08 33.18 -12.68
N MET D 96 -26.82 32.56 -11.76
CA MET D 96 -26.30 32.28 -10.43
C MET D 96 -25.22 31.20 -10.50
N GLY D 97 -25.23 30.42 -11.58
CA GLY D 97 -24.26 29.35 -11.80
C GLY D 97 -22.87 29.89 -12.13
N GLY D 98 -22.78 31.18 -12.45
CA GLY D 98 -21.48 31.84 -12.58
C GLY D 98 -20.78 31.92 -11.23
N GLY D 99 -21.58 32.00 -10.16
CA GLY D 99 -21.07 32.07 -8.81
C GLY D 99 -20.37 30.79 -8.38
N ASP D 100 -20.98 29.64 -8.66
CA ASP D 100 -20.45 28.40 -8.11
C ASP D 100 -19.19 27.96 -8.85
N VAL D 101 -19.08 28.31 -10.14
CA VAL D 101 -17.85 27.98 -10.87
C VAL D 101 -16.71 28.88 -10.40
N ALA D 102 -17.03 30.15 -10.11
CA ALA D 102 -16.08 31.11 -9.59
C ALA D 102 -15.61 30.69 -8.20
N ARG D 103 -16.56 30.26 -7.36
CA ARG D 103 -16.28 29.85 -6.00
C ARG D 103 -15.46 28.56 -5.99
N TYR D 104 -15.68 27.70 -6.99
CA TYR D 104 -14.90 26.47 -7.11
C TYR D 104 -13.42 26.79 -7.28
N ILE D 105 -13.13 27.72 -8.21
CA ILE D 105 -11.77 28.13 -8.51
C ILE D 105 -11.15 28.78 -7.28
N ALA D 106 -11.96 29.51 -6.51
CA ALA D 106 -11.46 30.24 -5.35
C ALA D 106 -11.08 29.28 -4.23
N ARG D 107 -11.86 28.20 -4.08
CA ARG D 107 -11.70 27.29 -2.96
C ARG D 107 -10.72 26.17 -3.30
N HIS D 108 -10.68 25.75 -4.58
CA HIS D 108 -10.02 24.52 -4.95
C HIS D 108 -8.78 24.77 -5.83
N GLY D 109 -8.70 25.97 -6.41
CA GLY D 109 -7.59 26.30 -7.30
C GLY D 109 -7.90 25.88 -8.73
N SER D 110 -6.92 26.05 -9.63
CA SER D 110 -7.19 25.89 -11.05
C SER D 110 -6.34 24.77 -11.65
N ALA D 111 -5.86 23.85 -10.80
CA ALA D 111 -4.98 22.79 -11.23
C ALA D 111 -5.67 21.84 -12.21
N ARG D 112 -7.01 21.87 -12.27
CA ARG D 112 -7.74 21.00 -13.16
C ARG D 112 -8.57 21.80 -14.18
N VAL D 113 -8.40 23.13 -14.16
CA VAL D 113 -9.22 24.03 -14.96
C VAL D 113 -8.38 24.60 -16.09
N ALA D 114 -8.94 24.58 -17.31
CA ALA D 114 -8.28 25.13 -18.48
C ALA D 114 -8.78 26.54 -18.77
N GLY D 115 -10.06 26.78 -18.49
CA GLY D 115 -10.71 28.04 -18.82
C GLY D 115 -12.04 28.19 -18.09
N LEU D 116 -12.60 29.41 -18.15
CA LEU D 116 -13.84 29.75 -17.48
C LEU D 116 -14.69 30.64 -18.40
N VAL D 117 -16.00 30.36 -18.44
CA VAL D 117 -16.94 31.17 -19.20
C VAL D 117 -18.08 31.59 -18.29
N LEU D 118 -18.34 32.91 -18.25
CA LEU D 118 -19.37 33.49 -17.42
C LEU D 118 -20.46 34.08 -18.31
N LEU D 119 -21.66 33.49 -18.24
CA LEU D 119 -22.78 33.86 -19.09
C LEU D 119 -23.84 34.52 -18.22
N GLY D 120 -24.15 35.79 -18.53
CA GLY D 120 -25.10 36.58 -17.77
C GLY D 120 -24.98 36.33 -16.27
N ALA D 121 -23.74 36.33 -15.76
CA ALA D 121 -23.44 35.83 -14.42
C ALA D 121 -23.67 36.90 -13.36
N VAL D 122 -23.82 36.45 -12.11
CA VAL D 122 -24.09 37.29 -10.96
C VAL D 122 -22.79 37.82 -10.37
N THR D 123 -21.66 37.34 -10.91
CA THR D 123 -20.34 37.77 -10.49
C THR D 123 -20.07 39.19 -11.03
N PRO D 124 -19.30 40.04 -10.31
CA PRO D 124 -18.68 39.67 -9.03
C PRO D 124 -19.58 39.88 -7.82
N LEU D 125 -20.72 40.56 -8.02
CA LEU D 125 -21.65 40.85 -6.93
C LEU D 125 -22.98 41.32 -7.51
N PHE D 126 -24.07 40.82 -6.94
CA PHE D 126 -25.40 41.07 -7.45
C PHE D 126 -26.09 42.13 -6.58
N GLY D 127 -26.31 41.79 -5.31
CA GLY D 127 -27.04 42.65 -4.40
C GLY D 127 -26.19 43.77 -3.82
N GLN D 128 -26.87 44.78 -3.28
CA GLN D 128 -26.28 46.00 -2.76
C GLN D 128 -25.56 45.73 -1.44
N LYS D 129 -24.41 46.38 -1.25
CA LYS D 129 -23.63 46.33 -0.03
C LYS D 129 -23.32 47.76 0.39
N PRO D 130 -22.94 48.03 1.66
CA PRO D 130 -22.44 49.35 2.05
C PRO D 130 -21.26 49.85 1.23
N ASP D 131 -20.41 48.94 0.75
CA ASP D 131 -19.28 49.31 -0.08
C ASP D 131 -19.55 49.01 -1.55
N TYR D 132 -20.81 48.70 -1.89
CA TYR D 132 -21.22 48.49 -3.28
C TYR D 132 -22.63 49.01 -3.51
N PRO D 133 -22.87 50.35 -3.39
CA PRO D 133 -24.23 50.90 -3.54
C PRO D 133 -24.86 50.75 -4.91
N GLN D 134 -24.06 50.36 -5.93
CA GLN D 134 -24.57 50.21 -7.28
C GLN D 134 -25.34 48.90 -7.42
N GLY D 135 -25.18 47.99 -6.47
CA GLY D 135 -25.87 46.71 -6.51
C GLY D 135 -27.38 46.86 -6.43
N VAL D 136 -28.10 45.79 -6.78
CA VAL D 136 -29.56 45.78 -6.70
C VAL D 136 -29.95 45.85 -5.21
N PRO D 137 -30.84 46.78 -4.81
CA PRO D 137 -31.28 46.86 -3.40
C PRO D 137 -31.88 45.54 -2.92
N LEU D 138 -31.66 45.23 -1.64
CA LEU D 138 -31.98 43.92 -1.09
C LEU D 138 -33.48 43.72 -0.95
N ASP D 139 -34.25 44.82 -0.91
CA ASP D 139 -35.69 44.72 -0.73
C ASP D 139 -36.35 44.14 -1.97
N VAL D 140 -35.68 44.24 -3.13
CA VAL D 140 -36.15 43.60 -4.34
C VAL D 140 -36.20 42.10 -4.13
N PHE D 141 -35.10 41.54 -3.60
CA PHE D 141 -34.95 40.12 -3.36
C PHE D 141 -35.87 39.65 -2.24
N ALA D 142 -36.14 40.54 -1.27
CA ALA D 142 -37.06 40.22 -0.19
C ALA D 142 -38.46 40.06 -0.74
N ARG D 143 -38.80 40.89 -1.73
CA ARG D 143 -40.10 40.84 -2.39
C ARG D 143 -40.21 39.53 -3.18
N PHE D 144 -39.11 39.11 -3.82
CA PHE D 144 -39.08 37.83 -4.51
C PHE D 144 -39.47 36.71 -3.55
N LYS D 145 -38.84 36.70 -2.37
CA LYS D 145 -39.05 35.64 -1.41
C LYS D 145 -40.51 35.64 -0.92
N THR D 146 -41.04 36.83 -0.65
CA THR D 146 -42.40 37.01 -0.18
C THR D 146 -43.37 36.35 -1.16
N GLU D 147 -43.14 36.57 -2.47
CA GLU D 147 -44.03 36.10 -3.51
C GLU D 147 -43.84 34.59 -3.72
N LEU D 148 -42.60 34.12 -3.56
CA LEU D 148 -42.27 32.71 -3.70
C LEU D 148 -42.88 31.90 -2.56
N LEU D 149 -43.06 32.53 -1.39
CA LEU D 149 -43.55 31.82 -0.22
C LEU D 149 -45.08 31.88 -0.17
N LYS D 150 -45.70 32.56 -1.14
CA LYS D 150 -47.14 32.54 -1.31
C LYS D 150 -47.51 31.57 -2.43
N ASP D 151 -46.90 31.78 -3.61
CA ASP D 151 -47.24 31.07 -4.83
C ASP D 151 -46.05 31.13 -5.78
N ARG D 152 -45.20 30.10 -5.72
CA ARG D 152 -43.99 30.10 -6.53
C ARG D 152 -44.31 29.74 -7.97
N ALA D 153 -45.35 28.92 -8.17
CA ALA D 153 -45.72 28.44 -9.49
C ALA D 153 -46.07 29.61 -10.40
N GLN D 154 -46.89 30.55 -9.89
CA GLN D 154 -47.28 31.73 -10.64
C GLN D 154 -46.09 32.66 -10.83
N PHE D 155 -45.23 32.75 -9.82
CA PHE D 155 -44.05 33.60 -9.89
C PHE D 155 -43.19 33.19 -11.08
N ILE D 156 -42.90 31.89 -11.18
CA ILE D 156 -42.04 31.36 -12.24
C ILE D 156 -42.69 31.66 -13.59
N SER D 157 -44.00 31.46 -13.67
CA SER D 157 -44.74 31.71 -14.90
C SER D 157 -44.59 33.18 -15.31
N ASP D 158 -44.71 34.08 -14.32
CA ASP D 158 -44.62 35.51 -14.54
C ASP D 158 -43.19 35.92 -14.87
N PHE D 159 -42.23 35.06 -14.52
CA PHE D 159 -40.81 35.37 -14.64
C PHE D 159 -40.35 35.18 -16.08
N ASN D 160 -41.12 34.42 -16.86
CA ASN D 160 -40.79 34.08 -18.24
C ASN D 160 -40.64 35.35 -19.09
N ALA D 161 -41.56 36.30 -18.91
CA ALA D 161 -41.60 37.50 -19.73
C ALA D 161 -40.31 38.31 -19.58
N PRO D 162 -39.94 38.80 -18.37
CA PRO D 162 -38.68 39.54 -18.21
C PRO D 162 -37.41 38.74 -18.44
N PHE D 163 -37.49 37.41 -18.28
CA PHE D 163 -36.34 36.52 -18.38
C PHE D 163 -35.90 36.41 -19.84
N TYR D 164 -36.88 36.29 -20.74
CA TYR D 164 -36.63 36.07 -22.15
C TYR D 164 -36.78 37.38 -22.92
N GLY D 165 -37.26 38.41 -22.22
CA GLY D 165 -37.46 39.73 -22.82
C GLY D 165 -38.63 39.72 -23.79
N ILE D 166 -39.65 38.90 -23.50
CA ILE D 166 -40.86 38.85 -24.29
C ILE D 166 -41.57 40.21 -24.20
N ASN D 167 -41.47 40.85 -23.03
CA ASN D 167 -42.09 42.14 -22.78
C ASN D 167 -41.43 43.24 -23.63
N LYS D 168 -40.22 42.96 -24.16
CA LYS D 168 -39.48 43.93 -24.95
C LYS D 168 -39.35 43.46 -26.39
N GLY D 169 -40.22 42.53 -26.82
CA GLY D 169 -40.38 42.20 -28.23
C GLY D 169 -39.53 41.03 -28.72
N GLN D 170 -38.93 40.25 -27.80
CA GLN D 170 -38.23 39.04 -28.16
C GLN D 170 -39.25 37.95 -28.53
N VAL D 171 -38.82 36.99 -29.35
CA VAL D 171 -39.70 35.94 -29.83
C VAL D 171 -39.29 34.62 -29.17
N VAL D 172 -40.18 34.09 -28.34
CA VAL D 172 -40.00 32.80 -27.67
C VAL D 172 -41.32 32.05 -27.73
N SER D 173 -41.25 30.79 -28.21
CA SER D 173 -42.42 29.96 -28.42
C SER D 173 -43.11 29.66 -27.09
N CYS D 174 -44.36 29.21 -27.17
CA CYS D 174 -45.11 28.76 -25.99
C CYS D 174 -44.48 27.48 -25.44
N GLY D 175 -43.91 26.68 -26.34
CA GLY D 175 -43.23 25.44 -25.97
C GLY D 175 -42.11 25.67 -24.97
N VAL D 176 -41.23 26.62 -25.29
CA VAL D 176 -40.09 26.94 -24.44
C VAL D 176 -40.61 27.50 -23.11
N GLN D 177 -41.70 28.26 -23.18
CA GLN D 177 -42.31 28.83 -21.98
C GLN D 177 -42.83 27.71 -21.09
N THR D 178 -43.48 26.71 -21.71
CA THR D 178 -44.03 25.56 -21.01
C THR D 178 -42.89 24.74 -20.40
N GLN D 179 -41.84 24.47 -21.20
CA GLN D 179 -40.73 23.66 -20.75
C GLN D 179 -40.06 24.31 -19.53
N THR D 180 -39.91 25.64 -19.57
CA THR D 180 -39.25 26.40 -18.51
C THR D 180 -40.03 26.26 -17.20
N LEU D 181 -41.37 26.27 -17.29
CA LEU D 181 -42.19 26.17 -16.11
C LEU D 181 -42.17 24.74 -15.56
N GLN D 182 -42.18 23.75 -16.47
CA GLN D 182 -42.14 22.33 -16.12
C GLN D 182 -40.86 21.98 -15.35
N ILE D 183 -39.72 22.50 -15.83
CA ILE D 183 -38.42 22.23 -15.22
C ILE D 183 -38.36 22.86 -13.83
N ALA D 184 -38.76 24.14 -13.75
CA ALA D 184 -38.71 24.90 -12.52
C ALA D 184 -39.58 24.26 -11.42
N LEU D 185 -40.70 23.64 -11.80
CA LEU D 185 -41.61 23.07 -10.82
C LEU D 185 -41.01 21.83 -10.16
N LEU D 186 -40.03 21.20 -10.83
CA LEU D 186 -39.35 20.02 -10.31
C LEU D 186 -38.60 20.35 -9.03
N ALA D 187 -38.20 21.62 -8.87
CA ALA D 187 -37.27 22.05 -7.85
C ALA D 187 -37.92 22.13 -6.47
N SER D 188 -37.06 22.19 -5.45
CA SER D 188 -37.44 22.38 -4.05
C SER D 188 -37.78 23.85 -3.81
N LEU D 189 -38.85 24.08 -3.04
CA LEU D 189 -39.23 25.43 -2.65
C LEU D 189 -38.13 26.02 -1.76
N LYS D 190 -37.57 25.17 -0.88
CA LYS D 190 -36.51 25.56 0.04
C LYS D 190 -35.29 26.04 -0.74
N ALA D 191 -34.86 25.24 -1.72
CA ALA D 191 -33.67 25.55 -2.49
C ALA D 191 -33.89 26.82 -3.31
N THR D 192 -35.13 26.99 -3.80
CA THR D 192 -35.50 28.15 -4.60
C THR D 192 -35.30 29.43 -3.81
N VAL D 193 -35.81 29.45 -2.56
CA VAL D 193 -35.78 30.63 -1.70
C VAL D 193 -34.36 30.87 -1.20
N ASP D 194 -33.68 29.80 -0.76
CA ASP D 194 -32.32 29.87 -0.24
C ASP D 194 -31.36 30.40 -1.29
N CYS D 195 -31.63 30.11 -2.57
CA CYS D 195 -30.75 30.56 -3.63
C CYS D 195 -30.85 32.07 -3.83
N VAL D 196 -32.04 32.62 -3.58
CA VAL D 196 -32.18 34.07 -3.61
C VAL D 196 -31.21 34.65 -2.59
N THR D 197 -31.24 34.13 -1.36
CA THR D 197 -30.36 34.60 -0.31
C THR D 197 -28.92 34.58 -0.81
N ALA D 198 -28.54 33.46 -1.42
CA ALA D 198 -27.16 33.22 -1.81
C ALA D 198 -26.73 34.19 -2.91
N PHE D 199 -27.51 34.31 -3.98
CA PHE D 199 -27.07 35.15 -5.09
C PHE D 199 -27.26 36.63 -4.76
N ALA D 200 -28.19 36.93 -3.86
CA ALA D 200 -28.45 38.30 -3.45
C ALA D 200 -27.28 38.86 -2.64
N GLU D 201 -26.67 38.02 -1.80
CA GLU D 201 -25.83 38.51 -0.70
C GLU D 201 -24.39 38.04 -0.79
N THR D 202 -24.09 37.01 -1.59
CA THR D 202 -22.73 36.49 -1.67
C THR D 202 -21.86 37.41 -2.52
N ASP D 203 -20.68 37.75 -1.96
CA ASP D 203 -19.69 38.64 -2.57
C ASP D 203 -18.59 37.79 -3.20
N PHE D 204 -18.38 37.93 -4.51
CA PHE D 204 -17.40 37.15 -5.24
C PHE D 204 -16.19 38.00 -5.64
N ARG D 205 -16.06 39.19 -5.04
CA ARG D 205 -14.97 40.08 -5.41
C ARG D 205 -13.61 39.46 -5.07
N PRO D 206 -13.40 38.88 -3.87
CA PRO D 206 -12.16 38.17 -3.57
C PRO D 206 -11.88 37.04 -4.55
N ASP D 207 -12.95 36.36 -4.99
CA ASP D 207 -12.89 35.28 -5.96
C ASP D 207 -12.26 35.73 -7.27
N MET D 208 -12.62 36.94 -7.73
CA MET D 208 -12.22 37.48 -9.02
C MET D 208 -10.70 37.57 -9.12
N ALA D 209 -10.05 37.89 -8.01
CA ALA D 209 -8.60 38.05 -7.95
C ALA D 209 -7.89 36.69 -7.98
N LYS D 210 -8.64 35.61 -7.79
CA LYS D 210 -8.05 34.28 -7.71
C LYS D 210 -8.23 33.52 -9.03
N ILE D 211 -8.98 34.10 -9.98
CA ILE D 211 -9.21 33.45 -11.27
C ILE D 211 -8.01 33.71 -12.18
N ASP D 212 -7.22 32.67 -12.40
CA ASP D 212 -5.92 32.80 -13.05
C ASP D 212 -5.92 31.98 -14.34
N VAL D 213 -7.10 31.79 -14.94
CA VAL D 213 -7.23 31.05 -16.19
C VAL D 213 -7.84 31.97 -17.23
N PRO D 214 -7.63 31.72 -18.55
CA PRO D 214 -8.41 32.39 -19.60
C PRO D 214 -9.90 32.37 -19.31
N THR D 215 -10.54 33.54 -19.47
CA THR D 215 -11.94 33.73 -19.13
C THR D 215 -12.64 34.48 -20.26
N LEU D 216 -13.87 34.07 -20.55
CA LEU D 216 -14.75 34.76 -21.48
C LEU D 216 -16.04 35.14 -20.75
N VAL D 217 -16.35 36.44 -20.76
CA VAL D 217 -17.57 36.98 -20.18
C VAL D 217 -18.53 37.33 -21.32
N ILE D 218 -19.73 36.76 -21.28
CA ILE D 218 -20.79 37.09 -22.22
C ILE D 218 -22.02 37.54 -21.44
N HIS D 219 -22.62 38.65 -21.89
CA HIS D 219 -23.80 39.22 -21.24
C HIS D 219 -24.63 39.94 -22.31
N GLY D 220 -25.95 40.02 -22.09
CA GLY D 220 -26.80 40.84 -22.93
C GLY D 220 -27.07 42.20 -22.30
N ASP D 221 -27.09 43.25 -23.13
CA ASP D 221 -27.27 44.61 -22.61
C ASP D 221 -28.76 44.96 -22.55
N GLY D 222 -29.61 43.94 -22.60
CA GLY D 222 -31.04 44.09 -22.40
C GLY D 222 -31.51 43.24 -21.24
N ASP D 223 -30.54 42.73 -20.47
CA ASP D 223 -30.78 41.84 -19.35
C ASP D 223 -31.58 42.58 -18.27
N GLN D 224 -32.78 42.07 -17.99
CA GLN D 224 -33.70 42.69 -17.05
C GLN D 224 -33.55 42.07 -15.66
N ILE D 225 -32.84 40.93 -15.58
CA ILE D 225 -32.74 40.18 -14.34
C ILE D 225 -31.42 40.56 -13.64
N VAL D 226 -30.31 40.28 -14.33
CA VAL D 226 -28.98 40.53 -13.79
C VAL D 226 -28.36 41.68 -14.58
N PRO D 227 -28.35 42.92 -14.05
CA PRO D 227 -27.92 44.09 -14.81
C PRO D 227 -26.45 44.02 -15.23
N PHE D 228 -26.21 44.23 -16.52
CA PHE D 228 -24.89 44.09 -17.12
C PHE D 228 -23.90 45.06 -16.47
N GLU D 229 -24.35 46.30 -16.24
CA GLU D 229 -23.49 47.41 -15.89
C GLU D 229 -22.75 47.14 -14.58
N THR D 230 -23.36 46.36 -13.68
CA THR D 230 -22.82 46.20 -12.34
C THR D 230 -22.40 44.75 -12.08
N THR D 231 -22.44 43.90 -13.13
CA THR D 231 -22.04 42.51 -13.02
C THR D 231 -21.00 42.17 -14.08
N GLY D 232 -21.46 41.68 -15.24
CA GLY D 232 -20.60 41.28 -16.34
C GLY D 232 -19.56 42.35 -16.71
N LYS D 233 -19.99 43.62 -16.74
CA LYS D 233 -19.12 44.72 -17.12
C LYS D 233 -17.93 44.81 -16.16
N VAL D 234 -18.17 44.48 -14.88
CA VAL D 234 -17.18 44.61 -13.83
C VAL D 234 -16.28 43.38 -13.82
N ALA D 235 -16.89 42.20 -14.00
CA ALA D 235 -16.15 40.94 -14.01
C ALA D 235 -15.09 40.98 -15.10
N ALA D 236 -15.41 41.65 -16.20
CA ALA D 236 -14.54 41.76 -17.36
C ALA D 236 -13.35 42.65 -17.03
N GLU D 237 -13.48 43.46 -15.97
CA GLU D 237 -12.40 44.33 -15.54
C GLU D 237 -11.58 43.66 -14.43
N LEU D 238 -12.26 42.96 -13.51
CA LEU D 238 -11.65 42.45 -12.30
C LEU D 238 -10.83 41.19 -12.57
N ILE D 239 -11.21 40.41 -13.59
CA ILE D 239 -10.54 39.17 -13.93
C ILE D 239 -9.43 39.48 -14.94
N LYS D 240 -8.17 39.34 -14.50
CA LYS D 240 -7.02 39.67 -15.31
C LYS D 240 -7.05 38.84 -16.60
N GLY D 241 -7.19 39.53 -17.74
CA GLY D 241 -7.06 38.91 -19.04
C GLY D 241 -8.40 38.47 -19.66
N ALA D 242 -9.51 38.76 -18.97
CA ALA D 242 -10.83 38.36 -19.44
C ALA D 242 -11.15 38.98 -20.80
N GLU D 243 -11.93 38.22 -21.60
CA GLU D 243 -12.47 38.65 -22.87
C GLU D 243 -13.95 38.96 -22.65
N LEU D 244 -14.44 40.07 -23.22
CA LEU D 244 -15.82 40.48 -23.04
C LEU D 244 -16.55 40.50 -24.37
N LYS D 245 -17.74 39.89 -24.38
CA LYS D 245 -18.65 39.93 -25.52
C LYS D 245 -20.04 40.33 -25.05
N VAL D 246 -20.59 41.37 -25.67
CA VAL D 246 -21.89 41.91 -25.30
C VAL D 246 -22.83 41.68 -26.48
N TYR D 247 -23.87 40.88 -26.24
CA TYR D 247 -24.90 40.61 -27.25
C TYR D 247 -25.91 41.75 -27.27
N LYS D 248 -26.12 42.36 -28.44
CA LYS D 248 -26.96 43.54 -28.53
C LYS D 248 -28.42 43.21 -28.27
N ASP D 249 -28.99 43.91 -27.28
CA ASP D 249 -30.41 43.89 -26.93
C ASP D 249 -30.83 42.56 -26.31
N ALA D 250 -29.88 41.61 -26.22
CA ALA D 250 -30.18 40.26 -25.75
C ALA D 250 -30.69 40.28 -24.30
N PRO D 251 -31.68 39.43 -23.95
CA PRO D 251 -32.22 39.37 -22.60
C PRO D 251 -31.34 38.51 -21.68
N HIS D 252 -31.87 38.18 -20.51
CA HIS D 252 -31.19 37.29 -19.58
C HIS D 252 -31.10 35.89 -20.16
N GLY D 253 -32.22 35.38 -20.71
CA GLY D 253 -32.28 34.02 -21.20
C GLY D 253 -31.76 33.88 -22.63
N PHE D 254 -30.51 34.29 -22.85
CA PHE D 254 -30.01 34.41 -24.22
C PHE D 254 -29.48 33.07 -24.74
N ALA D 255 -29.46 32.04 -23.88
CA ALA D 255 -29.10 30.70 -24.33
C ALA D 255 -30.22 30.15 -25.21
N VAL D 256 -31.43 30.72 -25.07
CA VAL D 256 -32.53 30.39 -25.95
C VAL D 256 -32.53 31.30 -27.18
N THR D 257 -32.50 32.62 -26.95
CA THR D 257 -32.76 33.59 -28.01
C THR D 257 -31.56 33.81 -28.91
N HIS D 258 -30.34 33.52 -28.41
CA HIS D 258 -29.12 33.69 -29.18
C HIS D 258 -28.32 32.39 -29.20
N ALA D 259 -29.03 31.27 -29.32
CA ALA D 259 -28.45 29.94 -29.19
C ALA D 259 -27.28 29.73 -30.15
N GLN D 260 -27.46 30.11 -31.42
CA GLN D 260 -26.44 29.86 -32.44
C GLN D 260 -25.19 30.69 -32.13
N GLN D 261 -25.40 31.97 -31.79
CA GLN D 261 -24.32 32.90 -31.50
C GLN D 261 -23.50 32.37 -30.33
N LEU D 262 -24.19 31.93 -29.26
CA LEU D 262 -23.52 31.40 -28.08
C LEU D 262 -22.70 30.16 -28.44
N ASN D 263 -23.30 29.26 -29.23
CA ASN D 263 -22.69 28.00 -29.61
C ASN D 263 -21.33 28.28 -30.26
N GLU D 264 -21.32 29.23 -31.20
CA GLU D 264 -20.14 29.52 -31.99
C GLU D 264 -19.10 30.21 -31.13
N ASP D 265 -19.56 31.01 -30.17
CA ASP D 265 -18.69 31.72 -29.26
C ASP D 265 -17.96 30.74 -28.34
N LEU D 266 -18.69 29.71 -27.85
CA LEU D 266 -18.12 28.72 -26.96
C LEU D 266 -17.03 27.92 -27.68
N LEU D 267 -17.32 27.55 -28.94
CA LEU D 267 -16.43 26.72 -29.72
C LEU D 267 -15.15 27.51 -30.05
N ALA D 268 -15.32 28.79 -30.39
CA ALA D 268 -14.21 29.67 -30.71
C ALA D 268 -13.26 29.77 -29.51
N PHE D 269 -13.85 29.95 -28.33
CA PHE D 269 -13.09 30.06 -27.09
C PHE D 269 -12.30 28.78 -26.84
N LEU D 270 -12.96 27.63 -27.04
CA LEU D 270 -12.33 26.34 -26.79
C LEU D 270 -11.17 26.13 -27.77
N LYS D 271 -11.29 26.70 -28.97
CA LYS D 271 -10.29 26.50 -30.01
C LYS D 271 -9.23 27.60 -29.99
N ARG D 272 -9.10 28.34 -28.89
CA ARG D 272 -8.22 29.51 -28.87
C ARG D 272 -6.76 29.08 -28.90
N GLY D 273 -5.87 30.03 -29.26
CA GLY D 273 -4.44 29.81 -29.27
C GLY D 273 -3.81 30.19 -27.94
N SER D 274 -2.47 30.30 -27.93
CA SER D 274 -1.71 30.62 -26.73
C SER D 274 -1.21 32.07 -26.78
N HIS D 275 -1.00 32.65 -25.60
CA HIS D 275 -0.41 33.97 -25.48
C HIS D 275 0.97 33.84 -24.83
N HIS D 276 1.71 34.96 -24.83
CA HIS D 276 3.03 35.05 -24.21
C HIS D 276 2.96 36.11 -23.13
N HIS D 277 2.94 35.66 -21.86
CA HIS D 277 2.56 36.46 -20.70
C HIS D 277 1.06 36.81 -20.80
N SER E 2 -34.39 11.14 -1.39
CA SER E 2 -34.33 10.04 -0.39
C SER E 2 -35.39 9.00 -0.72
N CYS E 3 -35.06 7.73 -0.47
CA CYS E 3 -36.00 6.63 -0.64
C CYS E 3 -35.63 5.46 0.27
N PHE E 4 -36.64 4.67 0.61
CA PHE E 4 -36.44 3.36 1.22
C PHE E 4 -37.16 2.32 0.38
N VAL E 5 -36.79 1.05 0.60
CA VAL E 5 -37.43 -0.06 -0.07
C VAL E 5 -38.42 -0.69 0.91
N ALA E 6 -39.69 -0.76 0.48
CA ALA E 6 -40.75 -1.38 1.26
C ALA E 6 -40.64 -2.90 1.16
N LYS E 7 -41.43 -3.61 1.98
CA LYS E 7 -41.36 -5.06 2.11
C LYS E 7 -41.40 -5.73 0.74
N ASP E 8 -42.29 -5.25 -0.14
CA ASP E 8 -42.58 -5.91 -1.41
C ASP E 8 -41.70 -5.36 -2.53
N GLY E 9 -40.65 -4.61 -2.18
CA GLY E 9 -39.66 -4.14 -3.15
C GLY E 9 -39.98 -2.77 -3.74
N THR E 10 -41.03 -2.13 -3.21
CA THR E 10 -41.51 -0.85 -3.74
C THR E 10 -40.65 0.28 -3.18
N GLN E 11 -40.09 1.11 -4.08
CA GLN E 11 -39.27 2.23 -3.66
C GLN E 11 -40.16 3.45 -3.40
N ILE E 12 -40.03 4.01 -2.19
CA ILE E 12 -40.82 5.15 -1.77
C ILE E 12 -39.90 6.37 -1.65
N TYR E 13 -40.24 7.44 -2.38
CA TYR E 13 -39.52 8.70 -2.29
C TYR E 13 -40.01 9.49 -1.07
N PHE E 14 -39.09 10.17 -0.38
CA PHE E 14 -39.47 11.08 0.70
C PHE E 14 -38.46 12.21 0.83
N LYS E 15 -38.89 13.29 1.51
CA LYS E 15 -38.02 14.40 1.86
C LYS E 15 -37.93 14.46 3.38
N ASP E 16 -36.72 14.77 3.87
CA ASP E 16 -36.46 14.88 5.29
C ASP E 16 -35.75 16.21 5.53
N TRP E 17 -36.50 17.21 6.02
CA TRP E 17 -35.99 18.56 6.16
C TRP E 17 -35.85 18.93 7.64
N GLY E 18 -34.73 19.60 7.97
CA GLY E 18 -34.54 20.27 9.24
C GLY E 18 -34.25 19.30 10.40
N SER E 19 -34.18 19.87 11.61
CA SER E 19 -34.05 19.08 12.83
C SER E 19 -35.04 19.60 13.87
N GLY E 20 -35.18 18.86 14.98
CA GLY E 20 -36.15 19.15 16.02
C GLY E 20 -37.23 18.07 16.10
N LYS E 21 -38.30 18.34 16.86
CA LYS E 21 -39.44 17.44 16.95
C LYS E 21 -39.94 17.14 15.53
N PRO E 22 -40.06 15.85 15.15
CA PRO E 22 -40.47 15.48 13.79
C PRO E 22 -41.97 15.56 13.52
N VAL E 23 -42.30 16.04 12.32
CA VAL E 23 -43.66 16.12 11.79
C VAL E 23 -43.66 15.37 10.46
N LEU E 24 -44.58 14.40 10.31
CA LEU E 24 -44.63 13.56 9.13
C LEU E 24 -45.96 13.77 8.41
N PHE E 25 -45.86 14.11 7.11
CA PHE E 25 -47.01 14.51 6.30
C PHE E 25 -47.39 13.40 5.34
N SER E 26 -48.71 13.21 5.19
CA SER E 26 -49.27 12.20 4.29
C SER E 26 -50.28 12.87 3.37
N HIS E 27 -49.96 12.90 2.07
CA HIS E 27 -50.65 13.73 1.09
C HIS E 27 -51.96 13.09 0.65
N GLY E 28 -52.76 13.88 -0.09
CA GLY E 28 -54.05 13.44 -0.58
C GLY E 28 -53.97 12.79 -1.95
N TRP E 29 -55.15 12.53 -2.53
CA TRP E 29 -55.30 11.88 -3.82
C TRP E 29 -54.80 12.80 -4.94
N LEU E 30 -54.08 12.21 -5.91
CA LEU E 30 -53.63 12.86 -7.14
C LEU E 30 -52.33 13.65 -6.91
N LEU E 31 -51.99 13.93 -5.65
CA LEU E 31 -50.90 14.85 -5.37
C LEU E 31 -49.63 14.07 -5.05
N ASP E 32 -48.71 14.70 -4.31
CA ASP E 32 -47.51 14.06 -3.79
C ASP E 32 -46.94 14.92 -2.67
N ALA E 33 -45.69 14.67 -2.27
CA ALA E 33 -45.07 15.37 -1.16
C ALA E 33 -45.06 16.87 -1.38
N ASP E 34 -45.09 17.31 -2.65
CA ASP E 34 -44.92 18.72 -2.97
C ASP E 34 -46.09 19.56 -2.48
N MET E 35 -47.24 18.93 -2.20
CA MET E 35 -48.40 19.69 -1.75
C MET E 35 -48.16 20.24 -0.35
N TRP E 36 -47.04 19.84 0.27
CA TRP E 36 -46.74 20.16 1.67
C TRP E 36 -45.65 21.22 1.76
N GLU E 37 -45.05 21.59 0.63
CA GLU E 37 -43.80 22.34 0.63
C GLU E 37 -43.90 23.64 1.43
N TYR E 38 -45.09 24.28 1.44
CA TYR E 38 -45.23 25.54 2.16
C TYR E 38 -45.28 25.30 3.67
N GLN E 39 -46.05 24.29 4.08
CA GLN E 39 -46.14 23.92 5.49
C GLN E 39 -44.77 23.46 5.99
N MET E 40 -44.06 22.72 5.14
CA MET E 40 -42.77 22.14 5.49
C MET E 40 -41.73 23.26 5.66
N GLU E 41 -41.72 24.21 4.72
CA GLU E 41 -40.80 25.34 4.84
C GLU E 41 -41.14 26.15 6.10
N TYR E 42 -42.43 26.41 6.31
CA TYR E 42 -42.89 27.22 7.42
C TYR E 42 -42.40 26.63 8.74
N LEU E 43 -42.62 25.33 8.93
CA LEU E 43 -42.38 24.67 10.21
C LEU E 43 -40.89 24.44 10.40
N SER E 44 -40.20 23.99 9.35
CA SER E 44 -38.79 23.63 9.45
C SER E 44 -37.91 24.86 9.70
N SER E 45 -38.31 26.01 9.14
CA SER E 45 -37.56 27.24 9.35
C SER E 45 -37.89 27.85 10.71
N ARG E 46 -38.79 27.20 11.45
CA ARG E 46 -39.13 27.63 12.80
C ARG E 46 -38.73 26.57 13.81
N GLY E 47 -37.97 25.56 13.35
CA GLY E 47 -37.25 24.67 14.25
C GLY E 47 -37.93 23.31 14.47
N TYR E 48 -38.77 22.90 13.52
CA TYR E 48 -39.31 21.55 13.49
C TYR E 48 -38.66 20.78 12.35
N ARG E 49 -38.63 19.44 12.48
CA ARG E 49 -38.19 18.56 11.42
C ARG E 49 -39.41 18.07 10.65
N THR E 50 -39.43 18.32 9.33
CA THR E 50 -40.56 17.96 8.51
C THR E 50 -40.20 16.82 7.57
N ILE E 51 -41.11 15.85 7.43
CA ILE E 51 -40.94 14.70 6.59
C ILE E 51 -42.20 14.52 5.75
N ALA E 52 -42.01 14.20 4.46
CA ALA E 52 -43.11 13.95 3.54
C ALA E 52 -42.67 12.94 2.48
N PHE E 53 -43.53 11.94 2.24
CA PHE E 53 -43.28 10.89 1.26
C PHE E 53 -44.29 11.03 0.12
N ASP E 54 -43.94 10.47 -1.04
CA ASP E 54 -44.89 10.22 -2.11
C ASP E 54 -45.46 8.81 -1.91
N ARG E 55 -46.79 8.71 -1.82
CA ARG E 55 -47.47 7.44 -1.67
C ARG E 55 -47.12 6.51 -2.83
N ARG E 56 -47.07 5.20 -2.55
CA ARG E 56 -46.84 4.22 -3.61
C ARG E 56 -47.78 4.50 -4.77
N GLY E 57 -47.20 4.66 -5.98
CA GLY E 57 -47.94 4.89 -7.20
C GLY E 57 -48.12 6.38 -7.53
N PHE E 58 -47.54 7.26 -6.71
CA PHE E 58 -47.68 8.71 -6.88
C PHE E 58 -46.32 9.38 -6.89
N GLY E 59 -46.23 10.51 -7.59
CA GLY E 59 -45.04 11.35 -7.58
C GLY E 59 -43.82 10.60 -8.13
N ARG E 60 -42.77 10.52 -7.29
CA ARG E 60 -41.47 10.00 -7.69
C ARG E 60 -41.30 8.56 -7.22
N SER E 61 -42.34 7.99 -6.60
CA SER E 61 -42.28 6.63 -6.08
C SER E 61 -42.54 5.61 -7.18
N ASP E 62 -42.15 4.35 -6.91
CA ASP E 62 -42.46 3.20 -7.74
C ASP E 62 -43.98 3.06 -7.88
N GLN E 63 -44.40 2.37 -8.96
CA GLN E 63 -45.81 2.20 -9.26
C GLN E 63 -46.15 0.71 -9.27
N PRO E 64 -46.36 0.06 -8.10
CA PRO E 64 -46.68 -1.37 -8.06
C PRO E 64 -48.13 -1.63 -8.49
N TRP E 65 -48.38 -2.85 -8.98
CA TRP E 65 -49.70 -3.28 -9.38
C TRP E 65 -50.53 -3.60 -8.14
N THR E 66 -49.88 -4.18 -7.13
CA THR E 66 -50.56 -4.65 -5.92
C THR E 66 -50.22 -3.73 -4.75
N GLY E 67 -51.02 -3.84 -3.68
CA GLY E 67 -50.75 -3.18 -2.41
C GLY E 67 -51.34 -1.78 -2.32
N ASN E 68 -52.22 -1.43 -3.26
CA ASN E 68 -52.84 -0.11 -3.23
C ASN E 68 -54.07 -0.16 -2.31
N ASP E 69 -53.81 -0.41 -1.02
CA ASP E 69 -54.82 -0.52 0.01
C ASP E 69 -54.27 0.12 1.29
N TYR E 70 -55.16 0.49 2.21
CA TYR E 70 -54.81 1.25 3.40
C TYR E 70 -53.92 0.44 4.35
N ASP E 71 -54.13 -0.88 4.40
CA ASP E 71 -53.32 -1.73 5.25
C ASP E 71 -51.84 -1.64 4.83
N THR E 72 -51.61 -1.59 3.51
CA THR E 72 -50.26 -1.50 2.96
C THR E 72 -49.71 -0.09 3.14
N PHE E 73 -50.59 0.92 2.96
CA PHE E 73 -50.23 2.33 3.09
C PHE E 73 -49.70 2.59 4.50
N ALA E 74 -50.34 1.96 5.49
CA ALA E 74 -49.99 2.12 6.89
C ALA E 74 -48.63 1.50 7.16
N ASP E 75 -48.40 0.33 6.56
CA ASP E 75 -47.15 -0.41 6.72
C ASP E 75 -45.99 0.39 6.11
N ASP E 76 -46.28 1.12 5.03
CA ASP E 76 -45.30 1.95 4.35
C ASP E 76 -44.83 3.05 5.31
N ILE E 77 -45.81 3.68 5.98
CA ILE E 77 -45.55 4.69 6.98
C ILE E 77 -44.69 4.09 8.11
N ALA E 78 -45.09 2.90 8.57
CA ALA E 78 -44.40 2.20 9.63
C ALA E 78 -42.92 2.02 9.27
N GLN E 79 -42.66 1.64 8.01
CA GLN E 79 -41.31 1.35 7.55
C GLN E 79 -40.51 2.65 7.45
N LEU E 80 -41.18 3.75 7.10
CA LEU E 80 -40.52 5.04 6.98
C LEU E 80 -40.09 5.54 8.36
N ILE E 81 -40.95 5.34 9.36
CA ILE E 81 -40.67 5.77 10.71
C ILE E 81 -39.51 4.94 11.28
N GLU E 82 -39.50 3.64 10.97
CA GLU E 82 -38.45 2.74 11.42
C GLU E 82 -37.14 3.07 10.72
N HIS E 83 -37.24 3.49 9.45
CA HIS E 83 -36.08 3.81 8.62
C HIS E 83 -35.31 4.98 9.22
N LEU E 84 -36.04 6.01 9.66
CA LEU E 84 -35.45 7.25 10.15
C LEU E 84 -35.33 7.21 11.67
N ASP E 85 -35.91 6.17 12.27
CA ASP E 85 -35.84 5.92 13.71
C ASP E 85 -36.47 7.09 14.47
N LEU E 86 -37.73 7.40 14.12
CA LEU E 86 -38.39 8.59 14.64
C LEU E 86 -39.04 8.29 15.99
N LYS E 87 -39.07 9.32 16.84
CA LYS E 87 -39.74 9.30 18.14
C LYS E 87 -40.57 10.57 18.27
N GLU E 88 -41.74 10.45 18.91
CA GLU E 88 -42.62 11.58 19.20
C GLU E 88 -43.01 12.30 17.91
N VAL E 89 -43.45 11.52 16.92
CA VAL E 89 -43.84 12.04 15.62
C VAL E 89 -45.24 12.65 15.74
N THR E 90 -45.44 13.80 15.07
CA THR E 90 -46.77 14.33 14.85
C THR E 90 -47.18 13.98 13.42
N LEU E 91 -48.20 13.11 13.30
CA LEU E 91 -48.70 12.68 12.01
C LEU E 91 -49.73 13.70 11.50
N VAL E 92 -49.54 14.13 10.25
CA VAL E 92 -50.49 15.03 9.59
C VAL E 92 -50.92 14.36 8.29
N GLY E 93 -52.23 14.25 8.08
CA GLY E 93 -52.77 13.66 6.85
C GLY E 93 -53.83 14.56 6.21
N PHE E 94 -53.80 14.65 4.87
CA PHE E 94 -54.78 15.39 4.10
C PHE E 94 -55.59 14.44 3.22
N SER E 95 -56.92 14.63 3.20
CA SER E 95 -57.82 13.89 2.33
C SER E 95 -57.70 12.39 2.62
N MET E 96 -57.37 11.59 1.61
CA MET E 96 -57.21 10.16 1.79
C MET E 96 -55.98 9.89 2.65
N GLY E 97 -55.09 10.88 2.73
CA GLY E 97 -53.89 10.84 3.55
C GLY E 97 -54.21 10.79 5.05
N GLY E 98 -55.36 11.34 5.42
CA GLY E 98 -55.89 11.20 6.77
C GLY E 98 -56.08 9.73 7.13
N GLY E 99 -56.47 8.93 6.14
CA GLY E 99 -56.79 7.52 6.32
C GLY E 99 -55.60 6.67 6.75
N ASP E 100 -54.45 6.84 6.09
CA ASP E 100 -53.32 5.96 6.31
C ASP E 100 -52.59 6.29 7.61
N VAL E 101 -52.63 7.55 8.06
CA VAL E 101 -52.03 7.89 9.33
C VAL E 101 -52.89 7.34 10.47
N ALA E 102 -54.22 7.38 10.28
CA ALA E 102 -55.16 6.84 11.25
C ALA E 102 -54.97 5.33 11.35
N ARG E 103 -54.83 4.67 10.18
CA ARG E 103 -54.70 3.23 10.11
C ARG E 103 -53.37 2.81 10.72
N TYR E 104 -52.33 3.64 10.51
CA TYR E 104 -51.03 3.40 11.09
C TYR E 104 -51.15 3.21 12.61
N ILE E 105 -51.75 4.21 13.27
CA ILE E 105 -51.91 4.18 14.72
C ILE E 105 -52.64 2.89 15.12
N ALA E 106 -53.72 2.57 14.37
CA ALA E 106 -54.57 1.42 14.65
C ALA E 106 -53.78 0.12 14.61
N ARG E 107 -52.97 -0.07 13.56
CA ARG E 107 -52.27 -1.32 13.33
C ARG E 107 -50.99 -1.41 14.15
N HIS E 108 -50.37 -0.26 14.45
CA HIS E 108 -49.00 -0.27 14.91
C HIS E 108 -48.85 0.27 16.33
N GLY E 109 -49.90 0.92 16.85
CA GLY E 109 -49.80 1.56 18.16
C GLY E 109 -49.22 2.97 18.05
N SER E 110 -49.10 3.64 19.21
CA SER E 110 -48.77 5.05 19.23
C SER E 110 -47.51 5.31 20.05
N ALA E 111 -46.64 4.29 20.12
CA ALA E 111 -45.43 4.35 20.92
C ALA E 111 -44.44 5.36 20.35
N ARG E 112 -44.66 5.77 19.09
CA ARG E 112 -43.77 6.71 18.42
C ARG E 112 -44.53 7.98 18.06
N VAL E 113 -45.81 8.04 18.44
CA VAL E 113 -46.68 9.12 18.00
C VAL E 113 -46.88 10.10 19.15
N ALA E 114 -46.75 11.40 18.85
CA ALA E 114 -46.94 12.46 19.84
C ALA E 114 -48.30 13.14 19.64
N GLY E 115 -48.75 13.22 18.38
CA GLY E 115 -50.03 13.86 18.04
C GLY E 115 -50.48 13.52 16.62
N LEU E 116 -51.74 13.84 16.32
CA LEU E 116 -52.34 13.57 15.01
C LEU E 116 -53.13 14.79 14.53
N VAL E 117 -52.95 15.13 13.25
CA VAL E 117 -53.70 16.19 12.61
C VAL E 117 -54.39 15.66 11.35
N LEU E 118 -55.70 15.89 11.26
CA LEU E 118 -56.51 15.44 10.14
C LEU E 118 -57.06 16.65 9.39
N LEU E 119 -56.59 16.81 8.14
CA LEU E 119 -56.94 17.96 7.30
C LEU E 119 -57.90 17.52 6.21
N GLY E 120 -59.18 17.92 6.34
CA GLY E 120 -60.22 17.55 5.40
C GLY E 120 -60.14 16.07 5.05
N ALA E 121 -60.07 15.23 6.09
CA ALA E 121 -59.75 13.82 5.95
C ALA E 121 -60.99 12.99 5.71
N VAL E 122 -60.78 11.80 5.12
CA VAL E 122 -61.83 10.86 4.74
C VAL E 122 -62.32 10.11 5.98
N THR E 123 -61.63 10.33 7.11
CA THR E 123 -61.97 9.74 8.39
C THR E 123 -63.28 10.35 8.91
N PRO E 124 -64.14 9.58 9.61
CA PRO E 124 -63.92 8.16 9.86
C PRO E 124 -64.46 7.24 8.77
N LEU E 125 -65.12 7.84 7.77
CA LEU E 125 -65.80 7.08 6.74
C LEU E 125 -66.33 8.03 5.68
N PHE E 126 -65.90 7.80 4.43
CA PHE E 126 -66.21 8.68 3.32
C PHE E 126 -67.47 8.18 2.61
N GLY E 127 -67.40 6.93 2.12
CA GLY E 127 -68.46 6.35 1.33
C GLY E 127 -69.63 5.85 2.19
N GLN E 128 -70.82 5.82 1.57
CA GLN E 128 -72.07 5.40 2.18
C GLN E 128 -72.04 3.89 2.41
N LYS E 129 -72.68 3.47 3.51
CA LYS E 129 -72.76 2.08 3.90
C LYS E 129 -74.20 1.74 4.28
N PRO E 130 -74.54 0.45 4.49
CA PRO E 130 -75.85 0.08 5.04
C PRO E 130 -76.04 0.59 6.47
N ASP E 131 -74.93 0.65 7.23
CA ASP E 131 -74.96 1.13 8.60
C ASP E 131 -74.36 2.55 8.68
N TYR E 132 -74.29 3.23 7.52
CA TYR E 132 -73.86 4.62 7.46
C TYR E 132 -74.53 5.32 6.27
N PRO E 133 -75.87 5.52 6.30
CA PRO E 133 -76.59 6.12 5.17
C PRO E 133 -76.19 7.55 4.78
N GLN E 134 -75.66 8.31 5.74
CA GLN E 134 -75.40 9.74 5.57
C GLN E 134 -74.18 9.99 4.70
N GLY E 135 -73.35 8.95 4.49
CA GLY E 135 -72.16 9.03 3.66
C GLY E 135 -72.48 9.33 2.19
N VAL E 136 -71.43 9.56 1.41
CA VAL E 136 -71.53 9.90 -0.01
C VAL E 136 -71.91 8.64 -0.80
N PRO E 137 -72.98 8.70 -1.64
CA PRO E 137 -73.40 7.55 -2.45
C PRO E 137 -72.24 6.98 -3.29
N LEU E 138 -72.11 5.64 -3.28
CA LEU E 138 -70.99 4.95 -3.88
C LEU E 138 -70.96 5.16 -5.40
N ASP E 139 -72.10 5.57 -5.96
CA ASP E 139 -72.27 5.78 -7.38
C ASP E 139 -71.41 6.96 -7.87
N VAL E 140 -71.11 7.90 -6.96
CA VAL E 140 -70.29 9.06 -7.27
C VAL E 140 -68.87 8.59 -7.61
N PHE E 141 -68.36 7.64 -6.83
CA PHE E 141 -67.00 7.14 -6.99
C PHE E 141 -66.91 6.26 -8.23
N ALA E 142 -68.04 5.62 -8.59
CA ALA E 142 -68.14 4.84 -9.81
C ALA E 142 -67.98 5.73 -11.03
N ARG E 143 -68.44 6.99 -10.90
CA ARG E 143 -68.33 8.00 -11.94
C ARG E 143 -66.86 8.41 -12.09
N PHE E 144 -66.17 8.53 -10.96
CA PHE E 144 -64.76 8.88 -10.95
C PHE E 144 -63.96 7.87 -11.75
N LYS E 145 -64.16 6.58 -11.44
CA LYS E 145 -63.43 5.48 -12.06
C LYS E 145 -63.66 5.50 -13.57
N THR E 146 -64.92 5.65 -13.99
CA THR E 146 -65.30 5.62 -15.39
C THR E 146 -64.51 6.67 -16.18
N GLU E 147 -64.53 7.92 -15.68
CA GLU E 147 -63.94 9.05 -16.38
C GLU E 147 -62.42 8.92 -16.40
N LEU E 148 -61.86 8.41 -15.29
CA LEU E 148 -60.43 8.18 -15.13
C LEU E 148 -59.95 7.13 -16.14
N LEU E 149 -60.79 6.12 -16.39
CA LEU E 149 -60.43 4.99 -17.24
C LEU E 149 -60.61 5.36 -18.73
N LYS E 150 -61.13 6.57 -18.98
CA LYS E 150 -61.30 7.07 -20.33
C LYS E 150 -60.26 8.15 -20.62
N ASP E 151 -60.11 9.11 -19.68
CA ASP E 151 -59.19 10.22 -19.83
C ASP E 151 -58.87 10.81 -18.46
N ARG E 152 -57.79 10.34 -17.83
CA ARG E 152 -57.46 10.76 -16.47
C ARG E 152 -56.84 12.15 -16.50
N ALA E 153 -56.11 12.47 -17.58
CA ALA E 153 -55.53 13.78 -17.77
C ALA E 153 -56.62 14.84 -17.65
N GLN E 154 -57.70 14.68 -18.41
CA GLN E 154 -58.79 15.65 -18.45
C GLN E 154 -59.58 15.60 -17.14
N PHE E 155 -59.68 14.42 -16.52
CA PHE E 155 -60.34 14.31 -15.23
C PHE E 155 -59.65 15.22 -14.23
N ILE E 156 -58.32 15.14 -14.17
CA ILE E 156 -57.53 15.90 -13.21
C ILE E 156 -57.78 17.38 -13.46
N SER E 157 -57.68 17.77 -14.74
CA SER E 157 -57.88 19.13 -15.21
C SER E 157 -59.19 19.68 -14.64
N ASP E 158 -60.29 18.95 -14.89
CA ASP E 158 -61.64 19.35 -14.54
C ASP E 158 -61.83 19.35 -13.02
N PHE E 159 -61.00 18.58 -12.31
CA PHE E 159 -61.15 18.38 -10.88
C PHE E 159 -60.67 19.61 -10.13
N ASN E 160 -59.85 20.44 -10.79
CA ASN E 160 -59.28 21.64 -10.19
C ASN E 160 -60.37 22.57 -9.66
N ALA E 161 -61.43 22.75 -10.46
CA ALA E 161 -62.51 23.67 -10.16
C ALA E 161 -63.17 23.33 -8.81
N PRO E 162 -63.82 22.15 -8.65
CA PRO E 162 -64.40 21.78 -7.35
C PRO E 162 -63.40 21.59 -6.22
N PHE E 163 -62.18 21.11 -6.56
CA PHE E 163 -61.16 20.81 -5.58
C PHE E 163 -60.72 22.08 -4.84
N TYR E 164 -60.66 23.21 -5.57
CA TYR E 164 -60.15 24.45 -5.01
C TYR E 164 -61.28 25.44 -4.76
N GLY E 165 -62.50 25.08 -5.16
CA GLY E 165 -63.66 25.94 -4.98
C GLY E 165 -63.67 27.13 -5.94
N ILE E 166 -63.00 26.96 -7.10
CA ILE E 166 -62.95 27.97 -8.15
C ILE E 166 -64.35 28.25 -8.65
N ASN E 167 -65.20 27.21 -8.68
CA ASN E 167 -66.58 27.31 -9.12
C ASN E 167 -67.41 28.11 -8.12
N LYS E 168 -66.88 28.32 -6.91
CA LYS E 168 -67.58 29.06 -5.89
C LYS E 168 -66.82 30.34 -5.53
N GLY E 169 -65.98 30.80 -6.47
CA GLY E 169 -65.38 32.12 -6.40
C GLY E 169 -64.13 32.17 -5.53
N GLN E 170 -63.39 31.06 -5.44
CA GLN E 170 -62.06 31.08 -4.85
C GLN E 170 -61.08 31.55 -5.92
N VAL E 171 -60.04 32.27 -5.49
CA VAL E 171 -59.03 32.75 -6.41
C VAL E 171 -57.80 31.84 -6.30
N VAL E 172 -57.49 31.14 -7.39
CA VAL E 172 -56.33 30.26 -7.47
C VAL E 172 -55.68 30.47 -8.83
N SER E 173 -54.37 30.73 -8.83
CA SER E 173 -53.67 31.12 -10.04
C SER E 173 -53.57 29.96 -11.03
N CYS E 174 -53.22 30.28 -12.28
CA CYS E 174 -52.97 29.28 -13.31
C CYS E 174 -51.74 28.47 -12.95
N GLY E 175 -50.78 29.12 -12.28
CA GLY E 175 -49.57 28.48 -11.80
C GLY E 175 -49.87 27.24 -10.96
N VAL E 176 -50.76 27.39 -9.97
CA VAL E 176 -51.10 26.31 -9.06
C VAL E 176 -51.84 25.20 -9.82
N GLN E 177 -52.62 25.60 -10.82
CA GLN E 177 -53.43 24.66 -11.57
C GLN E 177 -52.51 23.81 -12.47
N THR E 178 -51.52 24.47 -13.08
CA THR E 178 -50.51 23.80 -13.90
C THR E 178 -49.71 22.81 -13.06
N GLN E 179 -49.39 23.21 -11.83
CA GLN E 179 -48.53 22.41 -10.96
C GLN E 179 -49.31 21.20 -10.44
N THR E 180 -50.59 21.42 -10.12
CA THR E 180 -51.45 20.33 -9.64
C THR E 180 -51.54 19.26 -10.72
N LEU E 181 -51.70 19.68 -11.97
CA LEU E 181 -51.86 18.78 -13.10
C LEU E 181 -50.54 18.05 -13.37
N GLN E 182 -49.42 18.77 -13.25
CA GLN E 182 -48.10 18.21 -13.54
C GLN E 182 -47.77 17.09 -12.55
N ILE E 183 -48.09 17.32 -11.27
CA ILE E 183 -47.80 16.38 -10.20
C ILE E 183 -48.69 15.14 -10.36
N ALA E 184 -49.95 15.36 -10.79
CA ALA E 184 -50.91 14.29 -10.89
C ALA E 184 -50.57 13.36 -12.06
N LEU E 185 -49.98 13.90 -13.13
CA LEU E 185 -49.69 13.12 -14.32
C LEU E 185 -48.53 12.15 -14.06
N LEU E 186 -47.75 12.42 -13.01
CA LEU E 186 -46.65 11.54 -12.62
C LEU E 186 -47.19 10.22 -12.07
N ALA E 187 -48.46 10.20 -11.64
CA ALA E 187 -49.01 9.05 -10.94
C ALA E 187 -49.31 7.90 -11.90
N SER E 188 -49.37 6.70 -11.34
CA SER E 188 -49.86 5.51 -12.01
C SER E 188 -51.37 5.63 -12.23
N LEU E 189 -51.84 5.16 -13.40
CA LEU E 189 -53.27 5.05 -13.67
C LEU E 189 -53.91 4.11 -12.65
N LYS E 190 -53.29 2.95 -12.46
CA LYS E 190 -53.80 1.88 -11.62
C LYS E 190 -53.92 2.37 -10.17
N ALA E 191 -52.88 3.07 -9.70
CA ALA E 191 -52.83 3.57 -8.33
C ALA E 191 -53.95 4.59 -8.12
N THR E 192 -54.19 5.44 -9.14
CA THR E 192 -55.21 6.47 -9.11
C THR E 192 -56.58 5.84 -8.89
N VAL E 193 -56.85 4.76 -9.65
CA VAL E 193 -58.15 4.10 -9.68
C VAL E 193 -58.35 3.30 -8.39
N ASP E 194 -57.33 2.53 -7.98
CA ASP E 194 -57.42 1.70 -6.79
C ASP E 194 -57.65 2.54 -5.55
N CYS E 195 -57.01 3.73 -5.51
CA CYS E 195 -57.16 4.64 -4.40
C CYS E 195 -58.62 5.05 -4.21
N VAL E 196 -59.34 5.19 -5.33
CA VAL E 196 -60.75 5.54 -5.29
C VAL E 196 -61.50 4.48 -4.48
N THR E 197 -61.29 3.20 -4.82
CA THR E 197 -61.91 2.11 -4.10
C THR E 197 -61.59 2.23 -2.61
N ALA E 198 -60.32 2.53 -2.31
CA ALA E 198 -59.80 2.50 -0.95
C ALA E 198 -60.45 3.57 -0.09
N PHE E 199 -60.47 4.81 -0.58
CA PHE E 199 -61.00 5.90 0.23
C PHE E 199 -62.53 5.85 0.26
N ALA E 200 -63.12 5.18 -0.73
CA ALA E 200 -64.57 5.07 -0.84
C ALA E 200 -65.13 4.06 0.15
N GLU E 201 -64.40 2.96 0.39
CA GLU E 201 -65.01 1.78 0.99
C GLU E 201 -64.37 1.42 2.34
N THR E 202 -63.25 2.06 2.69
CA THR E 202 -62.55 1.72 3.92
C THR E 202 -63.20 2.40 5.12
N ASP E 203 -63.56 1.58 6.11
CA ASP E 203 -64.21 2.02 7.34
C ASP E 203 -63.16 2.25 8.42
N PHE E 204 -63.09 3.50 8.90
CA PHE E 204 -62.09 3.91 9.88
C PHE E 204 -62.70 4.10 11.27
N ARG E 205 -63.97 3.71 11.44
CA ARG E 205 -64.63 3.84 12.73
C ARG E 205 -63.87 3.06 13.82
N PRO E 206 -63.47 1.79 13.59
CA PRO E 206 -62.75 1.03 14.63
C PRO E 206 -61.41 1.65 15.00
N ASP E 207 -60.86 2.45 14.07
CA ASP E 207 -59.55 3.07 14.25
C ASP E 207 -59.67 4.24 15.21
N MET E 208 -60.81 4.94 15.15
CA MET E 208 -61.09 6.11 15.96
C MET E 208 -60.97 5.76 17.44
N ALA E 209 -61.39 4.53 17.79
CA ALA E 209 -61.39 4.06 19.16
C ALA E 209 -59.98 3.76 19.66
N LYS E 210 -59.00 3.78 18.74
CA LYS E 210 -57.65 3.37 19.06
C LYS E 210 -56.68 4.55 19.06
N ILE E 211 -57.18 5.73 18.65
CA ILE E 211 -56.36 6.93 18.68
C ILE E 211 -56.31 7.45 20.11
N ASP E 212 -55.10 7.44 20.69
CA ASP E 212 -54.89 7.80 22.08
C ASP E 212 -53.80 8.86 22.18
N VAL E 213 -53.82 9.81 21.23
CA VAL E 213 -52.88 10.92 21.21
C VAL E 213 -53.66 12.21 20.98
N PRO E 214 -53.12 13.40 21.40
CA PRO E 214 -53.74 14.68 21.08
C PRO E 214 -54.02 14.82 19.58
N THR E 215 -55.25 15.23 19.26
CA THR E 215 -55.73 15.25 17.88
C THR E 215 -56.33 16.62 17.55
N LEU E 216 -55.92 17.18 16.40
CA LEU E 216 -56.55 18.36 15.84
C LEU E 216 -57.18 18.00 14.49
N VAL E 217 -58.46 18.34 14.34
CA VAL E 217 -59.21 18.12 13.11
C VAL E 217 -59.49 19.49 12.49
N ILE E 218 -59.04 19.67 11.24
CA ILE E 218 -59.30 20.90 10.50
C ILE E 218 -60.00 20.54 9.19
N HIS E 219 -61.13 21.22 8.92
CA HIS E 219 -61.96 20.93 7.78
C HIS E 219 -62.66 22.21 7.34
N GLY E 220 -62.91 22.33 6.03
CA GLY E 220 -63.66 23.44 5.48
C GLY E 220 -65.11 23.06 5.22
N ASP E 221 -66.04 23.91 5.69
CA ASP E 221 -67.46 23.59 5.59
C ASP E 221 -67.97 23.94 4.19
N GLY E 222 -67.06 24.35 3.31
CA GLY E 222 -67.37 24.59 1.91
C GLY E 222 -66.86 23.47 1.01
N ASP E 223 -66.31 22.41 1.63
CA ASP E 223 -65.68 21.30 0.94
C ASP E 223 -66.69 20.59 0.04
N GLN E 224 -66.38 20.56 -1.27
CA GLN E 224 -67.25 19.95 -2.27
C GLN E 224 -66.87 18.49 -2.50
N ILE E 225 -65.68 18.10 -2.01
CA ILE E 225 -65.16 16.77 -2.27
C ILE E 225 -65.47 15.85 -1.09
N VAL E 226 -64.96 16.22 0.10
CA VAL E 226 -65.13 15.41 1.30
C VAL E 226 -66.03 16.18 2.26
N PRO E 227 -67.34 15.82 2.34
CA PRO E 227 -68.33 16.63 3.07
C PRO E 227 -68.05 16.72 4.58
N PHE E 228 -68.03 17.95 5.09
CA PHE E 228 -67.67 18.23 6.46
C PHE E 228 -68.56 17.47 7.44
N GLU E 229 -69.87 17.50 7.19
CA GLU E 229 -70.86 17.05 8.16
C GLU E 229 -70.68 15.57 8.49
N THR E 230 -70.14 14.80 7.54
CA THR E 230 -70.15 13.35 7.67
C THR E 230 -68.73 12.81 7.83
N THR E 231 -67.73 13.69 7.85
CA THR E 231 -66.34 13.25 8.01
C THR E 231 -65.69 13.94 9.21
N GLY E 232 -65.17 15.16 8.98
CA GLY E 232 -64.38 15.89 9.96
C GLY E 232 -65.14 16.11 11.28
N LYS E 233 -66.42 16.48 11.16
CA LYS E 233 -67.27 16.78 12.30
C LYS E 233 -67.45 15.54 13.17
N VAL E 234 -67.43 14.36 12.53
CA VAL E 234 -67.70 13.10 13.19
C VAL E 234 -66.41 12.54 13.79
N ALA E 235 -65.30 12.70 13.05
CA ALA E 235 -63.99 12.28 13.53
C ALA E 235 -63.63 13.00 14.83
N ALA E 236 -64.08 14.26 14.96
CA ALA E 236 -63.85 15.08 16.13
C ALA E 236 -64.58 14.50 17.34
N GLU E 237 -65.74 13.87 17.09
CA GLU E 237 -66.59 13.33 18.13
C GLU E 237 -66.10 11.94 18.57
N LEU E 238 -65.52 11.18 17.63
CA LEU E 238 -65.22 9.78 17.85
C LEU E 238 -63.85 9.60 18.50
N ILE E 239 -62.97 10.61 18.37
CA ILE E 239 -61.65 10.55 18.95
C ILE E 239 -61.66 11.22 20.32
N LYS E 240 -61.07 10.55 21.32
CA LYS E 240 -61.04 11.04 22.68
C LYS E 240 -60.19 12.32 22.74
N GLY E 241 -60.82 13.41 23.20
CA GLY E 241 -60.16 14.65 23.54
C GLY E 241 -59.72 15.47 22.32
N ALA E 242 -60.32 15.19 21.15
CA ALA E 242 -59.94 15.84 19.90
C ALA E 242 -60.51 17.26 19.84
N GLU E 243 -59.77 18.15 19.16
CA GLU E 243 -60.19 19.53 18.93
C GLU E 243 -60.55 19.70 17.45
N LEU E 244 -61.60 20.50 17.20
CA LEU E 244 -62.09 20.75 15.85
C LEU E 244 -61.99 22.24 15.54
N LYS E 245 -61.31 22.55 14.43
CA LYS E 245 -61.32 23.89 13.85
C LYS E 245 -61.96 23.83 12.48
N VAL E 246 -62.91 24.75 12.23
CA VAL E 246 -63.63 24.81 10.97
C VAL E 246 -63.20 26.08 10.24
N TYR E 247 -62.77 25.93 8.99
CA TYR E 247 -62.51 27.07 8.14
C TYR E 247 -63.77 27.37 7.33
N LYS E 248 -64.30 28.58 7.52
CA LYS E 248 -65.59 28.97 6.96
C LYS E 248 -65.46 29.13 5.44
N ASP E 249 -66.36 28.45 4.71
CA ASP E 249 -66.51 28.50 3.27
C ASP E 249 -65.30 27.90 2.56
N ALA E 250 -64.35 27.37 3.33
CA ALA E 250 -63.09 26.87 2.78
C ALA E 250 -63.33 25.62 1.94
N PRO E 251 -62.67 25.50 0.77
CA PRO E 251 -62.83 24.32 -0.10
C PRO E 251 -62.00 23.13 0.36
N HIS E 252 -61.96 22.09 -0.48
CA HIS E 252 -61.21 20.88 -0.16
C HIS E 252 -59.72 21.18 -0.10
N GLY E 253 -59.22 21.98 -1.05
CA GLY E 253 -57.81 22.29 -1.14
C GLY E 253 -57.44 23.56 -0.36
N PHE E 254 -57.75 23.57 0.94
CA PHE E 254 -57.58 24.75 1.77
C PHE E 254 -56.12 24.92 2.16
N ALA E 255 -55.29 23.92 1.80
CA ALA E 255 -53.86 23.98 2.01
C ALA E 255 -53.22 24.99 1.05
N VAL E 256 -54.00 25.47 0.08
CA VAL E 256 -53.56 26.50 -0.84
C VAL E 256 -54.32 27.79 -0.52
N THR E 257 -55.64 27.69 -0.46
CA THR E 257 -56.50 28.86 -0.34
C THR E 257 -56.37 29.48 1.05
N HIS E 258 -56.07 28.64 2.05
CA HIS E 258 -55.93 29.09 3.43
C HIS E 258 -54.56 28.69 3.97
N ALA E 259 -53.52 28.93 3.17
CA ALA E 259 -52.18 28.48 3.47
C ALA E 259 -51.73 29.04 4.82
N GLN E 260 -51.78 30.37 4.96
CA GLN E 260 -51.22 31.06 6.11
C GLN E 260 -51.95 30.63 7.39
N GLN E 261 -53.26 30.45 7.30
CA GLN E 261 -54.06 30.10 8.45
C GLN E 261 -53.68 28.71 8.94
N LEU E 262 -53.43 27.79 7.98
CA LEU E 262 -53.11 26.41 8.31
C LEU E 262 -51.72 26.34 8.96
N ASN E 263 -50.77 27.11 8.42
CA ASN E 263 -49.41 27.17 8.93
C ASN E 263 -49.41 27.51 10.42
N GLU E 264 -50.19 28.53 10.80
CA GLU E 264 -50.22 29.03 12.17
C GLU E 264 -50.94 28.05 13.09
N ASP E 265 -51.98 27.39 12.56
CA ASP E 265 -52.74 26.39 13.31
C ASP E 265 -51.86 25.16 13.59
N LEU E 266 -51.03 24.79 12.61
CA LEU E 266 -50.11 23.67 12.77
C LEU E 266 -49.06 24.01 13.83
N LEU E 267 -48.51 25.24 13.75
CA LEU E 267 -47.49 25.70 14.67
C LEU E 267 -48.05 25.77 16.10
N ALA E 268 -49.30 26.24 16.23
CA ALA E 268 -49.91 26.43 17.54
C ALA E 268 -50.19 25.08 18.19
N PHE E 269 -50.45 24.06 17.35
CA PHE E 269 -50.76 22.72 17.83
C PHE E 269 -49.49 22.06 18.34
N LEU E 270 -48.41 22.16 17.56
CA LEU E 270 -47.12 21.59 17.92
C LEU E 270 -46.66 22.16 19.26
N LYS E 271 -46.94 23.44 19.51
CA LYS E 271 -46.51 24.12 20.72
C LYS E 271 -47.33 23.67 21.92
N ARG E 272 -48.58 23.23 21.69
CA ARG E 272 -49.42 22.68 22.74
C ARG E 272 -48.76 21.45 23.36
N GLY E 273 -48.19 20.60 22.49
CA GLY E 273 -47.33 19.50 22.92
C GLY E 273 -46.07 20.02 23.60
N SER E 274 -46.18 20.21 24.93
CA SER E 274 -45.19 20.91 25.73
C SER E 274 -43.83 20.21 25.65
N SER F 2 -39.40 0.11 -11.45
CA SER F 2 -38.27 -0.84 -11.58
C SER F 2 -37.26 -0.27 -12.57
N CYS F 3 -36.04 -0.83 -12.56
CA CYS F 3 -35.04 -0.54 -13.58
C CYS F 3 -34.03 -1.68 -13.68
N PHE F 4 -33.35 -1.77 -14.82
CA PHE F 4 -32.19 -2.62 -15.01
C PHE F 4 -31.09 -1.82 -15.71
N VAL F 5 -29.86 -2.34 -15.61
CA VAL F 5 -28.72 -1.69 -16.23
C VAL F 5 -28.35 -2.46 -17.50
N ALA F 6 -28.37 -1.75 -18.63
CA ALA F 6 -27.95 -2.29 -19.92
C ALA F 6 -26.45 -2.55 -19.88
N LYS F 7 -25.95 -3.27 -20.91
CA LYS F 7 -24.56 -3.71 -20.95
C LYS F 7 -23.60 -2.52 -20.94
N ASP F 8 -24.04 -1.38 -21.47
CA ASP F 8 -23.18 -0.21 -21.59
C ASP F 8 -23.32 0.68 -20.36
N GLY F 9 -24.16 0.27 -19.41
CA GLY F 9 -24.28 0.97 -18.14
C GLY F 9 -25.51 1.87 -18.06
N THR F 10 -26.27 1.95 -19.16
CA THR F 10 -27.49 2.72 -19.23
C THR F 10 -28.55 2.09 -18.32
N GLN F 11 -29.19 2.93 -17.50
CA GLN F 11 -30.30 2.50 -16.66
C GLN F 11 -31.61 2.70 -17.42
N ILE F 12 -32.44 1.65 -17.45
CA ILE F 12 -33.71 1.67 -18.17
C ILE F 12 -34.83 1.51 -17.14
N TYR F 13 -35.78 2.46 -17.13
CA TYR F 13 -36.95 2.33 -16.27
C TYR F 13 -37.97 1.39 -16.92
N PHE F 14 -38.59 0.52 -16.12
CA PHE F 14 -39.70 -0.27 -16.62
C PHE F 14 -40.79 -0.43 -15.54
N LYS F 15 -42.02 -0.69 -16.02
CA LYS F 15 -43.13 -1.10 -15.18
C LYS F 15 -43.41 -2.58 -15.42
N ASP F 16 -43.71 -3.30 -14.34
CA ASP F 16 -44.02 -4.73 -14.37
C ASP F 16 -45.31 -4.94 -13.58
N TRP F 17 -46.43 -5.15 -14.29
CA TRP F 17 -47.76 -5.21 -13.70
C TRP F 17 -48.40 -6.59 -13.90
N GLY F 18 -49.04 -7.09 -12.83
CA GLY F 18 -49.89 -8.27 -12.86
C GLY F 18 -49.09 -9.57 -13.02
N SER F 19 -49.82 -10.68 -13.19
CA SER F 19 -49.23 -11.99 -13.40
C SER F 19 -49.98 -12.75 -14.50
N GLY F 20 -49.40 -13.86 -14.96
CA GLY F 20 -49.88 -14.60 -16.11
C GLY F 20 -48.87 -14.53 -17.26
N LYS F 21 -49.34 -14.81 -18.48
CA LYS F 21 -48.52 -14.73 -19.68
C LYS F 21 -48.12 -13.28 -19.91
N PRO F 22 -46.83 -12.99 -20.18
CA PRO F 22 -46.36 -11.61 -20.29
C PRO F 22 -46.56 -10.97 -21.67
N VAL F 23 -46.86 -9.66 -21.64
CA VAL F 23 -47.04 -8.84 -22.82
C VAL F 23 -46.11 -7.63 -22.68
N LEU F 24 -45.15 -7.50 -23.60
CA LEU F 24 -44.12 -6.46 -23.52
C LEU F 24 -44.39 -5.40 -24.59
N PHE F 25 -44.44 -4.13 -24.15
CA PHE F 25 -44.84 -2.99 -24.96
C PHE F 25 -43.63 -2.12 -25.29
N SER F 26 -43.57 -1.66 -26.54
CA SER F 26 -42.51 -0.77 -27.00
C SER F 26 -43.09 0.53 -27.55
N HIS F 27 -42.88 1.63 -26.81
CA HIS F 27 -43.54 2.90 -27.04
C HIS F 27 -43.01 3.58 -28.30
N GLY F 28 -43.71 4.64 -28.73
CA GLY F 28 -43.33 5.37 -29.92
C GLY F 28 -42.38 6.54 -29.63
N TRP F 29 -41.99 7.24 -30.70
CA TRP F 29 -41.16 8.43 -30.65
C TRP F 29 -41.82 9.50 -29.79
N LEU F 30 -41.03 10.11 -28.89
CA LEU F 30 -41.43 11.26 -28.09
C LEU F 30 -42.16 10.83 -26.82
N LEU F 31 -42.45 9.54 -26.68
CA LEU F 31 -43.30 9.08 -25.59
C LEU F 31 -42.47 8.30 -24.57
N ASP F 32 -43.17 7.57 -23.69
CA ASP F 32 -42.53 6.64 -22.77
C ASP F 32 -43.54 5.53 -22.44
N ALA F 33 -43.29 4.81 -21.33
CA ALA F 33 -44.10 3.66 -20.94
C ALA F 33 -45.53 4.06 -20.57
N ASP F 34 -45.77 5.36 -20.37
CA ASP F 34 -47.07 5.84 -19.93
C ASP F 34 -48.10 5.82 -21.05
N MET F 35 -47.65 5.71 -22.31
CA MET F 35 -48.60 5.71 -23.41
C MET F 35 -49.42 4.42 -23.40
N TRP F 36 -48.98 3.43 -22.62
CA TRP F 36 -49.57 2.09 -22.63
C TRP F 36 -50.48 1.86 -21.43
N GLU F 37 -50.68 2.90 -20.61
CA GLU F 37 -51.30 2.74 -19.30
C GLU F 37 -52.69 2.11 -19.42
N TYR F 38 -53.48 2.53 -20.42
CA TYR F 38 -54.85 2.03 -20.53
C TYR F 38 -54.84 0.56 -20.96
N GLN F 39 -53.95 0.20 -21.89
CA GLN F 39 -53.83 -1.16 -22.40
C GLN F 39 -53.35 -2.10 -21.30
N MET F 40 -52.32 -1.65 -20.57
CA MET F 40 -51.66 -2.42 -19.52
C MET F 40 -52.67 -2.75 -18.41
N GLU F 41 -53.48 -1.77 -18.02
CA GLU F 41 -54.48 -1.95 -16.98
C GLU F 41 -55.59 -2.86 -17.50
N TYR F 42 -55.99 -2.66 -18.76
CA TYR F 42 -57.03 -3.46 -19.38
C TYR F 42 -56.66 -4.94 -19.31
N LEU F 43 -55.45 -5.27 -19.76
CA LEU F 43 -54.98 -6.64 -19.89
C LEU F 43 -54.58 -7.22 -18.54
N SER F 44 -54.00 -6.39 -17.66
CA SER F 44 -53.52 -6.89 -16.38
C SER F 44 -54.66 -7.25 -15.44
N SER F 45 -55.77 -6.52 -15.52
CA SER F 45 -56.92 -6.87 -14.70
C SER F 45 -57.77 -7.94 -15.41
N ARG F 46 -57.15 -8.63 -16.38
CA ARG F 46 -57.77 -9.70 -17.14
C ARG F 46 -56.78 -10.85 -17.36
N GLY F 47 -55.88 -11.05 -16.39
CA GLY F 47 -55.14 -12.30 -16.28
C GLY F 47 -53.76 -12.31 -16.94
N TYR F 48 -53.31 -11.15 -17.43
CA TYR F 48 -52.04 -11.06 -18.14
C TYR F 48 -51.05 -10.19 -17.37
N ARG F 49 -49.76 -10.51 -17.52
CA ARG F 49 -48.68 -9.69 -17.01
C ARG F 49 -48.24 -8.72 -18.11
N THR F 50 -48.18 -7.43 -17.76
CA THR F 50 -47.88 -6.40 -18.74
C THR F 50 -46.61 -5.66 -18.34
N ILE F 51 -45.71 -5.48 -19.31
CA ILE F 51 -44.40 -4.88 -19.07
C ILE F 51 -44.16 -3.79 -20.12
N ALA F 52 -43.81 -2.59 -19.66
CA ALA F 52 -43.42 -1.49 -20.52
C ALA F 52 -42.18 -0.81 -19.97
N PHE F 53 -41.30 -0.35 -20.88
CA PHE F 53 -40.07 0.33 -20.53
C PHE F 53 -40.02 1.71 -21.18
N ASP F 54 -39.21 2.60 -20.60
CA ASP F 54 -38.84 3.84 -21.26
C ASP F 54 -37.56 3.56 -22.06
N ARG F 55 -37.62 3.80 -23.38
CA ARG F 55 -36.47 3.62 -24.24
C ARG F 55 -35.36 4.58 -23.80
N ARG F 56 -34.10 4.14 -23.94
CA ARG F 56 -32.96 4.96 -23.59
C ARG F 56 -33.12 6.36 -24.18
N GLY F 57 -33.01 7.37 -23.32
CA GLY F 57 -33.08 8.77 -23.72
C GLY F 57 -34.50 9.33 -23.64
N PHE F 58 -35.44 8.53 -23.11
CA PHE F 58 -36.83 8.92 -23.01
C PHE F 58 -37.33 8.66 -21.59
N GLY F 59 -38.48 9.27 -21.26
CA GLY F 59 -39.12 9.10 -19.97
C GLY F 59 -38.13 9.19 -18.82
N ARG F 60 -38.12 8.14 -17.99
CA ARG F 60 -37.42 8.14 -16.71
C ARG F 60 -36.08 7.43 -16.84
N SER F 61 -35.69 7.11 -18.09
CA SER F 61 -34.46 6.38 -18.36
C SER F 61 -33.27 7.35 -18.45
N ASP F 62 -32.07 6.80 -18.30
CA ASP F 62 -30.83 7.53 -18.56
C ASP F 62 -30.83 8.03 -20.00
N GLN F 63 -30.05 9.09 -20.24
CA GLN F 63 -29.94 9.70 -21.55
C GLN F 63 -28.49 9.61 -22.02
N PRO F 64 -28.03 8.44 -22.52
CA PRO F 64 -26.65 8.30 -22.99
C PRO F 64 -26.48 8.93 -24.37
N TRP F 65 -25.25 9.33 -24.67
CA TRP F 65 -24.89 10.00 -25.91
C TRP F 65 -24.84 8.97 -27.05
N THR F 66 -24.53 7.72 -26.70
CA THR F 66 -24.28 6.68 -27.69
C THR F 66 -25.36 5.62 -27.63
N GLY F 67 -25.49 4.87 -28.72
CA GLY F 67 -26.32 3.68 -28.77
C GLY F 67 -27.77 3.99 -29.13
N ASN F 68 -28.00 5.17 -29.72
CA ASN F 68 -29.34 5.54 -30.14
C ASN F 68 -29.60 4.98 -31.53
N ASP F 69 -29.71 3.64 -31.60
CA ASP F 69 -29.87 2.91 -32.84
C ASP F 69 -30.69 1.65 -32.56
N TYR F 70 -31.18 1.02 -33.63
CA TYR F 70 -32.10 -0.09 -33.52
C TYR F 70 -31.42 -1.36 -32.98
N ASP F 71 -30.16 -1.57 -33.40
CA ASP F 71 -29.39 -2.70 -32.89
C ASP F 71 -29.35 -2.66 -31.36
N THR F 72 -29.14 -1.46 -30.80
CA THR F 72 -29.02 -1.28 -29.37
C THR F 72 -30.39 -1.40 -28.70
N PHE F 73 -31.40 -0.78 -29.33
CA PHE F 73 -32.77 -0.82 -28.83
C PHE F 73 -33.20 -2.27 -28.64
N ALA F 74 -32.90 -3.11 -29.64
CA ALA F 74 -33.28 -4.52 -29.63
C ALA F 74 -32.52 -5.28 -28.54
N ASP F 75 -31.25 -4.89 -28.33
CA ASP F 75 -30.43 -5.47 -27.27
C ASP F 75 -30.95 -5.03 -25.90
N ASP F 76 -31.52 -3.83 -25.83
CA ASP F 76 -32.11 -3.34 -24.60
C ASP F 76 -33.28 -4.24 -24.20
N ILE F 77 -34.14 -4.55 -25.18
CA ILE F 77 -35.32 -5.38 -24.98
C ILE F 77 -34.87 -6.79 -24.57
N ALA F 78 -33.83 -7.30 -25.25
CA ALA F 78 -33.31 -8.63 -24.98
C ALA F 78 -32.93 -8.74 -23.51
N GLN F 79 -32.25 -7.71 -22.98
CA GLN F 79 -31.74 -7.71 -21.62
C GLN F 79 -32.87 -7.60 -20.60
N LEU F 80 -33.93 -6.84 -20.94
CA LEU F 80 -35.09 -6.77 -20.08
C LEU F 80 -35.71 -8.16 -19.96
N ILE F 81 -35.77 -8.89 -21.08
CA ILE F 81 -36.32 -10.24 -21.13
C ILE F 81 -35.46 -11.19 -20.30
N GLU F 82 -34.13 -11.07 -20.40
CA GLU F 82 -33.21 -11.88 -19.63
C GLU F 82 -33.36 -11.54 -18.14
N HIS F 83 -33.54 -10.25 -17.85
CA HIS F 83 -33.62 -9.74 -16.49
C HIS F 83 -34.84 -10.34 -15.78
N LEU F 84 -35.96 -10.44 -16.50
CA LEU F 84 -37.20 -10.88 -15.91
C LEU F 84 -37.47 -12.36 -16.20
N ASP F 85 -36.58 -12.98 -16.99
CA ASP F 85 -36.66 -14.37 -17.42
C ASP F 85 -38.04 -14.66 -18.02
N LEU F 86 -38.44 -13.83 -18.98
CA LEU F 86 -39.76 -13.92 -19.60
C LEU F 86 -39.79 -15.08 -20.60
N LYS F 87 -40.92 -15.79 -20.62
CA LYS F 87 -41.17 -16.83 -21.61
C LYS F 87 -42.57 -16.64 -22.17
N GLU F 88 -42.76 -17.02 -23.44
CA GLU F 88 -44.04 -16.91 -24.14
C GLU F 88 -44.49 -15.44 -24.13
N VAL F 89 -43.60 -14.55 -24.58
CA VAL F 89 -43.85 -13.11 -24.54
C VAL F 89 -44.61 -12.73 -25.80
N THR F 90 -45.58 -11.81 -25.64
CA THR F 90 -46.20 -11.16 -26.78
C THR F 90 -45.62 -9.76 -26.90
N LEU F 91 -44.92 -9.51 -28.01
CA LEU F 91 -44.31 -8.22 -28.26
C LEU F 91 -45.33 -7.34 -28.96
N VAL F 92 -45.53 -6.14 -28.39
CA VAL F 92 -46.41 -5.13 -28.97
C VAL F 92 -45.57 -3.87 -29.18
N GLY F 93 -45.52 -3.38 -30.42
CA GLY F 93 -44.75 -2.19 -30.74
C GLY F 93 -45.54 -1.14 -31.51
N PHE F 94 -45.48 0.11 -31.05
CA PHE F 94 -46.15 1.23 -31.71
C PHE F 94 -45.14 2.14 -32.38
N SER F 95 -45.47 2.60 -33.60
CA SER F 95 -44.70 3.59 -34.33
C SER F 95 -43.26 3.10 -34.53
N MET F 96 -42.27 3.84 -34.00
CA MET F 96 -40.87 3.49 -34.19
C MET F 96 -40.53 2.29 -33.32
N GLY F 97 -41.37 2.03 -32.32
CA GLY F 97 -41.20 0.93 -31.38
C GLY F 97 -41.59 -0.41 -31.99
N GLY F 98 -42.19 -0.36 -33.18
CA GLY F 98 -42.40 -1.56 -33.99
C GLY F 98 -41.07 -2.10 -34.52
N GLY F 99 -40.15 -1.17 -34.79
CA GLY F 99 -38.83 -1.48 -35.32
C GLY F 99 -37.98 -2.29 -34.36
N ASP F 100 -38.02 -1.96 -33.06
CA ASP F 100 -37.10 -2.59 -32.12
C ASP F 100 -37.58 -3.98 -31.72
N VAL F 101 -38.90 -4.19 -31.70
CA VAL F 101 -39.45 -5.51 -31.43
C VAL F 101 -39.13 -6.43 -32.61
N ALA F 102 -39.22 -5.89 -33.83
CA ALA F 102 -38.87 -6.62 -35.03
C ALA F 102 -37.38 -6.98 -34.99
N ARG F 103 -36.54 -6.00 -34.65
CA ARG F 103 -35.11 -6.17 -34.64
C ARG F 103 -34.69 -7.18 -33.56
N TYR F 104 -35.45 -7.21 -32.46
CA TYR F 104 -35.20 -8.17 -31.39
C TYR F 104 -35.31 -9.60 -31.92
N ILE F 105 -36.41 -9.90 -32.62
CA ILE F 105 -36.65 -11.23 -33.16
C ILE F 105 -35.55 -11.57 -34.16
N ALA F 106 -35.17 -10.56 -34.96
CA ALA F 106 -34.19 -10.70 -36.02
C ALA F 106 -32.83 -11.09 -35.46
N ARG F 107 -32.47 -10.53 -34.30
CA ARG F 107 -31.13 -10.65 -33.76
C ARG F 107 -31.04 -11.79 -32.75
N HIS F 108 -32.14 -12.06 -32.03
CA HIS F 108 -32.10 -12.99 -30.91
C HIS F 108 -32.99 -14.21 -31.17
N GLY F 109 -33.86 -14.14 -32.19
CA GLY F 109 -34.75 -15.25 -32.50
C GLY F 109 -36.00 -15.22 -31.63
N SER F 110 -36.88 -16.22 -31.82
CA SER F 110 -38.22 -16.15 -31.26
C SER F 110 -38.45 -17.27 -30.23
N ALA F 111 -37.37 -17.75 -29.62
CA ALA F 111 -37.42 -18.81 -28.62
C ALA F 111 -38.25 -18.38 -27.41
N ARG F 112 -38.37 -17.06 -27.20
CA ARG F 112 -39.05 -16.53 -26.02
C ARG F 112 -40.35 -15.82 -26.42
N VAL F 113 -40.68 -15.86 -27.72
CA VAL F 113 -41.75 -15.04 -28.28
C VAL F 113 -42.91 -15.94 -28.71
N ALA F 114 -44.12 -15.55 -28.30
CA ALA F 114 -45.35 -16.28 -28.62
C ALA F 114 -46.15 -15.55 -29.70
N GLY F 115 -46.00 -14.22 -29.77
CA GLY F 115 -46.73 -13.42 -30.75
C GLY F 115 -46.13 -12.03 -30.91
N LEU F 116 -46.51 -11.35 -32.00
CA LEU F 116 -46.05 -10.01 -32.31
C LEU F 116 -47.21 -9.15 -32.81
N VAL F 117 -47.30 -7.93 -32.29
CA VAL F 117 -48.30 -6.94 -32.69
C VAL F 117 -47.59 -5.65 -33.10
N LEU F 118 -47.83 -5.21 -34.34
CA LEU F 118 -47.27 -3.98 -34.87
C LEU F 118 -48.39 -2.95 -35.04
N LEU F 119 -48.29 -1.86 -34.25
CA LEU F 119 -49.31 -0.82 -34.18
C LEU F 119 -48.78 0.44 -34.85
N GLY F 120 -49.36 0.79 -36.01
CA GLY F 120 -48.94 1.93 -36.79
C GLY F 120 -47.42 2.01 -36.95
N ALA F 121 -46.79 0.86 -37.21
CA ALA F 121 -45.35 0.72 -37.10
C ALA F 121 -44.64 1.20 -38.37
N VAL F 122 -43.33 1.44 -38.23
CA VAL F 122 -42.49 1.98 -39.29
C VAL F 122 -42.00 0.84 -40.19
N THR F 123 -42.25 -0.41 -39.75
CA THR F 123 -41.90 -1.60 -40.51
C THR F 123 -42.74 -1.68 -41.78
N PRO F 124 -42.21 -2.18 -42.92
CA PRO F 124 -40.84 -2.71 -42.97
C PRO F 124 -39.77 -1.65 -43.24
N LEU F 125 -40.23 -0.45 -43.60
CA LEU F 125 -39.35 0.61 -44.08
C LEU F 125 -40.14 1.91 -44.17
N PHE F 126 -39.53 3.00 -43.70
CA PHE F 126 -40.21 4.28 -43.59
C PHE F 126 -39.70 5.21 -44.69
N GLY F 127 -38.40 5.49 -44.68
CA GLY F 127 -37.80 6.44 -45.60
C GLY F 127 -37.60 5.84 -46.99
N GLN F 128 -37.28 6.73 -47.94
CA GLN F 128 -37.04 6.39 -49.33
C GLN F 128 -35.65 5.74 -49.46
N LYS F 129 -35.55 4.77 -50.37
CA LYS F 129 -34.31 4.05 -50.66
C LYS F 129 -34.13 3.98 -52.17
N PRO F 130 -32.90 3.74 -52.69
CA PRO F 130 -32.68 3.49 -54.11
C PRO F 130 -33.58 2.39 -54.68
N ASP F 131 -33.84 1.35 -53.89
CA ASP F 131 -34.67 0.23 -54.32
C ASP F 131 -36.08 0.32 -53.72
N TYR F 132 -36.34 1.38 -52.95
CA TYR F 132 -37.66 1.61 -52.38
C TYR F 132 -38.08 3.07 -52.58
N PRO F 133 -38.39 3.50 -53.83
CA PRO F 133 -38.73 4.90 -54.10
C PRO F 133 -40.08 5.34 -53.55
N GLN F 134 -40.93 4.38 -53.16
CA GLN F 134 -42.30 4.70 -52.76
C GLN F 134 -42.33 5.26 -51.34
N GLY F 135 -41.22 5.09 -50.61
CA GLY F 135 -41.10 5.56 -49.23
C GLY F 135 -41.11 7.08 -49.14
N VAL F 136 -41.06 7.58 -47.90
CA VAL F 136 -41.07 9.01 -47.64
C VAL F 136 -39.69 9.59 -47.98
N PRO F 137 -39.61 10.66 -48.81
CA PRO F 137 -38.33 11.29 -49.13
C PRO F 137 -37.61 11.74 -47.86
N LEU F 138 -36.27 11.58 -47.85
CA LEU F 138 -35.46 11.77 -46.66
C LEU F 138 -35.48 13.24 -46.22
N ASP F 139 -35.76 14.15 -47.14
CA ASP F 139 -35.71 15.58 -46.86
C ASP F 139 -36.75 15.98 -45.83
N VAL F 140 -37.84 15.20 -45.74
CA VAL F 140 -38.88 15.39 -44.73
C VAL F 140 -38.26 15.24 -43.34
N PHE F 141 -37.44 14.19 -43.19
CA PHE F 141 -36.81 13.86 -41.93
C PHE F 141 -35.70 14.85 -41.60
N ALA F 142 -35.03 15.36 -42.65
CA ALA F 142 -34.01 16.39 -42.53
C ALA F 142 -34.62 17.66 -41.93
N ARG F 143 -35.81 18.04 -42.42
CA ARG F 143 -36.49 19.24 -41.98
C ARG F 143 -36.92 19.08 -40.52
N PHE F 144 -37.26 17.85 -40.13
CA PHE F 144 -37.56 17.52 -38.74
C PHE F 144 -36.38 17.88 -37.85
N LYS F 145 -35.18 17.42 -38.24
CA LYS F 145 -33.99 17.58 -37.42
C LYS F 145 -33.64 19.06 -37.30
N THR F 146 -33.76 19.80 -38.41
CA THR F 146 -33.49 21.23 -38.44
C THR F 146 -34.37 21.95 -37.42
N GLU F 147 -35.67 21.60 -37.39
CA GLU F 147 -36.62 22.24 -36.50
C GLU F 147 -36.37 21.82 -35.05
N LEU F 148 -35.99 20.55 -34.86
CA LEU F 148 -35.72 20.00 -33.53
C LEU F 148 -34.49 20.69 -32.92
N LEU F 149 -33.44 20.88 -33.72
CA LEU F 149 -32.21 21.46 -33.23
C LEU F 149 -32.35 22.97 -33.05
N LYS F 150 -33.57 23.48 -33.28
CA LYS F 150 -33.87 24.89 -33.03
C LYS F 150 -34.79 25.04 -31.82
N ASP F 151 -35.89 24.26 -31.80
CA ASP F 151 -36.89 24.39 -30.76
C ASP F 151 -37.75 23.12 -30.72
N ARG F 152 -37.27 22.10 -30.00
CA ARG F 152 -37.96 20.82 -29.98
C ARG F 152 -39.30 20.94 -29.27
N ALA F 153 -39.35 21.78 -28.22
CA ALA F 153 -40.55 21.91 -27.40
C ALA F 153 -41.74 22.40 -28.23
N GLN F 154 -41.53 23.42 -29.06
CA GLN F 154 -42.58 23.91 -29.93
C GLN F 154 -42.91 22.84 -30.97
N PHE F 155 -41.88 22.16 -31.49
CA PHE F 155 -42.04 21.12 -32.49
C PHE F 155 -43.00 20.05 -31.97
N ILE F 156 -42.71 19.52 -30.78
CA ILE F 156 -43.55 18.52 -30.13
C ILE F 156 -44.98 19.06 -30.02
N SER F 157 -45.11 20.31 -29.57
CA SER F 157 -46.41 20.91 -29.38
C SER F 157 -47.17 20.92 -30.70
N ASP F 158 -46.48 21.32 -31.78
CA ASP F 158 -47.08 21.41 -33.10
C ASP F 158 -47.42 20.02 -33.63
N PHE F 159 -46.67 19.01 -33.17
CA PHE F 159 -46.80 17.66 -33.70
C PHE F 159 -48.13 17.03 -33.27
N ASN F 160 -48.67 17.51 -32.15
CA ASN F 160 -49.89 16.97 -31.58
C ASN F 160 -51.01 16.93 -32.62
N ALA F 161 -51.09 17.98 -33.44
CA ALA F 161 -52.18 18.17 -34.38
C ALA F 161 -52.25 17.04 -35.40
N PRO F 162 -51.20 16.80 -36.23
CA PRO F 162 -51.22 15.69 -37.19
C PRO F 162 -51.08 14.31 -36.56
N PHE F 163 -50.52 14.24 -35.34
CA PHE F 163 -50.33 13.00 -34.62
C PHE F 163 -51.69 12.36 -34.30
N TYR F 164 -52.57 13.12 -33.63
CA TYR F 164 -53.86 12.62 -33.22
C TYR F 164 -54.90 12.87 -34.31
N GLY F 165 -54.51 13.64 -35.33
CA GLY F 165 -55.39 13.96 -36.44
C GLY F 165 -56.49 14.97 -36.05
N ILE F 166 -56.13 15.92 -35.19
CA ILE F 166 -57.04 16.96 -34.73
C ILE F 166 -57.44 17.83 -35.93
N ASN F 167 -56.49 18.05 -36.84
CA ASN F 167 -56.69 18.87 -38.02
C ASN F 167 -57.67 18.21 -38.99
N LYS F 168 -58.07 16.97 -38.68
CA LYS F 168 -59.01 16.23 -39.52
C LYS F 168 -60.20 15.74 -38.69
N GLY F 169 -60.49 16.46 -37.60
CA GLY F 169 -61.74 16.31 -36.87
C GLY F 169 -61.75 15.12 -35.90
N GLN F 170 -60.59 14.82 -35.30
CA GLN F 170 -60.55 13.92 -34.16
C GLN F 170 -60.70 14.77 -32.89
N VAL F 171 -61.27 14.17 -31.83
CA VAL F 171 -61.47 14.89 -30.58
C VAL F 171 -60.50 14.34 -29.54
N VAL F 172 -59.62 15.23 -29.08
CA VAL F 172 -58.61 14.91 -28.09
C VAL F 172 -58.56 16.08 -27.11
N SER F 173 -58.64 15.77 -25.81
CA SER F 173 -58.71 16.76 -24.74
C SER F 173 -57.42 17.55 -24.65
N CYS F 174 -57.52 18.76 -24.06
CA CYS F 174 -56.36 19.54 -23.66
C CYS F 174 -55.51 18.73 -22.69
N GLY F 175 -56.19 17.91 -21.88
CA GLY F 175 -55.54 17.04 -20.91
C GLY F 175 -54.50 16.13 -21.56
N VAL F 176 -54.94 15.37 -22.58
CA VAL F 176 -54.11 14.40 -23.27
C VAL F 176 -52.98 15.13 -24.00
N GLN F 177 -53.26 16.32 -24.52
CA GLN F 177 -52.29 17.10 -25.26
C GLN F 177 -51.19 17.59 -24.32
N THR F 178 -51.59 18.10 -23.14
CA THR F 178 -50.65 18.57 -22.13
C THR F 178 -49.80 17.41 -21.63
N GLN F 179 -50.43 16.23 -21.44
CA GLN F 179 -49.70 15.08 -20.96
C GLN F 179 -48.67 14.64 -22.00
N THR F 180 -49.08 14.66 -23.28
CA THR F 180 -48.22 14.23 -24.38
C THR F 180 -46.95 15.07 -24.39
N LEU F 181 -47.11 16.39 -24.27
CA LEU F 181 -46.00 17.33 -24.31
C LEU F 181 -45.14 17.19 -23.05
N GLN F 182 -45.79 16.95 -21.91
CA GLN F 182 -45.07 16.82 -20.64
C GLN F 182 -44.09 15.65 -20.73
N ILE F 183 -44.57 14.51 -21.25
CA ILE F 183 -43.80 13.28 -21.33
C ILE F 183 -42.62 13.46 -22.29
N ALA F 184 -42.87 14.16 -23.42
CA ALA F 184 -41.87 14.34 -24.46
C ALA F 184 -40.70 15.19 -23.95
N LEU F 185 -40.99 16.12 -23.04
CA LEU F 185 -40.00 17.07 -22.56
C LEU F 185 -39.03 16.40 -21.57
N LEU F 186 -39.40 15.24 -21.03
CA LEU F 186 -38.53 14.46 -20.17
C LEU F 186 -37.34 13.93 -20.98
N ALA F 187 -37.55 13.77 -22.29
CA ALA F 187 -36.61 13.09 -23.17
C ALA F 187 -35.41 13.99 -23.47
N SER F 188 -34.34 13.33 -23.96
CA SER F 188 -33.09 13.94 -24.40
C SER F 188 -33.25 14.50 -25.82
N LEU F 189 -32.66 15.67 -26.06
CA LEU F 189 -32.61 16.24 -27.38
C LEU F 189 -31.82 15.31 -28.31
N LYS F 190 -30.70 14.81 -27.80
CA LYS F 190 -29.81 13.95 -28.56
C LYS F 190 -30.57 12.74 -29.09
N ALA F 191 -31.30 12.04 -28.20
CA ALA F 191 -31.95 10.79 -28.55
C ALA F 191 -33.13 11.06 -29.47
N THR F 192 -33.83 12.18 -29.23
CA THR F 192 -34.94 12.63 -30.07
C THR F 192 -34.48 12.77 -31.53
N VAL F 193 -33.34 13.44 -31.71
CA VAL F 193 -32.80 13.72 -33.04
C VAL F 193 -32.24 12.44 -33.65
N ASP F 194 -31.54 11.64 -32.82
CA ASP F 194 -30.92 10.41 -33.29
C ASP F 194 -31.99 9.39 -33.71
N CYS F 195 -33.15 9.41 -33.05
CA CYS F 195 -34.22 8.47 -33.37
C CYS F 195 -34.77 8.74 -34.77
N VAL F 196 -34.81 10.02 -35.16
CA VAL F 196 -35.24 10.40 -36.50
C VAL F 196 -34.33 9.71 -37.53
N THR F 197 -33.02 9.78 -37.33
CA THR F 197 -32.08 9.14 -38.23
C THR F 197 -32.40 7.65 -38.31
N ALA F 198 -32.64 7.05 -37.14
CA ALA F 198 -32.84 5.61 -37.01
C ALA F 198 -34.12 5.17 -37.72
N PHE F 199 -35.24 5.87 -37.47
CA PHE F 199 -36.51 5.40 -38.01
C PHE F 199 -36.68 5.79 -39.47
N ALA F 200 -35.87 6.74 -39.95
CA ALA F 200 -35.92 7.15 -41.34
C ALA F 200 -35.18 6.15 -42.23
N GLU F 201 -34.04 5.64 -41.74
CA GLU F 201 -33.09 5.00 -42.63
C GLU F 201 -32.92 3.52 -42.34
N THR F 202 -33.45 3.03 -41.21
CA THR F 202 -33.30 1.61 -40.90
C THR F 202 -34.25 0.78 -41.76
N ASP F 203 -33.70 -0.33 -42.26
CA ASP F 203 -34.35 -1.23 -43.21
C ASP F 203 -34.71 -2.54 -42.49
N PHE F 204 -36.01 -2.81 -42.37
CA PHE F 204 -36.48 -3.98 -41.65
C PHE F 204 -36.97 -5.07 -42.60
N ARG F 205 -36.62 -4.94 -43.89
CA ARG F 205 -37.05 -5.90 -44.89
C ARG F 205 -36.48 -7.30 -44.59
N PRO F 206 -35.18 -7.44 -44.24
CA PRO F 206 -34.64 -8.72 -43.78
C PRO F 206 -35.35 -9.24 -42.53
N ASP F 207 -35.65 -8.33 -41.59
CA ASP F 207 -36.27 -8.71 -40.32
C ASP F 207 -37.59 -9.43 -40.57
N MET F 208 -38.32 -8.98 -41.60
CA MET F 208 -39.65 -9.48 -41.92
C MET F 208 -39.59 -10.98 -42.17
N ALA F 209 -38.54 -11.42 -42.90
CA ALA F 209 -38.36 -12.80 -43.29
C ALA F 209 -38.12 -13.71 -42.08
N LYS F 210 -37.61 -13.13 -40.97
CA LYS F 210 -37.17 -13.92 -39.84
C LYS F 210 -38.27 -14.04 -38.77
N ILE F 211 -39.40 -13.35 -38.98
CA ILE F 211 -40.50 -13.42 -38.04
C ILE F 211 -41.32 -14.68 -38.33
N ASP F 212 -41.31 -15.63 -37.39
CA ASP F 212 -41.97 -16.91 -37.54
C ASP F 212 -42.91 -17.16 -36.35
N VAL F 213 -43.63 -16.10 -35.94
CA VAL F 213 -44.63 -16.22 -34.89
C VAL F 213 -45.92 -15.61 -35.41
N PRO F 214 -47.10 -15.96 -34.84
CA PRO F 214 -48.35 -15.25 -35.12
C PRO F 214 -48.18 -13.74 -34.98
N THR F 215 -48.65 -13.00 -35.99
CA THR F 215 -48.47 -11.57 -36.04
C THR F 215 -49.81 -10.88 -36.33
N LEU F 216 -50.14 -9.87 -35.52
CA LEU F 216 -51.26 -8.98 -35.79
C LEU F 216 -50.71 -7.59 -36.10
N VAL F 217 -51.13 -7.04 -37.24
CA VAL F 217 -50.76 -5.69 -37.65
C VAL F 217 -52.02 -4.82 -37.64
N ILE F 218 -51.94 -3.66 -36.95
CA ILE F 218 -53.03 -2.71 -36.87
C ILE F 218 -52.54 -1.34 -37.33
N HIS F 219 -53.33 -0.69 -38.20
CA HIS F 219 -52.92 0.58 -38.79
C HIS F 219 -54.14 1.39 -39.21
N GLY F 220 -54.10 2.70 -38.94
CA GLY F 220 -55.14 3.63 -39.38
C GLY F 220 -54.89 4.13 -40.80
N ASP F 221 -55.97 4.28 -41.58
CA ASP F 221 -55.82 4.66 -42.98
C ASP F 221 -55.85 6.18 -43.13
N GLY F 222 -55.88 6.89 -41.99
CA GLY F 222 -55.81 8.34 -41.94
C GLY F 222 -54.51 8.84 -41.34
N ASP F 223 -53.59 7.88 -41.11
CA ASP F 223 -52.29 8.13 -40.51
C ASP F 223 -51.53 9.16 -41.34
N GLN F 224 -51.24 10.31 -40.72
CA GLN F 224 -50.57 11.42 -41.39
C GLN F 224 -49.06 11.30 -41.21
N ILE F 225 -48.63 10.45 -40.27
CA ILE F 225 -47.23 10.37 -39.86
C ILE F 225 -46.55 9.22 -40.60
N VAL F 226 -47.01 8.01 -40.32
CA VAL F 226 -46.47 6.79 -40.92
C VAL F 226 -47.47 6.29 -41.95
N PRO F 227 -47.18 6.42 -43.26
CA PRO F 227 -48.18 6.13 -44.31
C PRO F 227 -48.49 4.63 -44.39
N PHE F 228 -49.79 4.32 -44.31
CA PHE F 228 -50.29 2.95 -44.28
C PHE F 228 -49.83 2.18 -45.52
N GLU F 229 -49.98 2.81 -46.70
CA GLU F 229 -49.80 2.16 -48.00
C GLU F 229 -48.41 1.54 -48.12
N THR F 230 -47.41 2.16 -47.50
CA THR F 230 -46.03 1.76 -47.74
C THR F 230 -45.37 1.22 -46.47
N THR F 231 -46.16 1.03 -45.39
CA THR F 231 -45.64 0.46 -44.16
C THR F 231 -46.46 -0.74 -43.71
N GLY F 232 -47.47 -0.49 -42.88
CA GLY F 232 -48.32 -1.52 -42.29
C GLY F 232 -48.85 -2.53 -43.30
N LYS F 233 -49.33 -2.02 -44.44
CA LYS F 233 -49.91 -2.83 -45.50
C LYS F 233 -48.86 -3.84 -46.01
N VAL F 234 -47.65 -3.34 -46.24
CA VAL F 234 -46.58 -4.14 -46.85
C VAL F 234 -46.06 -5.15 -45.82
N ALA F 235 -46.04 -4.74 -44.55
CA ALA F 235 -45.57 -5.60 -43.46
C ALA F 235 -46.43 -6.84 -43.36
N ALA F 236 -47.74 -6.68 -43.55
CA ALA F 236 -48.71 -7.76 -43.45
C ALA F 236 -48.56 -8.73 -44.63
N GLU F 237 -48.05 -8.22 -45.76
CA GLU F 237 -47.78 -9.04 -46.93
C GLU F 237 -46.51 -9.86 -46.68
N LEU F 238 -45.48 -9.20 -46.13
CA LEU F 238 -44.14 -9.75 -46.08
C LEU F 238 -44.00 -10.74 -44.92
N ILE F 239 -44.86 -10.62 -43.90
CA ILE F 239 -44.78 -11.51 -42.75
C ILE F 239 -45.70 -12.71 -43.00
N LYS F 240 -45.08 -13.90 -42.97
CA LYS F 240 -45.77 -15.16 -43.16
C LYS F 240 -46.88 -15.25 -42.11
N GLY F 241 -48.13 -15.38 -42.60
CA GLY F 241 -49.28 -15.73 -41.78
C GLY F 241 -49.84 -14.56 -40.96
N ALA F 242 -49.39 -13.33 -41.29
CA ALA F 242 -49.79 -12.13 -40.55
C ALA F 242 -51.24 -11.79 -40.81
N GLU F 243 -51.89 -11.20 -39.80
CA GLU F 243 -53.27 -10.73 -39.89
C GLU F 243 -53.27 -9.21 -39.91
N LEU F 244 -54.18 -8.61 -40.70
CA LEU F 244 -54.27 -7.16 -40.81
C LEU F 244 -55.65 -6.66 -40.40
N LYS F 245 -55.67 -5.59 -39.60
CA LYS F 245 -56.86 -4.84 -39.26
C LYS F 245 -56.61 -3.36 -39.52
N VAL F 246 -57.54 -2.71 -40.23
CA VAL F 246 -57.40 -1.31 -40.59
C VAL F 246 -58.54 -0.52 -39.95
N TYR F 247 -58.17 0.44 -39.08
CA TYR F 247 -59.13 1.32 -38.42
C TYR F 247 -59.42 2.51 -39.34
N LYS F 248 -60.68 2.61 -39.77
CA LYS F 248 -61.14 3.58 -40.75
C LYS F 248 -60.92 5.01 -40.23
N ASP F 249 -60.17 5.79 -41.01
CA ASP F 249 -59.91 7.22 -40.79
C ASP F 249 -59.10 7.45 -39.52
N ALA F 250 -58.56 6.37 -38.94
CA ALA F 250 -57.83 6.46 -37.69
C ALA F 250 -56.49 7.14 -37.93
N PRO F 251 -56.00 7.97 -36.98
CA PRO F 251 -54.72 8.66 -37.14
C PRO F 251 -53.56 7.82 -36.60
N HIS F 252 -52.38 8.47 -36.48
CA HIS F 252 -51.19 7.81 -35.99
C HIS F 252 -51.38 7.40 -34.53
N GLY F 253 -51.74 8.38 -33.68
CA GLY F 253 -51.90 8.11 -32.25
C GLY F 253 -53.26 7.50 -31.95
N PHE F 254 -53.54 6.35 -32.57
CA PHE F 254 -54.84 5.72 -32.47
C PHE F 254 -55.00 5.02 -31.11
N ALA F 255 -53.88 4.81 -30.40
CA ALA F 255 -53.90 4.25 -29.06
C ALA F 255 -54.71 5.13 -28.11
N VAL F 256 -54.94 6.39 -28.52
CA VAL F 256 -55.73 7.34 -27.73
C VAL F 256 -57.15 7.40 -28.30
N THR F 257 -57.26 7.68 -29.60
CA THR F 257 -58.55 7.94 -30.25
C THR F 257 -59.39 6.66 -30.32
N HIS F 258 -58.73 5.52 -30.51
CA HIS F 258 -59.40 4.24 -30.67
C HIS F 258 -58.97 3.28 -29.55
N ALA F 259 -59.00 3.77 -28.31
CA ALA F 259 -58.41 3.08 -27.17
C ALA F 259 -59.17 1.80 -26.85
N GLN F 260 -60.51 1.86 -26.90
CA GLN F 260 -61.36 0.72 -26.59
C GLN F 260 -61.18 -0.38 -27.65
N GLN F 261 -61.20 0.03 -28.92
CA GLN F 261 -61.09 -0.89 -30.04
C GLN F 261 -59.77 -1.64 -29.99
N LEU F 262 -58.69 -0.94 -29.63
CA LEU F 262 -57.36 -1.53 -29.55
C LEU F 262 -57.29 -2.53 -28.40
N ASN F 263 -57.82 -2.14 -27.24
CA ASN F 263 -57.89 -3.00 -26.07
C ASN F 263 -58.50 -4.35 -26.45
N GLU F 264 -59.65 -4.31 -27.12
CA GLU F 264 -60.41 -5.50 -27.47
C GLU F 264 -59.64 -6.37 -28.45
N ASP F 265 -59.00 -5.73 -29.43
CA ASP F 265 -58.25 -6.43 -30.47
C ASP F 265 -57.03 -7.13 -29.85
N LEU F 266 -56.41 -6.50 -28.84
CA LEU F 266 -55.26 -7.09 -28.18
C LEU F 266 -55.69 -8.31 -27.35
N LEU F 267 -56.87 -8.21 -26.73
CA LEU F 267 -57.36 -9.31 -25.91
C LEU F 267 -57.69 -10.51 -26.79
N ALA F 268 -58.45 -10.25 -27.86
CA ALA F 268 -58.87 -11.28 -28.80
C ALA F 268 -57.66 -12.01 -29.39
N PHE F 269 -56.56 -11.26 -29.62
CA PHE F 269 -55.35 -11.83 -30.19
C PHE F 269 -54.70 -12.78 -29.19
N LEU F 270 -54.60 -12.35 -27.93
CA LEU F 270 -53.97 -13.14 -26.88
C LEU F 270 -54.79 -14.40 -26.61
N LYS F 271 -56.03 -14.44 -27.13
CA LYS F 271 -56.95 -15.54 -26.91
C LYS F 271 -57.16 -16.30 -28.22
N ARG F 272 -56.09 -16.49 -29.00
CA ARG F 272 -56.17 -17.14 -30.30
C ARG F 272 -56.73 -18.55 -30.16
N GLY F 273 -56.21 -19.30 -29.17
CA GLY F 273 -56.48 -20.72 -29.00
C GLY F 273 -57.96 -21.05 -29.08
N SER G 2 -11.12 -12.82 32.06
CA SER G 2 -9.76 -12.38 31.66
C SER G 2 -9.21 -13.34 30.60
N CYS G 3 -8.33 -12.81 29.75
CA CYS G 3 -7.66 -13.62 28.75
C CYS G 3 -6.31 -13.00 28.38
N PHE G 4 -5.43 -13.85 27.81
CA PHE G 4 -4.18 -13.43 27.21
C PHE G 4 -4.01 -14.14 25.87
N VAL G 5 -3.12 -13.58 25.03
CA VAL G 5 -2.86 -14.10 23.70
C VAL G 5 -1.53 -14.85 23.74
N ALA G 6 -1.57 -16.14 23.41
CA ALA G 6 -0.37 -16.96 23.29
C ALA G 6 0.39 -16.55 22.02
N LYS G 7 1.69 -16.90 21.98
CA LYS G 7 2.60 -16.52 20.91
C LYS G 7 2.01 -16.83 19.53
N ASP G 8 1.18 -17.89 19.42
CA ASP G 8 0.65 -18.30 18.14
C ASP G 8 -0.71 -17.64 17.87
N GLY G 9 -1.16 -16.79 18.79
CA GLY G 9 -2.37 -16.00 18.59
C GLY G 9 -3.60 -16.59 19.27
N THR G 10 -3.41 -17.75 19.91
CA THR G 10 -4.49 -18.40 20.65
C THR G 10 -4.86 -17.56 21.87
N GLN G 11 -6.16 -17.28 22.02
CA GLN G 11 -6.66 -16.60 23.20
C GLN G 11 -7.05 -17.64 24.25
N ILE G 12 -6.50 -17.47 25.47
CA ILE G 12 -6.71 -18.36 26.59
C ILE G 12 -7.49 -17.62 27.67
N TYR G 13 -8.62 -18.20 28.09
CA TYR G 13 -9.42 -17.66 29.18
C TYR G 13 -8.85 -18.15 30.51
N PHE G 14 -8.76 -17.22 31.48
CA PHE G 14 -8.35 -17.56 32.84
C PHE G 14 -9.15 -16.77 33.87
N LYS G 15 -9.14 -17.30 35.10
CA LYS G 15 -9.67 -16.63 36.28
C LYS G 15 -8.50 -16.24 37.19
N ASP G 16 -8.63 -15.07 37.84
CA ASP G 16 -7.60 -14.54 38.71
C ASP G 16 -8.28 -13.98 39.96
N TRP G 17 -8.25 -14.76 41.04
CA TRP G 17 -9.05 -14.47 42.23
C TRP G 17 -8.16 -14.16 43.42
N GLY G 18 -8.61 -13.21 44.24
CA GLY G 18 -8.04 -12.94 45.56
C GLY G 18 -6.62 -12.39 45.48
N SER G 19 -5.94 -12.38 46.63
CA SER G 19 -4.57 -11.90 46.72
C SER G 19 -3.80 -12.68 47.78
N GLY G 20 -2.46 -12.57 47.73
CA GLY G 20 -1.55 -13.38 48.51
C GLY G 20 -0.69 -14.24 47.58
N LYS G 21 -0.09 -15.30 48.15
CA LYS G 21 0.74 -16.21 47.38
C LYS G 21 -0.11 -16.90 46.31
N PRO G 22 0.39 -17.03 45.07
CA PRO G 22 -0.40 -17.60 43.98
C PRO G 22 -0.43 -19.12 43.99
N VAL G 23 -1.57 -19.67 43.55
CA VAL G 23 -1.74 -21.11 43.33
C VAL G 23 -2.39 -21.28 41.95
N LEU G 24 -1.66 -21.94 41.04
CA LEU G 24 -2.05 -22.07 39.64
C LEU G 24 -2.54 -23.48 39.36
N PHE G 25 -3.76 -23.58 38.83
CA PHE G 25 -4.44 -24.86 38.65
C PHE G 25 -4.50 -25.23 37.17
N SER G 26 -4.19 -26.50 36.89
CA SER G 26 -4.20 -27.04 35.54
C SER G 26 -5.20 -28.21 35.47
N HIS G 27 -6.29 -27.98 34.73
CA HIS G 27 -7.44 -28.86 34.74
C HIS G 27 -7.18 -30.12 33.93
N GLY G 28 -8.09 -31.10 34.07
CA GLY G 28 -7.97 -32.39 33.40
C GLY G 28 -8.63 -32.42 32.04
N TRP G 29 -8.67 -33.61 31.44
CA TRP G 29 -9.22 -33.85 30.11
C TRP G 29 -10.73 -33.66 30.14
N LEU G 30 -11.26 -32.92 29.16
CA LEU G 30 -12.68 -32.73 28.93
C LEU G 30 -13.24 -31.59 29.78
N LEU G 31 -12.45 -31.09 30.74
CA LEU G 31 -12.95 -30.13 31.70
C LEU G 31 -12.51 -28.72 31.31
N ASP G 32 -12.59 -27.79 32.28
CA ASP G 32 -12.03 -26.45 32.17
C ASP G 32 -11.69 -25.96 33.56
N ALA G 33 -11.58 -24.63 33.74
CA ALA G 33 -11.17 -24.04 34.99
C ALA G 33 -12.32 -24.05 36.02
N ASP G 34 -13.47 -24.64 35.65
CA ASP G 34 -14.61 -24.64 36.55
C ASP G 34 -14.58 -25.87 37.45
N MET G 35 -13.65 -26.81 37.19
CA MET G 35 -13.50 -27.96 38.07
C MET G 35 -12.74 -27.55 39.34
N TRP G 36 -12.32 -26.28 39.38
CA TRP G 36 -11.46 -25.78 40.44
C TRP G 36 -12.22 -24.81 41.35
N GLU G 37 -13.51 -24.60 41.04
CA GLU G 37 -14.27 -23.48 41.59
C GLU G 37 -14.30 -23.54 43.12
N TYR G 38 -14.41 -24.75 43.68
CA TYR G 38 -14.53 -24.91 45.13
C TYR G 38 -13.18 -24.73 45.81
N GLN G 39 -12.13 -25.32 45.21
CA GLN G 39 -10.76 -25.23 45.70
C GLN G 39 -10.27 -23.80 45.61
N MET G 40 -10.82 -23.05 44.64
CA MET G 40 -10.42 -21.67 44.40
C MET G 40 -11.07 -20.73 45.41
N GLU G 41 -12.34 -20.99 45.74
CA GLU G 41 -13.06 -20.17 46.70
C GLU G 41 -12.54 -20.46 48.10
N TYR G 42 -12.12 -21.71 48.33
CA TYR G 42 -11.63 -22.16 49.64
C TYR G 42 -10.32 -21.47 49.98
N LEU G 43 -9.42 -21.36 48.99
CA LEU G 43 -8.08 -20.86 49.22
C LEU G 43 -8.08 -19.33 49.20
N SER G 44 -8.81 -18.73 48.26
CA SER G 44 -8.80 -17.28 48.11
C SER G 44 -9.51 -16.58 49.27
N SER G 45 -10.41 -17.31 49.93
CA SER G 45 -11.06 -16.79 51.13
C SER G 45 -10.10 -16.82 52.31
N ARG G 46 -9.03 -17.61 52.19
CA ARG G 46 -8.08 -17.82 53.27
C ARG G 46 -6.71 -17.25 52.89
N GLY G 47 -6.72 -16.14 52.15
CA GLY G 47 -5.57 -15.27 51.98
C GLY G 47 -4.60 -15.71 50.89
N TYR G 48 -5.08 -16.54 49.94
CA TYR G 48 -4.26 -17.01 48.84
C TYR G 48 -4.86 -16.58 47.51
N ARG G 49 -3.98 -16.25 46.55
CA ARG G 49 -4.38 -15.87 45.20
C ARG G 49 -4.47 -17.13 44.34
N THR G 50 -5.64 -17.36 43.74
CA THR G 50 -5.87 -18.57 42.95
C THR G 50 -6.08 -18.19 41.48
N ILE G 51 -5.46 -19.01 40.60
CA ILE G 51 -5.42 -18.75 39.17
C ILE G 51 -5.67 -20.07 38.42
N ALA G 52 -6.74 -20.09 37.62
CA ALA G 52 -7.09 -21.25 36.79
C ALA G 52 -7.42 -20.80 35.37
N PHE G 53 -6.91 -21.56 34.40
CA PHE G 53 -7.04 -21.21 32.99
C PHE G 53 -7.73 -22.34 32.23
N ASP G 54 -8.38 -21.99 31.12
CA ASP G 54 -8.93 -22.96 30.20
C ASP G 54 -7.86 -23.29 29.16
N ARG G 55 -7.47 -24.57 29.10
CA ARG G 55 -6.50 -25.06 28.12
C ARG G 55 -7.03 -24.81 26.72
N ARG G 56 -6.13 -24.44 25.80
CA ARG G 56 -6.48 -24.22 24.40
C ARG G 56 -7.33 -25.39 23.91
N GLY G 57 -8.46 -25.05 23.28
CA GLY G 57 -9.39 -26.01 22.73
C GLY G 57 -10.47 -26.44 23.71
N PHE G 58 -10.46 -25.83 24.90
CA PHE G 58 -11.37 -26.21 25.98
C PHE G 58 -12.03 -24.96 26.55
N GLY G 59 -13.20 -25.17 27.19
CA GLY G 59 -13.94 -24.12 27.87
C GLY G 59 -14.17 -22.89 26.99
N ARG G 60 -13.69 -21.74 27.48
CA ARG G 60 -13.96 -20.45 26.85
C ARG G 60 -12.74 -19.97 26.09
N SER G 61 -11.77 -20.87 25.85
CA SER G 61 -10.57 -20.53 25.11
C SER G 61 -10.82 -20.70 23.61
N ASP G 62 -9.88 -20.21 22.79
CA ASP G 62 -9.89 -20.45 21.36
C ASP G 62 -9.66 -21.93 21.09
N GLN G 63 -10.02 -22.37 19.88
CA GLN G 63 -9.90 -23.76 19.48
C GLN G 63 -9.02 -23.85 18.23
N PRO G 64 -7.67 -23.71 18.37
CA PRO G 64 -6.77 -23.81 17.22
C PRO G 64 -6.54 -25.25 16.75
N TRP G 65 -6.18 -25.39 15.47
CA TRP G 65 -5.91 -26.67 14.84
C TRP G 65 -4.56 -27.21 15.31
N THR G 66 -3.66 -26.29 15.67
CA THR G 66 -2.26 -26.63 15.92
C THR G 66 -1.94 -26.47 17.42
N GLY G 67 -0.89 -27.17 17.87
CA GLY G 67 -0.30 -26.95 19.16
C GLY G 67 -1.01 -27.70 20.30
N ASN G 68 -1.78 -28.73 19.95
CA ASN G 68 -2.45 -29.57 20.93
C ASN G 68 -1.47 -30.65 21.42
N ASP G 69 -0.42 -30.20 22.11
CA ASP G 69 0.65 -31.05 22.58
C ASP G 69 1.21 -30.46 23.87
N TYR G 70 1.99 -31.26 24.60
CA TYR G 70 2.45 -30.91 25.94
C TYR G 70 3.42 -29.72 25.91
N ASP G 71 4.33 -29.70 24.93
CA ASP G 71 5.32 -28.63 24.83
C ASP G 71 4.61 -27.28 24.76
N THR G 72 3.57 -27.18 23.91
CA THR G 72 2.79 -25.96 23.73
C THR G 72 1.98 -25.65 24.98
N PHE G 73 1.39 -26.69 25.59
CA PHE G 73 0.59 -26.57 26.80
C PHE G 73 1.41 -25.93 27.90
N ALA G 74 2.69 -26.32 27.98
CA ALA G 74 3.62 -25.83 28.98
C ALA G 74 3.99 -24.38 28.67
N ASP G 75 4.24 -24.10 27.39
CA ASP G 75 4.59 -22.76 26.93
C ASP G 75 3.44 -21.79 27.21
N ASP G 76 2.21 -22.31 27.15
CA ASP G 76 1.00 -21.55 27.46
C ASP G 76 1.04 -21.12 28.92
N ILE G 77 1.31 -22.08 29.80
CA ILE G 77 1.39 -21.85 31.23
C ILE G 77 2.50 -20.85 31.53
N ALA G 78 3.64 -21.00 30.84
CA ALA G 78 4.78 -20.12 30.99
C ALA G 78 4.37 -18.68 30.71
N GLN G 79 3.55 -18.48 29.66
CA GLN G 79 3.13 -17.16 29.23
C GLN G 79 2.14 -16.55 30.21
N LEU G 80 1.23 -17.37 30.75
CA LEU G 80 0.29 -16.91 31.75
C LEU G 80 1.06 -16.35 32.95
N ILE G 81 2.11 -17.08 33.35
CA ILE G 81 2.95 -16.70 34.48
C ILE G 81 3.65 -15.38 34.19
N GLU G 82 4.19 -15.22 32.98
CA GLU G 82 4.88 -14.01 32.56
C GLU G 82 3.91 -12.83 32.51
N HIS G 83 2.67 -13.11 32.11
CA HIS G 83 1.63 -12.11 31.91
C HIS G 83 1.25 -11.49 33.24
N LEU G 84 1.32 -12.30 34.30
CA LEU G 84 0.87 -11.91 35.64
C LEU G 84 2.07 -11.67 36.55
N ASP G 85 3.27 -11.91 36.01
CA ASP G 85 4.55 -11.72 36.71
C ASP G 85 4.49 -12.38 38.09
N LEU G 86 4.21 -13.69 38.09
CA LEU G 86 3.95 -14.45 39.30
C LEU G 86 5.27 -14.98 39.88
N LYS G 87 5.37 -14.93 41.21
CA LYS G 87 6.50 -15.47 41.95
C LYS G 87 5.97 -16.37 43.07
N GLU G 88 6.80 -17.35 43.47
CA GLU G 88 6.46 -18.36 44.46
C GLU G 88 5.11 -19.00 44.13
N VAL G 89 5.04 -19.67 42.97
CA VAL G 89 3.79 -20.23 42.49
C VAL G 89 3.69 -21.68 42.95
N THR G 90 2.48 -22.09 43.35
CA THR G 90 2.21 -23.49 43.64
C THR G 90 1.37 -24.07 42.50
N LEU G 91 1.98 -24.96 41.72
CA LEU G 91 1.33 -25.55 40.55
C LEU G 91 0.54 -26.78 41.00
N VAL G 92 -0.75 -26.77 40.67
CA VAL G 92 -1.64 -27.89 40.95
C VAL G 92 -2.15 -28.45 39.62
N GLY G 93 -1.85 -29.72 39.37
CA GLY G 93 -2.25 -30.38 38.13
C GLY G 93 -3.09 -31.64 38.39
N PHE G 94 -4.20 -31.77 37.66
CA PHE G 94 -5.08 -32.92 37.75
C PHE G 94 -5.12 -33.66 36.41
N SER G 95 -5.07 -34.99 36.47
CA SER G 95 -5.18 -35.86 35.30
C SER G 95 -4.11 -35.50 34.28
N MET G 96 -4.51 -35.22 33.03
CA MET G 96 -3.55 -34.88 31.99
C MET G 96 -2.94 -33.50 32.27
N GLY G 97 -3.62 -32.74 33.14
CA GLY G 97 -3.16 -31.43 33.56
C GLY G 97 -1.99 -31.49 34.53
N GLY G 98 -1.67 -32.71 35.01
CA GLY G 98 -0.47 -32.92 35.79
C GLY G 98 0.77 -32.91 34.88
N GLY G 99 0.56 -33.31 33.62
CA GLY G 99 1.62 -33.41 32.64
C GLY G 99 2.21 -32.05 32.26
N ASP G 100 1.33 -31.06 32.06
CA ASP G 100 1.75 -29.78 31.53
C ASP G 100 2.44 -28.92 32.60
N VAL G 101 2.01 -29.07 33.86
CA VAL G 101 2.65 -28.34 34.96
C VAL G 101 4.07 -28.86 35.15
N ALA G 102 4.24 -30.16 34.96
CA ALA G 102 5.54 -30.82 35.04
C ALA G 102 6.41 -30.38 33.86
N ARG G 103 5.84 -30.48 32.65
CA ARG G 103 6.54 -30.12 31.42
C ARG G 103 7.04 -28.68 31.51
N TYR G 104 6.22 -27.81 32.12
CA TYR G 104 6.60 -26.42 32.36
C TYR G 104 7.94 -26.36 33.09
N ILE G 105 8.03 -27.05 34.23
CA ILE G 105 9.21 -27.04 35.07
C ILE G 105 10.41 -27.54 34.27
N ALA G 106 10.20 -28.61 33.48
CA ALA G 106 11.28 -29.28 32.78
C ALA G 106 11.79 -28.42 31.62
N ARG G 107 10.99 -27.45 31.18
CA ARG G 107 11.32 -26.65 30.01
C ARG G 107 11.78 -25.24 30.39
N HIS G 108 11.24 -24.69 31.48
CA HIS G 108 11.47 -23.29 31.80
C HIS G 108 12.22 -23.12 33.12
N GLY G 109 12.54 -24.24 33.77
CA GLY G 109 13.17 -24.21 35.08
C GLY G 109 12.12 -24.00 36.18
N SER G 110 12.57 -23.70 37.39
CA SER G 110 11.66 -23.65 38.53
C SER G 110 11.94 -22.44 39.42
N ALA G 111 12.41 -21.35 38.80
CA ALA G 111 12.81 -20.15 39.52
C ALA G 111 11.59 -19.39 40.03
N ARG G 112 10.42 -19.72 39.52
CA ARG G 112 9.20 -18.99 39.85
C ARG G 112 8.27 -19.85 40.70
N VAL G 113 8.59 -21.15 40.83
CA VAL G 113 7.68 -22.10 41.44
C VAL G 113 8.23 -22.58 42.78
N ALA G 114 7.35 -22.58 43.80
CA ALA G 114 7.69 -22.91 45.17
C ALA G 114 7.31 -24.36 45.49
N GLY G 115 6.22 -24.85 44.89
CA GLY G 115 5.74 -26.20 45.14
C GLY G 115 4.92 -26.76 43.98
N LEU G 116 4.70 -28.08 44.00
CA LEU G 116 3.97 -28.77 42.94
C LEU G 116 3.07 -29.85 43.54
N VAL G 117 1.80 -29.86 43.10
CA VAL G 117 0.84 -30.86 43.52
C VAL G 117 0.32 -31.61 42.30
N LEU G 118 0.51 -32.93 42.31
CA LEU G 118 0.03 -33.81 41.24
C LEU G 118 -1.17 -34.60 41.74
N LEU G 119 -2.33 -34.36 41.10
CA LEU G 119 -3.58 -34.99 41.47
C LEU G 119 -3.98 -35.99 40.38
N GLY G 120 -4.05 -37.27 40.75
CA GLY G 120 -4.45 -38.34 39.85
C GLY G 120 -3.80 -38.20 38.48
N ALA G 121 -2.57 -37.67 38.47
CA ALA G 121 -1.91 -37.24 37.25
C ALA G 121 -1.43 -38.45 36.45
N VAL G 122 -1.22 -38.23 35.15
CA VAL G 122 -0.76 -39.23 34.20
C VAL G 122 0.74 -39.44 34.34
N THR G 123 1.39 -38.56 35.10
CA THR G 123 2.82 -38.62 35.37
C THR G 123 3.14 -39.88 36.18
N PRO G 124 4.28 -40.57 35.89
CA PRO G 124 5.25 -40.10 34.89
C PRO G 124 4.97 -40.56 33.47
N LEU G 125 4.09 -41.56 33.32
CA LEU G 125 3.85 -42.19 32.04
C LEU G 125 2.57 -43.02 32.12
N PHE G 126 1.65 -42.75 31.17
CA PHE G 126 0.33 -43.36 31.15
C PHE G 126 0.35 -44.57 30.23
N GLY G 127 0.79 -44.36 28.98
CA GLY G 127 0.72 -45.39 27.96
C GLY G 127 1.88 -46.37 28.03
N GLN G 128 1.68 -47.53 27.39
CA GLN G 128 2.67 -48.59 27.28
C GLN G 128 3.79 -48.14 26.34
N LYS G 129 5.01 -48.59 26.63
CA LYS G 129 6.19 -48.28 25.85
C LYS G 129 7.01 -49.55 25.64
N PRO G 130 8.03 -49.54 24.75
CA PRO G 130 9.01 -50.62 24.68
C PRO G 130 9.72 -50.89 26.02
N ASP G 131 9.99 -49.83 26.78
CA ASP G 131 10.69 -49.96 28.05
C ASP G 131 9.79 -49.55 29.21
N TYR G 132 8.49 -49.82 29.08
CA TYR G 132 7.51 -49.61 30.14
C TYR G 132 6.27 -50.45 29.86
N PRO G 133 6.38 -51.80 29.88
CA PRO G 133 5.26 -52.67 29.48
C PRO G 133 4.08 -52.68 30.45
N GLN G 134 4.31 -52.20 31.68
CA GLN G 134 3.30 -52.22 32.73
C GLN G 134 2.25 -51.14 32.48
N GLY G 135 2.55 -50.19 31.58
CA GLY G 135 1.66 -49.10 31.25
C GLY G 135 0.38 -49.59 30.58
N VAL G 136 -0.53 -48.66 30.30
CA VAL G 136 -1.80 -49.00 29.68
C VAL G 136 -1.55 -49.21 28.18
N PRO G 137 -1.96 -50.37 27.61
CA PRO G 137 -1.76 -50.65 26.19
C PRO G 137 -2.37 -49.57 25.33
N LEU G 138 -1.74 -49.28 24.18
CA LEU G 138 -2.09 -48.12 23.37
C LEU G 138 -3.43 -48.31 22.65
N ASP G 139 -3.82 -49.57 22.44
CA ASP G 139 -5.02 -49.90 21.69
C ASP G 139 -6.28 -49.51 22.47
N VAL G 140 -6.10 -49.22 23.76
CA VAL G 140 -7.17 -48.70 24.61
C VAL G 140 -7.47 -47.27 24.22
N PHE G 141 -6.40 -46.50 23.93
CA PHE G 141 -6.51 -45.09 23.59
C PHE G 141 -6.98 -44.93 22.15
N ALA G 142 -6.61 -45.90 21.30
CA ALA G 142 -7.05 -45.93 19.91
C ALA G 142 -8.56 -46.14 19.83
N ARG G 143 -9.11 -46.93 20.75
CA ARG G 143 -10.55 -47.16 20.81
C ARG G 143 -11.26 -45.88 21.25
N PHE G 144 -10.62 -45.11 22.13
CA PHE G 144 -11.13 -43.82 22.55
C PHE G 144 -11.32 -42.92 21.33
N LYS G 145 -10.26 -42.77 20.53
CA LYS G 145 -10.28 -41.90 19.36
C LYS G 145 -11.34 -42.36 18.37
N THR G 146 -11.48 -43.69 18.22
CA THR G 146 -12.46 -44.25 17.30
C THR G 146 -13.86 -43.78 17.66
N GLU G 147 -14.19 -43.82 18.97
CA GLU G 147 -15.52 -43.48 19.47
C GLU G 147 -15.71 -41.97 19.44
N LEU G 148 -14.65 -41.22 19.78
CA LEU G 148 -14.67 -39.76 19.82
C LEU G 148 -14.92 -39.20 18.42
N LEU G 149 -14.39 -39.87 17.39
CA LEU G 149 -14.55 -39.41 16.02
C LEU G 149 -15.89 -39.86 15.44
N LYS G 150 -16.65 -40.64 16.22
CA LYS G 150 -17.98 -41.08 15.83
C LYS G 150 -19.04 -40.25 16.54
N ASP G 151 -18.97 -40.23 17.89
CA ASP G 151 -19.96 -39.56 18.72
C ASP G 151 -19.32 -39.23 20.07
N ARG G 152 -18.72 -38.05 20.17
CA ARG G 152 -17.97 -37.67 21.36
C ARG G 152 -18.93 -37.25 22.48
N ALA G 153 -20.09 -36.71 22.11
CA ALA G 153 -21.05 -36.21 23.08
C ALA G 153 -21.54 -37.35 23.97
N GLN G 154 -21.80 -38.51 23.35
CA GLN G 154 -22.28 -39.68 24.07
C GLN G 154 -21.15 -40.29 24.86
N PHE G 155 -19.92 -40.20 24.32
CA PHE G 155 -18.75 -40.75 24.97
C PHE G 155 -18.54 -40.08 26.32
N ILE G 156 -18.65 -38.74 26.34
CA ILE G 156 -18.46 -37.96 27.55
C ILE G 156 -19.54 -38.35 28.58
N SER G 157 -20.76 -38.54 28.08
CA SER G 157 -21.90 -38.89 28.90
C SER G 157 -21.66 -40.23 29.60
N ASP G 158 -21.10 -41.19 28.85
CA ASP G 158 -20.81 -42.53 29.34
C ASP G 158 -19.57 -42.51 30.23
N PHE G 159 -18.70 -41.53 30.01
CA PHE G 159 -17.41 -41.42 30.68
C PHE G 159 -17.60 -41.04 32.15
N ASN G 160 -18.76 -40.47 32.48
CA ASN G 160 -19.05 -39.97 33.81
C ASN G 160 -19.04 -41.10 34.84
N ALA G 161 -19.50 -42.29 34.42
CA ALA G 161 -19.63 -43.43 35.32
C ALA G 161 -18.27 -43.85 35.87
N PRO G 162 -17.29 -44.26 35.04
CA PRO G 162 -15.98 -44.68 35.55
C PRO G 162 -15.14 -43.56 36.13
N PHE G 163 -15.36 -42.34 35.63
CA PHE G 163 -14.66 -41.14 36.06
C PHE G 163 -14.95 -40.88 37.54
N TYR G 164 -16.24 -40.77 37.88
CA TYR G 164 -16.65 -40.43 39.24
C TYR G 164 -16.83 -41.68 40.09
N GLY G 165 -16.78 -42.86 39.45
CA GLY G 165 -16.86 -44.14 40.14
C GLY G 165 -18.28 -44.48 40.60
N ILE G 166 -19.28 -44.03 39.82
CA ILE G 166 -20.68 -44.24 40.13
C ILE G 166 -20.98 -45.74 40.07
N ASN G 167 -20.26 -46.45 39.20
CA ASN G 167 -20.45 -47.88 38.99
C ASN G 167 -19.81 -48.68 40.13
N LYS G 168 -19.25 -47.99 41.13
CA LYS G 168 -18.60 -48.62 42.25
C LYS G 168 -19.23 -48.17 43.57
N GLY G 169 -20.33 -47.42 43.48
CA GLY G 169 -21.11 -47.04 44.64
C GLY G 169 -20.73 -45.67 45.21
N GLN G 170 -20.18 -44.79 44.35
CA GLN G 170 -19.94 -43.41 44.72
C GLN G 170 -21.19 -42.60 44.41
N VAL G 171 -21.52 -41.64 45.29
CA VAL G 171 -22.73 -40.85 45.14
C VAL G 171 -22.36 -39.47 44.60
N VAL G 172 -22.94 -39.11 43.45
CA VAL G 172 -22.72 -37.83 42.81
C VAL G 172 -23.99 -37.42 42.07
N SER G 173 -24.43 -36.18 42.30
CA SER G 173 -25.72 -35.68 41.85
C SER G 173 -25.79 -35.56 40.33
N CYS G 174 -27.02 -35.50 39.82
CA CYS G 174 -27.29 -35.29 38.40
C CYS G 174 -26.89 -33.87 38.02
N GLY G 175 -26.92 -32.96 38.99
CA GLY G 175 -26.47 -31.60 38.81
C GLY G 175 -25.02 -31.54 38.32
N VAL G 176 -24.14 -32.30 38.99
CA VAL G 176 -22.72 -32.32 38.68
C VAL G 176 -22.49 -33.00 37.33
N GLN G 177 -23.27 -34.06 37.06
CA GLN G 177 -23.11 -34.83 35.83
C GLN G 177 -23.53 -33.99 34.63
N THR G 178 -24.63 -33.23 34.79
CA THR G 178 -25.11 -32.32 33.76
C THR G 178 -24.08 -31.23 33.53
N GLN G 179 -23.48 -30.75 34.64
CA GLN G 179 -22.45 -29.71 34.58
C GLN G 179 -21.23 -30.24 33.82
N THR G 180 -20.80 -31.46 34.15
CA THR G 180 -19.61 -32.05 33.56
C THR G 180 -19.76 -32.07 32.04
N LEU G 181 -20.90 -32.61 31.58
CA LEU G 181 -21.17 -32.79 30.17
C LEU G 181 -21.25 -31.44 29.46
N GLN G 182 -21.85 -30.45 30.11
CA GLN G 182 -22.02 -29.13 29.52
C GLN G 182 -20.65 -28.50 29.23
N ILE G 183 -19.72 -28.66 30.18
CA ILE G 183 -18.38 -28.09 30.08
C ILE G 183 -17.61 -28.76 28.94
N ALA G 184 -17.76 -30.09 28.84
CA ALA G 184 -17.00 -30.87 27.88
C ALA G 184 -17.44 -30.57 26.45
N LEU G 185 -18.72 -30.18 26.29
CA LEU G 185 -19.30 -29.91 24.99
C LEU G 185 -18.77 -28.60 24.41
N LEU G 186 -18.23 -27.72 25.27
CA LEU G 186 -17.70 -26.44 24.84
C LEU G 186 -16.39 -26.65 24.07
N ALA G 187 -15.73 -27.79 24.34
CA ALA G 187 -14.42 -28.09 23.80
C ALA G 187 -14.49 -28.41 22.31
N SER G 188 -13.33 -28.31 21.65
CA SER G 188 -13.09 -28.68 20.27
C SER G 188 -12.99 -30.20 20.15
N LEU G 189 -13.58 -30.75 19.07
CA LEU G 189 -13.41 -32.16 18.75
C LEU G 189 -11.93 -32.46 18.53
N LYS G 190 -11.25 -31.52 17.85
CA LYS G 190 -9.87 -31.70 17.46
C LYS G 190 -8.97 -31.75 18.69
N ALA G 191 -9.22 -30.85 19.65
CA ALA G 191 -8.41 -30.76 20.84
C ALA G 191 -8.63 -32.00 21.72
N THR G 192 -9.88 -32.47 21.76
CA THR G 192 -10.29 -33.62 22.56
C THR G 192 -9.52 -34.86 22.10
N VAL G 193 -9.46 -35.05 20.77
CA VAL G 193 -8.88 -36.24 20.17
C VAL G 193 -7.36 -36.16 20.25
N ASP G 194 -6.80 -34.97 20.04
CA ASP G 194 -5.36 -34.75 20.08
C ASP G 194 -4.80 -34.97 21.48
N CYS G 195 -5.58 -34.63 22.51
CA CYS G 195 -5.13 -34.74 23.89
C CYS G 195 -4.90 -36.20 24.26
N VAL G 196 -5.74 -37.09 23.71
CA VAL G 196 -5.58 -38.52 23.89
C VAL G 196 -4.17 -38.91 23.45
N THR G 197 -3.81 -38.55 22.22
CA THR G 197 -2.50 -38.80 21.64
C THR G 197 -1.41 -38.31 22.60
N ALA G 198 -1.62 -37.12 23.18
CA ALA G 198 -0.63 -36.47 24.01
C ALA G 198 -0.43 -37.24 25.32
N PHE G 199 -1.51 -37.48 26.07
CA PHE G 199 -1.39 -38.04 27.40
C PHE G 199 -1.06 -39.54 27.37
N ALA G 200 -1.40 -40.19 26.25
CA ALA G 200 -1.13 -41.61 26.08
C ALA G 200 0.34 -41.85 25.74
N GLU G 201 0.96 -40.93 24.99
CA GLU G 201 2.23 -41.20 24.35
C GLU G 201 3.38 -40.36 24.91
N THR G 202 3.07 -39.28 25.65
CA THR G 202 4.12 -38.43 26.19
C THR G 202 4.76 -39.07 27.41
N ASP G 203 6.11 -39.08 27.42
CA ASP G 203 6.93 -39.65 28.47
C ASP G 203 7.46 -38.52 29.36
N PHE G 204 7.14 -38.58 30.65
CA PHE G 204 7.48 -37.54 31.62
C PHE G 204 8.55 -38.03 32.59
N ARG G 205 9.18 -39.17 32.28
CA ARG G 205 10.22 -39.74 33.13
C ARG G 205 11.44 -38.82 33.21
N PRO G 206 11.92 -38.22 32.09
CA PRO G 206 12.98 -37.21 32.15
C PRO G 206 12.58 -36.01 33.01
N ASP G 207 11.31 -35.58 32.88
CA ASP G 207 10.78 -34.42 33.57
C ASP G 207 10.90 -34.61 35.08
N MET G 208 10.70 -35.87 35.53
CA MET G 208 10.65 -36.21 36.94
C MET G 208 11.94 -35.79 37.63
N ALA G 209 13.07 -36.05 36.96
CA ALA G 209 14.40 -35.83 37.52
C ALA G 209 14.75 -34.34 37.53
N LYS G 210 13.86 -33.51 36.97
CA LYS G 210 14.13 -32.08 36.84
C LYS G 210 13.37 -31.29 37.90
N ILE G 211 12.48 -31.97 38.62
CA ILE G 211 11.64 -31.35 39.65
C ILE G 211 12.42 -31.31 40.96
N ASP G 212 12.64 -30.09 41.48
CA ASP G 212 13.50 -29.90 42.64
C ASP G 212 12.80 -29.05 43.70
N VAL G 213 11.45 -29.04 43.66
CA VAL G 213 10.68 -28.30 44.64
C VAL G 213 9.93 -29.30 45.52
N PRO G 214 9.43 -28.91 46.71
CA PRO G 214 8.52 -29.76 47.48
C PRO G 214 7.31 -30.16 46.64
N THR G 215 7.01 -31.46 46.61
CA THR G 215 5.97 -32.00 45.74
C THR G 215 5.00 -32.86 46.55
N LEU G 216 3.71 -32.67 46.28
CA LEU G 216 2.66 -33.47 46.90
C LEU G 216 1.91 -34.24 45.81
N VAL G 217 1.89 -35.57 45.96
CA VAL G 217 1.21 -36.45 45.02
C VAL G 217 0.01 -37.06 45.73
N ILE G 218 -1.19 -36.83 45.15
CA ILE G 218 -2.43 -37.38 45.66
C ILE G 218 -3.11 -38.16 44.56
N HIS G 219 -3.63 -39.35 44.91
CA HIS G 219 -4.21 -40.28 43.95
C HIS G 219 -5.10 -41.26 44.70
N GLY G 220 -6.26 -41.60 44.12
CA GLY G 220 -7.14 -42.60 44.68
C GLY G 220 -6.76 -44.00 44.21
N ASP G 221 -6.93 -45.00 45.09
CA ASP G 221 -6.55 -46.37 44.77
C ASP G 221 -7.70 -47.09 44.06
N GLY G 222 -8.81 -46.38 43.83
CA GLY G 222 -9.94 -46.90 43.09
C GLY G 222 -10.11 -46.19 41.75
N ASP G 223 -8.99 -45.65 41.24
CA ASP G 223 -8.96 -44.84 40.03
C ASP G 223 -9.08 -45.74 38.81
N GLN G 224 -10.22 -45.63 38.11
CA GLN G 224 -10.54 -46.52 37.00
C GLN G 224 -9.92 -46.01 35.70
N ILE G 225 -9.54 -44.73 35.68
CA ILE G 225 -9.10 -44.05 34.46
C ILE G 225 -7.57 -44.09 34.39
N VAL G 226 -6.92 -43.44 35.37
CA VAL G 226 -5.48 -43.42 35.46
C VAL G 226 -5.06 -44.34 36.60
N PRO G 227 -4.48 -45.54 36.31
CA PRO G 227 -4.13 -46.49 37.37
C PRO G 227 -2.99 -46.00 38.25
N PHE G 228 -3.24 -45.99 39.58
CA PHE G 228 -2.31 -45.48 40.57
C PHE G 228 -0.99 -46.26 40.54
N GLU G 229 -1.09 -47.57 40.30
CA GLU G 229 0.04 -48.48 40.42
C GLU G 229 1.18 -48.06 39.49
N THR G 230 0.84 -47.55 38.31
CA THR G 230 1.82 -47.31 37.27
C THR G 230 1.98 -45.82 36.97
N THR G 231 1.38 -44.95 37.80
CA THR G 231 1.48 -43.52 37.62
C THR G 231 1.90 -42.85 38.93
N GLY G 232 0.91 -42.37 39.70
CA GLY G 232 1.13 -41.58 40.89
C GLY G 232 2.11 -42.21 41.88
N LYS G 233 2.03 -43.54 42.03
CA LYS G 233 2.91 -44.30 42.90
C LYS G 233 4.36 -44.10 42.47
N VAL G 234 4.61 -44.30 41.17
CA VAL G 234 5.95 -44.21 40.60
C VAL G 234 6.40 -42.75 40.58
N ALA G 235 5.43 -41.84 40.48
CA ALA G 235 5.71 -40.41 40.42
C ALA G 235 6.29 -39.94 41.75
N ALA G 236 5.77 -40.50 42.85
CA ALA G 236 6.17 -40.11 44.19
C ALA G 236 7.55 -40.66 44.53
N GLU G 237 7.95 -41.73 43.85
CA GLU G 237 9.26 -42.36 44.04
C GLU G 237 10.32 -41.55 43.32
N LEU G 238 10.05 -41.21 42.05
CA LEU G 238 11.05 -40.64 41.16
C LEU G 238 11.30 -39.15 41.47
N ILE G 239 10.30 -38.49 42.06
CA ILE G 239 10.48 -37.11 42.50
C ILE G 239 11.10 -37.12 43.90
N LYS G 240 12.20 -36.37 44.07
CA LYS G 240 12.96 -36.33 45.29
C LYS G 240 12.27 -35.41 46.30
N GLY G 241 12.11 -35.92 47.53
CA GLY G 241 11.48 -35.18 48.61
C GLY G 241 9.96 -35.06 48.42
N ALA G 242 9.38 -36.03 47.70
CA ALA G 242 7.96 -36.04 47.40
C ALA G 242 7.18 -36.66 48.54
N GLU G 243 5.95 -36.17 48.74
CA GLU G 243 5.00 -36.73 49.70
C GLU G 243 3.87 -37.41 48.93
N LEU G 244 3.36 -38.53 49.48
CA LEU G 244 2.29 -39.29 48.86
C LEU G 244 1.14 -39.45 49.84
N LYS G 245 -0.08 -39.18 49.36
CA LYS G 245 -1.29 -39.45 50.11
C LYS G 245 -2.27 -40.20 49.21
N VAL G 246 -2.78 -41.33 49.71
CA VAL G 246 -3.73 -42.16 48.99
C VAL G 246 -5.09 -42.09 49.69
N TYR G 247 -6.09 -41.61 48.95
CA TYR G 247 -7.47 -41.62 49.40
C TYR G 247 -8.06 -43.00 49.12
N LYS G 248 -8.70 -43.58 50.14
CA LYS G 248 -9.17 -44.97 50.08
C LYS G 248 -10.45 -45.06 49.26
N ASP G 249 -10.42 -45.92 48.23
CA ASP G 249 -11.55 -46.26 47.38
C ASP G 249 -12.01 -45.05 46.58
N ALA G 250 -11.10 -44.09 46.38
CA ALA G 250 -11.44 -42.83 45.72
C ALA G 250 -11.34 -43.00 44.20
N PRO G 251 -12.25 -42.36 43.43
CA PRO G 251 -12.21 -42.43 41.96
C PRO G 251 -11.26 -41.42 41.34
N HIS G 252 -11.36 -41.26 40.03
CA HIS G 252 -10.47 -40.37 39.28
C HIS G 252 -10.85 -38.91 39.55
N GLY G 253 -12.15 -38.62 39.55
CA GLY G 253 -12.64 -37.28 39.80
C GLY G 253 -12.91 -37.04 41.29
N PHE G 254 -11.86 -37.13 42.10
CA PHE G 254 -11.99 -37.03 43.54
C PHE G 254 -12.05 -35.57 43.96
N ALA G 255 -11.82 -34.66 43.00
CA ALA G 255 -11.97 -33.22 43.21
C ALA G 255 -13.41 -32.91 43.61
N VAL G 256 -14.33 -33.82 43.26
CA VAL G 256 -15.75 -33.67 43.53
C VAL G 256 -16.13 -34.51 44.75
N THR G 257 -15.82 -35.81 44.69
CA THR G 257 -16.26 -36.77 45.68
C THR G 257 -15.58 -36.54 47.03
N HIS G 258 -14.30 -36.15 46.99
CA HIS G 258 -13.50 -35.96 48.20
C HIS G 258 -13.06 -34.49 48.30
N ALA G 259 -13.99 -33.58 48.01
CA ALA G 259 -13.72 -32.16 47.90
C ALA G 259 -13.12 -31.62 49.21
N GLN G 260 -13.81 -31.88 50.33
CA GLN G 260 -13.42 -31.29 51.61
C GLN G 260 -12.02 -31.75 52.00
N GLN G 261 -11.77 -33.06 51.89
CA GLN G 261 -10.50 -33.65 52.27
C GLN G 261 -9.37 -33.03 51.46
N LEU G 262 -9.65 -32.71 50.19
CA LEU G 262 -8.66 -32.18 49.27
C LEU G 262 -8.34 -30.72 49.60
N ASN G 263 -9.38 -29.94 49.93
CA ASN G 263 -9.23 -28.53 50.25
C ASN G 263 -8.26 -28.36 51.41
N GLU G 264 -8.36 -29.27 52.40
CA GLU G 264 -7.56 -29.20 53.61
C GLU G 264 -6.12 -29.59 53.32
N ASP G 265 -5.93 -30.66 52.53
CA ASP G 265 -4.60 -31.13 52.19
C ASP G 265 -3.83 -30.05 51.43
N LEU G 266 -4.52 -29.38 50.49
CA LEU G 266 -3.94 -28.31 49.69
C LEU G 266 -3.56 -27.14 50.58
N LEU G 267 -4.40 -26.83 51.56
CA LEU G 267 -4.16 -25.75 52.51
C LEU G 267 -2.97 -26.10 53.39
N ALA G 268 -2.90 -27.37 53.82
CA ALA G 268 -1.88 -27.86 54.73
C ALA G 268 -0.51 -27.85 54.05
N PHE G 269 -0.50 -28.09 52.74
CA PHE G 269 0.74 -28.09 51.97
C PHE G 269 1.25 -26.66 51.79
N LEU G 270 0.31 -25.71 51.70
CA LEU G 270 0.65 -24.30 51.54
C LEU G 270 1.18 -23.74 52.86
N LYS G 271 0.87 -24.42 53.97
CA LYS G 271 1.25 -23.95 55.29
C LYS G 271 2.43 -24.75 55.84
N ARG G 272 3.28 -25.26 54.93
CA ARG G 272 4.47 -25.98 55.34
C ARG G 272 5.60 -24.98 55.64
N SER H 2 -11.88 -17.43 16.66
CA SER H 2 -11.60 -16.10 16.05
C SER H 2 -12.92 -15.34 15.87
N CYS H 3 -12.82 -14.09 15.44
CA CYS H 3 -13.99 -13.29 15.12
C CYS H 3 -13.62 -12.16 14.16
N PHE H 4 -14.65 -11.56 13.54
CA PHE H 4 -14.48 -10.33 12.77
C PHE H 4 -15.68 -9.42 13.00
N VAL H 5 -15.51 -8.14 12.64
CA VAL H 5 -16.55 -7.14 12.78
C VAL H 5 -17.20 -6.93 11.41
N ALA H 6 -18.52 -7.14 11.35
CA ALA H 6 -19.30 -6.87 10.16
C ALA H 6 -19.63 -5.38 10.09
N LYS H 7 -20.22 -4.95 8.97
CA LYS H 7 -20.37 -3.55 8.62
C LYS H 7 -21.10 -2.78 9.72
N ASP H 8 -22.12 -3.40 10.34
CA ASP H 8 -22.98 -2.74 11.30
C ASP H 8 -22.46 -2.92 12.73
N GLY H 9 -21.24 -3.47 12.86
CA GLY H 9 -20.59 -3.57 14.16
C GLY H 9 -20.78 -4.93 14.83
N THR H 10 -21.45 -5.86 14.16
CA THR H 10 -21.72 -7.19 14.71
C THR H 10 -20.44 -8.03 14.68
N GLN H 11 -20.14 -8.65 15.82
CA GLN H 11 -18.99 -9.54 15.94
C GLN H 11 -19.41 -10.97 15.61
N ILE H 12 -18.75 -11.56 14.60
CA ILE H 12 -19.02 -12.89 14.12
C ILE H 12 -17.87 -13.81 14.54
N TYR H 13 -18.19 -14.86 15.31
CA TYR H 13 -17.23 -15.89 15.69
C TYR H 13 -17.02 -16.85 14.51
N PHE H 14 -15.78 -17.32 14.34
CA PHE H 14 -15.50 -18.35 13.37
C PHE H 14 -14.29 -19.19 13.79
N LYS H 15 -14.19 -20.40 13.21
CA LYS H 15 -13.03 -21.27 13.33
C LYS H 15 -12.33 -21.37 11.98
N ASP H 16 -11.00 -21.39 12.00
CA ASP H 16 -10.16 -21.53 10.82
C ASP H 16 -9.14 -22.65 11.10
N TRP H 17 -9.36 -23.82 10.47
CA TRP H 17 -8.57 -25.01 10.74
C TRP H 17 -7.78 -25.44 9.50
N GLY H 18 -6.49 -25.75 9.70
CA GLY H 18 -5.69 -26.45 8.70
C GLY H 18 -5.16 -25.54 7.60
N SER H 19 -4.64 -26.16 6.55
CA SER H 19 -4.07 -25.46 5.40
C SER H 19 -4.46 -26.17 4.11
N GLY H 20 -4.41 -25.44 3.00
CA GLY H 20 -4.85 -25.94 1.71
C GLY H 20 -6.00 -25.09 1.17
N LYS H 21 -6.64 -25.57 0.10
CA LYS H 21 -7.78 -24.88 -0.49
C LYS H 21 -8.85 -24.72 0.58
N PRO H 22 -9.54 -23.55 0.64
CA PRO H 22 -10.50 -23.28 1.71
C PRO H 22 -11.89 -23.82 1.45
N VAL H 23 -12.46 -24.45 2.49
CA VAL H 23 -13.85 -24.88 2.47
C VAL H 23 -14.59 -24.11 3.55
N LEU H 24 -15.63 -23.36 3.14
CA LEU H 24 -16.34 -22.46 4.05
C LEU H 24 -17.75 -23.00 4.32
N PHE H 25 -18.04 -23.23 5.61
CA PHE H 25 -19.26 -23.90 6.03
C PHE H 25 -20.25 -22.89 6.61
N SER H 26 -21.51 -23.01 6.18
CA SER H 26 -22.61 -22.21 6.68
C SER H 26 -23.66 -23.13 7.30
N HIS H 27 -23.84 -23.01 8.62
CA HIS H 27 -24.67 -23.93 9.39
C HIS H 27 -26.15 -23.63 9.18
N GLY H 28 -26.99 -24.53 9.72
CA GLY H 28 -28.44 -24.41 9.60
C GLY H 28 -29.07 -23.74 10.81
N TRP H 29 -30.40 -23.68 10.80
CA TRP H 29 -31.21 -23.04 11.81
C TRP H 29 -31.00 -23.74 13.16
N LEU H 30 -30.86 -22.93 14.22
CA LEU H 30 -30.79 -23.37 15.61
C LEU H 30 -29.38 -23.85 15.99
N LEU H 31 -28.52 -24.06 14.99
CA LEU H 31 -27.23 -24.69 15.24
C LEU H 31 -26.14 -23.62 15.28
N ASP H 32 -24.88 -24.05 15.22
CA ASP H 32 -23.74 -23.16 15.07
C ASP H 32 -22.63 -23.87 14.31
N ALA H 33 -21.40 -23.34 14.38
CA ALA H 33 -20.28 -23.86 13.61
C ALA H 33 -19.82 -25.21 14.14
N ASP H 34 -20.39 -25.64 15.28
CA ASP H 34 -20.01 -26.90 15.89
C ASP H 34 -20.66 -28.07 15.16
N MET H 35 -21.75 -27.82 14.42
CA MET H 35 -22.46 -28.89 13.72
C MET H 35 -21.53 -29.52 12.68
N TRP H 36 -20.42 -28.83 12.39
CA TRP H 36 -19.55 -29.16 11.27
C TRP H 36 -18.31 -29.90 11.74
N GLU H 37 -18.23 -30.14 13.05
CA GLU H 37 -16.96 -30.47 13.68
C GLU H 37 -16.32 -31.71 13.03
N TYR H 38 -17.14 -32.70 12.67
CA TYR H 38 -16.66 -33.96 12.12
C TYR H 38 -16.19 -33.76 10.68
N GLN H 39 -16.94 -32.97 9.90
CA GLN H 39 -16.59 -32.68 8.53
C GLN H 39 -15.26 -31.94 8.49
N MET H 40 -15.09 -31.00 9.42
CA MET H 40 -13.95 -30.11 9.45
C MET H 40 -12.68 -30.88 9.81
N GLU H 41 -12.77 -31.75 10.82
CA GLU H 41 -11.63 -32.55 11.23
C GLU H 41 -11.23 -33.48 10.10
N TYR H 42 -12.23 -34.03 9.40
CA TYR H 42 -12.02 -35.00 8.33
C TYR H 42 -11.25 -34.37 7.17
N LEU H 43 -11.65 -33.16 6.79
CA LEU H 43 -11.07 -32.49 5.62
C LEU H 43 -9.73 -31.86 5.95
N SER H 44 -9.59 -31.30 7.16
CA SER H 44 -8.38 -30.60 7.53
C SER H 44 -7.23 -31.55 7.78
N SER H 45 -7.54 -32.82 8.09
CA SER H 45 -6.48 -33.79 8.25
C SER H 45 -6.20 -34.50 6.93
N ARG H 46 -6.90 -34.06 5.86
CA ARG H 46 -6.73 -34.62 4.52
C ARG H 46 -6.43 -33.52 3.51
N GLY H 47 -5.84 -32.41 3.98
CA GLY H 47 -5.17 -31.46 3.11
C GLY H 47 -5.99 -30.21 2.75
N TYR H 48 -7.06 -29.92 3.51
CA TYR H 48 -7.92 -28.79 3.21
C TYR H 48 -8.01 -27.85 4.40
N ARG H 49 -8.27 -26.57 4.09
CA ARG H 49 -8.48 -25.56 5.10
C ARG H 49 -9.99 -25.41 5.32
N THR H 50 -10.44 -25.61 6.56
CA THR H 50 -11.85 -25.58 6.87
C THR H 50 -12.17 -24.35 7.71
N ILE H 51 -13.24 -23.64 7.30
CA ILE H 51 -13.70 -22.44 7.97
C ILE H 51 -15.20 -22.58 8.21
N ALA H 52 -15.63 -22.20 9.41
CA ALA H 52 -17.04 -22.22 9.79
C ALA H 52 -17.30 -21.08 10.78
N PHE H 53 -18.38 -20.33 10.52
CA PHE H 53 -18.71 -19.17 11.32
C PHE H 53 -20.03 -19.44 12.03
N ASP H 54 -20.25 -18.76 13.15
CA ASP H 54 -21.56 -18.69 13.77
C ASP H 54 -22.31 -17.52 13.14
N ARG H 55 -23.44 -17.82 12.48
CA ARG H 55 -24.29 -16.79 11.90
C ARG H 55 -24.64 -15.76 12.97
N ARG H 56 -24.80 -14.50 12.55
CA ARG H 56 -25.23 -13.46 13.47
C ARG H 56 -26.49 -13.92 14.21
N GLY H 57 -26.42 -13.90 15.54
CA GLY H 57 -27.55 -14.23 16.40
C GLY H 57 -27.53 -15.69 16.88
N PHE H 58 -26.50 -16.44 16.48
CA PHE H 58 -26.39 -17.84 16.87
C PHE H 58 -25.04 -18.11 17.51
N GLY H 59 -24.99 -19.17 18.31
CA GLY H 59 -23.75 -19.65 18.91
C GLY H 59 -23.03 -18.57 19.72
N ARG H 60 -21.77 -18.33 19.34
CA ARG H 60 -20.88 -17.46 20.10
C ARG H 60 -20.81 -16.09 19.45
N SER H 61 -21.71 -15.81 18.50
CA SER H 61 -21.70 -14.52 17.82
C SER H 61 -22.54 -13.49 18.58
N ASP H 62 -22.41 -12.22 18.19
CA ASP H 62 -23.25 -11.14 18.69
C ASP H 62 -24.69 -11.37 18.26
N GLN H 63 -25.62 -10.68 18.93
CA GLN H 63 -27.05 -10.92 18.72
C GLN H 63 -27.76 -9.62 18.33
N PRO H 64 -27.52 -9.08 17.11
CA PRO H 64 -28.13 -7.81 16.71
C PRO H 64 -29.62 -7.95 16.42
N TRP H 65 -30.33 -6.82 16.52
CA TRP H 65 -31.77 -6.75 16.32
C TRP H 65 -32.08 -6.71 14.83
N THR H 66 -31.21 -6.03 14.06
CA THR H 66 -31.43 -5.80 12.63
C THR H 66 -30.47 -6.66 11.82
N GLY H 67 -30.77 -6.78 10.52
CA GLY H 67 -29.91 -7.47 9.56
C GLY H 67 -30.07 -8.98 9.58
N ASN H 68 -31.19 -9.46 10.13
CA ASN H 68 -31.48 -10.89 10.19
C ASN H 68 -32.24 -11.30 8.93
N ASP H 69 -31.59 -11.08 7.78
CA ASP H 69 -32.16 -11.34 6.46
C ASP H 69 -31.05 -11.88 5.57
N TYR H 70 -31.44 -12.45 4.42
CA TYR H 70 -30.49 -13.17 3.57
C TYR H 70 -29.51 -12.24 2.87
N ASP H 71 -29.92 -10.99 2.60
CA ASP H 71 -29.02 -10.03 1.97
C ASP H 71 -27.85 -9.71 2.91
N THR H 72 -28.14 -9.62 4.21
CA THR H 72 -27.13 -9.30 5.21
C THR H 72 -26.26 -10.52 5.49
N PHE H 73 -26.90 -11.71 5.56
CA PHE H 73 -26.21 -12.97 5.81
C PHE H 73 -25.13 -13.19 4.75
N ALA H 74 -25.50 -12.91 3.49
CA ALA H 74 -24.62 -13.04 2.33
C ALA H 74 -23.45 -12.07 2.44
N ASP H 75 -23.74 -10.84 2.88
CA ASP H 75 -22.74 -9.80 3.06
C ASP H 75 -21.78 -10.15 4.20
N ASP H 76 -22.27 -10.85 5.22
CA ASP H 76 -21.42 -11.35 6.29
C ASP H 76 -20.38 -12.31 5.71
N ILE H 77 -20.85 -13.22 4.83
CA ILE H 77 -19.98 -14.18 4.17
C ILE H 77 -18.93 -13.44 3.33
N ALA H 78 -19.37 -12.39 2.63
CA ALA H 78 -18.48 -11.59 1.78
C ALA H 78 -17.37 -10.96 2.62
N GLN H 79 -17.72 -10.50 3.82
CA GLN H 79 -16.78 -9.84 4.71
C GLN H 79 -15.80 -10.85 5.30
N LEU H 80 -16.30 -12.04 5.66
CA LEU H 80 -15.44 -13.12 6.15
C LEU H 80 -14.41 -13.51 5.08
N ILE H 81 -14.87 -13.64 3.83
CA ILE H 81 -13.99 -13.97 2.72
C ILE H 81 -12.93 -12.87 2.56
N GLU H 82 -13.37 -11.61 2.66
CA GLU H 82 -12.46 -10.48 2.45
C GLU H 82 -11.52 -10.35 3.65
N HIS H 83 -11.99 -10.73 4.84
CA HIS H 83 -11.19 -10.71 6.05
C HIS H 83 -10.01 -11.67 5.91
N LEU H 84 -10.29 -12.88 5.42
CA LEU H 84 -9.26 -13.92 5.35
C LEU H 84 -8.56 -13.89 3.99
N ASP H 85 -9.03 -13.00 3.10
CA ASP H 85 -8.51 -12.85 1.75
C ASP H 85 -8.49 -14.21 1.04
N LEU H 86 -9.69 -14.80 0.88
CA LEU H 86 -9.81 -16.16 0.39
C LEU H 86 -9.96 -16.16 -1.13
N LYS H 87 -9.45 -17.23 -1.76
CA LYS H 87 -9.64 -17.52 -3.17
C LYS H 87 -9.88 -19.03 -3.31
N GLU H 88 -10.65 -19.39 -4.35
CA GLU H 88 -10.96 -20.77 -4.70
C GLU H 88 -11.73 -21.44 -3.56
N VAL H 89 -12.69 -20.71 -2.99
CA VAL H 89 -13.47 -21.18 -1.86
C VAL H 89 -14.51 -22.18 -2.36
N THR H 90 -14.70 -23.25 -1.58
CA THR H 90 -15.82 -24.16 -1.75
C THR H 90 -16.84 -23.85 -0.66
N LEU H 91 -17.99 -23.29 -1.07
CA LEU H 91 -19.05 -22.92 -0.17
C LEU H 91 -19.91 -24.15 0.11
N VAL H 92 -20.13 -24.44 1.40
CA VAL H 92 -20.97 -25.56 1.81
C VAL H 92 -22.03 -25.05 2.78
N GLY H 93 -23.30 -25.18 2.38
CA GLY H 93 -24.42 -24.71 3.19
C GLY H 93 -25.37 -25.83 3.56
N PHE H 94 -25.79 -25.86 4.83
CA PHE H 94 -26.77 -26.83 5.28
C PHE H 94 -28.08 -26.12 5.61
N SER H 95 -29.20 -26.76 5.23
CA SER H 95 -30.52 -26.26 5.59
C SER H 95 -30.65 -24.80 5.14
N MET H 96 -30.95 -23.88 6.07
CA MET H 96 -31.14 -22.49 5.71
C MET H 96 -29.82 -21.86 5.27
N GLY H 97 -28.71 -22.51 5.63
CA GLY H 97 -27.37 -22.02 5.32
C GLY H 97 -27.03 -22.19 3.84
N GLY H 98 -27.86 -22.95 3.11
CA GLY H 98 -27.75 -23.04 1.67
C GLY H 98 -28.20 -21.75 0.99
N GLY H 99 -29.09 -21.01 1.66
CA GLY H 99 -29.61 -19.75 1.17
C GLY H 99 -28.56 -18.64 1.12
N ASP H 100 -27.73 -18.53 2.17
CA ASP H 100 -26.81 -17.41 2.25
C ASP H 100 -25.61 -17.60 1.31
N VAL H 101 -25.18 -18.85 1.11
CA VAL H 101 -24.08 -19.13 0.20
C VAL H 101 -24.52 -18.84 -1.23
N ALA H 102 -25.79 -19.14 -1.54
CA ALA H 102 -26.33 -18.90 -2.87
C ALA H 102 -26.51 -17.40 -3.08
N ARG H 103 -27.01 -16.71 -2.05
CA ARG H 103 -27.26 -15.28 -2.11
C ARG H 103 -25.92 -14.54 -2.21
N TYR H 104 -24.87 -15.11 -1.60
CA TYR H 104 -23.54 -14.55 -1.70
C TYR H 104 -23.08 -14.51 -3.16
N ILE H 105 -23.25 -15.63 -3.88
CA ILE H 105 -22.82 -15.73 -5.25
C ILE H 105 -23.66 -14.79 -6.11
N ALA H 106 -24.94 -14.63 -5.76
CA ALA H 106 -25.86 -13.81 -6.52
C ALA H 106 -25.46 -12.34 -6.42
N ARG H 107 -25.04 -11.91 -5.22
CA ARG H 107 -24.75 -10.51 -4.94
C ARG H 107 -23.32 -10.16 -5.35
N HIS H 108 -22.37 -11.05 -5.08
CA HIS H 108 -20.95 -10.71 -5.12
C HIS H 108 -20.25 -11.38 -6.31
N GLY H 109 -20.86 -12.43 -6.87
CA GLY H 109 -20.27 -13.17 -7.97
C GLY H 109 -19.31 -14.25 -7.49
N SER H 110 -18.69 -14.96 -8.44
CA SER H 110 -18.00 -16.20 -8.11
C SER H 110 -16.50 -16.10 -8.39
N ALA H 111 -15.97 -14.88 -8.38
CA ALA H 111 -14.57 -14.64 -8.70
C ALA H 111 -13.65 -15.28 -7.65
N ARG H 112 -14.17 -15.54 -6.45
CA ARG H 112 -13.37 -16.11 -5.38
C ARG H 112 -13.86 -17.52 -5.04
N VAL H 113 -14.81 -18.01 -5.83
CA VAL H 113 -15.50 -19.26 -5.52
C VAL H 113 -15.10 -20.32 -6.54
N ALA H 114 -14.80 -21.53 -6.05
CA ALA H 114 -14.42 -22.64 -6.89
C ALA H 114 -15.58 -23.60 -7.09
N GLY H 115 -16.44 -23.72 -6.07
CA GLY H 115 -17.57 -24.64 -6.11
C GLY H 115 -18.55 -24.42 -4.96
N LEU H 116 -19.71 -25.07 -5.08
CA LEU H 116 -20.81 -24.91 -4.13
C LEU H 116 -21.44 -26.27 -3.79
N VAL H 117 -21.75 -26.47 -2.52
CA VAL H 117 -22.41 -27.68 -2.04
C VAL H 117 -23.63 -27.26 -1.23
N LEU H 118 -24.80 -27.77 -1.65
CA LEU H 118 -26.06 -27.51 -0.97
C LEU H 118 -26.55 -28.81 -0.30
N LEU H 119 -26.60 -28.78 1.04
CA LEU H 119 -26.99 -29.92 1.84
C LEU H 119 -28.35 -29.64 2.48
N GLY H 120 -29.34 -30.49 2.18
CA GLY H 120 -30.69 -30.32 2.67
C GLY H 120 -31.11 -28.85 2.67
N ALA H 121 -30.78 -28.15 1.58
CA ALA H 121 -30.89 -26.69 1.53
C ALA H 121 -32.32 -26.26 1.19
N VAL H 122 -32.66 -25.05 1.66
CA VAL H 122 -33.95 -24.42 1.47
C VAL H 122 -34.08 -23.93 0.03
N THR H 123 -32.96 -23.90 -0.70
CA THR H 123 -32.92 -23.45 -2.08
C THR H 123 -33.67 -24.46 -2.96
N PRO H 124 -34.38 -24.02 -4.03
CA PRO H 124 -34.39 -22.61 -4.45
C PRO H 124 -35.44 -21.75 -3.75
N LEU H 125 -36.32 -22.39 -2.99
CA LEU H 125 -37.49 -21.74 -2.41
C LEU H 125 -38.19 -22.74 -1.50
N PHE H 126 -38.51 -22.31 -0.27
CA PHE H 126 -39.02 -23.21 0.75
C PHE H 126 -40.53 -23.02 0.89
N GLY H 127 -40.95 -21.78 1.15
CA GLY H 127 -42.35 -21.49 1.41
C GLY H 127 -43.16 -21.32 0.11
N GLN H 128 -44.48 -21.35 0.28
CA GLN H 128 -45.45 -21.26 -0.81
C GLN H 128 -45.50 -19.82 -1.34
N LYS H 129 -45.61 -19.71 -2.67
CA LYS H 129 -45.79 -18.45 -3.38
C LYS H 129 -47.00 -18.58 -4.31
N PRO H 130 -47.60 -17.47 -4.79
CA PRO H 130 -48.60 -17.55 -5.86
C PRO H 130 -48.12 -18.35 -7.07
N ASP H 131 -46.84 -18.20 -7.42
CA ASP H 131 -46.30 -18.85 -8.60
C ASP H 131 -45.45 -20.07 -8.21
N TYR H 132 -45.56 -20.50 -6.95
CA TYR H 132 -44.94 -21.73 -6.47
C TYR H 132 -45.86 -22.39 -5.44
N PRO H 133 -47.06 -22.87 -5.83
CA PRO H 133 -48.01 -23.46 -4.88
C PRO H 133 -47.57 -24.80 -4.30
N GLN H 134 -46.48 -25.37 -4.82
CA GLN H 134 -45.99 -26.64 -4.31
C GLN H 134 -45.17 -26.41 -3.03
N GLY H 135 -44.88 -25.14 -2.73
CA GLY H 135 -44.10 -24.79 -1.55
C GLY H 135 -44.88 -25.07 -0.25
N VAL H 136 -44.15 -25.05 0.87
CA VAL H 136 -44.73 -25.27 2.19
C VAL H 136 -45.66 -24.10 2.53
N PRO H 137 -46.94 -24.35 2.87
CA PRO H 137 -47.86 -23.29 3.30
C PRO H 137 -47.32 -22.39 4.41
N LEU H 138 -47.55 -21.09 4.27
CA LEU H 138 -46.94 -20.09 5.14
C LEU H 138 -47.43 -20.23 6.59
N ASP H 139 -48.64 -20.77 6.78
CA ASP H 139 -49.23 -20.84 8.12
C ASP H 139 -48.59 -21.95 8.95
N VAL H 140 -47.78 -22.81 8.30
CA VAL H 140 -46.96 -23.75 9.03
C VAL H 140 -45.87 -22.97 9.76
N PHE H 141 -45.35 -21.95 9.08
CA PHE H 141 -44.23 -21.16 9.56
C PHE H 141 -44.71 -20.13 10.58
N ALA H 142 -45.93 -19.63 10.38
CA ALA H 142 -46.57 -18.74 11.34
C ALA H 142 -46.76 -19.48 12.66
N ARG H 143 -47.10 -20.77 12.56
CA ARG H 143 -47.34 -21.62 13.72
C ARG H 143 -46.03 -21.84 14.48
N PHE H 144 -44.91 -21.95 13.74
CA PHE H 144 -43.59 -22.07 14.33
C PHE H 144 -43.31 -20.87 15.25
N LYS H 145 -43.54 -19.66 14.72
CA LYS H 145 -43.24 -18.43 15.44
C LYS H 145 -44.09 -18.34 16.71
N THR H 146 -45.32 -18.85 16.65
CA THR H 146 -46.25 -18.76 17.77
C THR H 146 -45.71 -19.56 18.95
N GLU H 147 -45.08 -20.70 18.66
CA GLU H 147 -44.61 -21.60 19.71
C GLU H 147 -43.25 -21.14 20.22
N LEU H 148 -42.42 -20.60 19.31
CA LEU H 148 -41.11 -20.05 19.63
C LEU H 148 -41.25 -18.83 20.54
N LEU H 149 -42.30 -18.03 20.31
CA LEU H 149 -42.54 -16.81 21.07
C LEU H 149 -43.21 -17.12 22.41
N LYS H 150 -43.48 -18.41 22.66
CA LYS H 150 -44.08 -18.84 23.92
C LYS H 150 -43.08 -19.66 24.74
N ASP H 151 -42.36 -20.55 24.06
CA ASP H 151 -41.39 -21.43 24.72
C ASP H 151 -40.49 -22.04 23.66
N ARG H 152 -39.38 -21.36 23.36
CA ARG H 152 -38.49 -21.80 22.30
C ARG H 152 -37.65 -22.99 22.77
N ALA H 153 -37.42 -23.07 24.08
CA ALA H 153 -36.59 -24.10 24.68
C ALA H 153 -37.24 -25.47 24.53
N GLN H 154 -38.57 -25.53 24.73
CA GLN H 154 -39.30 -26.78 24.57
C GLN H 154 -39.49 -27.08 23.08
N PHE H 155 -39.60 -26.02 22.27
CA PHE H 155 -39.79 -26.20 20.83
C PHE H 155 -38.58 -26.94 20.26
N ILE H 156 -37.39 -26.47 20.61
CA ILE H 156 -36.13 -27.03 20.12
C ILE H 156 -36.02 -28.48 20.56
N SER H 157 -36.31 -28.73 21.84
CA SER H 157 -36.23 -30.08 22.40
C SER H 157 -37.12 -31.04 21.61
N ASP H 158 -38.30 -30.55 21.22
CA ASP H 158 -39.26 -31.34 20.48
C ASP H 158 -38.85 -31.46 19.01
N PHE H 159 -38.02 -30.53 18.54
CA PHE H 159 -37.65 -30.45 17.13
C PHE H 159 -36.66 -31.57 16.79
N ASN H 160 -36.02 -32.16 17.82
CA ASN H 160 -34.97 -33.15 17.69
C ASN H 160 -35.47 -34.42 16.99
N ALA H 161 -36.72 -34.82 17.28
CA ALA H 161 -37.26 -36.06 16.75
C ALA H 161 -37.44 -35.99 15.24
N PRO H 162 -38.26 -35.07 14.68
CA PRO H 162 -38.41 -34.95 13.23
C PRO H 162 -37.11 -34.55 12.52
N PHE H 163 -36.27 -33.77 13.21
CA PHE H 163 -35.00 -33.28 12.67
C PHE H 163 -34.09 -34.47 12.35
N TYR H 164 -33.98 -35.40 13.30
CA TYR H 164 -33.02 -36.49 13.21
C TYR H 164 -33.69 -37.76 12.71
N GLY H 165 -35.02 -37.73 12.63
CA GLY H 165 -35.79 -38.88 12.13
C GLY H 165 -35.90 -39.99 13.16
N ILE H 166 -35.82 -39.61 14.44
CA ILE H 166 -35.90 -40.55 15.56
C ILE H 166 -37.30 -41.15 15.60
N ASN H 167 -38.31 -40.34 15.26
CA ASN H 167 -39.70 -40.76 15.26
C ASN H 167 -39.95 -41.82 14.19
N LYS H 168 -39.06 -41.88 13.19
CA LYS H 168 -39.13 -42.88 12.14
C LYS H 168 -38.04 -43.94 12.32
N GLY H 169 -37.43 -43.95 13.52
CA GLY H 169 -36.52 -45.02 13.92
C GLY H 169 -35.10 -44.86 13.40
N GLN H 170 -34.60 -43.62 13.32
CA GLN H 170 -33.17 -43.39 13.21
C GLN H 170 -32.57 -43.50 14.61
N VAL H 171 -31.29 -43.89 14.69
CA VAL H 171 -30.65 -44.06 15.98
C VAL H 171 -29.68 -42.92 16.21
N VAL H 172 -30.01 -42.07 17.20
CA VAL H 172 -29.21 -40.91 17.57
C VAL H 172 -29.16 -40.85 19.10
N SER H 173 -27.94 -40.72 19.64
CA SER H 173 -27.70 -40.81 21.07
C SER H 173 -28.39 -39.67 21.81
N CYS H 174 -28.47 -39.80 23.14
CA CYS H 174 -28.97 -38.74 24.00
C CYS H 174 -27.97 -37.58 24.01
N GLY H 175 -26.68 -37.91 23.93
CA GLY H 175 -25.60 -36.94 23.90
C GLY H 175 -25.79 -35.94 22.77
N VAL H 176 -26.07 -36.45 21.57
CA VAL H 176 -26.27 -35.60 20.41
C VAL H 176 -27.49 -34.72 20.65
N GLN H 177 -28.54 -35.30 21.24
CA GLN H 177 -29.76 -34.57 21.49
C GLN H 177 -29.49 -33.46 22.51
N THR H 178 -28.67 -33.76 23.52
CA THR H 178 -28.31 -32.81 24.56
C THR H 178 -27.50 -31.66 23.95
N GLN H 179 -26.54 -32.01 23.09
CA GLN H 179 -25.64 -31.02 22.51
C GLN H 179 -26.43 -30.08 21.59
N THR H 180 -27.40 -30.62 20.85
CA THR H 180 -28.19 -29.87 19.89
C THR H 180 -28.98 -28.79 20.61
N LEU H 181 -29.57 -29.14 21.76
CA LEU H 181 -30.40 -28.22 22.53
C LEU H 181 -29.52 -27.18 23.23
N GLN H 182 -28.35 -27.62 23.72
CA GLN H 182 -27.42 -26.75 24.42
C GLN H 182 -26.95 -25.63 23.50
N ILE H 183 -26.69 -25.97 22.23
CA ILE H 183 -26.19 -25.02 21.24
C ILE H 183 -27.31 -24.06 20.82
N ALA H 184 -28.53 -24.58 20.70
CA ALA H 184 -29.64 -23.77 20.23
C ALA H 184 -30.00 -22.69 21.25
N LEU H 185 -29.77 -22.99 22.53
CA LEU H 185 -30.15 -22.10 23.62
C LEU H 185 -29.20 -20.89 23.67
N LEU H 186 -28.01 -21.02 23.07
CA LEU H 186 -27.04 -19.95 23.00
C LEU H 186 -27.57 -18.78 22.16
N ALA H 187 -28.43 -19.11 21.18
CA ALA H 187 -28.87 -18.18 20.15
C ALA H 187 -29.90 -17.17 20.68
N SER H 188 -30.06 -16.09 19.91
CA SER H 188 -31.05 -15.04 20.16
C SER H 188 -32.45 -15.53 19.82
N LEU H 189 -33.41 -15.18 20.68
CA LEU H 189 -34.82 -15.42 20.39
C LEU H 189 -35.20 -14.70 19.10
N LYS H 190 -34.78 -13.43 18.99
CA LYS H 190 -35.09 -12.60 17.84
C LYS H 190 -34.56 -13.23 16.56
N ALA H 191 -33.32 -13.71 16.60
CA ALA H 191 -32.68 -14.29 15.43
C ALA H 191 -33.34 -15.62 15.05
N THR H 192 -33.79 -16.37 16.07
CA THR H 192 -34.51 -17.62 15.83
C THR H 192 -35.77 -17.34 15.01
N VAL H 193 -36.60 -16.41 15.52
CA VAL H 193 -37.89 -16.07 14.94
C VAL H 193 -37.68 -15.42 13.57
N ASP H 194 -36.73 -14.49 13.45
CA ASP H 194 -36.53 -13.73 12.23
C ASP H 194 -36.05 -14.63 11.09
N CYS H 195 -35.27 -15.68 11.43
CA CYS H 195 -34.76 -16.60 10.44
C CYS H 195 -35.90 -17.39 9.81
N VAL H 196 -36.98 -17.62 10.58
CA VAL H 196 -38.13 -18.32 10.04
C VAL H 196 -38.70 -17.49 8.89
N THR H 197 -39.00 -16.22 9.17
CA THR H 197 -39.51 -15.29 8.17
C THR H 197 -38.64 -15.35 6.91
N ALA H 198 -37.32 -15.40 7.11
CA ALA H 198 -36.36 -15.31 6.03
C ALA H 198 -36.41 -16.56 5.15
N PHE H 199 -36.34 -17.75 5.76
CA PHE H 199 -36.27 -18.98 4.97
C PHE H 199 -37.65 -19.39 4.46
N ALA H 200 -38.70 -18.86 5.08
CA ALA H 200 -40.07 -19.15 4.66
C ALA H 200 -40.38 -18.43 3.35
N GLU H 201 -39.81 -17.23 3.18
CA GLU H 201 -40.36 -16.30 2.21
C GLU H 201 -39.35 -15.85 1.16
N THR H 202 -38.06 -16.16 1.36
CA THR H 202 -37.04 -15.68 0.43
C THR H 202 -36.99 -16.58 -0.81
N ASP H 203 -37.09 -15.94 -1.98
CA ASP H 203 -37.09 -16.60 -3.27
C ASP H 203 -35.66 -16.58 -3.81
N PHE H 204 -35.07 -17.76 -4.00
CA PHE H 204 -33.70 -17.89 -4.46
C PHE H 204 -33.67 -18.34 -5.92
N ARG H 205 -34.83 -18.30 -6.60
CA ARG H 205 -34.93 -18.74 -7.98
C ARG H 205 -34.04 -17.88 -8.89
N PRO H 206 -34.08 -16.53 -8.79
CA PRO H 206 -33.12 -15.70 -9.53
C PRO H 206 -31.65 -16.06 -9.28
N ASP H 207 -31.35 -16.52 -8.04
CA ASP H 207 -30.00 -16.86 -7.62
C ASP H 207 -29.50 -18.12 -8.34
N MET H 208 -30.44 -19.04 -8.62
CA MET H 208 -30.11 -20.33 -9.22
C MET H 208 -29.51 -20.10 -10.61
N ALA H 209 -29.92 -19.01 -11.27
CA ALA H 209 -29.50 -18.74 -12.63
C ALA H 209 -28.10 -18.11 -12.63
N LYS H 210 -27.63 -17.68 -11.45
CA LYS H 210 -26.39 -16.92 -11.34
C LYS H 210 -25.26 -17.82 -10.84
N ILE H 211 -25.60 -19.00 -10.32
CA ILE H 211 -24.61 -19.96 -9.87
C ILE H 211 -23.95 -20.59 -11.09
N ASP H 212 -22.71 -20.18 -11.34
CA ASP H 212 -21.99 -20.50 -12.56
C ASP H 212 -20.75 -21.34 -12.23
N VAL H 213 -20.76 -22.01 -11.08
CA VAL H 213 -19.66 -22.83 -10.63
C VAL H 213 -20.17 -24.27 -10.47
N PRO H 214 -19.28 -25.30 -10.50
CA PRO H 214 -19.69 -26.67 -10.23
C PRO H 214 -20.40 -26.76 -8.87
N THR H 215 -21.48 -27.56 -8.83
CA THR H 215 -22.36 -27.64 -7.67
C THR H 215 -22.72 -29.10 -7.41
N LEU H 216 -22.76 -29.45 -6.11
CA LEU H 216 -23.22 -30.75 -5.65
C LEU H 216 -24.37 -30.55 -4.68
N VAL H 217 -25.53 -31.14 -5.00
CA VAL H 217 -26.72 -31.10 -4.15
C VAL H 217 -26.87 -32.47 -3.48
N ILE H 218 -26.88 -32.48 -2.15
CA ILE H 218 -27.13 -33.69 -1.38
C ILE H 218 -28.39 -33.50 -0.55
N HIS H 219 -29.27 -34.50 -0.54
CA HIS H 219 -30.52 -34.40 0.19
C HIS H 219 -30.97 -35.80 0.61
N GLY H 220 -31.59 -35.88 1.79
CA GLY H 220 -32.18 -37.13 2.25
C GLY H 220 -33.65 -37.22 1.82
N ASP H 221 -34.07 -38.40 1.36
CA ASP H 221 -35.42 -38.54 0.83
C ASP H 221 -36.41 -38.82 1.95
N GLY H 222 -35.90 -38.90 3.19
CA GLY H 222 -36.73 -39.02 4.37
C GLY H 222 -36.81 -37.73 5.17
N ASP H 223 -36.40 -36.61 4.54
CA ASP H 223 -36.28 -35.31 5.18
C ASP H 223 -37.66 -34.81 5.60
N GLN H 224 -37.86 -34.60 6.90
CA GLN H 224 -39.17 -34.23 7.42
C GLN H 224 -39.29 -32.70 7.56
N ILE H 225 -38.19 -31.98 7.33
CA ILE H 225 -38.17 -30.55 7.61
C ILE H 225 -38.21 -29.77 6.30
N VAL H 226 -37.19 -29.98 5.47
CA VAL H 226 -37.09 -29.34 4.17
C VAL H 226 -37.35 -30.40 3.10
N PRO H 227 -38.58 -30.44 2.52
CA PRO H 227 -38.96 -31.51 1.59
C PRO H 227 -38.10 -31.53 0.33
N PHE H 228 -37.56 -32.72 0.03
CA PHE H 228 -36.63 -32.93 -1.07
C PHE H 228 -37.27 -32.56 -2.39
N GLU H 229 -38.53 -32.99 -2.57
CA GLU H 229 -39.24 -32.84 -3.84
C GLU H 229 -39.26 -31.39 -4.30
N THR H 230 -39.42 -30.44 -3.37
CA THR H 230 -39.69 -29.06 -3.76
C THR H 230 -38.47 -28.17 -3.55
N THR H 231 -37.35 -28.75 -3.10
CA THR H 231 -36.15 -27.96 -2.85
C THR H 231 -34.95 -28.56 -3.58
N GLY H 232 -34.31 -29.55 -2.95
CA GLY H 232 -33.13 -30.22 -3.49
C GLY H 232 -33.33 -30.71 -4.92
N LYS H 233 -34.45 -31.41 -5.17
CA LYS H 233 -34.79 -32.00 -6.46
C LYS H 233 -34.76 -30.92 -7.55
N VAL H 234 -35.33 -29.76 -7.22
CA VAL H 234 -35.50 -28.65 -8.17
C VAL H 234 -34.16 -27.93 -8.35
N ALA H 235 -33.45 -27.75 -7.24
CA ALA H 235 -32.17 -27.05 -7.25
C ALA H 235 -31.19 -27.76 -8.18
N ALA H 236 -31.30 -29.08 -8.23
CA ALA H 236 -30.43 -29.92 -9.04
C ALA H 236 -30.75 -29.74 -10.52
N GLU H 237 -31.88 -29.07 -10.82
CA GLU H 237 -32.30 -28.86 -12.19
C GLU H 237 -32.02 -27.42 -12.62
N LEU H 238 -32.24 -26.46 -11.71
CA LEU H 238 -32.14 -25.05 -12.04
C LEU H 238 -30.68 -24.61 -12.16
N ILE H 239 -29.80 -25.19 -11.34
CA ILE H 239 -28.38 -24.87 -11.40
C ILE H 239 -27.74 -25.66 -12.53
N LYS H 240 -27.26 -24.95 -13.55
CA LYS H 240 -26.65 -25.58 -14.72
C LYS H 240 -25.47 -26.43 -14.25
N GLY H 241 -25.47 -27.70 -14.70
CA GLY H 241 -24.33 -28.59 -14.52
C GLY H 241 -24.22 -29.20 -13.11
N ALA H 242 -25.26 -29.03 -12.29
CA ALA H 242 -25.26 -29.51 -10.92
C ALA H 242 -25.26 -31.05 -10.88
N GLU H 243 -24.69 -31.59 -9.79
CA GLU H 243 -24.67 -33.01 -9.49
C GLU H 243 -25.58 -33.26 -8.27
N LEU H 244 -26.37 -34.34 -8.32
CA LEU H 244 -27.32 -34.68 -7.29
C LEU H 244 -26.98 -36.03 -6.66
N LYS H 245 -26.97 -36.07 -5.32
CA LYS H 245 -26.89 -37.31 -4.57
C LYS H 245 -28.02 -37.37 -3.55
N VAL H 246 -28.75 -38.49 -3.55
CA VAL H 246 -29.89 -38.70 -2.66
C VAL H 246 -29.56 -39.82 -1.68
N TYR H 247 -29.48 -39.47 -0.39
CA TYR H 247 -29.28 -40.47 0.67
C TYR H 247 -30.61 -41.13 1.01
N LYS H 248 -30.64 -42.47 0.92
CA LYS H 248 -31.85 -43.23 1.10
C LYS H 248 -32.30 -43.19 2.56
N ASP H 249 -33.55 -42.78 2.77
CA ASP H 249 -34.25 -42.75 4.05
C ASP H 249 -33.61 -41.74 5.03
N ALA H 250 -32.74 -40.88 4.52
CA ALA H 250 -31.96 -40.00 5.40
C ALA H 250 -32.83 -38.86 5.91
N PRO H 251 -32.67 -38.47 7.20
CA PRO H 251 -33.44 -37.35 7.77
C PRO H 251 -32.83 -36.02 7.36
N HIS H 252 -33.33 -34.94 7.98
CA HIS H 252 -32.83 -33.61 7.71
C HIS H 252 -31.42 -33.47 8.26
N GLY H 253 -31.17 -34.06 9.43
CA GLY H 253 -29.88 -33.92 10.10
C GLY H 253 -28.95 -35.08 9.77
N PHE H 254 -28.69 -35.27 8.47
CA PHE H 254 -27.94 -36.40 7.97
C PHE H 254 -26.43 -36.18 8.15
N ALA H 255 -26.04 -34.95 8.50
CA ALA H 255 -24.67 -34.64 8.86
C ALA H 255 -24.25 -35.45 10.08
N VAL H 256 -25.24 -35.85 10.88
CA VAL H 256 -24.99 -36.67 12.07
C VAL H 256 -25.15 -38.15 11.73
N THR H 257 -26.27 -38.51 11.09
CA THR H 257 -26.67 -39.90 10.90
C THR H 257 -25.92 -40.55 9.74
N HIS H 258 -25.47 -39.73 8.77
CA HIS H 258 -24.76 -40.21 7.60
C HIS H 258 -23.41 -39.51 7.49
N ALA H 259 -22.74 -39.35 8.63
CA ALA H 259 -21.55 -38.52 8.75
C ALA H 259 -20.44 -38.99 7.82
N GLN H 260 -20.19 -40.30 7.82
CA GLN H 260 -19.09 -40.87 7.05
C GLN H 260 -19.36 -40.68 5.57
N GLN H 261 -20.59 -40.97 5.14
CA GLN H 261 -21.00 -40.88 3.74
C GLN H 261 -20.81 -39.44 3.24
N LEU H 262 -21.25 -38.46 4.05
CA LEU H 262 -21.12 -37.05 3.71
C LEU H 262 -19.65 -36.67 3.61
N ASN H 263 -18.86 -37.07 4.61
CA ASN H 263 -17.44 -36.80 4.64
C ASN H 263 -16.80 -37.18 3.30
N GLU H 264 -17.10 -38.40 2.84
CA GLU H 264 -16.47 -38.98 1.66
C GLU H 264 -16.94 -38.24 0.40
N ASP H 265 -18.24 -37.88 0.38
CA ASP H 265 -18.83 -37.18 -0.74
C ASP H 265 -18.21 -35.79 -0.92
N LEU H 266 -17.95 -35.08 0.19
CA LEU H 266 -17.33 -33.76 0.15
C LEU H 266 -15.91 -33.86 -0.42
N LEU H 267 -15.16 -34.85 0.08
CA LEU H 267 -13.79 -35.02 -0.36
C LEU H 267 -13.76 -35.38 -1.84
N ALA H 268 -14.69 -36.26 -2.27
CA ALA H 268 -14.79 -36.65 -3.67
C ALA H 268 -15.04 -35.42 -4.54
N PHE H 269 -15.94 -34.54 -4.08
CA PHE H 269 -16.31 -33.34 -4.82
C PHE H 269 -15.12 -32.40 -4.95
N LEU H 270 -14.37 -32.24 -3.85
CA LEU H 270 -13.21 -31.36 -3.83
C LEU H 270 -12.13 -31.89 -4.77
N LYS H 271 -12.09 -33.21 -4.97
CA LYS H 271 -11.03 -33.85 -5.73
C LYS H 271 -11.42 -34.03 -7.21
N ARG H 272 -12.53 -33.41 -7.64
CA ARG H 272 -13.07 -33.66 -8.97
C ARG H 272 -12.08 -33.25 -10.06
N GLY H 273 -12.32 -33.69 -11.28
CA GLY H 273 -11.52 -33.32 -12.44
C GLY H 273 -12.13 -32.12 -13.17
N SER H 274 -11.83 -32.00 -14.47
CA SER H 274 -12.32 -30.90 -15.28
C SER H 274 -13.23 -31.42 -16.39
N HIS H 275 -14.14 -30.54 -16.86
CA HIS H 275 -15.04 -30.84 -17.97
C HIS H 275 -14.81 -29.85 -19.10
N HIS H 276 -14.92 -30.35 -20.34
CA HIS H 276 -14.81 -29.53 -21.53
C HIS H 276 -16.21 -29.15 -22.01
N SER I 2 -22.57 -7.29 22.48
CA SER I 2 -21.80 -6.09 22.89
C SER I 2 -21.26 -6.28 24.31
N CYS I 3 -20.33 -5.39 24.69
CA CYS I 3 -19.80 -5.32 26.04
C CYS I 3 -19.13 -3.96 26.27
N PHE I 4 -18.85 -3.66 27.53
CA PHE I 4 -18.12 -2.47 27.93
C PHE I 4 -17.21 -2.82 29.09
N VAL I 5 -16.12 -2.05 29.24
CA VAL I 5 -15.20 -2.24 30.35
C VAL I 5 -15.62 -1.32 31.49
N ALA I 6 -15.79 -1.90 32.68
CA ALA I 6 -16.14 -1.17 33.89
C ALA I 6 -14.92 -0.38 34.38
N LYS I 7 -15.03 0.19 35.58
CA LYS I 7 -13.96 0.98 36.17
C LYS I 7 -12.80 0.07 36.59
N ASP I 8 -13.14 -1.09 37.15
CA ASP I 8 -12.15 -2.00 37.73
C ASP I 8 -11.65 -3.01 36.70
N GLY I 9 -12.07 -2.84 35.44
CA GLY I 9 -11.57 -3.67 34.34
C GLY I 9 -12.43 -4.90 34.07
N THR I 10 -13.60 -4.98 34.72
CA THR I 10 -14.51 -6.10 34.53
C THR I 10 -15.33 -5.88 33.27
N GLN I 11 -15.32 -6.88 32.37
CA GLN I 11 -16.06 -6.82 31.13
C GLN I 11 -17.51 -7.27 31.38
N ILE I 12 -18.46 -6.41 30.99
CA ILE I 12 -19.87 -6.69 31.15
C ILE I 12 -20.49 -6.83 29.75
N TYR I 13 -21.14 -7.98 29.52
CA TYR I 13 -21.87 -8.27 28.31
C TYR I 13 -23.25 -7.63 28.38
N PHE I 14 -23.75 -7.14 27.23
CA PHE I 14 -25.13 -6.66 27.15
C PHE I 14 -25.68 -6.81 25.72
N LYS I 15 -27.00 -6.75 25.61
CA LYS I 15 -27.72 -6.70 24.34
C LYS I 15 -28.43 -5.35 24.22
N ASP I 16 -28.42 -4.78 23.01
CA ASP I 16 -29.05 -3.50 22.74
C ASP I 16 -29.93 -3.63 21.49
N TRP I 17 -31.23 -3.89 21.71
CA TRP I 17 -32.14 -4.22 20.64
C TRP I 17 -33.03 -3.03 20.28
N GLY I 18 -33.32 -2.89 18.99
CA GLY I 18 -34.38 -2.02 18.50
C GLY I 18 -34.09 -0.54 18.73
N SER I 19 -35.15 0.28 18.60
CA SER I 19 -35.02 1.72 18.68
C SER I 19 -36.28 2.34 19.29
N GLY I 20 -36.13 3.58 19.77
CA GLY I 20 -37.21 4.29 20.44
C GLY I 20 -36.84 4.62 21.88
N LYS I 21 -37.86 4.78 22.74
CA LYS I 21 -37.66 5.07 24.14
C LYS I 21 -37.04 3.86 24.82
N PRO I 22 -35.86 4.02 25.48
CA PRO I 22 -35.10 2.88 26.01
C PRO I 22 -35.60 2.31 27.34
N VAL I 23 -35.57 0.98 27.43
CA VAL I 23 -35.92 0.21 28.61
C VAL I 23 -34.72 -0.66 28.98
N LEU I 24 -34.32 -0.62 30.26
CA LEU I 24 -33.14 -1.30 30.75
C LEU I 24 -33.55 -2.38 31.76
N PHE I 25 -33.10 -3.62 31.52
CA PHE I 25 -33.50 -4.78 32.29
C PHE I 25 -32.35 -5.28 33.14
N SER I 26 -32.59 -5.38 34.46
CA SER I 26 -31.64 -5.98 35.38
C SER I 26 -32.21 -7.33 35.86
N HIS I 27 -31.44 -8.40 35.64
CA HIS I 27 -31.93 -9.75 35.83
C HIS I 27 -31.85 -10.16 37.30
N GLY I 28 -32.41 -11.35 37.60
CA GLY I 28 -32.46 -11.89 38.94
C GLY I 28 -31.23 -12.72 39.28
N TRP I 29 -31.35 -13.50 40.36
CA TRP I 29 -30.26 -14.34 40.85
C TRP I 29 -30.19 -15.62 40.02
N LEU I 30 -28.97 -16.05 39.70
CA LEU I 30 -28.66 -17.30 39.02
C LEU I 30 -28.87 -17.20 37.51
N LEU I 31 -29.56 -16.15 37.05
CA LEU I 31 -29.99 -16.05 35.67
C LEU I 31 -29.00 -15.21 34.86
N ASP I 32 -29.50 -14.60 33.77
CA ASP I 32 -28.77 -13.60 33.00
C ASP I 32 -29.75 -12.94 32.05
N ALA I 33 -29.24 -12.09 31.14
CA ALA I 33 -30.06 -11.22 30.32
C ALA I 33 -30.95 -12.01 29.34
N ASP I 34 -30.82 -13.35 29.34
CA ASP I 34 -31.66 -14.17 28.49
C ASP I 34 -33.06 -14.28 29.07
N MET I 35 -33.20 -14.11 30.40
CA MET I 35 -34.49 -14.25 31.06
C MET I 35 -35.44 -13.16 30.57
N TRP I 36 -34.88 -12.15 29.88
CA TRP I 36 -35.62 -10.97 29.45
C TRP I 36 -36.04 -11.06 27.99
N GLU I 37 -35.66 -12.16 27.31
CA GLU I 37 -35.73 -12.24 25.85
C GLU I 37 -37.16 -12.07 25.35
N TYR I 38 -38.15 -12.60 26.08
CA TYR I 38 -39.53 -12.54 25.64
C TYR I 38 -40.08 -11.12 25.76
N GLN I 39 -39.75 -10.47 26.88
CA GLN I 39 -40.16 -9.09 27.14
C GLN I 39 -39.51 -8.17 26.11
N MET I 40 -38.23 -8.42 25.83
CA MET I 40 -37.42 -7.53 25.00
C MET I 40 -37.94 -7.57 23.55
N GLU I 41 -38.31 -8.77 23.10
CA GLU I 41 -38.84 -8.95 21.75
C GLU I 41 -40.22 -8.30 21.66
N TYR I 42 -41.04 -8.48 22.70
CA TYR I 42 -42.39 -7.95 22.72
C TYR I 42 -42.36 -6.45 22.50
N LEU I 43 -41.53 -5.76 23.31
CA LEU I 43 -41.49 -4.32 23.38
C LEU I 43 -40.80 -3.73 22.15
N SER I 44 -39.72 -4.38 21.69
CA SER I 44 -38.90 -3.82 20.63
C SER I 44 -39.59 -3.91 19.28
N SER I 45 -40.41 -4.95 19.10
CA SER I 45 -41.17 -5.09 17.86
C SER I 45 -42.43 -4.21 17.92
N ARG I 46 -42.49 -3.34 18.93
CA ARG I 46 -43.60 -2.42 19.10
C ARG I 46 -43.09 -0.99 19.29
N GLY I 47 -41.80 -0.77 18.99
CA GLY I 47 -41.25 0.57 18.86
C GLY I 47 -40.47 1.03 20.08
N TYR I 48 -40.05 0.10 20.94
CA TYR I 48 -39.22 0.44 22.09
C TYR I 48 -37.82 -0.12 21.91
N ARG I 49 -36.86 0.50 22.61
CA ARG I 49 -35.49 0.03 22.64
C ARG I 49 -35.25 -0.69 23.96
N THR I 50 -34.90 -1.97 23.87
CA THR I 50 -34.68 -2.81 25.04
C THR I 50 -33.20 -3.15 25.16
N ILE I 51 -32.68 -2.99 26.40
CA ILE I 51 -31.28 -3.14 26.72
C ILE I 51 -31.18 -3.97 28.01
N ALA I 52 -30.56 -5.14 27.92
CA ALA I 52 -30.38 -6.00 29.08
C ALA I 52 -28.91 -6.44 29.17
N PHE I 53 -28.42 -6.57 30.41
CA PHE I 53 -27.02 -6.87 30.67
C PHE I 53 -26.91 -8.13 31.54
N ASP I 54 -25.77 -8.83 31.39
CA ASP I 54 -25.35 -9.86 32.33
C ASP I 54 -24.57 -9.18 33.44
N ARG I 55 -25.07 -9.29 34.68
CA ARG I 55 -24.41 -8.75 35.85
C ARG I 55 -23.05 -9.43 36.02
N ARG I 56 -22.10 -8.73 36.64
CA ARG I 56 -20.77 -9.26 36.88
C ARG I 56 -20.86 -10.61 37.60
N GLY I 57 -20.10 -11.58 37.08
CA GLY I 57 -20.00 -12.91 37.66
C GLY I 57 -21.10 -13.85 37.18
N PHE I 58 -21.92 -13.37 36.23
CA PHE I 58 -23.06 -14.11 35.73
C PHE I 58 -23.05 -14.11 34.20
N GLY I 59 -23.60 -15.17 33.61
CA GLY I 59 -23.73 -15.30 32.18
C GLY I 59 -22.40 -15.21 31.45
N ARG I 60 -22.32 -14.27 30.50
CA ARG I 60 -21.20 -14.14 29.59
C ARG I 60 -20.29 -12.99 30.04
N SER I 61 -20.49 -12.53 31.28
CA SER I 61 -19.69 -11.46 31.85
C SER I 61 -18.50 -12.04 32.61
N ASP I 62 -17.47 -11.20 32.81
CA ASP I 62 -16.30 -11.56 33.60
C ASP I 62 -16.73 -11.92 35.02
N GLN I 63 -15.91 -12.76 35.67
CA GLN I 63 -16.19 -13.25 37.01
C GLN I 63 -15.13 -12.69 37.97
N PRO I 64 -15.24 -11.43 38.44
CA PRO I 64 -14.25 -10.86 39.35
C PRO I 64 -14.45 -11.43 40.76
N TRP I 65 -13.41 -11.28 41.58
CA TRP I 65 -13.43 -11.69 42.98
C TRP I 65 -13.98 -10.56 43.83
N THR I 66 -13.41 -9.36 43.68
CA THR I 66 -13.88 -8.17 44.37
C THR I 66 -15.14 -7.64 43.67
N GLY I 67 -15.71 -6.57 44.22
CA GLY I 67 -17.05 -6.16 43.86
C GLY I 67 -18.07 -7.16 44.39
N ASN I 68 -19.19 -7.31 43.68
CA ASN I 68 -20.25 -8.23 44.06
C ASN I 68 -20.99 -7.66 45.27
N ASP I 69 -21.23 -6.34 45.22
CA ASP I 69 -22.05 -5.64 46.18
C ASP I 69 -22.91 -4.63 45.41
N TYR I 70 -23.94 -4.10 46.07
CA TYR I 70 -24.96 -3.32 45.39
C TYR I 70 -24.43 -1.97 44.90
N ASP I 71 -23.44 -1.42 45.61
CA ASP I 71 -22.85 -0.14 45.24
C ASP I 71 -22.14 -0.26 43.89
N THR I 72 -21.33 -1.32 43.74
CA THR I 72 -20.61 -1.58 42.50
C THR I 72 -21.59 -2.01 41.41
N PHE I 73 -22.65 -2.74 41.80
CA PHE I 73 -23.70 -3.14 40.89
C PHE I 73 -24.33 -1.91 40.24
N ALA I 74 -24.60 -0.88 41.05
CA ALA I 74 -25.28 0.32 40.60
C ALA I 74 -24.36 1.16 39.72
N ASP I 75 -23.06 1.15 40.03
CA ASP I 75 -22.05 1.88 39.26
C ASP I 75 -21.89 1.25 37.88
N ASP I 76 -22.11 -0.07 37.80
CA ASP I 76 -22.10 -0.78 36.53
C ASP I 76 -23.18 -0.22 35.62
N ILE I 77 -24.40 -0.10 36.17
CA ILE I 77 -25.57 0.36 35.43
C ILE I 77 -25.31 1.79 34.92
N ALA I 78 -24.68 2.62 35.77
CA ALA I 78 -24.36 4.00 35.45
C ALA I 78 -23.41 4.06 34.25
N GLN I 79 -22.44 3.15 34.23
CA GLN I 79 -21.44 3.10 33.18
C GLN I 79 -22.08 2.58 31.89
N LEU I 80 -23.12 1.75 32.04
CA LEU I 80 -23.84 1.21 30.90
C LEU I 80 -24.64 2.34 30.24
N ILE I 81 -25.26 3.17 31.08
CA ILE I 81 -26.06 4.31 30.63
C ILE I 81 -25.14 5.37 30.02
N GLU I 82 -23.89 5.42 30.50
CA GLU I 82 -22.92 6.38 29.99
C GLU I 82 -22.41 5.93 28.63
N HIS I 83 -22.25 4.60 28.47
CA HIS I 83 -21.71 3.99 27.27
C HIS I 83 -22.69 4.18 26.11
N LEU I 84 -23.99 4.07 26.41
CA LEU I 84 -25.03 4.08 25.38
C LEU I 84 -25.65 5.46 25.28
N ASP I 85 -25.16 6.40 26.10
CA ASP I 85 -25.65 7.77 26.16
C ASP I 85 -27.17 7.75 26.27
N LEU I 86 -27.68 7.05 27.29
CA LEU I 86 -29.10 6.80 27.44
C LEU I 86 -29.77 8.00 28.12
N LYS I 87 -31.03 8.22 27.74
CA LYS I 87 -31.84 9.32 28.24
C LYS I 87 -33.30 8.87 28.34
N GLU I 88 -33.95 9.25 29.44
CA GLU I 88 -35.34 8.90 29.72
C GLU I 88 -35.48 7.37 29.74
N VAL I 89 -34.71 6.73 30.61
CA VAL I 89 -34.63 5.28 30.64
C VAL I 89 -35.65 4.75 31.65
N THR I 90 -36.43 3.76 31.21
CA THR I 90 -37.29 3.01 32.10
C THR I 90 -36.50 1.84 32.68
N LEU I 91 -36.26 1.88 33.99
CA LEU I 91 -35.50 0.84 34.66
C LEU I 91 -36.45 -0.28 35.06
N VAL I 92 -36.01 -1.52 34.84
CA VAL I 92 -36.79 -2.70 35.19
C VAL I 92 -35.86 -3.73 35.85
N GLY I 93 -36.20 -4.11 37.08
CA GLY I 93 -35.42 -5.10 37.82
C GLY I 93 -36.28 -6.27 38.29
N PHE I 94 -35.68 -7.47 38.28
CA PHE I 94 -36.32 -8.66 38.83
C PHE I 94 -35.50 -9.19 39.98
N SER I 95 -36.19 -9.60 41.06
CA SER I 95 -35.56 -10.22 42.21
C SER I 95 -34.48 -9.31 42.79
N MET I 96 -33.24 -9.80 42.84
CA MET I 96 -32.13 -9.02 43.39
C MET I 96 -31.77 -7.89 42.42
N GLY I 97 -32.26 -8.01 41.18
CA GLY I 97 -32.08 -6.99 40.17
C GLY I 97 -32.89 -5.73 40.45
N GLY I 98 -33.97 -5.87 41.22
CA GLY I 98 -34.74 -4.73 41.67
C GLY I 98 -33.90 -3.80 42.55
N GLY I 99 -32.95 -4.40 43.27
CA GLY I 99 -32.08 -3.69 44.18
C GLY I 99 -31.18 -2.68 43.48
N ASP I 100 -30.46 -3.17 42.45
CA ASP I 100 -29.36 -2.40 41.87
C ASP I 100 -29.88 -1.25 41.00
N VAL I 101 -31.10 -1.38 40.46
CA VAL I 101 -31.73 -0.28 39.74
C VAL I 101 -32.12 0.81 40.75
N ALA I 102 -32.60 0.40 41.92
CA ALA I 102 -33.01 1.32 42.96
C ALA I 102 -31.80 2.07 43.50
N ARG I 103 -30.69 1.34 43.66
CA ARG I 103 -29.46 1.90 44.21
C ARG I 103 -28.84 2.88 43.22
N TYR I 104 -29.08 2.66 41.92
CA TYR I 104 -28.60 3.56 40.89
C TYR I 104 -29.21 4.95 41.08
N ILE I 105 -30.54 5.01 41.18
CA ILE I 105 -31.27 6.25 41.37
C ILE I 105 -30.76 6.94 42.63
N ALA I 106 -30.45 6.14 43.67
CA ALA I 106 -30.05 6.62 44.98
C ALA I 106 -28.66 7.27 44.92
N ARG I 107 -27.82 6.78 44.00
CA ARG I 107 -26.41 7.14 44.00
C ARG I 107 -26.10 8.17 42.91
N HIS I 108 -26.88 8.16 41.81
CA HIS I 108 -26.53 8.96 40.65
C HIS I 108 -27.63 9.96 40.30
N GLY I 109 -28.84 9.75 40.84
CA GLY I 109 -29.97 10.61 40.52
C GLY I 109 -30.83 10.03 39.40
N SER I 110 -31.91 10.74 39.07
CA SER I 110 -32.92 10.26 38.14
C SER I 110 -32.96 11.13 36.89
N ALA I 111 -31.86 11.86 36.64
CA ALA I 111 -31.80 12.86 35.58
C ALA I 111 -31.96 12.23 34.20
N ARG I 112 -31.74 10.91 34.12
CA ARG I 112 -31.82 10.18 32.86
C ARG I 112 -32.88 9.08 32.96
N VAL I 113 -33.58 9.02 34.10
CA VAL I 113 -34.55 7.98 34.38
C VAL I 113 -35.94 8.54 34.12
N ALA I 114 -36.77 7.75 33.42
CA ALA I 114 -38.15 8.14 33.11
C ALA I 114 -39.12 7.38 34.00
N GLY I 115 -38.74 6.17 34.42
CA GLY I 115 -39.58 5.35 35.29
C GLY I 115 -38.84 4.14 35.86
N LEU I 116 -39.46 3.49 36.84
CA LEU I 116 -38.90 2.32 37.51
C LEU I 116 -39.96 1.25 37.69
N VAL I 117 -39.58 0.00 37.37
CA VAL I 117 -40.45 -1.15 37.53
C VAL I 117 -39.71 -2.20 38.36
N LEU I 118 -40.31 -2.61 39.48
CA LEU I 118 -39.71 -3.59 40.37
C LEU I 118 -40.55 -4.87 40.37
N LEU I 119 -39.97 -5.95 39.86
CA LEU I 119 -40.66 -7.21 39.63
C LEU I 119 -40.15 -8.26 40.63
N GLY I 120 -41.05 -8.70 41.52
CA GLY I 120 -40.71 -9.64 42.57
C GLY I 120 -39.40 -9.27 43.26
N ALA I 121 -39.27 -7.99 43.61
CA ALA I 121 -38.00 -7.39 43.99
C ALA I 121 -37.75 -7.54 45.50
N VAL I 122 -36.46 -7.44 45.86
CA VAL I 122 -35.97 -7.62 47.23
C VAL I 122 -36.21 -6.33 48.03
N THR I 123 -36.51 -5.24 47.31
CA THR I 123 -36.73 -3.93 47.90
C THR I 123 -37.97 -3.94 48.79
N PRO I 124 -38.02 -3.16 49.91
CA PRO I 124 -36.90 -2.32 50.33
C PRO I 124 -35.86 -3.00 51.23
N LEU I 125 -36.16 -4.26 51.61
CA LEU I 125 -35.29 -5.04 52.48
C LEU I 125 -35.81 -6.47 52.52
N PHE I 126 -34.89 -7.43 52.42
CA PHE I 126 -35.24 -8.84 52.30
C PHE I 126 -35.02 -9.51 53.66
N GLY I 127 -33.77 -9.49 54.14
CA GLY I 127 -33.36 -10.16 55.36
C GLY I 127 -33.83 -9.44 56.63
N GLN I 128 -33.53 -10.04 57.78
CA GLN I 128 -34.05 -9.61 59.07
C GLN I 128 -33.00 -8.78 59.81
N LYS I 129 -33.43 -7.60 60.28
CA LYS I 129 -32.60 -6.69 61.06
C LYS I 129 -33.26 -6.44 62.41
N PRO I 130 -32.56 -5.81 63.39
CA PRO I 130 -33.19 -5.40 64.65
C PRO I 130 -34.40 -4.48 64.46
N ASP I 131 -34.27 -3.53 63.52
CA ASP I 131 -35.32 -2.55 63.24
C ASP I 131 -36.35 -3.13 62.26
N TYR I 132 -36.14 -4.38 61.83
CA TYR I 132 -36.99 -5.02 60.84
C TYR I 132 -37.11 -6.51 61.14
N PRO I 133 -37.90 -6.92 62.18
CA PRO I 133 -38.02 -8.33 62.55
C PRO I 133 -38.92 -9.18 61.67
N GLN I 134 -39.72 -8.54 60.82
CA GLN I 134 -40.67 -9.26 59.98
C GLN I 134 -39.99 -9.76 58.70
N GLY I 135 -38.65 -9.64 58.65
CA GLY I 135 -37.88 -10.10 57.52
C GLY I 135 -37.55 -11.59 57.62
N VAL I 136 -36.69 -12.06 56.71
CA VAL I 136 -36.27 -13.46 56.63
C VAL I 136 -35.06 -13.66 57.53
N PRO I 137 -35.11 -14.62 58.49
CA PRO I 137 -34.20 -14.65 59.64
C PRO I 137 -32.72 -14.96 59.42
N LEU I 138 -32.21 -14.65 58.21
CA LEU I 138 -30.80 -14.73 57.86
C LEU I 138 -30.28 -16.18 57.86
N ASP I 139 -30.76 -16.99 58.81
CA ASP I 139 -30.39 -18.39 58.93
C ASP I 139 -30.69 -19.10 57.61
N VAL I 140 -31.75 -18.62 56.93
CA VAL I 140 -32.21 -19.17 55.66
C VAL I 140 -31.15 -18.95 54.59
N PHE I 141 -30.51 -17.78 54.63
CA PHE I 141 -29.50 -17.41 53.65
C PHE I 141 -28.16 -18.09 54.00
N ALA I 142 -28.01 -18.48 55.28
CA ALA I 142 -26.79 -19.12 55.74
C ALA I 142 -26.77 -20.58 55.34
N ARG I 143 -27.96 -21.18 55.20
CA ARG I 143 -28.09 -22.57 54.76
C ARG I 143 -28.04 -22.65 53.24
N PHE I 144 -28.36 -21.52 52.58
CA PHE I 144 -28.14 -21.38 51.15
C PHE I 144 -26.65 -21.42 50.85
N LYS I 145 -25.85 -20.77 51.70
CA LYS I 145 -24.42 -20.64 51.49
C LYS I 145 -23.71 -21.98 51.72
N THR I 146 -24.28 -22.82 52.60
CA THR I 146 -23.66 -24.10 52.94
C THR I 146 -23.80 -25.07 51.77
N GLU I 147 -25.05 -25.22 51.27
CA GLU I 147 -25.34 -26.13 50.18
C GLU I 147 -24.59 -25.72 48.92
N LEU I 148 -24.48 -24.40 48.72
CA LEU I 148 -23.81 -23.84 47.55
C LEU I 148 -22.33 -24.20 47.56
N LEU I 149 -21.70 -24.12 48.75
CA LEU I 149 -20.28 -24.40 48.87
C LEU I 149 -20.01 -25.89 48.93
N LYS I 150 -21.05 -26.70 48.65
CA LYS I 150 -20.91 -28.14 48.54
C LYS I 150 -21.19 -28.57 47.10
N ASP I 151 -22.35 -28.14 46.57
CA ASP I 151 -22.85 -28.62 45.29
C ASP I 151 -23.83 -27.60 44.71
N ARG I 152 -23.29 -26.57 44.06
CA ARG I 152 -24.10 -25.47 43.55
C ARG I 152 -24.92 -25.95 42.35
N ALA I 153 -24.41 -26.96 41.65
CA ALA I 153 -25.06 -27.52 40.48
C ALA I 153 -26.43 -28.07 40.86
N GLN I 154 -26.46 -28.92 41.90
CA GLN I 154 -27.66 -29.60 42.34
C GLN I 154 -28.61 -28.62 43.00
N PHE I 155 -28.06 -27.65 43.75
CA PHE I 155 -28.86 -26.64 44.42
C PHE I 155 -29.72 -25.90 43.41
N ILE I 156 -29.12 -25.49 42.29
CA ILE I 156 -29.80 -24.74 41.24
C ILE I 156 -30.97 -25.58 40.73
N SER I 157 -30.73 -26.88 40.56
CA SER I 157 -31.69 -27.82 40.00
C SER I 157 -32.90 -27.97 40.94
N ASP I 158 -32.63 -28.04 42.24
CA ASP I 158 -33.67 -28.15 43.26
C ASP I 158 -34.46 -26.84 43.34
N PHE I 159 -33.78 -25.72 43.09
CA PHE I 159 -34.33 -24.39 43.23
C PHE I 159 -35.49 -24.19 42.25
N ASN I 160 -35.49 -24.95 41.14
CA ASN I 160 -36.51 -24.86 40.10
C ASN I 160 -37.91 -25.04 40.68
N ALA I 161 -38.07 -26.05 41.54
CA ALA I 161 -39.37 -26.39 42.13
C ALA I 161 -40.02 -25.17 42.79
N PRO I 162 -39.46 -24.60 43.88
CA PRO I 162 -40.06 -23.41 44.51
C PRO I 162 -39.96 -22.11 43.73
N PHE I 163 -38.97 -22.00 42.83
CA PHE I 163 -38.74 -20.79 42.06
C PHE I 163 -39.92 -20.55 41.12
N TYR I 164 -40.31 -21.60 40.40
CA TYR I 164 -41.39 -21.52 39.41
C TYR I 164 -42.71 -21.92 40.05
N GLY I 165 -42.64 -22.45 41.27
CA GLY I 165 -43.83 -22.90 41.99
C GLY I 165 -44.39 -24.19 41.39
N ILE I 166 -43.50 -25.11 41.02
CA ILE I 166 -43.87 -26.38 40.40
C ILE I 166 -44.54 -27.27 41.44
N ASN I 167 -44.11 -27.13 42.70
CA ASN I 167 -44.64 -27.90 43.82
C ASN I 167 -46.05 -27.43 44.19
N LYS I 168 -46.44 -26.26 43.67
CA LYS I 168 -47.77 -25.71 43.92
C LYS I 168 -48.61 -25.75 42.64
N GLY I 169 -48.23 -26.64 41.72
CA GLY I 169 -49.06 -27.04 40.60
C GLY I 169 -48.97 -26.12 39.39
N GLN I 170 -47.86 -25.38 39.27
CA GLN I 170 -47.60 -24.56 38.10
C GLN I 170 -46.94 -25.43 37.03
N VAL I 171 -47.23 -25.15 35.75
CA VAL I 171 -46.73 -25.95 34.65
C VAL I 171 -45.56 -25.22 33.98
N VAL I 172 -44.40 -25.87 34.00
CA VAL I 172 -43.18 -25.38 33.37
C VAL I 172 -42.53 -26.56 32.64
N SER I 173 -42.23 -26.34 31.35
CA SER I 173 -41.70 -27.39 30.49
C SER I 173 -40.28 -27.76 30.90
N CYS I 174 -39.84 -28.95 30.48
CA CYS I 174 -38.50 -29.46 30.77
C CYS I 174 -37.43 -28.59 30.11
N GLY I 175 -37.77 -28.02 28.95
CA GLY I 175 -36.87 -27.14 28.22
C GLY I 175 -36.49 -25.90 29.02
N VAL I 176 -37.50 -25.25 29.60
CA VAL I 176 -37.31 -24.06 30.42
C VAL I 176 -36.39 -24.39 31.59
N GLN I 177 -36.63 -25.55 32.21
CA GLN I 177 -35.86 -25.99 33.37
C GLN I 177 -34.41 -26.24 32.98
N THR I 178 -34.20 -26.90 31.83
CA THR I 178 -32.88 -27.17 31.30
C THR I 178 -32.18 -25.84 30.99
N GLN I 179 -32.92 -24.89 30.41
CA GLN I 179 -32.37 -23.60 30.02
C GLN I 179 -31.93 -22.82 31.25
N THR I 180 -32.74 -22.90 32.32
CA THR I 180 -32.47 -22.20 33.55
C THR I 180 -31.17 -22.72 34.17
N LEU I 181 -31.03 -24.04 34.21
CA LEU I 181 -29.86 -24.69 34.76
C LEU I 181 -28.62 -24.34 33.92
N GLN I 182 -28.79 -24.30 32.59
CA GLN I 182 -27.69 -24.05 31.67
C GLN I 182 -27.12 -22.66 31.89
N ILE I 183 -28.00 -21.66 31.99
CA ILE I 183 -27.61 -20.26 32.17
C ILE I 183 -26.89 -20.11 33.52
N ALA I 184 -27.44 -20.76 34.54
CA ALA I 184 -26.95 -20.65 35.91
C ALA I 184 -25.51 -21.17 36.01
N LEU I 185 -25.20 -22.23 35.24
CA LEU I 185 -23.93 -22.92 35.37
C LEU I 185 -22.79 -22.11 34.75
N LEU I 186 -23.12 -21.00 34.09
CA LEU I 186 -22.12 -20.13 33.49
C LEU I 186 -21.48 -19.25 34.56
N ALA I 187 -22.26 -18.96 35.61
CA ALA I 187 -21.92 -17.95 36.60
C ALA I 187 -20.79 -18.45 37.53
N SER I 188 -20.10 -17.48 38.14
CA SER I 188 -19.07 -17.72 39.15
C SER I 188 -19.71 -18.24 40.44
N LEU I 189 -19.02 -19.19 41.09
CA LEU I 189 -19.44 -19.68 42.39
C LEU I 189 -19.35 -18.56 43.42
N LYS I 190 -18.25 -17.79 43.37
CA LYS I 190 -18.01 -16.68 44.26
C LYS I 190 -19.12 -15.64 44.11
N ALA I 191 -19.56 -15.40 42.87
CA ALA I 191 -20.55 -14.38 42.57
C ALA I 191 -21.94 -14.82 43.03
N THR I 192 -22.20 -16.14 42.98
CA THR I 192 -23.50 -16.66 43.38
C THR I 192 -23.64 -16.61 44.91
N VAL I 193 -22.53 -16.80 45.62
CA VAL I 193 -22.51 -16.81 47.07
C VAL I 193 -22.56 -15.38 47.60
N ASP I 194 -21.72 -14.50 47.04
CA ASP I 194 -21.61 -13.11 47.47
C ASP I 194 -22.95 -12.39 47.31
N CYS I 195 -23.71 -12.78 46.27
CA CYS I 195 -25.00 -12.17 45.99
C CYS I 195 -26.01 -12.53 47.06
N VAL I 196 -25.84 -13.71 47.68
CA VAL I 196 -26.66 -14.12 48.82
C VAL I 196 -26.46 -13.10 49.93
N THR I 197 -25.19 -12.77 50.22
CA THR I 197 -24.83 -11.81 51.26
C THR I 197 -25.39 -10.44 50.91
N ALA I 198 -25.41 -10.13 49.61
CA ALA I 198 -25.78 -8.81 49.11
C ALA I 198 -27.29 -8.58 49.26
N PHE I 199 -28.10 -9.53 48.77
CA PHE I 199 -29.54 -9.33 48.76
C PHE I 199 -30.13 -9.59 50.15
N ALA I 200 -29.36 -10.25 51.02
CA ALA I 200 -29.85 -10.64 52.34
C ALA I 200 -29.73 -9.49 53.34
N GLU I 201 -28.73 -8.63 53.15
CA GLU I 201 -28.31 -7.74 54.24
C GLU I 201 -28.35 -6.27 53.83
N THR I 202 -28.49 -5.97 52.54
CA THR I 202 -28.48 -4.58 52.09
C THR I 202 -29.86 -3.95 52.32
N ASP I 203 -29.85 -2.76 52.92
CA ASP I 203 -31.04 -2.00 53.29
C ASP I 203 -31.30 -0.91 52.26
N PHE I 204 -32.41 -1.05 51.52
CA PHE I 204 -32.76 -0.15 50.44
C PHE I 204 -33.85 0.83 50.91
N ARG I 205 -34.05 0.93 52.22
CA ARG I 205 -35.03 1.86 52.77
C ARG I 205 -34.58 3.30 52.52
N PRO I 206 -33.32 3.69 52.81
CA PRO I 206 -32.84 5.05 52.53
C PRO I 206 -33.02 5.45 51.07
N ASP I 207 -33.02 4.46 50.17
CA ASP I 207 -33.11 4.68 48.74
C ASP I 207 -34.56 4.95 48.32
N MET I 208 -35.50 4.45 49.13
CA MET I 208 -36.91 4.41 48.76
C MET I 208 -37.47 5.82 48.66
N ALA I 209 -36.89 6.75 49.43
CA ALA I 209 -37.35 8.13 49.49
C ALA I 209 -36.71 8.96 48.38
N LYS I 210 -35.60 8.46 47.82
CA LYS I 210 -34.85 9.15 46.79
C LYS I 210 -35.41 8.84 45.40
N ILE I 211 -36.46 8.02 45.34
CA ILE I 211 -37.07 7.64 44.07
C ILE I 211 -38.25 8.57 43.79
N ASP I 212 -38.14 9.36 42.71
CA ASP I 212 -39.06 10.44 42.41
C ASP I 212 -39.62 10.30 41.00
N VAL I 213 -39.57 9.08 40.46
CA VAL I 213 -40.05 8.81 39.12
C VAL I 213 -41.26 7.88 39.20
N PRO I 214 -42.21 7.92 38.22
CA PRO I 214 -43.31 6.95 38.15
C PRO I 214 -42.82 5.52 38.31
N THR I 215 -43.48 4.78 39.20
CA THR I 215 -43.04 3.46 39.62
C THR I 215 -44.19 2.46 39.55
N LEU I 216 -43.91 1.29 38.94
CA LEU I 216 -44.83 0.17 38.95
C LEU I 216 -44.20 -0.99 39.72
N VAL I 217 -44.93 -1.47 40.72
CA VAL I 217 -44.47 -2.61 41.52
C VAL I 217 -45.40 -3.79 41.24
N ILE I 218 -44.81 -4.87 40.71
CA ILE I 218 -45.53 -6.11 40.45
C ILE I 218 -44.90 -7.21 41.29
N HIS I 219 -45.74 -8.06 41.89
CA HIS I 219 -45.29 -9.13 42.76
C HIS I 219 -46.40 -10.18 42.87
N GLY I 220 -46.00 -11.45 42.86
CA GLY I 220 -46.94 -12.56 43.04
C GLY I 220 -47.08 -12.92 44.51
N ASP I 221 -48.31 -13.26 44.93
CA ASP I 221 -48.57 -13.56 46.33
C ASP I 221 -48.36 -15.05 46.62
N GLY I 222 -48.03 -15.82 45.58
CA GLY I 222 -47.65 -17.21 45.75
C GLY I 222 -46.13 -17.37 45.77
N ASP I 223 -45.42 -16.26 46.02
CA ASP I 223 -43.97 -16.21 45.97
C ASP I 223 -43.39 -16.98 47.15
N GLN I 224 -42.44 -17.88 46.85
CA GLN I 224 -41.88 -18.78 47.84
C GLN I 224 -40.42 -18.40 48.12
N ILE I 225 -39.92 -17.38 47.42
CA ILE I 225 -38.54 -16.95 47.54
C ILE I 225 -38.52 -15.60 48.25
N VAL I 226 -39.14 -14.60 47.63
CA VAL I 226 -39.19 -13.24 48.17
C VAL I 226 -40.62 -12.99 48.64
N PRO I 227 -40.90 -13.07 49.97
CA PRO I 227 -42.27 -12.95 50.49
C PRO I 227 -42.89 -11.57 50.24
N PHE I 228 -44.04 -11.59 49.56
CA PHE I 228 -44.75 -10.41 49.06
C PHE I 228 -44.99 -9.39 50.17
N GLU I 229 -45.41 -9.88 51.34
CA GLU I 229 -45.91 -9.05 52.42
C GLU I 229 -44.82 -8.15 52.98
N THR I 230 -43.55 -8.59 52.88
CA THR I 230 -42.46 -7.90 53.57
C THR I 230 -41.47 -7.31 52.57
N THR I 231 -41.84 -7.30 51.29
CA THR I 231 -41.03 -6.66 50.25
C THR I 231 -41.91 -5.74 49.39
N GLY I 232 -42.53 -6.32 48.37
CA GLY I 232 -43.31 -5.58 47.38
C GLY I 232 -44.36 -4.67 48.02
N LYS I 233 -45.20 -5.25 48.87
CA LYS I 233 -46.27 -4.53 49.54
C LYS I 233 -45.71 -3.29 50.25
N VAL I 234 -44.53 -3.46 50.85
CA VAL I 234 -43.89 -2.40 51.63
C VAL I 234 -43.27 -1.38 50.67
N ALA I 235 -42.74 -1.88 49.55
CA ALA I 235 -42.03 -1.07 48.57
C ALA I 235 -42.98 -0.07 47.92
N ALA I 236 -44.19 -0.52 47.60
CA ALA I 236 -45.21 0.29 46.95
C ALA I 236 -45.68 1.40 47.90
N GLU I 237 -45.68 1.10 49.20
CA GLU I 237 -46.03 2.08 50.21
C GLU I 237 -45.00 3.21 50.22
N LEU I 238 -43.72 2.85 50.25
CA LEU I 238 -42.64 3.79 50.53
C LEU I 238 -42.30 4.66 49.33
N ILE I 239 -42.51 4.16 48.10
CA ILE I 239 -42.21 4.93 46.91
C ILE I 239 -43.34 5.95 46.69
N LYS I 240 -42.96 7.14 46.21
CA LYS I 240 -43.88 8.26 46.03
C LYS I 240 -44.70 8.02 44.77
N GLY I 241 -46.02 7.85 44.95
CA GLY I 241 -46.96 7.71 43.86
C GLY I 241 -46.72 6.46 43.02
N ALA I 242 -46.35 5.35 43.70
CA ALA I 242 -46.12 4.09 43.04
C ALA I 242 -47.45 3.38 42.82
N GLU I 243 -47.46 2.46 41.84
CA GLU I 243 -48.60 1.60 41.58
C GLU I 243 -48.24 0.18 42.02
N LEU I 244 -49.26 -0.61 42.39
CA LEU I 244 -49.06 -1.96 42.87
C LEU I 244 -50.04 -2.89 42.15
N LYS I 245 -49.47 -3.93 41.52
CA LYS I 245 -50.25 -4.98 40.85
C LYS I 245 -49.85 -6.33 41.43
N VAL I 246 -50.85 -7.07 41.93
CA VAL I 246 -50.63 -8.39 42.51
C VAL I 246 -51.12 -9.43 41.50
N TYR I 247 -50.22 -10.33 41.12
CA TYR I 247 -50.57 -11.51 40.34
C TYR I 247 -50.96 -12.62 41.30
N LYS I 248 -52.23 -13.03 41.24
CA LYS I 248 -52.81 -14.00 42.16
C LYS I 248 -52.15 -15.36 41.96
N ASP I 249 -51.61 -15.90 43.06
CA ASP I 249 -51.04 -17.24 43.13
C ASP I 249 -49.84 -17.38 42.19
N ALA I 250 -49.16 -16.26 41.91
CA ALA I 250 -48.01 -16.28 41.02
C ALA I 250 -46.74 -16.54 41.81
N PRO I 251 -45.80 -17.37 41.29
CA PRO I 251 -44.56 -17.69 41.99
C PRO I 251 -43.53 -16.57 41.80
N HIS I 252 -42.27 -16.87 42.16
CA HIS I 252 -41.19 -15.91 42.09
C HIS I 252 -40.86 -15.59 40.63
N GLY I 253 -40.54 -16.62 39.85
CA GLY I 253 -40.24 -16.46 38.43
C GLY I 253 -41.51 -16.38 37.60
N PHE I 254 -42.31 -15.33 37.84
CA PHE I 254 -43.57 -15.14 37.13
C PHE I 254 -43.29 -14.59 35.73
N ALA I 255 -42.00 -14.29 35.46
CA ALA I 255 -41.55 -13.82 34.16
C ALA I 255 -41.84 -14.86 33.08
N VAL I 256 -41.97 -16.13 33.50
CA VAL I 256 -42.23 -17.24 32.60
C VAL I 256 -43.70 -17.61 32.64
N THR I 257 -44.22 -17.86 33.85
CA THR I 257 -45.55 -18.43 34.06
C THR I 257 -46.66 -17.42 33.77
N HIS I 258 -46.34 -16.12 33.87
CA HIS I 258 -47.31 -15.08 33.57
C HIS I 258 -46.73 -14.13 32.52
N ALA I 259 -46.04 -14.71 31.53
CA ALA I 259 -45.30 -13.97 30.52
C ALA I 259 -46.18 -12.95 29.83
N GLN I 260 -47.31 -13.41 29.26
CA GLN I 260 -48.17 -12.57 28.45
C GLN I 260 -48.70 -11.39 29.27
N GLN I 261 -48.99 -11.63 30.55
CA GLN I 261 -49.58 -10.59 31.39
C GLN I 261 -48.55 -9.52 31.71
N LEU I 262 -47.30 -9.95 31.96
CA LEU I 262 -46.23 -9.02 32.26
C LEU I 262 -45.93 -8.14 31.05
N ASN I 263 -46.03 -8.73 29.85
CA ASN I 263 -45.76 -8.04 28.59
C ASN I 263 -46.73 -6.89 28.38
N GLU I 264 -48.02 -7.15 28.67
CA GLU I 264 -49.07 -6.18 28.46
C GLU I 264 -49.05 -5.13 29.56
N ASP I 265 -48.50 -5.48 30.73
CA ASP I 265 -48.35 -4.56 31.85
C ASP I 265 -47.17 -3.61 31.59
N LEU I 266 -46.07 -4.15 31.06
CA LEU I 266 -44.87 -3.38 30.77
C LEU I 266 -45.15 -2.40 29.63
N LEU I 267 -46.09 -2.75 28.74
CA LEU I 267 -46.45 -1.91 27.62
C LEU I 267 -47.46 -0.85 28.06
N ALA I 268 -48.33 -1.21 29.01
CA ALA I 268 -49.33 -0.29 29.53
C ALA I 268 -48.67 0.80 30.36
N PHE I 269 -47.56 0.46 31.02
CA PHE I 269 -46.86 1.40 31.87
C PHE I 269 -46.06 2.40 31.02
N LEU I 270 -45.47 1.90 29.93
CA LEU I 270 -44.64 2.70 29.06
C LEU I 270 -45.46 3.77 28.34
N LYS I 271 -46.73 3.46 28.08
CA LYS I 271 -47.60 4.38 27.35
C LYS I 271 -48.25 5.38 28.31
N ARG I 272 -48.15 5.09 29.62
CA ARG I 272 -48.58 6.04 30.64
C ARG I 272 -47.63 7.23 30.64
N GLY I 273 -46.32 6.94 30.56
CA GLY I 273 -45.28 7.96 30.45
C GLY I 273 -44.62 7.92 29.08
N SER J 2 1.67 -8.01 -3.54
CA SER J 2 1.13 -7.71 -2.19
C SER J 2 2.13 -6.88 -1.40
N CYS J 3 1.66 -6.26 -0.31
CA CYS J 3 2.54 -5.50 0.56
C CYS J 3 1.89 -5.31 1.91
N PHE J 4 2.72 -5.14 2.96
CA PHE J 4 2.27 -4.79 4.29
C PHE J 4 3.11 -3.63 4.81
N VAL J 5 2.61 -2.97 5.86
CA VAL J 5 3.29 -1.82 6.47
C VAL J 5 3.91 -2.29 7.79
N ALA J 6 5.21 -2.01 7.97
CA ALA J 6 5.92 -2.30 9.21
C ALA J 6 5.53 -1.29 10.29
N LYS J 7 6.01 -1.53 11.53
CA LYS J 7 5.69 -0.69 12.66
C LYS J 7 6.18 0.75 12.43
N ASP J 8 7.30 0.90 11.71
CA ASP J 8 7.90 2.22 11.51
C ASP J 8 7.41 2.87 10.21
N GLY J 9 6.44 2.21 9.55
CA GLY J 9 5.79 2.79 8.39
C GLY J 9 6.39 2.34 7.06
N THR J 10 7.35 1.42 7.11
CA THR J 10 8.03 0.92 5.92
C THR J 10 7.12 -0.07 5.18
N GLN J 11 6.98 0.12 3.86
CA GLN J 11 6.18 -0.78 3.04
C GLN J 11 7.07 -1.87 2.45
N ILE J 12 6.66 -3.13 2.70
CA ILE J 12 7.40 -4.32 2.30
C ILE J 12 6.58 -5.05 1.24
N TYR J 13 7.19 -5.29 0.08
CA TYR J 13 6.59 -6.08 -0.98
C TYR J 13 6.76 -7.56 -0.65
N PHE J 14 5.73 -8.36 -0.97
CA PHE J 14 5.84 -9.81 -0.90
C PHE J 14 4.97 -10.48 -1.96
N LYS J 15 5.30 -11.74 -2.25
CA LYS J 15 4.54 -12.63 -3.11
C LYS J 15 3.97 -13.77 -2.27
N ASP J 16 2.70 -14.11 -2.53
CA ASP J 16 1.98 -15.14 -1.81
C ASP J 16 1.33 -16.06 -2.84
N TRP J 17 1.88 -17.28 -2.97
CA TRP J 17 1.55 -18.19 -4.06
C TRP J 17 1.06 -19.53 -3.52
N GLY J 18 -0.03 -20.04 -4.11
CA GLY J 18 -0.53 -21.38 -3.85
C GLY J 18 -1.25 -21.51 -2.51
N SER J 19 -1.42 -22.76 -2.06
CA SER J 19 -2.10 -23.10 -0.83
C SER J 19 -1.53 -24.38 -0.24
N GLY J 20 -1.81 -24.62 1.04
CA GLY J 20 -1.18 -25.70 1.80
C GLY J 20 -0.24 -25.15 2.87
N LYS J 21 0.58 -26.03 3.44
CA LYS J 21 1.55 -25.65 4.46
C LYS J 21 2.39 -24.50 3.92
N PRO J 22 2.62 -23.42 4.70
CA PRO J 22 3.36 -22.25 4.21
C PRO J 22 4.87 -22.37 4.35
N VAL J 23 5.58 -21.94 3.30
CA VAL J 23 7.03 -21.89 3.25
C VAL J 23 7.43 -20.46 2.99
N LEU J 24 8.24 -19.90 3.91
CA LEU J 24 8.57 -18.48 3.83
C LEU J 24 10.07 -18.31 3.54
N PHE J 25 10.35 -17.61 2.44
CA PHE J 25 11.68 -17.50 1.86
C PHE J 25 12.29 -16.13 2.19
N SER J 26 13.56 -16.15 2.60
CA SER J 26 14.29 -14.94 2.97
C SER J 26 15.57 -14.86 2.14
N HIS J 27 15.65 -13.85 1.27
CA HIS J 27 16.65 -13.79 0.22
C HIS J 27 17.98 -13.27 0.74
N GLY J 28 19.01 -13.39 -0.10
CA GLY J 28 20.35 -13.00 0.25
C GLY J 28 20.64 -11.53 -0.08
N TRP J 29 21.91 -11.15 0.05
CA TRP J 29 22.36 -9.79 -0.14
C TRP J 29 22.36 -9.45 -1.63
N LEU J 30 21.85 -8.25 -1.96
CA LEU J 30 21.87 -7.69 -3.30
C LEU J 30 20.65 -8.15 -4.11
N LEU J 31 19.91 -9.12 -3.61
CA LEU J 31 18.87 -9.77 -4.39
C LEU J 31 17.49 -9.30 -3.93
N ASP J 32 16.44 -10.04 -4.34
CA ASP J 32 15.08 -9.81 -3.84
C ASP J 32 14.28 -11.12 -3.94
N ALA J 33 12.97 -11.03 -3.71
CA ALA J 33 12.11 -12.20 -3.69
C ALA J 33 12.17 -13.00 -4.99
N ASP J 34 12.69 -12.38 -6.06
CA ASP J 34 12.70 -13.01 -7.38
C ASP J 34 13.73 -14.13 -7.47
N MET J 35 14.67 -14.21 -6.51
CA MET J 35 15.70 -15.23 -6.59
C MET J 35 15.11 -16.60 -6.26
N TRP J 36 13.85 -16.60 -5.81
CA TRP J 36 13.17 -17.78 -5.29
C TRP J 36 12.15 -18.32 -6.30
N GLU J 37 12.01 -17.64 -7.45
CA GLU J 37 10.89 -17.92 -8.34
C GLU J 37 10.80 -19.41 -8.69
N TYR J 38 11.96 -20.07 -8.88
CA TYR J 38 11.99 -21.44 -9.33
C TYR J 38 11.58 -22.41 -8.22
N GLN J 39 12.03 -22.13 -6.99
CA GLN J 39 11.69 -22.95 -5.84
C GLN J 39 10.22 -22.76 -5.49
N MET J 40 9.73 -21.53 -5.70
CA MET J 40 8.36 -21.15 -5.37
C MET J 40 7.41 -21.84 -6.34
N GLU J 41 7.78 -21.88 -7.62
CA GLU J 41 6.95 -22.50 -8.64
C GLU J 41 6.94 -24.01 -8.42
N TYR J 42 8.10 -24.55 -8.03
CA TYR J 42 8.26 -25.98 -7.85
C TYR J 42 7.33 -26.48 -6.74
N LEU J 43 7.37 -25.80 -5.58
CA LEU J 43 6.65 -26.26 -4.40
C LEU J 43 5.16 -25.91 -4.50
N SER J 44 4.86 -24.74 -5.10
CA SER J 44 3.48 -24.28 -5.16
C SER J 44 2.64 -25.11 -6.12
N SER J 45 3.29 -25.74 -7.10
N SER J 45 3.30 -25.74 -7.10
CA SER J 45 2.60 -26.63 -8.01
CA SER J 45 2.63 -26.64 -8.02
C SER J 45 2.59 -28.05 -7.44
C SER J 45 2.52 -28.03 -7.42
N ARG J 46 3.01 -28.19 -6.17
CA ARG J 46 3.12 -29.49 -5.54
C ARG J 46 2.49 -29.48 -4.15
N GLY J 47 1.54 -28.56 -3.91
CA GLY J 47 0.67 -28.59 -2.75
C GLY J 47 1.16 -27.75 -1.57
N TYR J 48 2.05 -26.79 -1.85
CA TYR J 48 2.56 -25.92 -0.80
C TYR J 48 2.25 -24.45 -1.12
N ARG J 49 2.12 -23.66 -0.05
CA ARG J 49 1.95 -22.22 -0.12
C ARG J 49 3.33 -21.57 0.06
N THR J 50 3.71 -20.72 -0.88
CA THR J 50 5.05 -20.15 -0.85
C THR J 50 4.97 -18.63 -0.75
N ILE J 51 5.83 -18.07 0.12
CA ILE J 51 5.81 -16.65 0.43
C ILE J 51 7.25 -16.14 0.42
N ALA J 52 7.48 -15.07 -0.36
CA ALA J 52 8.78 -14.42 -0.39
C ALA J 52 8.59 -12.91 -0.37
N PHE J 53 9.44 -12.21 0.38
CA PHE J 53 9.33 -10.76 0.52
C PHE J 53 10.63 -10.10 0.03
N ASP J 54 10.51 -8.84 -0.36
CA ASP J 54 11.68 -7.99 -0.60
C ASP J 54 12.07 -7.34 0.73
N ARG J 55 13.28 -7.65 1.21
CA ARG J 55 13.80 -7.04 2.43
C ARG J 55 13.80 -5.52 2.28
N ARG J 56 13.51 -4.81 3.39
CA ARG J 56 13.51 -3.35 3.35
C ARG J 56 14.79 -2.85 2.70
N GLY J 57 14.66 -1.88 1.80
CA GLY J 57 15.77 -1.30 1.07
C GLY J 57 16.15 -2.11 -0.16
N PHE J 58 15.35 -3.14 -0.47
CA PHE J 58 15.64 -4.02 -1.59
C PHE J 58 14.41 -4.19 -2.47
N GLY J 59 14.67 -4.43 -3.75
CA GLY J 59 13.64 -4.78 -4.72
C GLY J 59 12.58 -3.69 -4.83
N ARG J 60 11.34 -4.08 -4.54
CA ARG J 60 10.18 -3.22 -4.76
C ARG J 60 9.69 -2.66 -3.43
N SER J 61 10.46 -2.90 -2.37
CA SER J 61 10.11 -2.40 -1.04
C SER J 61 10.60 -0.97 -0.85
N ASP J 62 10.04 -0.29 0.15
CA ASP J 62 10.50 1.04 0.56
C ASP J 62 11.96 0.97 1.00
N GLN J 63 12.64 2.12 0.94
CA GLN J 63 14.05 2.21 1.30
C GLN J 63 14.23 3.20 2.45
N PRO J 64 13.98 2.80 3.71
CA PRO J 64 14.13 3.71 4.85
C PRO J 64 15.61 3.89 5.22
N TRP J 65 15.91 5.04 5.86
CA TRP J 65 17.27 5.35 6.29
C TRP J 65 17.65 4.52 7.52
N THR J 66 16.66 4.27 8.39
CA THR J 66 16.91 3.56 9.64
C THR J 66 16.40 2.12 9.54
N GLY J 67 16.95 1.26 10.40
CA GLY J 67 16.38 -0.06 10.64
C GLY J 67 17.04 -1.17 9.81
N ASN J 68 18.19 -0.85 9.21
CA ASN J 68 18.90 -1.82 8.40
C ASN J 68 19.80 -2.68 9.29
N ASP J 69 19.17 -3.52 10.12
CA ASP J 69 19.84 -4.35 11.10
C ASP J 69 19.02 -5.63 11.31
N TYR J 70 19.63 -6.62 11.98
CA TYR J 70 19.03 -7.95 12.05
C TYR J 70 17.81 -7.98 12.95
N ASP J 71 17.82 -7.18 14.01
CA ASP J 71 16.70 -7.09 14.93
C ASP J 71 15.46 -6.59 14.18
N THR J 72 15.65 -5.59 13.32
CA THR J 72 14.54 -5.02 12.56
C THR J 72 14.10 -6.00 11.48
N PHE J 73 15.07 -6.65 10.83
CA PHE J 73 14.80 -7.62 9.78
C PHE J 73 13.90 -8.72 10.32
N ALA J 74 14.24 -9.22 11.51
CA ALA J 74 13.49 -10.29 12.17
C ALA J 74 12.08 -9.81 12.50
N ASP J 75 11.97 -8.56 12.98
CA ASP J 75 10.69 -7.96 13.37
C ASP J 75 9.81 -7.78 12.15
N ASP J 76 10.44 -7.52 10.99
CA ASP J 76 9.72 -7.45 9.72
C ASP J 76 9.07 -8.80 9.45
N ILE J 77 9.86 -9.87 9.57
CA ILE J 77 9.40 -11.23 9.34
C ILE J 77 8.24 -11.54 10.30
N ALA J 78 8.38 -11.12 11.56
CA ALA J 78 7.35 -11.35 12.56
C ALA J 78 6.04 -10.70 12.12
N GLN J 79 6.14 -9.50 11.55
CA GLN J 79 4.98 -8.73 11.14
C GLN J 79 4.32 -9.34 9.92
N LEU J 80 5.13 -9.84 8.98
CA LEU J 80 4.60 -10.53 7.80
C LEU J 80 3.84 -11.78 8.24
N ILE J 81 4.45 -12.55 9.15
CA ILE J 81 3.85 -13.77 9.67
C ILE J 81 2.54 -13.44 10.37
N GLU J 82 2.48 -12.32 11.10
CA GLU J 82 1.28 -11.91 11.82
C GLU J 82 0.23 -11.36 10.85
N HIS J 83 0.69 -10.70 9.79
CA HIS J 83 -0.19 -10.11 8.80
C HIS J 83 -0.98 -11.21 8.10
N LEU J 84 -0.29 -12.32 7.79
CA LEU J 84 -0.90 -13.44 7.09
C LEU J 84 -1.42 -14.47 8.09
N ASP J 85 -1.12 -14.26 9.38
CA ASP J 85 -1.51 -15.10 10.50
C ASP J 85 -1.09 -16.55 10.27
N LEU J 86 0.18 -16.76 9.89
CA LEU J 86 0.69 -18.06 9.50
C LEU J 86 0.95 -18.93 10.73
N LYS J 87 0.80 -20.24 10.54
CA LYS J 87 1.16 -21.27 11.51
C LYS J 87 1.82 -22.41 10.77
N GLU J 88 2.76 -23.09 11.44
CA GLU J 88 3.49 -24.23 10.91
C GLU J 88 4.32 -23.79 9.70
N VAL J 89 5.04 -22.67 9.86
CA VAL J 89 5.84 -22.10 8.79
C VAL J 89 7.17 -22.84 8.70
N THR J 90 7.61 -23.08 7.46
CA THR J 90 8.98 -23.48 7.20
C THR J 90 9.75 -22.25 6.71
N LEU J 91 10.65 -21.76 7.54
CA LEU J 91 11.50 -20.62 7.22
C LEU J 91 12.70 -21.12 6.42
N VAL J 92 12.95 -20.48 5.27
CA VAL J 92 14.06 -20.84 4.41
C VAL J 92 14.88 -19.57 4.16
N GLY J 93 16.13 -19.57 4.62
CA GLY J 93 16.98 -18.39 4.46
C GLY J 93 18.21 -18.69 3.62
N PHE J 94 18.54 -17.77 2.70
CA PHE J 94 19.74 -17.88 1.91
C PHE J 94 20.70 -16.76 2.27
N SER J 95 21.99 -17.12 2.40
CA SER J 95 23.06 -16.15 2.60
C SER J 95 22.79 -15.35 3.87
N MET J 96 22.71 -14.02 3.74
CA MET J 96 22.48 -13.18 4.91
C MET J 96 21.04 -13.37 5.41
N GLY J 97 20.17 -13.88 4.53
CA GLY J 97 18.78 -14.16 4.86
C GLY J 97 18.63 -15.29 5.87
N GLY J 98 19.67 -16.11 6.00
CA GLY J 98 19.72 -17.12 7.04
C GLY J 98 19.69 -16.47 8.42
N GLY J 99 20.29 -15.28 8.52
CA GLY J 99 20.39 -14.54 9.76
C GLY J 99 19.03 -14.13 10.31
N ASP J 100 18.15 -13.61 9.45
CA ASP J 100 16.93 -12.98 9.93
C ASP J 100 15.87 -14.01 10.29
N VAL J 101 15.85 -15.15 9.57
CA VAL J 101 14.97 -16.25 9.95
C VAL J 101 15.42 -16.80 11.30
N ALA J 102 16.74 -16.89 11.50
CA ALA J 102 17.32 -17.35 12.75
C ALA J 102 17.01 -16.37 13.89
N ARG J 103 17.22 -15.07 13.62
CA ARG J 103 16.97 -14.02 14.60
C ARG J 103 15.47 -13.91 14.90
N TYR J 104 14.64 -14.25 13.91
CA TYR J 104 13.21 -14.29 14.15
C TYR J 104 12.88 -15.30 15.25
N ILE J 105 13.45 -16.51 15.12
CA ILE J 105 13.20 -17.58 16.09
C ILE J 105 13.72 -17.15 17.46
N ALA J 106 14.89 -16.50 17.48
CA ALA J 106 15.54 -16.05 18.71
C ALA J 106 14.70 -15.01 19.45
N ARG J 107 14.08 -14.07 18.70
CA ARG J 107 13.43 -12.93 19.30
C ARG J 107 11.96 -13.22 19.62
N HIS J 108 11.33 -14.10 18.84
CA HIS J 108 9.89 -14.25 18.86
C HIS J 108 9.47 -15.65 19.29
N GLY J 109 10.40 -16.61 19.22
CA GLY J 109 10.11 -17.98 19.57
C GLY J 109 9.72 -18.81 18.34
N SER J 110 9.46 -20.10 18.56
CA SER J 110 9.24 -21.03 17.47
C SER J 110 7.80 -21.58 17.50
N ALA J 111 6.88 -20.79 18.08
CA ALA J 111 5.50 -21.21 18.28
C ALA J 111 4.75 -21.25 16.95
N ARG J 112 5.24 -20.52 15.94
CA ARG J 112 4.56 -20.43 14.66
C ARG J 112 5.35 -21.18 13.58
N VAL J 113 6.43 -21.86 13.99
CA VAL J 113 7.42 -22.42 13.08
C VAL J 113 7.35 -23.94 13.12
N ALA J 114 7.40 -24.57 11.94
CA ALA J 114 7.41 -26.03 11.82
C ALA J 114 8.82 -26.54 11.54
N GLY J 115 9.62 -25.74 10.81
CA GLY J 115 10.94 -26.17 10.40
C GLY J 115 11.79 -25.01 9.86
N LEU J 116 13.10 -25.23 9.78
CA LEU J 116 14.05 -24.22 9.36
C LEU J 116 15.02 -24.83 8.34
N VAL J 117 15.30 -24.07 7.27
CA VAL J 117 16.26 -24.45 6.26
C VAL J 117 17.26 -23.32 6.10
N LEU J 118 18.55 -23.63 6.22
CA LEU J 118 19.62 -22.65 6.06
C LEU J 118 20.43 -22.99 4.83
N LEU J 119 20.45 -22.06 3.85
CA LEU J 119 21.09 -22.26 2.56
C LEU J 119 22.24 -21.26 2.42
N GLY J 120 23.47 -21.79 2.32
CA GLY J 120 24.67 -20.97 2.29
C GLY J 120 24.62 -19.84 3.32
N ALA J 121 24.11 -20.15 4.52
CA ALA J 121 23.74 -19.14 5.49
C ALA J 121 24.97 -18.59 6.21
N VAL J 122 24.84 -17.36 6.71
CA VAL J 122 25.91 -16.65 7.41
C VAL J 122 25.95 -17.10 8.87
N THR J 123 24.96 -17.91 9.29
CA THR J 123 24.90 -18.46 10.62
C THR J 123 25.98 -19.53 10.78
N PRO J 124 26.57 -19.73 11.98
CA PRO J 124 26.21 -18.94 13.17
C PRO J 124 26.91 -17.58 13.27
N LEU J 125 27.92 -17.38 12.42
CA LEU J 125 28.81 -16.23 12.54
C LEU J 125 29.65 -16.14 11.27
N PHE J 126 29.76 -14.93 10.72
CA PHE J 126 30.44 -14.72 9.46
C PHE J 126 31.82 -14.14 9.73
N GLY J 127 31.83 -12.94 10.35
CA GLY J 127 33.06 -12.18 10.56
C GLY J 127 33.85 -12.65 11.77
N GLN J 128 35.13 -12.31 11.77
CA GLN J 128 36.08 -12.64 12.82
C GLN J 128 35.68 -11.92 14.10
N LYS J 129 35.70 -12.64 15.23
CA LYS J 129 35.41 -12.10 16.55
C LYS J 129 36.58 -12.40 17.48
N PRO J 130 36.65 -11.74 18.67
CA PRO J 130 37.68 -12.05 19.67
C PRO J 130 37.67 -13.50 20.15
N ASP J 131 36.46 -14.09 20.25
CA ASP J 131 36.30 -15.49 20.62
C ASP J 131 35.88 -16.32 19.41
N TYR J 132 36.30 -15.88 18.21
CA TYR J 132 36.04 -16.60 16.98
C TYR J 132 37.04 -16.19 15.90
N PRO J 133 38.35 -16.44 16.10
CA PRO J 133 39.37 -16.02 15.13
C PRO J 133 39.33 -16.73 13.77
N GLN J 134 38.54 -17.81 13.68
CA GLN J 134 38.48 -18.62 12.46
C GLN J 134 37.56 -17.98 11.42
N GLY J 135 36.83 -16.94 11.83
CA GLY J 135 35.91 -16.23 10.96
C GLY J 135 36.63 -15.36 9.94
N VAL J 136 35.85 -14.73 9.05
CA VAL J 136 36.41 -13.90 7.99
C VAL J 136 36.88 -12.57 8.58
N PRO J 137 38.13 -12.14 8.30
CA PRO J 137 38.64 -10.84 8.78
C PRO J 137 37.75 -9.67 8.37
N LEU J 138 37.63 -8.68 9.26
CA LEU J 138 36.71 -7.57 9.06
C LEU J 138 37.19 -6.61 7.98
N ASP J 139 38.47 -6.71 7.62
N ASP J 139 38.47 -6.71 7.60
CA ASP J 139 39.09 -5.86 6.61
CA ASP J 139 39.05 -5.82 6.60
C ASP J 139 38.47 -6.15 5.25
C ASP J 139 38.55 -6.18 5.20
N VAL J 140 38.02 -7.40 5.06
CA VAL J 140 37.41 -7.85 3.81
C VAL J 140 36.13 -7.05 3.59
N PHE J 141 35.31 -6.95 4.64
CA PHE J 141 34.03 -6.27 4.58
C PHE J 141 34.23 -4.76 4.52
N ALA J 142 35.33 -4.27 5.11
CA ALA J 142 35.70 -2.86 5.04
C ALA J 142 35.96 -2.48 3.59
N ARG J 143 36.54 -3.43 2.83
CA ARG J 143 36.92 -3.22 1.45
C ARG J 143 35.65 -3.22 0.59
N PHE J 144 34.67 -4.06 0.94
CA PHE J 144 33.39 -4.08 0.26
C PHE J 144 32.77 -2.68 0.30
N LYS J 145 32.69 -2.10 1.50
CA LYS J 145 32.05 -0.82 1.73
C LYS J 145 32.79 0.30 1.00
N THR J 146 34.13 0.20 0.99
CA THR J 146 34.94 1.18 0.28
C THR J 146 34.51 1.22 -1.19
N GLU J 147 34.42 0.04 -1.81
CA GLU J 147 34.16 -0.05 -3.24
C GLU J 147 32.70 0.28 -3.55
N LEU J 148 31.80 -0.11 -2.63
CA LEU J 148 30.37 0.14 -2.78
C LEU J 148 30.09 1.63 -2.75
N LEU J 149 30.86 2.39 -1.96
CA LEU J 149 30.61 3.81 -1.80
C LEU J 149 31.30 4.61 -2.89
N LYS J 150 31.96 3.90 -3.83
CA LYS J 150 32.53 4.51 -5.01
C LYS J 150 31.65 4.20 -6.23
N ASP J 151 31.35 2.91 -6.43
CA ASP J 151 30.63 2.44 -7.59
C ASP J 151 29.99 1.09 -7.28
N ARG J 152 28.74 1.12 -6.82
CA ARG J 152 28.07 -0.11 -6.44
C ARG J 152 27.68 -0.92 -7.69
N ALA J 153 27.36 -0.21 -8.78
CA ALA J 153 26.95 -0.87 -10.01
C ALA J 153 28.05 -1.82 -10.49
N GLN J 154 29.29 -1.33 -10.55
CA GLN J 154 30.39 -2.14 -11.05
C GLN J 154 30.73 -3.24 -10.04
N PHE J 155 30.48 -2.99 -8.75
CA PHE J 155 30.76 -3.99 -7.72
C PHE J 155 29.88 -5.21 -7.93
N ILE J 156 28.58 -4.98 -8.17
CA ILE J 156 27.63 -6.06 -8.38
C ILE J 156 28.03 -6.87 -9.61
N SER J 157 28.40 -6.17 -10.68
CA SER J 157 28.79 -6.79 -11.93
C SER J 157 29.97 -7.73 -11.69
N ASP J 158 30.95 -7.28 -10.91
CA ASP J 158 32.17 -8.00 -10.61
C ASP J 158 31.91 -9.11 -9.59
N PHE J 159 30.81 -8.99 -8.85
CA PHE J 159 30.50 -9.92 -7.77
C PHE J 159 29.95 -11.23 -8.32
N ASN J 160 29.47 -11.18 -9.58
CA ASN J 160 28.81 -12.30 -10.23
C ASN J 160 29.73 -13.53 -10.30
N ALA J 161 30.99 -13.30 -10.67
CA ALA J 161 31.94 -14.37 -10.94
C ALA J 161 32.17 -15.22 -9.69
N PRO J 162 32.66 -14.65 -8.56
CA PRO J 162 32.80 -15.43 -7.33
C PRO J 162 31.47 -15.97 -6.80
N PHE J 163 30.39 -15.19 -6.95
CA PHE J 163 29.08 -15.58 -6.48
C PHE J 163 28.64 -16.90 -7.10
N TYR J 164 28.72 -17.00 -8.43
CA TYR J 164 28.20 -18.16 -9.15
C TYR J 164 29.29 -19.19 -9.41
N GLY J 165 30.53 -18.86 -9.05
CA GLY J 165 31.66 -19.74 -9.29
C GLY J 165 31.98 -19.89 -10.76
N ILE J 166 31.75 -18.81 -11.52
CA ILE J 166 32.02 -18.77 -12.95
C ILE J 166 33.53 -18.92 -13.16
N ASN J 167 34.31 -18.46 -12.18
CA ASN J 167 35.76 -18.51 -12.21
C ASN J 167 36.27 -19.91 -11.87
N LYS J 168 35.35 -20.78 -11.41
CA LYS J 168 35.69 -22.16 -11.07
C LYS J 168 34.99 -23.12 -12.03
N GLY J 169 34.50 -22.60 -13.16
CA GLY J 169 33.98 -23.42 -14.23
C GLY J 169 32.50 -23.77 -14.08
N GLN J 170 31.78 -23.06 -13.20
CA GLN J 170 30.34 -23.21 -13.14
C GLN J 170 29.73 -22.51 -14.34
N VAL J 171 28.55 -22.97 -14.75
CA VAL J 171 27.93 -22.53 -15.98
C VAL J 171 26.70 -21.70 -15.64
N VAL J 172 26.76 -20.41 -15.95
CA VAL J 172 25.68 -19.47 -15.72
C VAL J 172 25.56 -18.55 -16.92
N SER J 173 24.35 -18.45 -17.48
CA SER J 173 24.09 -17.70 -18.71
C SER J 173 24.28 -16.20 -18.49
N CYS J 174 24.41 -15.47 -19.60
CA CYS J 174 24.44 -14.02 -19.58
C CYS J 174 23.10 -13.48 -19.08
N GLY J 175 22.02 -14.20 -19.40
CA GLY J 175 20.69 -13.87 -18.93
C GLY J 175 20.62 -13.76 -17.42
N VAL J 176 21.17 -14.75 -16.71
CA VAL J 176 21.11 -14.80 -15.27
C VAL J 176 21.97 -13.67 -14.69
N GLN J 177 23.13 -13.43 -15.30
CA GLN J 177 24.02 -12.38 -14.82
C GLN J 177 23.35 -11.02 -14.98
N THR J 178 22.72 -10.79 -16.14
CA THR J 178 21.98 -9.56 -16.43
C THR J 178 20.85 -9.35 -15.43
N GLN J 179 20.13 -10.43 -15.09
CA GLN J 179 18.99 -10.34 -14.20
C GLN J 179 19.45 -10.03 -12.78
N THR J 180 20.61 -10.58 -12.40
CA THR J 180 21.17 -10.39 -11.06
C THR J 180 21.50 -8.92 -10.87
N LEU J 181 22.09 -8.31 -11.90
CA LEU J 181 22.49 -6.91 -11.83
C LEU J 181 21.24 -6.02 -11.79
N GLN J 182 20.24 -6.34 -12.63
CA GLN J 182 19.01 -5.55 -12.74
C GLN J 182 18.33 -5.47 -11.37
N ILE J 183 18.22 -6.61 -10.68
CA ILE J 183 17.54 -6.68 -9.39
C ILE J 183 18.33 -5.90 -8.33
N ALA J 184 19.65 -6.04 -8.34
CA ALA J 184 20.50 -5.38 -7.36
C ALA J 184 20.38 -3.86 -7.45
N LEU J 185 20.29 -3.32 -8.68
CA LEU J 185 20.27 -1.89 -8.89
C LEU J 185 18.95 -1.27 -8.38
N LEU J 186 17.94 -2.11 -8.12
CA LEU J 186 16.70 -1.64 -7.51
C LEU J 186 16.96 -1.26 -6.05
N ALA J 187 17.99 -1.85 -5.44
CA ALA J 187 18.22 -1.69 -4.01
C ALA J 187 18.75 -0.29 -3.70
N SER J 188 18.52 0.12 -2.44
CA SER J 188 19.10 1.33 -1.86
C SER J 188 20.59 1.13 -1.61
N LEU J 189 21.37 2.16 -1.94
CA LEU J 189 22.79 2.21 -1.61
C LEU J 189 22.99 2.05 -0.09
N LYS J 190 22.21 2.81 0.68
CA LYS J 190 22.32 2.81 2.13
C LYS J 190 22.08 1.40 2.67
N ALA J 191 20.99 0.76 2.23
CA ALA J 191 20.62 -0.58 2.66
C ALA J 191 21.70 -1.58 2.27
N THR J 192 22.28 -1.39 1.07
CA THR J 192 23.34 -2.25 0.58
C THR J 192 24.52 -2.23 1.54
N VAL J 193 24.91 -1.02 1.96
CA VAL J 193 26.10 -0.81 2.78
C VAL J 193 25.84 -1.25 4.23
N ASP J 194 24.68 -0.86 4.77
CA ASP J 194 24.32 -1.20 6.15
C ASP J 194 24.26 -2.71 6.33
N CYS J 195 23.93 -3.44 5.27
CA CYS J 195 23.80 -4.89 5.33
C CYS J 195 25.16 -5.54 5.51
N VAL J 196 26.20 -4.93 4.92
CA VAL J 196 27.55 -5.45 5.07
C VAL J 196 27.92 -5.44 6.54
N THR J 197 27.72 -4.30 7.22
CA THR J 197 27.91 -4.18 8.66
C THR J 197 27.14 -5.29 9.37
N ALA J 198 25.90 -5.51 8.93
CA ALA J 198 24.97 -6.41 9.62
C ALA J 198 25.48 -7.85 9.57
N PHE J 199 25.78 -8.37 8.37
CA PHE J 199 26.18 -9.77 8.25
C PHE J 199 27.63 -9.98 8.66
N ALA J 200 28.42 -8.90 8.63
CA ALA J 200 29.82 -8.97 9.02
C ALA J 200 29.97 -9.18 10.52
N GLU J 201 29.09 -8.56 11.32
CA GLU J 201 29.38 -8.38 12.74
C GLU J 201 28.38 -9.08 13.65
N THR J 202 27.18 -9.38 13.17
CA THR J 202 26.15 -9.97 14.02
C THR J 202 26.50 -11.42 14.37
N ASP J 203 26.35 -11.75 15.65
CA ASP J 203 26.69 -13.05 16.20
C ASP J 203 25.41 -13.85 16.45
N PHE J 204 25.25 -14.97 15.75
CA PHE J 204 24.05 -15.78 15.84
C PHE J 204 24.29 -17.03 16.69
N ARG J 205 25.41 -17.06 17.43
CA ARG J 205 25.69 -18.19 18.29
C ARG J 205 24.59 -18.37 19.34
N PRO J 206 24.13 -17.30 20.05
CA PRO J 206 23.06 -17.47 21.04
C PRO J 206 21.77 -17.96 20.39
N ASP J 207 21.52 -17.52 19.16
CA ASP J 207 20.32 -17.88 18.42
C ASP J 207 20.28 -19.38 18.20
N MET J 208 21.46 -19.99 17.99
CA MET J 208 21.59 -21.39 17.59
C MET J 208 20.99 -22.30 18.67
N ALA J 209 21.20 -21.94 19.93
CA ALA J 209 20.78 -22.78 21.04
C ALA J 209 19.29 -22.59 21.33
N LYS J 210 18.65 -21.68 20.58
CA LYS J 210 17.24 -21.36 20.79
C LYS J 210 16.37 -21.98 19.70
N ILE J 211 17.01 -22.49 18.64
CA ILE J 211 16.32 -23.17 17.56
C ILE J 211 15.97 -24.58 18.03
N ASP J 212 14.66 -24.85 18.16
CA ASP J 212 14.19 -26.12 18.68
C ASP J 212 13.17 -26.73 17.71
N VAL J 213 13.47 -26.59 16.42
CA VAL J 213 12.64 -27.16 15.36
C VAL J 213 13.52 -27.97 14.43
N PRO J 214 12.96 -28.95 13.68
CA PRO J 214 13.71 -29.64 12.63
C PRO J 214 14.40 -28.66 11.68
N THR J 215 15.69 -28.90 11.42
CA THR J 215 16.53 -27.98 10.66
C THR J 215 17.29 -28.75 9.58
N LEU J 216 17.32 -28.16 8.38
CA LEU J 216 18.17 -28.64 7.30
C LEU J 216 19.18 -27.56 6.93
N VAL J 217 20.46 -27.92 6.98
CA VAL J 217 21.54 -27.04 6.58
C VAL J 217 22.08 -27.52 5.24
N ILE J 218 22.05 -26.64 4.23
CA ILE J 218 22.61 -26.95 2.92
C ILE J 218 23.65 -25.89 2.58
N HIS J 219 24.85 -26.34 2.21
CA HIS J 219 25.95 -25.45 1.92
C HIS J 219 26.82 -26.10 0.84
N GLY J 220 27.37 -25.27 -0.06
CA GLY J 220 28.32 -25.75 -1.05
C GLY J 220 29.76 -25.62 -0.55
N ASP J 221 30.58 -26.64 -0.81
CA ASP J 221 31.95 -26.63 -0.32
C ASP J 221 32.88 -25.97 -1.34
N GLY J 222 32.28 -25.30 -2.33
CA GLY J 222 33.02 -24.46 -3.25
C GLY J 222 32.71 -22.98 -3.04
N ASP J 223 31.84 -22.69 -2.07
CA ASP J 223 31.39 -21.33 -1.75
C ASP J 223 32.60 -20.44 -1.53
N GLN J 224 32.69 -19.35 -2.32
CA GLN J 224 33.81 -18.42 -2.26
C GLN J 224 33.44 -17.20 -1.43
N ILE J 225 32.16 -17.03 -1.10
CA ILE J 225 31.66 -15.85 -0.42
C ILE J 225 31.54 -16.15 1.07
N VAL J 226 30.67 -17.10 1.41
CA VAL J 226 30.43 -17.50 2.79
C VAL J 226 31.08 -18.88 3.00
N PRO J 227 32.23 -18.96 3.71
CA PRO J 227 32.99 -20.21 3.80
C PRO J 227 32.28 -21.30 4.60
N PHE J 228 32.24 -22.50 4.01
CA PHE J 228 31.51 -23.64 4.54
C PHE J 228 32.01 -24.02 5.93
N GLU J 229 33.34 -24.06 6.09
CA GLU J 229 33.97 -24.64 7.27
C GLU J 229 33.57 -23.90 8.54
N THR J 230 33.35 -22.58 8.44
CA THR J 230 33.19 -21.74 9.62
C THR J 230 31.73 -21.32 9.80
N THR J 231 30.90 -21.61 8.80
CA THR J 231 29.49 -21.23 8.86
C THR J 231 28.61 -22.48 8.89
N GLY J 232 28.15 -22.92 7.71
CA GLY J 232 27.21 -24.02 7.57
C GLY J 232 27.58 -25.25 8.39
N LYS J 233 28.87 -25.62 8.37
CA LYS J 233 29.36 -26.81 9.05
C LYS J 233 29.16 -26.67 10.56
N VAL J 234 29.34 -25.44 11.07
CA VAL J 234 29.28 -25.18 12.50
C VAL J 234 27.82 -25.09 12.93
N ALA J 235 26.98 -24.54 12.05
CA ALA J 235 25.55 -24.37 12.30
C ALA J 235 24.89 -25.73 12.52
N ALA J 236 25.30 -26.73 11.73
CA ALA J 236 24.76 -28.07 11.84
C ALA J 236 25.12 -28.68 13.19
N GLU J 237 26.28 -28.31 13.74
CA GLU J 237 26.73 -28.83 15.02
C GLU J 237 25.95 -28.19 16.16
N LEU J 238 25.71 -26.88 16.06
CA LEU J 238 25.19 -26.09 17.17
C LEU J 238 23.68 -26.27 17.32
N ILE J 239 22.98 -26.49 16.20
CA ILE J 239 21.55 -26.68 16.23
C ILE J 239 21.27 -28.15 16.53
N LYS J 240 20.66 -28.39 17.71
CA LYS J 240 20.27 -29.72 18.16
C LYS J 240 19.35 -30.34 17.11
N GLY J 241 19.75 -31.51 16.60
CA GLY J 241 18.93 -32.32 15.72
C GLY J 241 19.14 -32.03 14.23
N ALA J 242 19.88 -30.96 13.92
CA ALA J 242 20.03 -30.48 12.55
C ALA J 242 20.63 -31.56 11.65
N GLU J 243 20.30 -31.45 10.36
CA GLU J 243 20.80 -32.32 9.31
C GLU J 243 21.59 -31.46 8.32
N LEU J 244 22.73 -32.00 7.85
CA LEU J 244 23.61 -31.27 6.96
C LEU J 244 23.68 -31.96 5.61
N LYS J 245 23.59 -31.18 4.52
CA LYS J 245 23.84 -31.66 3.18
C LYS J 245 24.88 -30.75 2.51
N VAL J 246 25.93 -31.36 1.97
CA VAL J 246 26.99 -30.64 1.28
C VAL J 246 26.88 -30.92 -0.22
N TYR J 247 26.72 -29.85 -1.01
CA TYR J 247 26.79 -29.94 -2.46
C TYR J 247 28.24 -29.78 -2.92
N LYS J 248 28.74 -30.80 -3.63
CA LYS J 248 30.15 -30.91 -3.98
C LYS J 248 30.53 -29.89 -5.04
N ASP J 249 31.51 -29.05 -4.70
CA ASP J 249 32.10 -27.98 -5.51
C ASP J 249 31.10 -26.85 -5.78
N ALA J 250 29.94 -26.87 -5.10
CA ALA J 250 28.87 -25.95 -5.42
C ALA J 250 29.20 -24.55 -4.91
N PRO J 251 28.83 -23.47 -5.65
CA PRO J 251 29.20 -22.11 -5.28
C PRO J 251 28.24 -21.50 -4.27
N HIS J 252 28.36 -20.18 -4.04
CA HIS J 252 27.48 -19.49 -3.12
C HIS J 252 26.04 -19.49 -3.66
N GLY J 253 25.89 -19.06 -4.92
CA GLY J 253 24.58 -18.90 -5.53
C GLY J 253 24.09 -20.21 -6.16
N PHE J 254 24.02 -21.26 -5.35
CA PHE J 254 23.76 -22.60 -5.83
C PHE J 254 22.26 -22.81 -6.11
N ALA J 255 21.42 -21.86 -5.72
CA ALA J 255 20.00 -21.92 -6.05
C ALA J 255 19.81 -21.78 -7.55
N VAL J 256 20.84 -21.27 -8.24
CA VAL J 256 20.83 -21.18 -9.68
C VAL J 256 21.52 -22.41 -10.29
N THR J 257 22.67 -22.80 -9.72
CA THR J 257 23.51 -23.81 -10.35
C THR J 257 23.04 -25.22 -10.00
N HIS J 258 22.43 -25.37 -8.81
CA HIS J 258 21.99 -26.66 -8.30
C HIS J 258 20.49 -26.62 -8.02
N ALA J 259 19.75 -25.96 -8.94
CA ALA J 259 18.34 -25.61 -8.77
C ALA J 259 17.48 -26.85 -8.57
N GLN J 260 17.63 -27.84 -9.46
CA GLN J 260 16.85 -29.07 -9.42
C GLN J 260 17.13 -29.80 -8.11
N GLN J 261 18.40 -29.87 -7.74
CA GLN J 261 18.84 -30.58 -6.55
C GLN J 261 18.27 -29.92 -5.30
N LEU J 262 18.24 -28.57 -5.28
CA LEU J 262 17.75 -27.82 -4.15
C LEU J 262 16.24 -28.02 -4.00
N ASN J 263 15.53 -27.99 -5.14
CA ASN J 263 14.09 -28.17 -5.22
C ASN J 263 13.68 -29.51 -4.61
N GLU J 264 14.41 -30.56 -4.96
CA GLU J 264 14.09 -31.91 -4.52
C GLU J 264 14.38 -32.05 -3.03
N ASP J 265 15.46 -31.41 -2.58
CA ASP J 265 15.85 -31.43 -1.17
C ASP J 265 14.82 -30.67 -0.33
N LEU J 266 14.27 -29.57 -0.87
CA LEU J 266 13.28 -28.78 -0.17
C LEU J 266 11.98 -29.58 -0.05
N LEU J 267 11.64 -30.36 -1.09
CA LEU J 267 10.41 -31.14 -1.08
C LEU J 267 10.55 -32.31 -0.11
N ALA J 268 11.71 -32.97 -0.15
CA ALA J 268 11.97 -34.10 0.73
C ALA J 268 11.87 -33.66 2.19
N PHE J 269 12.45 -32.49 2.51
CA PHE J 269 12.44 -31.95 3.86
C PHE J 269 11.01 -31.76 4.35
N LEU J 270 10.15 -31.20 3.49
CA LEU J 270 8.79 -30.84 3.85
C LEU J 270 7.95 -32.09 4.09
N LYS J 271 8.37 -33.22 3.52
CA LYS J 271 7.63 -34.47 3.64
C LYS J 271 8.36 -35.45 4.56
N ARG J 272 8.91 -34.92 5.66
CA ARG J 272 9.60 -35.72 6.68
C ARG J 272 8.72 -36.90 7.12
N SER K 2 8.57 6.54 -0.24
CA SER K 2 7.41 7.41 0.07
C SER K 2 6.79 7.90 -1.24
N CYS K 3 5.54 8.39 -1.16
CA CYS K 3 4.97 9.16 -2.26
C CYS K 3 3.95 10.17 -1.75
N PHE K 4 3.70 11.21 -2.55
CA PHE K 4 2.60 12.13 -2.32
C PHE K 4 1.80 12.29 -3.61
N VAL K 5 0.62 12.89 -3.49
CA VAL K 5 -0.24 13.12 -4.64
C VAL K 5 -0.22 14.62 -4.96
N ALA K 6 0.09 14.93 -6.23
CA ALA K 6 0.02 16.29 -6.75
C ALA K 6 -1.43 16.71 -6.97
N LYS K 7 -1.65 17.98 -7.30
CA LYS K 7 -2.99 18.55 -7.33
C LYS K 7 -3.82 17.92 -8.45
N ASP K 8 -3.17 17.47 -9.52
CA ASP K 8 -3.88 16.91 -10.66
C ASP K 8 -4.03 15.39 -10.51
N GLY K 9 -3.51 14.84 -9.41
CA GLY K 9 -3.69 13.44 -9.08
C GLY K 9 -2.46 12.60 -9.39
N THR K 10 -1.39 13.24 -9.88
CA THR K 10 -0.15 12.55 -10.20
C THR K 10 0.54 12.12 -8.91
N GLN K 11 0.96 10.84 -8.87
CA GLN K 11 1.71 10.32 -7.74
C GLN K 11 3.21 10.43 -8.03
N ILE K 12 3.92 11.10 -7.11
CA ILE K 12 5.34 11.32 -7.19
C ILE K 12 6.01 10.47 -6.11
N TYR K 13 7.00 9.67 -6.51
CA TYR K 13 7.83 8.91 -5.59
C TYR K 13 8.93 9.82 -5.05
N PHE K 14 9.27 9.66 -3.76
CA PHE K 14 10.43 10.35 -3.20
C PHE K 14 11.06 9.52 -2.08
N LYS K 15 12.34 9.81 -1.82
CA LYS K 15 13.10 9.25 -0.70
C LYS K 15 13.36 10.36 0.31
N ASP K 16 13.25 10.00 1.60
CA ASP K 16 13.44 10.93 2.70
C ASP K 16 14.32 10.26 3.76
N TRP K 17 15.57 10.70 3.84
CA TRP K 17 16.61 10.04 4.64
C TRP K 17 17.17 10.99 5.69
N GLY K 18 17.40 10.45 6.89
CA GLY K 18 18.13 11.13 7.94
C GLY K 18 17.31 12.24 8.61
N SER K 19 18.00 13.05 9.42
CA SER K 19 17.41 14.14 10.17
C SER K 19 18.39 15.31 10.19
N GLY K 20 17.87 16.51 10.54
CA GLY K 20 18.65 17.74 10.48
C GLY K 20 18.10 18.69 9.43
N LYS K 21 18.93 19.65 9.01
CA LYS K 21 18.56 20.64 8.01
C LYS K 21 18.26 19.92 6.70
N PRO K 22 17.10 20.20 6.05
CA PRO K 22 16.70 19.48 4.84
C PRO K 22 17.41 19.97 3.58
N VAL K 23 17.90 19.00 2.79
CA VAL K 23 18.47 19.25 1.49
C VAL K 23 17.59 18.54 0.46
N LEU K 24 17.10 19.28 -0.54
CA LEU K 24 16.17 18.71 -1.50
C LEU K 24 16.78 18.75 -2.90
N PHE K 25 16.88 17.55 -3.50
CA PHE K 25 17.58 17.32 -4.75
C PHE K 25 16.57 17.16 -5.90
N SER K 26 16.86 17.83 -7.02
CA SER K 26 16.09 17.74 -8.24
C SER K 26 17.00 17.25 -9.37
N HIS K 27 16.70 16.04 -9.89
CA HIS K 27 17.57 15.31 -10.80
C HIS K 27 17.42 15.80 -12.24
N GLY K 28 18.35 15.36 -13.09
CA GLY K 28 18.43 15.78 -14.47
C GLY K 28 17.59 14.89 -15.39
N TRP K 29 17.65 15.19 -16.70
CA TRP K 29 16.91 14.53 -17.75
C TRP K 29 17.31 13.05 -17.84
N LEU K 30 16.31 12.18 -18.00
CA LEU K 30 16.49 10.75 -18.23
C LEU K 30 16.85 10.01 -16.94
N LEU K 31 16.89 10.72 -15.81
CA LEU K 31 17.39 10.10 -14.58
C LEU K 31 16.26 9.99 -13.56
N ASP K 32 16.62 9.64 -12.32
CA ASP K 32 15.67 9.65 -11.21
C ASP K 32 16.42 9.99 -9.92
N ALA K 33 15.74 9.83 -8.77
CA ALA K 33 16.32 10.16 -7.48
C ALA K 33 17.61 9.36 -7.22
N ASP K 34 17.81 8.28 -7.98
CA ASP K 34 18.91 7.37 -7.71
C ASP K 34 20.25 8.00 -8.09
N MET K 35 20.23 9.07 -8.91
CA MET K 35 21.47 9.72 -9.28
C MET K 35 22.10 10.41 -8.06
N TRP K 36 21.31 10.57 -6.98
CA TRP K 36 21.71 11.34 -5.82
C TRP K 36 22.17 10.45 -4.67
N GLU K 37 22.19 9.13 -4.89
CA GLU K 37 22.36 8.17 -3.81
C GLU K 37 23.66 8.44 -3.04
N TYR K 38 24.74 8.75 -3.77
CA TYR K 38 26.05 8.94 -3.16
C TYR K 38 26.10 10.24 -2.37
N GLN K 39 25.47 11.31 -2.89
CA GLN K 39 25.44 12.58 -2.18
C GLN K 39 24.51 12.45 -0.98
N MET K 40 23.45 11.68 -1.14
CA MET K 40 22.44 11.55 -0.10
C MET K 40 23.00 10.77 1.09
N GLU K 41 23.83 9.76 0.81
CA GLU K 41 24.40 8.97 1.89
C GLU K 41 25.47 9.79 2.63
N TYR K 42 26.24 10.58 1.85
CA TYR K 42 27.33 11.37 2.37
C TYR K 42 26.80 12.35 3.43
N LEU K 43 25.72 13.08 3.09
CA LEU K 43 25.21 14.15 3.92
C LEU K 43 24.36 13.60 5.07
N SER K 44 23.52 12.58 4.78
CA SER K 44 22.61 12.06 5.79
C SER K 44 23.35 11.41 6.96
N SER K 45 24.54 10.86 6.69
CA SER K 45 25.31 10.25 7.76
C SER K 45 26.24 11.28 8.40
N ARG K 46 26.08 12.54 7.99
CA ARG K 46 26.85 13.65 8.54
C ARG K 46 25.91 14.76 9.00
N GLY K 47 24.70 14.37 9.43
CA GLY K 47 23.84 15.23 10.24
C GLY K 47 22.82 16.05 9.45
N TYR K 48 22.57 15.66 8.18
CA TYR K 48 21.59 16.36 7.36
C TYR K 48 20.44 15.43 6.98
N ARG K 49 19.28 16.04 6.68
CA ARG K 49 18.14 15.35 6.12
C ARG K 49 18.15 15.56 4.61
N THR K 50 18.07 14.45 3.85
CA THR K 50 18.14 14.52 2.40
C THR K 50 16.89 13.92 1.77
N ILE K 51 16.40 14.60 0.73
CA ILE K 51 15.15 14.27 0.08
C ILE K 51 15.36 14.40 -1.42
N ALA K 52 14.95 13.38 -2.16
CA ALA K 52 15.00 13.40 -3.61
C ALA K 52 13.73 12.73 -4.16
N PHE K 53 13.14 13.38 -5.17
CA PHE K 53 11.92 12.86 -5.80
C PHE K 53 12.23 12.38 -7.21
N ASP K 54 11.33 11.57 -7.76
CA ASP K 54 11.32 11.25 -9.17
C ASP K 54 10.35 12.21 -9.86
N ARG K 55 10.86 13.02 -10.80
CA ARG K 55 10.02 13.94 -11.56
C ARG K 55 8.89 13.14 -12.21
N ARG K 56 7.71 13.78 -12.36
CA ARG K 56 6.60 13.13 -13.05
C ARG K 56 7.09 12.62 -14.40
N GLY K 57 6.73 11.38 -14.71
CA GLY K 57 7.10 10.75 -15.97
C GLY K 57 8.46 10.05 -15.91
N PHE K 58 9.06 10.01 -14.72
CA PHE K 58 10.39 9.45 -14.58
C PHE K 58 10.44 8.52 -13.38
N GLY K 59 11.35 7.53 -13.44
CA GLY K 59 11.60 6.63 -12.35
C GLY K 59 10.33 5.91 -11.90
N ARG K 60 9.98 6.07 -10.62
CA ARG K 60 8.95 5.28 -10.00
C ARG K 60 7.66 6.09 -9.89
N SER K 61 7.65 7.29 -10.48
CA SER K 61 6.49 8.17 -10.42
C SER K 61 5.51 7.83 -11.53
N ASP K 62 4.27 8.30 -11.37
CA ASP K 62 3.24 8.24 -12.40
C ASP K 62 3.72 8.94 -13.67
N GLN K 63 3.08 8.62 -14.80
CA GLN K 63 3.48 9.12 -16.10
C GLN K 63 2.30 9.84 -16.76
N PRO K 64 1.93 11.06 -16.31
CA PRO K 64 0.76 11.75 -16.87
C PRO K 64 1.05 12.32 -18.26
N TRP K 65 0.00 12.47 -19.06
CA TRP K 65 0.10 13.02 -20.40
C TRP K 65 0.36 14.53 -20.33
N THR K 66 -0.31 15.21 -19.38
CA THR K 66 -0.28 16.66 -19.26
C THR K 66 0.67 17.09 -18.16
N GLY K 67 1.08 18.35 -18.20
CA GLY K 67 1.80 18.98 -17.10
C GLY K 67 3.31 18.71 -17.13
N ASN K 68 3.84 18.39 -18.31
CA ASN K 68 5.27 18.19 -18.45
C ASN K 68 5.94 19.51 -18.83
N ASP K 69 6.00 20.44 -17.86
CA ASP K 69 6.52 21.78 -18.09
C ASP K 69 7.05 22.36 -16.78
N TYR K 70 7.85 23.42 -16.89
CA TYR K 70 8.59 23.97 -15.74
C TYR K 70 7.67 24.57 -14.69
N ASP K 71 6.53 25.13 -15.12
CA ASP K 71 5.58 25.66 -14.17
C ASP K 71 5.02 24.54 -13.29
N THR K 72 4.69 23.39 -13.91
CA THR K 72 4.13 22.26 -13.18
C THR K 72 5.21 21.61 -12.31
N PHE K 73 6.44 21.49 -12.85
CA PHE K 73 7.57 20.95 -12.11
C PHE K 73 7.80 21.76 -10.84
N ALA K 74 7.71 23.09 -10.94
CA ALA K 74 7.91 23.96 -9.79
C ALA K 74 6.83 23.71 -8.74
N ASP K 75 5.57 23.63 -9.19
CA ASP K 75 4.43 23.41 -8.32
C ASP K 75 4.51 22.05 -7.63
N ASP K 76 5.07 21.05 -8.33
CA ASP K 76 5.26 19.72 -7.76
C ASP K 76 6.21 19.81 -6.56
N ILE K 77 7.35 20.49 -6.76
CA ILE K 77 8.34 20.72 -5.71
C ILE K 77 7.69 21.45 -4.53
N ALA K 78 6.84 22.44 -4.83
CA ALA K 78 6.14 23.20 -3.80
C ALA K 78 5.24 22.29 -2.98
N GLN K 79 4.62 21.30 -3.64
CA GLN K 79 3.71 20.41 -2.94
C GLN K 79 4.46 19.44 -2.05
N LEU K 80 5.63 18.98 -2.50
CA LEU K 80 6.47 18.11 -1.71
C LEU K 80 6.91 18.83 -0.44
N ILE K 81 7.37 20.08 -0.61
CA ILE K 81 7.81 20.93 0.49
C ILE K 81 6.66 21.15 1.47
N GLU K 82 5.45 21.37 0.93
CA GLU K 82 4.27 21.57 1.76
C GLU K 82 3.81 20.25 2.40
N HIS K 83 4.03 19.14 1.69
CA HIS K 83 3.65 17.83 2.21
C HIS K 83 4.46 17.52 3.46
N LEU K 84 5.75 17.86 3.42
CA LEU K 84 6.66 17.56 4.51
C LEU K 84 6.79 18.75 5.45
N ASP K 85 6.17 19.88 5.07
CA ASP K 85 6.19 21.15 5.78
C ASP K 85 7.62 21.61 6.09
N LEU K 86 8.45 21.70 5.05
CA LEU K 86 9.88 21.94 5.23
C LEU K 86 10.16 23.44 5.34
N LYS K 87 11.20 23.75 6.12
CA LYS K 87 11.71 25.10 6.32
C LYS K 87 13.23 25.02 6.30
N GLU K 88 13.87 26.08 5.80
CA GLU K 88 15.32 26.20 5.71
C GLU K 88 15.86 25.12 4.78
N VAL K 89 15.16 24.93 3.65
CA VAL K 89 15.53 23.92 2.67
C VAL K 89 16.65 24.47 1.79
N THR K 90 17.67 23.64 1.57
CA THR K 90 18.67 23.91 0.55
C THR K 90 18.28 23.12 -0.69
N LEU K 91 18.05 23.84 -1.78
CA LEU K 91 17.63 23.21 -3.03
C LEU K 91 18.87 22.95 -3.89
N VAL K 92 18.99 21.69 -4.35
CA VAL K 92 20.09 21.30 -5.23
C VAL K 92 19.48 20.74 -6.51
N GLY K 93 19.86 21.34 -7.64
CA GLY K 93 19.36 20.93 -8.94
C GLY K 93 20.50 20.63 -9.91
N PHE K 94 20.33 19.56 -10.70
CA PHE K 94 21.30 19.18 -11.71
C PHE K 94 20.67 19.24 -13.08
N SER K 95 21.44 19.73 -14.06
CA SER K 95 21.00 19.74 -15.46
C SER K 95 19.65 20.44 -15.57
N MET K 96 18.64 19.74 -16.08
CA MET K 96 17.34 20.37 -16.28
C MET K 96 16.67 20.62 -14.93
N GLY K 97 17.19 19.95 -13.89
CA GLY K 97 16.68 20.04 -12.53
C GLY K 97 17.00 21.39 -11.89
N GLY K 98 18.00 22.10 -12.42
CA GLY K 98 18.29 23.45 -11.99
C GLY K 98 17.12 24.39 -12.28
N GLY K 99 16.44 24.14 -13.41
CA GLY K 99 15.34 24.98 -13.86
C GLY K 99 14.16 24.95 -12.90
N ASP K 100 13.85 23.76 -12.35
CA ASP K 100 12.62 23.63 -11.58
C ASP K 100 12.85 24.08 -10.14
N VAL K 101 14.10 24.02 -9.66
CA VAL K 101 14.41 24.60 -8.36
C VAL K 101 14.38 26.12 -8.46
N ALA K 102 14.92 26.67 -9.57
CA ALA K 102 14.89 28.10 -9.83
C ALA K 102 13.44 28.58 -9.97
N ARG K 103 12.65 27.85 -10.75
CA ARG K 103 11.27 28.23 -11.05
C ARG K 103 10.43 28.14 -9.77
N TYR K 104 10.81 27.25 -8.86
CA TYR K 104 10.12 27.17 -7.58
C TYR K 104 10.27 28.49 -6.84
N ILE K 105 11.52 28.94 -6.67
CA ILE K 105 11.83 30.15 -5.93
C ILE K 105 11.09 31.33 -6.56
N ALA K 106 11.05 31.37 -7.89
CA ALA K 106 10.49 32.49 -8.62
C ALA K 106 8.97 32.55 -8.44
N ARG K 107 8.31 31.39 -8.42
CA ARG K 107 6.85 31.33 -8.38
C ARG K 107 6.32 31.38 -6.95
N HIS K 108 7.08 30.84 -5.99
CA HIS K 108 6.56 30.63 -4.65
C HIS K 108 7.31 31.45 -3.60
N GLY K 109 8.37 32.15 -4.02
CA GLY K 109 9.19 32.90 -3.09
C GLY K 109 10.22 32.00 -2.42
N SER K 110 10.99 32.58 -1.49
CA SER K 110 12.12 31.89 -0.87
C SER K 110 11.93 31.78 0.64
N ALA K 111 10.68 31.94 1.09
CA ALA K 111 10.32 31.92 2.51
C ALA K 111 10.78 30.62 3.18
N ARG K 112 10.74 29.51 2.44
CA ARG K 112 11.06 28.19 2.98
C ARG K 112 12.49 27.78 2.62
N VAL K 113 13.25 28.67 1.97
CA VAL K 113 14.53 28.32 1.37
C VAL K 113 15.67 28.99 2.13
N ALA K 114 16.78 28.25 2.29
CA ALA K 114 17.96 28.75 2.99
C ALA K 114 19.11 28.96 2.02
N GLY K 115 19.08 28.24 0.88
CA GLY K 115 20.16 28.29 -0.09
C GLY K 115 19.85 27.50 -1.36
N LEU K 116 20.67 27.71 -2.40
CA LEU K 116 20.47 27.09 -3.69
C LEU K 116 21.81 26.67 -4.28
N VAL K 117 21.82 25.48 -4.89
CA VAL K 117 22.98 24.93 -5.57
C VAL K 117 22.55 24.49 -6.97
N LEU K 118 23.28 24.98 -7.98
CA LEU K 118 23.01 24.66 -9.37
C LEU K 118 24.18 23.86 -9.97
N LEU K 119 23.93 22.59 -10.28
CA LEU K 119 24.94 21.67 -10.76
C LEU K 119 24.76 21.46 -12.26
N GLY K 120 25.74 21.90 -13.05
CA GLY K 120 25.68 21.87 -14.50
C GLY K 120 24.29 22.18 -15.02
N ALA K 121 23.68 23.26 -14.52
CA ALA K 121 22.26 23.52 -14.73
C ALA K 121 22.03 24.30 -16.02
N VAL K 122 20.78 24.22 -16.52
CA VAL K 122 20.37 24.82 -17.78
C VAL K 122 20.12 26.31 -17.60
N THR K 123 20.11 26.76 -16.33
CA THR K 123 19.93 28.16 -15.99
C THR K 123 21.17 28.95 -16.44
N PRO K 124 21.02 30.22 -16.89
CA PRO K 124 19.72 30.89 -16.90
C PRO K 124 18.89 30.63 -18.15
N LEU K 125 19.52 29.98 -19.15
CA LEU K 125 18.90 29.77 -20.45
C LEU K 125 19.78 28.84 -21.26
N PHE K 126 19.16 27.82 -21.87
CA PHE K 126 19.88 26.78 -22.59
C PHE K 126 19.82 27.07 -24.08
N GLY K 127 18.60 27.21 -24.61
CA GLY K 127 18.37 27.33 -26.04
C GLY K 127 18.48 28.77 -26.53
N GLN K 128 18.66 28.90 -27.85
CA GLN K 128 18.91 30.15 -28.55
C GLN K 128 17.62 30.96 -28.63
N LYS K 129 17.75 32.29 -28.48
CA LYS K 129 16.63 33.21 -28.46
C LYS K 129 16.95 34.43 -29.33
N PRO K 130 15.96 35.30 -29.64
CA PRO K 130 16.21 36.50 -30.44
C PRO K 130 17.15 37.47 -29.72
N ASP K 131 17.04 37.50 -28.38
CA ASP K 131 17.84 38.38 -27.55
C ASP K 131 18.90 37.57 -26.79
N TYR K 132 19.14 36.32 -27.23
CA TYR K 132 20.19 35.48 -26.68
C TYR K 132 20.77 34.58 -27.78
N PRO K 133 21.41 35.16 -28.83
CA PRO K 133 21.93 34.36 -29.94
C PRO K 133 23.11 33.44 -29.61
N GLN K 134 23.70 33.61 -28.42
CA GLN K 134 24.84 32.80 -28.03
C GLN K 134 24.41 31.44 -27.50
N GLY K 135 23.09 31.22 -27.39
CA GLY K 135 22.55 29.96 -26.89
C GLY K 135 22.68 28.82 -27.90
N VAL K 136 22.25 27.63 -27.48
CA VAL K 136 22.33 26.44 -28.31
C VAL K 136 21.21 26.48 -29.35
N PRO K 137 21.54 26.37 -30.66
CA PRO K 137 20.53 26.37 -31.73
C PRO K 137 19.43 25.34 -31.47
N LEU K 138 18.20 25.69 -31.85
CA LEU K 138 17.02 24.91 -31.53
C LEU K 138 17.00 23.61 -32.34
N ASP K 139 17.61 23.62 -33.54
CA ASP K 139 17.59 22.46 -34.40
C ASP K 139 18.37 21.30 -33.77
N VAL K 140 19.23 21.63 -32.80
CA VAL K 140 19.91 20.61 -32.01
C VAL K 140 18.87 19.82 -31.23
N PHE K 141 17.87 20.52 -30.68
CA PHE K 141 16.85 19.92 -29.85
C PHE K 141 15.82 19.20 -30.72
N ALA K 142 15.60 19.73 -31.93
CA ALA K 142 14.67 19.13 -32.89
C ALA K 142 15.17 17.74 -33.28
N ARG K 143 16.51 17.63 -33.42
CA ARG K 143 17.17 16.38 -33.79
C ARG K 143 17.09 15.38 -32.65
N PHE K 144 17.16 15.86 -31.39
CA PHE K 144 16.97 15.02 -30.23
C PHE K 144 15.59 14.35 -30.30
N LYS K 145 14.55 15.17 -30.51
CA LYS K 145 13.18 14.70 -30.48
C LYS K 145 12.94 13.69 -31.60
N THR K 146 13.51 13.97 -32.78
CA THR K 146 13.36 13.13 -33.97
C THR K 146 13.87 11.73 -33.69
N GLU K 147 15.01 11.63 -33.01
N GLU K 147 15.03 11.64 -33.01
CA GLU K 147 15.64 10.34 -32.74
CA GLU K 147 15.66 10.37 -32.71
C GLU K 147 14.95 9.67 -31.55
C GLU K 147 14.93 9.68 -31.58
N LEU K 148 14.45 10.47 -30.61
CA LEU K 148 13.72 9.95 -29.45
C LEU K 148 12.40 9.34 -29.89
N LEU K 149 11.77 9.88 -30.94
CA LEU K 149 10.49 9.37 -31.40
C LEU K 149 10.68 8.19 -32.36
N LYS K 150 11.94 7.86 -32.66
CA LYS K 150 12.23 6.69 -33.48
C LYS K 150 12.71 5.54 -32.59
N ASP K 151 13.56 5.86 -31.61
CA ASP K 151 14.23 4.85 -30.80
C ASP K 151 14.90 5.54 -29.61
N ARG K 152 14.19 5.62 -28.47
CA ARG K 152 14.73 6.35 -27.33
C ARG K 152 15.75 5.49 -26.61
N ALA K 153 15.57 4.16 -26.67
CA ALA K 153 16.44 3.22 -26.00
C ALA K 153 17.88 3.37 -26.50
N GLN K 154 18.06 3.37 -27.82
CA GLN K 154 19.39 3.51 -28.40
C GLN K 154 19.89 4.94 -28.24
N PHE K 155 18.97 5.90 -28.06
CA PHE K 155 19.39 7.27 -27.88
C PHE K 155 20.08 7.42 -26.53
N ILE K 156 19.44 6.90 -25.47
CA ILE K 156 19.99 6.99 -24.13
C ILE K 156 21.37 6.33 -24.11
N SER K 157 21.48 5.20 -24.80
CA SER K 157 22.70 4.41 -24.83
C SER K 157 23.83 5.24 -25.46
N ASP K 158 23.53 5.90 -26.58
CA ASP K 158 24.48 6.73 -27.29
C ASP K 158 24.84 7.98 -26.49
N PHE K 159 23.90 8.44 -25.66
CA PHE K 159 24.06 9.67 -24.88
C PHE K 159 25.15 9.51 -23.82
N ASN K 160 25.34 8.29 -23.32
CA ASN K 160 26.29 7.99 -22.25
C ASN K 160 27.67 8.60 -22.55
N ALA K 161 28.13 8.46 -23.79
CA ALA K 161 29.49 8.84 -24.16
C ALA K 161 29.72 10.34 -23.96
N PRO K 162 28.95 11.23 -24.63
CA PRO K 162 29.09 12.67 -24.38
C PRO K 162 28.72 13.11 -22.97
N PHE K 163 27.73 12.45 -22.36
CA PHE K 163 27.23 12.78 -21.03
C PHE K 163 28.36 12.69 -19.99
N TYR K 164 29.12 11.58 -20.01
CA TYR K 164 30.14 11.30 -19.02
C TYR K 164 31.52 11.69 -19.52
N GLY K 165 31.61 12.11 -20.79
CA GLY K 165 32.87 12.53 -21.38
C GLY K 165 33.80 11.36 -21.70
N ILE K 166 33.20 10.18 -21.94
CA ILE K 166 33.95 8.97 -22.23
C ILE K 166 34.72 9.15 -23.53
N ASN K 167 34.14 9.94 -24.44
CA ASN K 167 34.74 10.21 -25.74
C ASN K 167 35.95 11.12 -25.59
N LYS K 168 36.12 11.70 -24.39
CA LYS K 168 37.20 12.64 -24.14
C LYS K 168 38.08 12.14 -22.99
N GLY K 169 38.05 10.82 -22.76
CA GLY K 169 39.04 10.16 -21.92
C GLY K 169 38.63 10.02 -20.45
N GLN K 170 37.40 10.44 -20.10
CA GLN K 170 36.86 10.14 -18.78
C GLN K 170 36.67 8.64 -18.66
N VAL K 171 36.76 8.11 -17.43
CA VAL K 171 36.63 6.68 -17.20
C VAL K 171 35.38 6.44 -16.35
N VAL K 172 34.42 5.72 -16.93
CA VAL K 172 33.16 5.39 -16.27
C VAL K 172 32.85 3.93 -16.58
N SER K 173 32.55 3.14 -15.54
CA SER K 173 32.40 1.71 -15.67
C SER K 173 31.17 1.34 -16.51
N CYS K 174 31.16 0.10 -16.99
CA CYS K 174 30.04 -0.46 -17.72
C CYS K 174 28.81 -0.55 -16.82
N GLY K 175 29.05 -0.76 -15.52
CA GLY K 175 28.01 -0.83 -14.52
C GLY K 175 27.22 0.47 -14.40
N VAL K 176 27.96 1.60 -14.34
CA VAL K 176 27.35 2.91 -14.27
C VAL K 176 26.56 3.17 -15.56
N GLN K 177 27.11 2.73 -16.69
CA GLN K 177 26.47 2.92 -17.98
C GLN K 177 25.18 2.11 -18.04
N THR K 178 25.24 0.87 -17.52
CA THR K 178 24.09 -0.03 -17.46
C THR K 178 23.02 0.55 -16.54
N GLN K 179 23.44 1.09 -15.40
CA GLN K 179 22.49 1.65 -14.44
C GLN K 179 21.79 2.87 -15.03
N THR K 180 22.52 3.68 -15.80
CA THR K 180 21.99 4.90 -16.36
C THR K 180 20.86 4.55 -17.32
N LEU K 181 21.12 3.57 -18.19
CA LEU K 181 20.17 3.15 -19.20
C LEU K 181 18.96 2.50 -18.54
N GLN K 182 19.21 1.71 -17.49
CA GLN K 182 18.14 1.03 -16.77
C GLN K 182 17.15 2.05 -16.20
N ILE K 183 17.67 3.06 -15.51
CA ILE K 183 16.83 4.09 -14.91
C ILE K 183 16.08 4.83 -16.01
N ALA K 184 16.77 5.24 -17.08
CA ALA K 184 16.17 6.01 -18.16
C ALA K 184 14.98 5.28 -18.77
N LEU K 185 15.06 3.95 -18.86
CA LEU K 185 14.01 3.16 -19.51
C LEU K 185 12.75 3.09 -18.63
N LEU K 186 12.86 3.45 -17.34
CA LEU K 186 11.69 3.53 -16.48
C LEU K 186 10.79 4.67 -16.93
N ALA K 187 11.38 5.70 -17.56
CA ALA K 187 10.71 6.95 -17.86
C ALA K 187 9.67 6.78 -18.97
N SER K 188 8.67 7.67 -18.94
CA SER K 188 7.69 7.84 -19.99
C SER K 188 8.36 8.38 -21.24
N LEU K 189 7.92 7.91 -22.42
CA LEU K 189 8.38 8.46 -23.68
C LEU K 189 7.90 9.90 -23.81
N LYS K 190 6.62 10.14 -23.45
CA LYS K 190 6.00 11.44 -23.57
C LYS K 190 6.78 12.47 -22.74
N ALA K 191 7.07 12.13 -21.48
CA ALA K 191 7.80 12.99 -20.56
C ALA K 191 9.22 13.25 -21.09
N THR K 192 9.81 12.23 -21.73
CA THR K 192 11.16 12.30 -22.26
C THR K 192 11.24 13.39 -23.34
N VAL K 193 10.27 13.39 -24.25
CA VAL K 193 10.24 14.30 -25.38
C VAL K 193 9.80 15.69 -24.92
N ASP K 194 8.78 15.75 -24.04
CA ASP K 194 8.26 17.01 -23.53
C ASP K 194 9.31 17.81 -22.76
N CYS K 195 10.20 17.11 -22.04
CA CYS K 195 11.23 17.77 -21.29
C CYS K 195 12.20 18.52 -22.19
N VAL K 196 12.44 17.97 -23.39
CA VAL K 196 13.32 18.60 -24.37
C VAL K 196 12.76 19.98 -24.74
N THR K 197 11.45 20.05 -24.99
CA THR K 197 10.78 21.31 -25.29
C THR K 197 10.96 22.27 -24.10
N ALA K 198 10.83 21.72 -22.88
CA ALA K 198 10.87 22.51 -21.67
C ALA K 198 12.25 23.13 -21.49
N PHE K 199 13.30 22.29 -21.50
CA PHE K 199 14.63 22.78 -21.18
C PHE K 199 15.23 23.54 -22.34
N ALA K 200 14.67 23.35 -23.54
CA ALA K 200 15.17 24.01 -24.74
C ALA K 200 14.74 25.46 -24.78
N GLU K 201 13.50 25.75 -24.34
CA GLU K 201 12.87 27.01 -24.71
C GLU K 201 12.50 27.85 -23.48
N THR K 202 12.55 27.26 -22.28
CA THR K 202 12.19 28.00 -21.06
C THR K 202 13.31 28.98 -20.70
N ASP K 203 12.91 30.25 -20.49
CA ASP K 203 13.80 31.34 -20.17
C ASP K 203 13.75 31.59 -18.66
N PHE K 204 14.90 31.44 -18.00
CA PHE K 204 14.99 31.62 -16.55
C PHE K 204 15.73 32.91 -16.20
N ARG K 205 15.87 33.83 -17.17
CA ARG K 205 16.52 35.10 -16.90
C ARG K 205 15.73 35.95 -15.91
N PRO K 206 14.39 36.05 -16.01
CA PRO K 206 13.59 36.73 -14.99
C PRO K 206 13.76 36.10 -13.61
N ASP K 207 13.93 34.77 -13.59
CA ASP K 207 14.00 34.00 -12.36
C ASP K 207 15.23 34.40 -11.55
N MET K 208 16.35 34.65 -12.26
CA MET K 208 17.64 34.88 -11.63
C MET K 208 17.57 36.09 -10.71
N ALA K 209 16.73 37.07 -11.07
CA ALA K 209 16.64 38.31 -10.31
C ALA K 209 15.82 38.13 -9.04
N LYS K 210 15.15 36.98 -8.90
CA LYS K 210 14.23 36.75 -7.79
C LYS K 210 14.86 35.82 -6.75
N ILE K 211 16.08 35.35 -7.01
CA ILE K 211 16.80 34.50 -6.08
C ILE K 211 17.53 35.38 -5.08
N ASP K 212 17.11 35.33 -3.82
CA ASP K 212 17.64 36.18 -2.77
C ASP K 212 18.21 35.35 -1.64
N VAL K 213 18.87 34.24 -2.00
CA VAL K 213 19.46 33.32 -1.03
C VAL K 213 20.90 33.02 -1.44
N PRO K 214 21.78 32.60 -0.49
CA PRO K 214 23.13 32.15 -0.84
C PRO K 214 23.08 31.07 -1.90
N THR K 215 23.91 31.22 -2.94
CA THR K 215 23.83 30.39 -4.13
C THR K 215 25.23 29.90 -4.52
N LEU K 216 25.34 28.58 -4.74
CA LEU K 216 26.54 27.98 -5.26
C LEU K 216 26.28 27.42 -6.65
N VAL K 217 27.08 27.85 -7.63
CA VAL K 217 27.01 27.33 -8.98
C VAL K 217 28.26 26.51 -9.24
N ILE K 218 28.06 25.22 -9.57
CA ILE K 218 29.14 24.32 -9.95
C ILE K 218 28.86 23.82 -11.36
N HIS K 219 29.90 23.88 -12.21
CA HIS K 219 29.80 23.47 -13.60
C HIS K 219 31.17 22.94 -14.04
N GLY K 220 31.16 22.05 -15.04
CA GLY K 220 32.38 21.58 -15.65
C GLY K 220 32.65 22.31 -16.96
N ASP K 221 33.93 22.64 -17.22
CA ASP K 221 34.25 23.35 -18.45
C ASP K 221 34.57 22.37 -19.57
N GLY K 222 34.22 21.10 -19.36
CA GLY K 222 34.33 20.06 -20.37
C GLY K 222 32.95 19.56 -20.79
N ASP K 223 31.91 20.13 -20.18
CA ASP K 223 30.52 19.78 -20.42
C ASP K 223 30.22 19.85 -21.92
N GLN K 224 29.76 18.74 -22.49
CA GLN K 224 29.46 18.68 -23.91
C GLN K 224 27.96 18.86 -24.15
N ILE K 225 27.18 18.78 -23.07
CA ILE K 225 25.72 18.80 -23.17
C ILE K 225 25.23 20.23 -22.91
N VAL K 226 25.47 20.72 -21.70
CA VAL K 226 25.03 22.04 -21.27
C VAL K 226 26.26 22.95 -21.17
N PRO K 227 26.48 23.87 -22.14
CA PRO K 227 27.75 24.59 -22.26
C PRO K 227 27.95 25.59 -21.12
N PHE K 228 29.15 25.54 -20.53
CA PHE K 228 29.50 26.32 -19.35
C PHE K 228 29.41 27.82 -19.63
N GLU K 229 29.97 28.25 -20.78
CA GLU K 229 30.09 29.66 -21.11
C GLU K 229 28.73 30.36 -21.09
N THR K 230 27.67 29.66 -21.51
CA THR K 230 26.40 30.31 -21.75
C THR K 230 25.39 30.01 -20.64
N THR K 231 25.75 29.12 -19.71
CA THR K 231 24.82 28.71 -18.65
C THR K 231 25.42 29.03 -17.28
N GLY K 232 26.12 28.04 -16.69
CA GLY K 232 26.73 28.14 -15.37
C GLY K 232 27.46 29.46 -15.14
N LYS K 233 28.24 29.90 -16.14
CA LYS K 233 29.04 31.11 -16.05
C LYS K 233 28.15 32.34 -15.91
N VAL K 234 27.08 32.40 -16.72
CA VAL K 234 26.21 33.56 -16.78
C VAL K 234 25.32 33.59 -15.54
N ALA K 235 24.88 32.41 -15.10
CA ALA K 235 24.00 32.26 -13.94
C ALA K 235 24.67 32.82 -12.69
N ALA K 236 25.98 32.58 -12.54
CA ALA K 236 26.73 33.06 -11.39
C ALA K 236 26.86 34.58 -11.42
N GLU K 237 26.76 35.18 -12.62
CA GLU K 237 26.84 36.63 -12.78
C GLU K 237 25.50 37.27 -12.44
N LEU K 238 24.39 36.55 -12.68
CA LEU K 238 23.06 37.14 -12.62
C LEU K 238 22.46 37.03 -11.24
N ILE K 239 22.82 35.96 -10.51
CA ILE K 239 22.36 35.73 -9.16
C ILE K 239 23.28 36.52 -8.21
N LYS K 240 22.67 37.43 -7.46
CA LYS K 240 23.38 38.34 -6.56
C LYS K 240 24.02 37.53 -5.44
N GLY K 241 25.36 37.63 -5.33
CA GLY K 241 26.13 37.03 -4.26
C GLY K 241 26.49 35.57 -4.52
N ALA K 242 26.29 35.10 -5.75
CA ALA K 242 26.50 33.70 -6.09
C ALA K 242 27.99 33.36 -6.11
N GLU K 243 28.30 32.12 -5.72
CA GLU K 243 29.65 31.61 -5.77
C GLU K 243 29.77 30.66 -6.96
N LEU K 244 30.90 30.74 -7.68
CA LEU K 244 31.15 29.89 -8.84
C LEU K 244 32.34 28.98 -8.57
N LYS K 245 32.16 27.68 -8.85
CA LYS K 245 33.25 26.71 -8.85
C LYS K 245 33.24 25.94 -10.15
N VAL K 246 34.41 25.89 -10.80
CA VAL K 246 34.57 25.22 -12.09
C VAL K 246 35.47 24.00 -11.90
N TYR K 247 34.92 22.81 -12.15
CA TYR K 247 35.69 21.59 -12.17
C TYR K 247 36.38 21.44 -13.52
N LYS K 248 37.71 21.29 -13.49
CA LYS K 248 38.55 21.33 -14.68
C LYS K 248 38.30 20.09 -15.54
N ASP K 249 37.93 20.32 -16.81
CA ASP K 249 37.69 19.31 -17.82
C ASP K 249 36.59 18.33 -17.42
N ALA K 250 35.75 18.71 -16.45
CA ALA K 250 34.73 17.82 -15.93
C ALA K 250 33.58 17.74 -16.93
N PRO K 251 32.97 16.54 -17.14
CA PRO K 251 31.88 16.39 -18.09
C PRO K 251 30.55 16.83 -17.50
N HIS K 252 29.46 16.53 -18.21
CA HIS K 252 28.13 16.86 -17.73
C HIS K 252 27.81 16.05 -16.49
N GLY K 253 27.97 14.73 -16.59
CA GLY K 253 27.64 13.80 -15.51
C GLY K 253 28.75 13.71 -14.46
N PHE K 254 29.04 14.87 -13.84
CA PHE K 254 30.19 14.99 -12.96
C PHE K 254 29.85 14.53 -11.54
N ALA K 255 28.56 14.34 -11.26
CA ALA K 255 28.15 13.77 -9.99
C ALA K 255 28.67 12.32 -9.88
N VAL K 256 28.97 11.71 -11.03
CA VAL K 256 29.59 10.40 -11.07
C VAL K 256 31.11 10.56 -11.08
N THR K 257 31.64 11.38 -11.99
CA THR K 257 33.06 11.44 -12.25
C THR K 257 33.82 12.20 -11.15
N HIS K 258 33.14 13.14 -10.50
CA HIS K 258 33.77 13.97 -9.46
C HIS K 258 32.98 13.87 -8.16
N ALA K 259 32.49 12.66 -7.87
CA ALA K 259 31.58 12.40 -6.76
C ALA K 259 32.13 12.95 -5.44
N GLN K 260 33.36 12.57 -5.09
CA GLN K 260 33.94 12.93 -3.80
C GLN K 260 34.10 14.45 -3.71
N GLN K 261 34.57 15.05 -4.80
CA GLN K 261 34.79 16.49 -4.87
C GLN K 261 33.46 17.22 -4.68
N LEU K 262 32.39 16.72 -5.32
CA LEU K 262 31.06 17.30 -5.17
C LEU K 262 30.58 17.17 -3.72
N ASN K 263 30.73 15.97 -3.16
CA ASN K 263 30.31 15.68 -1.80
C ASN K 263 30.89 16.70 -0.83
N GLU K 264 32.20 16.94 -0.96
CA GLU K 264 32.92 17.84 -0.06
C GLU K 264 32.46 19.28 -0.27
N ASP K 265 32.15 19.64 -1.53
CA ASP K 265 31.72 20.98 -1.89
C ASP K 265 30.33 21.28 -1.34
N LEU K 266 29.44 20.28 -1.39
CA LEU K 266 28.07 20.44 -0.90
C LEU K 266 28.08 20.61 0.62
N LEU K 267 29.00 19.89 1.29
CA LEU K 267 29.09 19.89 2.74
C LEU K 267 29.63 21.24 3.24
N ALA K 268 30.67 21.73 2.56
CA ALA K 268 31.26 23.02 2.88
C ALA K 268 30.23 24.14 2.70
N PHE K 269 29.38 24.01 1.67
CA PHE K 269 28.37 25.01 1.40
C PHE K 269 27.35 25.06 2.55
N LEU K 270 27.02 23.88 3.10
CA LEU K 270 26.02 23.80 4.16
C LEU K 270 26.62 24.27 5.48
N LYS K 271 27.95 24.25 5.58
CA LYS K 271 28.63 24.54 6.83
C LYS K 271 29.00 26.02 6.94
N ARG K 272 28.79 26.81 5.87
CA ARG K 272 29.03 28.25 5.95
C ARG K 272 28.01 28.90 6.89
N GLY K 273 26.85 28.26 7.03
CA GLY K 273 25.80 28.69 7.95
C GLY K 273 25.10 27.51 8.60
N SER L 2 -1.30 4.75 -12.79
CA SER L 2 -2.70 4.40 -12.48
C SER L 2 -2.81 2.90 -12.22
N CYS L 3 -3.83 2.51 -11.43
CA CYS L 3 -4.20 1.11 -11.32
C CYS L 3 -5.62 0.99 -10.77
N PHE L 4 -6.23 -0.17 -11.06
CA PHE L 4 -7.49 -0.59 -10.48
C PHE L 4 -7.30 -1.98 -9.86
N VAL L 5 -8.28 -2.41 -9.07
CA VAL L 5 -8.24 -3.69 -8.40
C VAL L 5 -9.26 -4.64 -9.05
N ALA L 6 -8.78 -5.79 -9.53
CA ALA L 6 -9.64 -6.83 -10.08
C ALA L 6 -10.50 -7.45 -8.98
N LYS L 7 -11.53 -8.21 -9.37
CA LYS L 7 -12.48 -8.79 -8.43
C LYS L 7 -11.76 -9.66 -7.40
N ASP L 8 -10.62 -10.26 -7.79
CA ASP L 8 -9.90 -11.21 -6.93
C ASP L 8 -8.79 -10.50 -6.14
N GLY L 9 -8.70 -9.18 -6.28
CA GLY L 9 -7.76 -8.39 -5.50
C GLY L 9 -6.45 -8.09 -6.22
N THR L 10 -6.31 -8.56 -7.46
CA THR L 10 -5.12 -8.27 -8.24
C THR L 10 -5.10 -6.80 -8.65
N GLN L 11 -3.97 -6.14 -8.39
CA GLN L 11 -3.76 -4.75 -8.77
C GLN L 11 -3.14 -4.69 -10.16
N ILE L 12 -3.81 -3.97 -11.08
CA ILE L 12 -3.37 -3.86 -12.47
C ILE L 12 -2.94 -2.42 -12.74
N TYR L 13 -1.72 -2.26 -13.24
CA TYR L 13 -1.19 -0.98 -13.66
C TYR L 13 -1.70 -0.64 -15.06
N PHE L 14 -2.04 0.64 -15.28
CA PHE L 14 -2.38 1.11 -16.62
C PHE L 14 -1.97 2.56 -16.82
N LYS L 15 -1.83 2.95 -18.10
CA LYS L 15 -1.60 4.32 -18.51
C LYS L 15 -2.85 4.83 -19.25
N ASP L 16 -3.20 6.09 -18.98
CA ASP L 16 -4.36 6.74 -19.57
C ASP L 16 -3.92 8.12 -20.03
N TRP L 17 -3.83 8.30 -21.35
CA TRP L 17 -3.20 9.49 -21.94
C TRP L 17 -4.18 10.19 -22.88
N GLY L 18 -4.24 11.52 -22.77
CA GLY L 18 -4.92 12.35 -23.74
C GLY L 18 -6.43 12.31 -23.59
N SER L 19 -7.13 12.82 -24.61
CA SER L 19 -8.59 12.91 -24.59
C SER L 19 -9.12 12.67 -26.00
N GLY L 20 -10.42 12.34 -26.08
CA GLY L 20 -11.08 12.00 -27.33
C GLY L 20 -11.58 10.55 -27.32
N LYS L 21 -11.77 9.97 -28.51
CA LYS L 21 -12.25 8.60 -28.62
C LYS L 21 -11.22 7.65 -28.00
N PRO L 22 -11.66 6.72 -27.12
CA PRO L 22 -10.73 5.83 -26.42
C PRO L 22 -10.21 4.66 -27.25
N VAL L 23 -8.89 4.47 -27.20
CA VAL L 23 -8.22 3.35 -27.83
C VAL L 23 -7.48 2.59 -26.73
N LEU L 24 -7.74 1.27 -26.63
CA LEU L 24 -7.25 0.45 -25.54
C LEU L 24 -6.39 -0.68 -26.09
N PHE L 25 -5.15 -0.74 -25.62
CA PHE L 25 -4.12 -1.62 -26.17
C PHE L 25 -3.90 -2.81 -25.25
N SER L 26 -3.70 -4.00 -25.84
CA SER L 26 -3.44 -5.23 -25.11
C SER L 26 -2.15 -5.85 -25.62
N HIS L 27 -1.13 -5.89 -24.75
CA HIS L 27 0.24 -6.21 -25.14
C HIS L 27 0.45 -7.72 -25.31
N GLY L 28 1.58 -8.06 -25.94
CA GLY L 28 1.94 -9.45 -26.20
C GLY L 28 2.68 -10.10 -25.03
N TRP L 29 3.17 -11.32 -25.28
CA TRP L 29 3.83 -12.15 -24.30
C TRP L 29 5.19 -11.55 -23.92
N LEU L 30 5.52 -11.58 -22.62
CA LEU L 30 6.80 -11.15 -22.09
C LEU L 30 6.88 -9.62 -21.95
N LEU L 31 5.94 -8.88 -22.53
CA LEU L 31 6.09 -7.43 -22.65
C LEU L 31 5.26 -6.73 -21.59
N ASP L 32 5.07 -5.42 -21.76
CA ASP L 32 4.10 -4.66 -20.96
C ASP L 32 3.60 -3.45 -21.77
N ALA L 33 2.81 -2.60 -21.10
CA ALA L 33 2.19 -1.43 -21.70
C ALA L 33 3.22 -0.56 -22.42
N ASP L 34 4.51 -0.72 -22.08
CA ASP L 34 5.56 0.10 -22.66
C ASP L 34 5.72 -0.17 -24.15
N MET L 35 5.38 -1.39 -24.60
CA MET L 35 5.56 -1.73 -26.01
C MET L 35 4.73 -0.81 -26.90
N TRP L 36 3.76 -0.10 -26.30
CA TRP L 36 2.79 0.68 -27.07
C TRP L 36 3.16 2.16 -27.14
N GLU L 37 4.24 2.56 -26.46
CA GLU L 37 4.49 3.97 -26.18
C GLU L 37 4.50 4.83 -27.44
N TYR L 38 5.05 4.29 -28.54
CA TYR L 38 5.14 5.06 -29.78
C TYR L 38 3.76 5.24 -30.40
N GLN L 39 2.94 4.19 -30.36
CA GLN L 39 1.59 4.23 -30.91
C GLN L 39 0.72 5.17 -30.08
N MET L 40 0.97 5.21 -28.78
CA MET L 40 0.17 5.99 -27.86
C MET L 40 0.47 7.48 -28.05
N GLU L 41 1.74 7.80 -28.22
CA GLU L 41 2.17 9.18 -28.40
C GLU L 41 1.63 9.71 -29.74
N TYR L 42 1.71 8.86 -30.77
CA TYR L 42 1.29 9.22 -32.11
C TYR L 42 -0.21 9.55 -32.13
N LEU L 43 -1.01 8.77 -31.40
CA LEU L 43 -2.45 8.91 -31.46
C LEU L 43 -2.95 9.98 -30.48
N SER L 44 -2.34 10.05 -29.30
CA SER L 44 -2.81 10.96 -28.27
C SER L 44 -2.46 12.41 -28.58
N SER L 45 -1.41 12.63 -29.39
CA SER L 45 -1.11 13.97 -29.83
C SER L 45 -1.88 14.32 -31.10
N ARG L 46 -2.81 13.44 -31.50
CA ARG L 46 -3.61 13.65 -32.70
C ARG L 46 -5.09 13.46 -32.38
N GLY L 47 -5.47 13.66 -31.11
CA GLY L 47 -6.87 13.85 -30.74
C GLY L 47 -7.56 12.58 -30.25
N TYR L 48 -6.78 11.56 -29.86
CA TYR L 48 -7.33 10.32 -29.35
C TYR L 48 -6.86 10.10 -27.91
N ARG L 49 -7.70 9.41 -27.13
CA ARG L 49 -7.34 8.96 -25.79
C ARG L 49 -6.82 7.52 -25.89
N THR L 50 -5.61 7.28 -25.38
CA THR L 50 -5.03 5.95 -25.48
C THR L 50 -4.78 5.38 -24.09
N ILE L 51 -5.03 4.08 -23.96
CA ILE L 51 -4.98 3.38 -22.68
C ILE L 51 -4.30 2.04 -22.90
N ALA L 52 -3.31 1.75 -22.05
CA ALA L 52 -2.61 0.47 -22.06
C ALA L 52 -2.40 0.00 -20.63
N PHE L 53 -2.63 -1.30 -20.40
CA PHE L 53 -2.47 -1.90 -19.08
C PHE L 53 -1.30 -2.88 -19.10
N ASP L 54 -0.79 -3.21 -17.91
CA ASP L 54 0.11 -4.34 -17.75
C ASP L 54 -0.71 -5.55 -17.30
N ARG L 55 -0.74 -6.60 -18.14
CA ARG L 55 -1.44 -7.83 -17.84
C ARG L 55 -0.99 -8.37 -16.48
N ARG L 56 -1.91 -8.97 -15.73
CA ARG L 56 -1.57 -9.58 -14.45
C ARG L 56 -0.33 -10.46 -14.62
N GLY L 57 0.64 -10.31 -13.73
CA GLY L 57 1.87 -11.09 -13.76
C GLY L 57 2.96 -10.45 -14.62
N PHE L 58 2.66 -9.27 -15.18
CA PHE L 58 3.56 -8.61 -16.11
C PHE L 58 3.80 -7.16 -15.68
N GLY L 59 5.00 -6.67 -15.99
CA GLY L 59 5.37 -5.28 -15.77
C GLY L 59 5.18 -4.84 -14.32
N ARG L 60 4.32 -3.86 -14.13
CA ARG L 60 4.18 -3.19 -12.85
C ARG L 60 2.93 -3.70 -12.13
N SER L 61 2.26 -4.71 -12.69
CA SER L 61 1.06 -5.28 -12.10
C SER L 61 1.43 -6.35 -11.07
N ASP L 62 0.46 -6.71 -10.23
CA ASP L 62 0.60 -7.80 -9.27
C ASP L 62 0.85 -9.11 -10.01
N GLN L 63 1.38 -10.10 -9.29
CA GLN L 63 1.74 -11.39 -9.83
C GLN L 63 0.98 -12.47 -9.08
N PRO L 64 -0.34 -12.66 -9.32
CA PRO L 64 -1.10 -13.71 -8.64
C PRO L 64 -0.78 -15.09 -9.20
N TRP L 65 -0.93 -16.11 -8.34
CA TRP L 65 -0.73 -17.51 -8.71
C TRP L 65 -1.88 -17.96 -9.61
N THR L 66 -3.10 -17.52 -9.28
CA THR L 66 -4.31 -17.94 -9.98
C THR L 66 -4.72 -16.91 -11.02
N GLY L 67 -5.50 -17.36 -12.00
CA GLY L 67 -6.21 -16.49 -12.92
C GLY L 67 -5.43 -16.17 -14.20
N ASN L 68 -4.37 -16.92 -14.47
CA ASN L 68 -3.54 -16.69 -15.64
C ASN L 68 -4.12 -17.46 -16.83
N ASP L 69 -5.30 -17.04 -17.29
CA ASP L 69 -6.05 -17.71 -18.34
C ASP L 69 -6.86 -16.66 -19.10
N TYR L 70 -7.36 -17.03 -20.28
CA TYR L 70 -7.98 -16.07 -21.19
C TYR L 70 -9.30 -15.53 -20.67
N ASP L 71 -10.08 -16.36 -19.97
CA ASP L 71 -11.33 -15.90 -19.39
C ASP L 71 -11.06 -14.77 -18.40
N THR L 72 -10.06 -14.95 -17.54
CA THR L 72 -9.71 -13.95 -16.54
C THR L 72 -9.13 -12.71 -17.21
N PHE L 73 -8.26 -12.90 -18.21
CA PHE L 73 -7.68 -11.80 -18.95
C PHE L 73 -8.80 -10.91 -19.51
N ALA L 74 -9.82 -11.55 -20.10
CA ALA L 74 -10.99 -10.87 -20.63
C ALA L 74 -11.72 -10.11 -19.52
N ASP L 75 -11.88 -10.76 -18.36
CA ASP L 75 -12.58 -10.18 -17.23
C ASP L 75 -11.81 -8.97 -16.68
N ASP L 76 -10.47 -9.01 -16.77
CA ASP L 76 -9.63 -7.90 -16.34
C ASP L 76 -9.91 -6.69 -17.22
N ILE L 77 -9.92 -6.90 -18.55
CA ILE L 77 -10.17 -5.83 -19.49
C ILE L 77 -11.55 -5.23 -19.21
N ALA L 78 -12.54 -6.09 -18.92
CA ALA L 78 -13.90 -5.65 -18.69
C ALA L 78 -13.94 -4.72 -17.49
N GLN L 79 -13.09 -5.02 -16.49
CA GLN L 79 -13.06 -4.24 -15.27
C GLN L 79 -12.42 -2.87 -15.51
N LEU L 80 -11.35 -2.85 -16.30
CA LEU L 80 -10.69 -1.60 -16.67
C LEU L 80 -11.69 -0.70 -17.41
N ILE L 81 -12.39 -1.29 -18.39
CA ILE L 81 -13.42 -0.61 -19.17
C ILE L 81 -14.51 -0.04 -18.25
N GLU L 82 -14.92 -0.81 -17.24
CA GLU L 82 -15.95 -0.36 -16.32
C GLU L 82 -15.41 0.72 -15.37
N HIS L 83 -14.14 0.56 -14.96
CA HIS L 83 -13.48 1.47 -14.05
C HIS L 83 -13.48 2.89 -14.60
N LEU L 84 -13.18 3.00 -15.91
CA LEU L 84 -13.05 4.28 -16.58
C LEU L 84 -14.38 4.63 -17.25
N ASP L 85 -15.32 3.69 -17.22
CA ASP L 85 -16.66 3.81 -17.79
C ASP L 85 -16.57 4.21 -19.27
N LEU L 86 -15.87 3.39 -20.06
CA LEU L 86 -15.56 3.73 -21.45
C LEU L 86 -16.70 3.30 -22.38
N LYS L 87 -16.86 4.08 -23.46
CA LYS L 87 -17.79 3.78 -24.54
C LYS L 87 -17.11 4.11 -25.87
N GLU L 88 -17.48 3.34 -26.92
CA GLU L 88 -16.93 3.46 -28.26
C GLU L 88 -15.43 3.17 -28.23
N VAL L 89 -15.04 2.10 -27.53
CA VAL L 89 -13.63 1.75 -27.41
C VAL L 89 -13.20 1.02 -28.68
N THR L 90 -11.99 1.34 -29.15
CA THR L 90 -11.29 0.58 -30.17
C THR L 90 -10.23 -0.27 -29.47
N LEU L 91 -10.47 -1.59 -29.43
CA LEU L 91 -9.53 -2.52 -28.83
C LEU L 91 -8.45 -2.86 -29.85
N VAL L 92 -7.18 -2.77 -29.41
CA VAL L 92 -6.04 -3.12 -30.24
C VAL L 92 -5.21 -4.16 -29.50
N GLY L 93 -5.02 -5.33 -30.11
CA GLY L 93 -4.28 -6.40 -29.47
C GLY L 93 -3.10 -6.88 -30.32
N PHE L 94 -1.97 -7.15 -29.65
CA PHE L 94 -0.80 -7.71 -30.29
C PHE L 94 -0.52 -9.11 -29.72
N SER L 95 -0.18 -10.05 -30.63
CA SER L 95 0.24 -11.39 -30.27
C SER L 95 -0.82 -12.07 -29.39
N MET L 96 -0.43 -12.55 -28.21
CA MET L 96 -1.37 -13.24 -27.33
C MET L 96 -2.44 -12.27 -26.86
N GLY L 97 -2.13 -10.97 -26.96
CA GLY L 97 -3.02 -9.89 -26.56
C GLY L 97 -4.25 -9.78 -27.46
N GLY L 98 -4.14 -10.27 -28.70
CA GLY L 98 -5.30 -10.36 -29.58
C GLY L 98 -6.35 -11.31 -29.00
N GLY L 99 -5.89 -12.24 -28.15
CA GLY L 99 -6.75 -13.26 -27.57
C GLY L 99 -7.71 -12.66 -26.55
N ASP L 100 -7.18 -11.89 -25.59
CA ASP L 100 -8.00 -11.39 -24.51
C ASP L 100 -8.95 -10.30 -25.01
N VAL L 101 -8.59 -9.57 -26.07
CA VAL L 101 -9.53 -8.59 -26.60
C VAL L 101 -10.71 -9.31 -27.26
N ALA L 102 -10.41 -10.35 -28.05
CA ALA L 102 -11.43 -11.14 -28.71
C ALA L 102 -12.30 -11.84 -27.67
N ARG L 103 -11.66 -12.39 -26.63
CA ARG L 103 -12.38 -13.09 -25.58
C ARG L 103 -13.23 -12.12 -24.78
N TYR L 104 -12.77 -10.87 -24.65
CA TYR L 104 -13.58 -9.85 -23.99
C TYR L 104 -14.89 -9.68 -24.75
N ILE L 105 -14.80 -9.54 -26.08
CA ILE L 105 -15.98 -9.31 -26.91
C ILE L 105 -16.90 -10.52 -26.82
N ALA L 106 -16.31 -11.72 -26.90
CA ALA L 106 -17.06 -12.96 -26.83
C ALA L 106 -17.81 -13.08 -25.51
N ARG L 107 -17.16 -12.67 -24.40
CA ARG L 107 -17.69 -12.90 -23.07
C ARG L 107 -18.63 -11.78 -22.61
N HIS L 108 -18.37 -10.54 -23.05
CA HIS L 108 -19.13 -9.41 -22.52
C HIS L 108 -19.94 -8.69 -23.59
N GLY L 109 -19.79 -9.09 -24.86
CA GLY L 109 -20.47 -8.42 -25.95
C GLY L 109 -19.72 -7.18 -26.40
N SER L 110 -20.29 -6.43 -27.34
CA SER L 110 -19.58 -5.33 -27.98
C SER L 110 -20.31 -4.00 -27.79
N ALA L 111 -21.13 -3.92 -26.72
CA ALA L 111 -21.94 -2.75 -26.44
C ALA L 111 -21.06 -1.52 -26.18
N ARG L 112 -19.81 -1.76 -25.76
CA ARG L 112 -18.89 -0.68 -25.43
C ARG L 112 -17.79 -0.55 -26.49
N VAL L 113 -17.92 -1.30 -27.59
CA VAL L 113 -16.85 -1.44 -28.57
C VAL L 113 -17.25 -0.77 -29.89
N ALA L 114 -16.31 -0.03 -30.49
CA ALA L 114 -16.52 0.61 -31.79
C ALA L 114 -15.70 -0.10 -32.87
N GLY L 115 -14.56 -0.65 -32.48
CA GLY L 115 -13.66 -1.28 -33.43
C GLY L 115 -12.74 -2.30 -32.76
N LEU L 116 -12.19 -3.20 -33.58
CA LEU L 116 -11.19 -4.16 -33.15
C LEU L 116 -10.04 -4.19 -34.16
N VAL L 117 -8.81 -4.17 -33.64
CA VAL L 117 -7.59 -4.28 -34.44
C VAL L 117 -6.77 -5.42 -33.88
N LEU L 118 -6.42 -6.38 -34.75
CA LEU L 118 -5.67 -7.58 -34.38
C LEU L 118 -4.30 -7.53 -35.05
N LEU L 119 -3.25 -7.49 -34.22
CA LEU L 119 -1.89 -7.25 -34.70
C LEU L 119 -1.04 -8.49 -34.43
N GLY L 120 -0.62 -9.17 -35.51
CA GLY L 120 0.14 -10.40 -35.41
C GLY L 120 -0.43 -11.32 -34.33
N ALA L 121 -1.75 -11.49 -34.32
CA ALA L 121 -2.47 -12.05 -33.20
C ALA L 121 -2.58 -13.57 -33.33
N VAL L 122 -2.84 -14.23 -32.20
CA VAL L 122 -2.87 -15.68 -32.12
C VAL L 122 -4.24 -16.19 -32.56
N THR L 123 -5.19 -15.27 -32.77
CA THR L 123 -6.51 -15.57 -33.28
C THR L 123 -6.40 -16.12 -34.70
N PRO L 124 -7.28 -17.06 -35.12
CA PRO L 124 -8.34 -17.61 -34.26
C PRO L 124 -7.92 -18.78 -33.38
N LEU L 125 -6.68 -19.25 -33.58
N LEU L 125 -6.74 -19.33 -33.63
CA LEU L 125 -6.12 -20.40 -32.88
CA LEU L 125 -6.08 -20.26 -32.72
C LEU L 125 -4.63 -20.50 -33.23
C LEU L 125 -4.66 -20.53 -33.21
N PHE L 126 -3.80 -20.88 -32.26
CA PHE L 126 -2.36 -20.92 -32.46
C PHE L 126 -1.89 -22.38 -32.52
N GLY L 127 -2.21 -23.14 -31.47
CA GLY L 127 -1.76 -24.51 -31.32
C GLY L 127 -2.58 -25.49 -32.16
N GLN L 128 -1.98 -26.66 -32.40
CA GLN L 128 -2.55 -27.74 -33.20
C GLN L 128 -3.73 -28.36 -32.43
N LYS L 129 -4.80 -28.67 -33.17
CA LYS L 129 -5.99 -29.30 -32.64
C LYS L 129 -6.34 -30.52 -33.46
N PRO L 130 -7.26 -31.41 -32.98
CA PRO L 130 -7.74 -32.53 -33.79
C PRO L 130 -8.41 -32.05 -35.07
N ASP L 131 -9.19 -30.95 -34.97
CA ASP L 131 -9.92 -30.40 -36.09
C ASP L 131 -9.19 -29.18 -36.67
N TYR L 132 -7.89 -29.05 -36.37
CA TYR L 132 -7.03 -28.00 -36.90
C TYR L 132 -5.58 -28.49 -36.98
N PRO L 133 -5.28 -29.53 -37.78
CA PRO L 133 -3.92 -30.07 -37.86
C PRO L 133 -2.86 -29.12 -38.42
N GLN L 134 -3.31 -28.03 -39.05
CA GLN L 134 -2.42 -27.09 -39.71
C GLN L 134 -1.80 -26.13 -38.70
N GLY L 135 -2.27 -26.16 -37.45
CA GLY L 135 -1.76 -25.30 -36.40
C GLY L 135 -0.34 -25.67 -35.97
N VAL L 136 0.22 -24.93 -35.02
CA VAL L 136 1.57 -25.18 -34.54
C VAL L 136 1.55 -26.37 -33.58
N PRO L 137 2.41 -27.40 -33.80
CA PRO L 137 2.47 -28.57 -32.92
C PRO L 137 2.72 -28.20 -31.46
N LEU L 138 2.11 -28.96 -30.55
CA LEU L 138 2.09 -28.62 -29.13
C LEU L 138 3.46 -28.82 -28.48
N ASP L 139 4.30 -29.69 -29.07
CA ASP L 139 5.61 -29.97 -28.50
C ASP L 139 6.52 -28.75 -28.63
N VAL L 140 6.21 -27.85 -29.56
CA VAL L 140 6.90 -26.58 -29.68
C VAL L 140 6.76 -25.81 -28.36
N PHE L 141 5.54 -25.81 -27.81
CA PHE L 141 5.23 -25.03 -26.63
C PHE L 141 5.69 -25.76 -25.38
N ALA L 142 5.71 -27.10 -25.42
CA ALA L 142 6.24 -27.89 -24.33
C ALA L 142 7.73 -27.57 -24.13
N ARG L 143 8.43 -27.40 -25.26
CA ARG L 143 9.84 -27.06 -25.30
C ARG L 143 10.06 -25.69 -24.65
N PHE L 144 9.19 -24.72 -24.99
CA PHE L 144 9.24 -23.39 -24.41
C PHE L 144 9.23 -23.48 -22.89
N LYS L 145 8.25 -24.21 -22.34
CA LYS L 145 8.06 -24.28 -20.90
C LYS L 145 9.27 -24.93 -20.23
N THR L 146 9.84 -25.95 -20.87
CA THR L 146 11.02 -26.61 -20.35
C THR L 146 12.15 -25.59 -20.16
N GLU L 147 12.44 -24.84 -21.22
CA GLU L 147 13.52 -23.86 -21.19
C GLU L 147 13.25 -22.77 -20.16
N LEU L 148 12.00 -22.27 -20.12
CA LEU L 148 11.58 -21.24 -19.17
C LEU L 148 11.75 -21.72 -17.74
N LEU L 149 11.51 -23.02 -17.49
CA LEU L 149 11.53 -23.53 -16.13
C LEU L 149 12.95 -23.89 -15.70
N LYS L 150 13.92 -23.65 -16.60
CA LYS L 150 15.33 -23.79 -16.28
C LYS L 150 15.97 -22.41 -16.15
N ASP L 151 15.76 -21.57 -17.17
CA ASP L 151 16.45 -20.29 -17.28
C ASP L 151 15.66 -19.36 -18.20
N ARG L 152 14.71 -18.62 -17.62
CA ARG L 152 13.82 -17.80 -18.43
C ARG L 152 14.57 -16.58 -18.98
N ALA L 153 15.51 -16.06 -18.19
CA ALA L 153 16.32 -14.91 -18.55
C ALA L 153 17.01 -15.14 -19.90
N GLN L 154 17.75 -16.25 -20.01
CA GLN L 154 18.47 -16.56 -21.23
C GLN L 154 17.49 -16.86 -22.36
N PHE L 155 16.29 -17.37 -22.02
CA PHE L 155 15.29 -17.69 -23.03
C PHE L 155 14.80 -16.41 -23.70
N ILE L 156 14.45 -15.41 -22.88
CA ILE L 156 13.94 -14.14 -23.38
C ILE L 156 14.99 -13.50 -24.28
N SER L 157 16.25 -13.53 -23.83
CA SER L 157 17.38 -12.99 -24.56
C SER L 157 17.48 -13.63 -25.94
N ASP L 158 17.34 -14.97 -26.01
CA ASP L 158 17.46 -15.72 -27.25
C ASP L 158 16.27 -15.47 -28.16
N PHE L 159 15.14 -15.05 -27.56
CA PHE L 159 13.88 -14.90 -28.26
C PHE L 159 13.90 -13.65 -29.14
N ASN L 160 14.73 -12.67 -28.75
CA ASN L 160 14.84 -11.39 -29.43
C ASN L 160 15.04 -11.56 -30.93
N ALA L 161 15.91 -12.52 -31.32
CA ALA L 161 16.33 -12.67 -32.71
C ALA L 161 15.15 -13.08 -33.60
N PRO L 162 14.48 -14.24 -33.36
CA PRO L 162 13.31 -14.60 -34.17
C PRO L 162 12.12 -13.64 -34.05
N PHE L 163 11.95 -13.05 -32.84
CA PHE L 163 10.88 -12.13 -32.56
C PHE L 163 10.93 -10.92 -33.48
N TYR L 164 12.13 -10.34 -33.63
CA TYR L 164 12.33 -9.09 -34.35
C TYR L 164 12.78 -9.35 -35.78
N GLY L 165 13.12 -10.61 -36.09
CA GLY L 165 13.56 -10.99 -37.41
C GLY L 165 14.99 -10.53 -37.72
N ILE L 166 15.79 -10.36 -36.66
CA ILE L 166 17.19 -9.95 -36.81
C ILE L 166 17.94 -11.03 -37.58
N ASN L 167 17.53 -12.29 -37.37
CA ASN L 167 18.13 -13.45 -38.03
C ASN L 167 17.76 -13.47 -39.52
N LYS L 168 16.91 -12.52 -39.93
CA LYS L 168 16.48 -12.43 -41.33
C LYS L 168 16.68 -11.00 -41.83
N GLY L 169 17.71 -10.33 -41.29
CA GLY L 169 18.19 -9.05 -41.82
C GLY L 169 17.33 -7.85 -41.44
N GLN L 170 16.48 -7.99 -40.42
CA GLN L 170 15.83 -6.83 -39.83
C GLN L 170 16.84 -6.10 -38.96
N VAL L 171 16.68 -4.79 -38.82
CA VAL L 171 17.62 -3.97 -38.07
C VAL L 171 16.93 -3.45 -36.82
N VAL L 172 17.34 -3.97 -35.67
CA VAL L 172 16.85 -3.58 -34.36
C VAL L 172 18.05 -3.31 -33.46
N SER L 173 18.08 -2.14 -32.83
CA SER L 173 19.22 -1.67 -32.05
C SER L 173 19.44 -2.52 -30.80
N CYS L 174 20.65 -2.42 -30.23
CA CYS L 174 20.96 -3.04 -28.95
C CYS L 174 20.06 -2.45 -27.86
N GLY L 175 19.74 -1.15 -27.99
CA GLY L 175 18.85 -0.47 -27.08
C GLY L 175 17.51 -1.18 -26.94
N VAL L 176 16.86 -1.47 -28.08
CA VAL L 176 15.55 -2.08 -28.08
C VAL L 176 15.63 -3.47 -27.47
N GLN L 177 16.73 -4.19 -27.74
CA GLN L 177 16.90 -5.55 -27.27
C GLN L 177 17.09 -5.56 -25.75
N THR L 178 17.86 -4.58 -25.23
CA THR L 178 18.07 -4.40 -23.81
C THR L 178 16.76 -4.04 -23.10
N GLN L 179 15.97 -3.16 -23.71
CA GLN L 179 14.72 -2.72 -23.12
C GLN L 179 13.73 -3.89 -23.06
N THR L 180 13.71 -4.70 -24.13
CA THR L 180 12.79 -5.84 -24.22
C THR L 180 13.09 -6.84 -23.10
N LEU L 181 14.37 -7.16 -22.92
CA LEU L 181 14.78 -8.07 -21.86
C LEU L 181 14.45 -7.46 -20.49
N GLN L 182 14.66 -6.15 -20.34
CA GLN L 182 14.47 -5.48 -19.06
C GLN L 182 12.99 -5.60 -18.63
N ILE L 183 12.09 -5.29 -19.58
CA ILE L 183 10.66 -5.32 -19.31
C ILE L 183 10.21 -6.74 -18.96
N ALA L 184 10.70 -7.72 -19.73
CA ALA L 184 10.32 -9.11 -19.58
C ALA L 184 10.67 -9.62 -18.19
N LEU L 185 11.85 -9.22 -17.69
CA LEU L 185 12.35 -9.68 -16.41
C LEU L 185 11.47 -9.19 -15.25
N LEU L 186 10.66 -8.15 -15.49
CA LEU L 186 9.78 -7.64 -14.45
C LEU L 186 8.69 -8.67 -14.15
N ALA L 187 8.39 -9.52 -15.15
CA ALA L 187 7.24 -10.41 -15.11
C ALA L 187 7.48 -11.60 -14.18
N SER L 188 6.37 -12.18 -13.71
CA SER L 188 6.35 -13.41 -12.93
C SER L 188 6.80 -14.59 -13.79
N LEU L 189 7.56 -15.53 -13.19
CA LEU L 189 7.87 -16.79 -13.84
C LEU L 189 6.59 -17.58 -14.10
N LYS L 190 5.72 -17.64 -13.08
CA LYS L 190 4.47 -18.38 -13.16
C LYS L 190 3.61 -17.86 -14.30
N ALA L 191 3.47 -16.53 -14.37
CA ALA L 191 2.65 -15.87 -15.38
C ALA L 191 3.23 -16.15 -16.77
N THR L 192 4.56 -16.21 -16.86
CA THR L 192 5.25 -16.45 -18.12
C THR L 192 4.89 -17.83 -18.66
N VAL L 193 5.02 -18.85 -17.81
CA VAL L 193 4.81 -20.23 -18.21
C VAL L 193 3.32 -20.45 -18.53
N ASP L 194 2.43 -19.98 -17.64
CA ASP L 194 1.00 -20.20 -17.76
C ASP L 194 0.46 -19.67 -19.08
N CYS L 195 1.01 -18.54 -19.52
CA CYS L 195 0.55 -17.90 -20.75
C CYS L 195 0.83 -18.79 -21.95
N VAL L 196 1.91 -19.58 -21.90
CA VAL L 196 2.22 -20.52 -22.95
C VAL L 196 1.06 -21.49 -23.11
N THR L 197 0.64 -22.11 -22.00
CA THR L 197 -0.53 -22.98 -22.00
C THR L 197 -1.72 -22.23 -22.59
N ALA L 198 -1.93 -20.99 -22.14
CA ALA L 198 -3.07 -20.18 -22.54
C ALA L 198 -3.09 -19.98 -24.07
N PHE L 199 -2.00 -19.48 -24.62
CA PHE L 199 -2.00 -19.12 -26.04
C PHE L 199 -1.78 -20.35 -26.92
N ALA L 200 -1.25 -21.43 -26.34
CA ALA L 200 -1.02 -22.65 -27.09
C ALA L 200 -2.32 -23.42 -27.31
N GLU L 201 -3.28 -23.32 -26.38
CA GLU L 201 -4.35 -24.29 -26.35
C GLU L 201 -5.74 -23.66 -26.48
N THR L 202 -5.85 -22.33 -26.31
CA THR L 202 -7.15 -21.67 -26.36
C THR L 202 -7.61 -21.54 -27.81
N ASP L 203 -8.88 -21.92 -28.03
CA ASP L 203 -9.53 -21.90 -29.34
C ASP L 203 -10.46 -20.70 -29.38
N PHE L 204 -10.19 -19.75 -30.29
CA PHE L 204 -10.97 -18.53 -30.39
C PHE L 204 -11.88 -18.56 -31.62
N ARG L 205 -12.08 -19.74 -32.20
CA ARG L 205 -12.90 -19.87 -33.39
C ARG L 205 -14.35 -19.50 -33.11
N PRO L 206 -14.98 -19.93 -31.99
CA PRO L 206 -16.28 -19.41 -31.59
C PRO L 206 -16.29 -17.89 -31.47
N ASP L 207 -15.25 -17.34 -30.83
CA ASP L 207 -15.12 -15.90 -30.59
C ASP L 207 -15.32 -15.14 -31.89
N MET L 208 -14.73 -15.66 -32.98
CA MET L 208 -14.67 -15.00 -34.27
C MET L 208 -16.08 -14.67 -34.77
N ALA L 209 -17.03 -15.57 -34.52
CA ALA L 209 -18.39 -15.45 -35.03
C ALA L 209 -19.20 -14.45 -34.20
N LYS L 210 -18.60 -13.96 -33.10
CA LYS L 210 -19.29 -13.08 -32.18
C LYS L 210 -18.82 -11.64 -32.33
N ILE L 211 -17.72 -11.45 -33.07
CA ILE L 211 -17.20 -10.12 -33.36
C ILE L 211 -18.07 -9.47 -34.44
N ASP L 212 -18.79 -8.42 -34.05
CA ASP L 212 -19.78 -7.77 -34.90
C ASP L 212 -19.44 -6.30 -35.08
N VAL L 213 -18.14 -5.97 -35.07
CA VAL L 213 -17.69 -4.60 -35.18
C VAL L 213 -16.65 -4.52 -36.30
N PRO L 214 -16.42 -3.33 -36.90
CA PRO L 214 -15.34 -3.15 -37.87
C PRO L 214 -14.02 -3.67 -37.32
N THR L 215 -13.31 -4.47 -38.13
CA THR L 215 -12.10 -5.14 -37.70
C THR L 215 -11.00 -4.92 -38.72
N LEU L 216 -9.78 -4.64 -38.21
CA LEU L 216 -8.59 -4.59 -39.03
C LEU L 216 -7.60 -5.65 -38.55
N VAL L 217 -7.18 -6.52 -39.48
CA VAL L 217 -6.15 -7.51 -39.18
C VAL L 217 -4.88 -7.10 -39.91
N ILE L 218 -3.79 -6.95 -39.15
CA ILE L 218 -2.46 -6.69 -39.68
C ILE L 218 -1.53 -7.80 -39.20
N HIS L 219 -0.71 -8.30 -40.14
CA HIS L 219 0.20 -9.39 -39.84
C HIS L 219 1.39 -9.29 -40.79
N GLY L 220 2.59 -9.59 -40.29
CA GLY L 220 3.75 -9.69 -41.16
C GLY L 220 3.85 -11.10 -41.74
N ASP L 221 4.19 -11.21 -43.02
CA ASP L 221 4.27 -12.53 -43.63
C ASP L 221 5.67 -13.10 -43.47
N GLY L 222 6.48 -12.44 -42.63
CA GLY L 222 7.80 -12.92 -42.24
C GLY L 222 7.83 -13.39 -40.79
N ASP L 223 6.68 -13.26 -40.11
CA ASP L 223 6.50 -13.62 -38.71
C ASP L 223 6.95 -15.07 -38.49
N GLN L 224 7.91 -15.27 -37.59
CA GLN L 224 8.49 -16.58 -37.30
C GLN L 224 7.86 -17.16 -36.04
N ILE L 225 7.09 -16.33 -35.31
CA ILE L 225 6.57 -16.74 -34.02
C ILE L 225 5.13 -17.22 -34.19
N VAL L 226 4.28 -16.34 -34.75
CA VAL L 226 2.87 -16.60 -34.95
C VAL L 226 2.61 -16.64 -36.46
N PRO L 227 2.47 -17.83 -37.08
CA PRO L 227 2.45 -17.96 -38.53
C PRO L 227 1.21 -17.33 -39.16
N PHE L 228 1.44 -16.52 -40.20
CA PHE L 228 0.42 -15.71 -40.84
C PHE L 228 -0.68 -16.58 -41.45
N GLU L 229 -0.28 -17.67 -42.11
CA GLU L 229 -1.16 -18.54 -42.86
C GLU L 229 -2.29 -19.12 -42.02
N THR L 230 -1.99 -19.46 -40.76
CA THR L 230 -2.93 -20.20 -39.93
C THR L 230 -3.51 -19.33 -38.82
N THR L 231 -3.16 -18.03 -38.80
CA THR L 231 -3.68 -17.12 -37.80
C THR L 231 -4.37 -15.93 -38.45
N GLY L 232 -3.58 -14.90 -38.80
CA GLY L 232 -4.07 -13.64 -39.30
C GLY L 232 -4.93 -13.79 -40.56
N LYS L 233 -4.44 -14.58 -41.52
CA LYS L 233 -5.10 -14.79 -42.79
C LYS L 233 -6.48 -15.40 -42.56
N VAL L 234 -6.59 -16.27 -41.54
CA VAL L 234 -7.82 -17.00 -41.27
C VAL L 234 -8.79 -16.10 -40.50
N ALA L 235 -8.27 -15.30 -39.57
CA ALA L 235 -9.09 -14.40 -38.77
C ALA L 235 -9.83 -13.41 -39.66
N ALA L 236 -9.14 -12.91 -40.69
CA ALA L 236 -9.71 -11.99 -41.64
C ALA L 236 -10.89 -12.64 -42.37
N GLU L 237 -10.80 -13.96 -42.60
CA GLU L 237 -11.83 -14.72 -43.29
C GLU L 237 -13.05 -14.91 -42.39
N LEU L 238 -12.82 -15.24 -41.12
CA LEU L 238 -13.88 -15.68 -40.22
C LEU L 238 -14.68 -14.51 -39.68
N ILE L 239 -14.02 -13.36 -39.44
CA ILE L 239 -14.70 -12.16 -38.96
C ILE L 239 -15.40 -11.50 -40.15
N LYS L 240 -16.72 -11.35 -40.02
CA LYS L 240 -17.56 -10.71 -41.02
C LYS L 240 -17.12 -9.25 -41.18
N GLY L 241 -16.80 -8.87 -42.43
CA GLY L 241 -16.51 -7.49 -42.80
C GLY L 241 -15.05 -7.08 -42.58
N ALA L 242 -14.23 -7.97 -42.03
CA ALA L 242 -12.87 -7.63 -41.62
C ALA L 242 -12.02 -7.23 -42.82
N GLU L 243 -11.02 -6.38 -42.56
CA GLU L 243 -10.05 -5.93 -43.54
C GLU L 243 -8.68 -6.51 -43.17
N LEU L 244 -7.85 -6.80 -44.17
CA LEU L 244 -6.55 -7.41 -43.94
C LEU L 244 -5.45 -6.59 -44.60
N LYS L 245 -4.39 -6.30 -43.82
CA LYS L 245 -3.18 -5.69 -44.36
C LYS L 245 -1.99 -6.57 -44.00
N VAL L 246 -1.20 -6.91 -45.03
CA VAL L 246 -0.01 -7.73 -44.86
C VAL L 246 1.21 -6.84 -45.07
N TYR L 247 2.08 -6.79 -44.05
CA TYR L 247 3.37 -6.11 -44.18
C TYR L 247 4.38 -7.10 -44.73
N LYS L 248 5.01 -6.72 -45.85
CA LYS L 248 5.87 -7.60 -46.63
C LYS L 248 7.17 -7.87 -45.87
N ASP L 249 7.38 -9.15 -45.52
CA ASP L 249 8.60 -9.69 -44.93
C ASP L 249 8.74 -9.26 -43.47
N ALA L 250 7.70 -8.64 -42.91
CA ALA L 250 7.76 -8.08 -41.58
C ALA L 250 7.76 -9.20 -40.54
N PRO L 251 8.46 -9.00 -39.39
CA PRO L 251 8.55 -10.03 -38.35
C PRO L 251 7.38 -9.92 -37.38
N HIS L 252 7.46 -10.70 -36.29
CA HIS L 252 6.47 -10.67 -35.23
C HIS L 252 6.48 -9.30 -34.56
N GLY L 253 7.67 -8.80 -34.20
CA GLY L 253 7.80 -7.55 -33.46
C GLY L 253 7.73 -6.32 -34.38
N PHE L 254 6.67 -6.25 -35.20
CA PHE L 254 6.61 -5.27 -36.27
C PHE L 254 6.23 -3.90 -35.74
N ALA L 255 5.76 -3.83 -34.49
CA ALA L 255 5.44 -2.54 -33.88
C ALA L 255 6.71 -1.74 -33.66
N VAL L 256 7.86 -2.43 -33.62
CA VAL L 256 9.15 -1.77 -33.55
C VAL L 256 9.66 -1.52 -34.98
N THR L 257 9.64 -2.56 -35.82
CA THR L 257 10.30 -2.52 -37.12
C THR L 257 9.52 -1.67 -38.14
N HIS L 258 8.18 -1.66 -38.03
CA HIS L 258 7.35 -0.94 -38.98
C HIS L 258 6.46 0.06 -38.24
N ALA L 259 7.04 0.70 -37.21
CA ALA L 259 6.34 1.56 -36.27
C ALA L 259 5.51 2.62 -36.99
N GLN L 260 6.12 3.32 -37.94
CA GLN L 260 5.47 4.45 -38.59
C GLN L 260 4.31 3.96 -39.45
N GLN L 261 4.55 2.88 -40.21
CA GLN L 261 3.54 2.31 -41.07
C GLN L 261 2.32 1.90 -40.25
N LEU L 262 2.57 1.26 -39.09
CA LEU L 262 1.52 0.85 -38.17
C LEU L 262 0.77 2.07 -37.63
N ASN L 263 1.52 3.07 -37.15
CA ASN L 263 0.97 4.31 -36.61
C ASN L 263 -0.03 4.91 -37.59
N GLU L 264 0.33 4.91 -38.88
CA GLU L 264 -0.47 5.56 -39.91
C GLU L 264 -1.71 4.73 -40.20
N ASP L 265 -1.57 3.39 -40.16
CA ASP L 265 -2.65 2.45 -40.45
C ASP L 265 -3.71 2.52 -39.36
N LEU L 266 -3.25 2.61 -38.10
CA LEU L 266 -4.13 2.74 -36.94
C LEU L 266 -4.95 4.03 -37.06
N LEU L 267 -4.30 5.10 -37.49
CA LEU L 267 -4.92 6.41 -37.59
C LEU L 267 -5.97 6.41 -38.69
N ALA L 268 -5.69 5.71 -39.79
CA ALA L 268 -6.61 5.66 -40.92
C ALA L 268 -7.86 4.87 -40.54
N PHE L 269 -7.66 3.75 -39.82
CA PHE L 269 -8.74 2.91 -39.34
C PHE L 269 -9.68 3.70 -38.43
N LEU L 270 -9.12 4.53 -37.54
CA LEU L 270 -9.87 5.26 -36.54
C LEU L 270 -10.68 6.38 -37.19
N LYS L 271 -10.28 6.80 -38.40
CA LYS L 271 -11.04 7.79 -39.15
C LYS L 271 -12.01 7.10 -40.10
N ARG L 272 -11.92 5.76 -40.16
CA ARG L 272 -12.75 4.89 -40.99
C ARG L 272 -12.65 5.32 -42.46
N SER M 2 50.79 -37.17 -18.65
CA SER M 2 50.87 -37.71 -17.26
C SER M 2 51.99 -37.02 -16.49
N CYS M 3 51.82 -36.92 -15.17
CA CYS M 3 52.84 -36.34 -14.29
C CYS M 3 52.71 -36.88 -12.87
N PHE M 4 53.77 -36.65 -12.08
CA PHE M 4 53.77 -36.91 -10.64
C PHE M 4 54.59 -35.82 -9.96
N VAL M 5 54.33 -35.63 -8.66
CA VAL M 5 55.03 -34.63 -7.86
C VAL M 5 56.13 -35.32 -7.06
N ALA M 6 57.38 -34.88 -7.30
CA ALA M 6 58.55 -35.40 -6.61
C ALA M 6 58.55 -34.94 -5.15
N LYS M 7 59.61 -35.32 -4.42
CA LYS M 7 59.75 -35.03 -3.00
C LYS M 7 59.75 -33.52 -2.76
N ASP M 8 60.43 -32.77 -3.65
CA ASP M 8 60.65 -31.35 -3.45
C ASP M 8 59.54 -30.52 -4.10
N GLY M 9 58.54 -31.20 -4.68
CA GLY M 9 57.37 -30.52 -5.23
C GLY M 9 57.44 -30.30 -6.74
N THR M 10 58.55 -30.76 -7.36
CA THR M 10 58.75 -30.62 -8.80
C THR M 10 57.85 -31.60 -9.56
N GLN M 11 57.08 -31.09 -10.52
CA GLN M 11 56.21 -31.90 -11.36
C GLN M 11 56.99 -32.40 -12.57
N ILE M 12 56.93 -33.73 -12.79
CA ILE M 12 57.69 -34.37 -13.85
C ILE M 12 56.73 -35.06 -14.82
N TYR M 13 56.81 -34.65 -16.10
CA TYR M 13 55.98 -35.19 -17.16
C TYR M 13 56.48 -36.58 -17.57
N PHE M 14 55.55 -37.47 -17.90
CA PHE M 14 55.90 -38.80 -18.40
C PHE M 14 54.80 -39.33 -19.33
N LYS M 15 55.20 -40.31 -20.16
CA LYS M 15 54.29 -41.04 -21.03
C LYS M 15 54.21 -42.49 -20.55
N ASP M 16 52.99 -43.03 -20.54
CA ASP M 16 52.77 -44.42 -20.16
C ASP M 16 52.00 -45.10 -21.30
N TRP M 17 52.72 -45.94 -22.05
CA TRP M 17 52.17 -46.55 -23.27
C TRP M 17 52.12 -48.07 -23.15
N GLY M 18 50.99 -48.63 -23.61
CA GLY M 18 50.85 -50.07 -23.80
C GLY M 18 50.74 -50.84 -22.49
N SER M 19 50.86 -52.17 -22.59
CA SER M 19 50.77 -53.08 -21.47
C SER M 19 51.74 -54.24 -21.64
N GLY M 20 52.18 -54.82 -20.52
CA GLY M 20 53.18 -55.87 -20.50
C GLY M 20 54.36 -55.53 -19.58
N LYS M 21 55.48 -56.23 -19.76
CA LYS M 21 56.69 -55.98 -18.99
C LYS M 21 57.15 -54.55 -19.22
N PRO M 22 57.38 -53.76 -18.15
CA PRO M 22 57.74 -52.35 -18.31
C PRO M 22 59.17 -52.09 -18.77
N VAL M 23 59.31 -51.19 -19.75
CA VAL M 23 60.59 -50.64 -20.18
C VAL M 23 60.56 -49.14 -19.92
N LEU M 24 61.54 -48.65 -19.14
CA LEU M 24 61.57 -47.27 -18.69
C LEU M 24 62.78 -46.56 -19.29
N PHE M 25 62.52 -45.43 -19.96
CA PHE M 25 63.50 -44.73 -20.79
C PHE M 25 63.92 -43.41 -20.14
N SER M 26 65.24 -43.19 -20.10
CA SER M 26 65.84 -41.99 -19.54
C SER M 26 66.69 -41.29 -20.59
N HIS M 27 66.20 -40.12 -21.04
CA HIS M 27 66.75 -39.42 -22.19
C HIS M 27 68.09 -38.76 -21.86
N GLY M 28 68.76 -38.27 -22.91
CA GLY M 28 70.06 -37.63 -22.78
C GLY M 28 69.95 -36.11 -22.66
N TRP M 29 71.11 -35.47 -22.52
CA TRP M 29 71.22 -34.02 -22.37
C TRP M 29 70.54 -33.33 -23.55
N LEU M 30 69.80 -32.25 -23.23
CA LEU M 30 69.27 -31.31 -24.21
C LEU M 30 67.96 -31.81 -24.83
N LEU M 31 67.48 -32.97 -24.41
CA LEU M 31 66.35 -33.60 -25.07
C LEU M 31 65.21 -33.79 -24.07
N ASP M 32 64.21 -34.58 -24.46
CA ASP M 32 63.16 -35.03 -23.55
C ASP M 32 62.71 -36.44 -23.96
N ALA M 33 61.55 -36.86 -23.45
CA ALA M 33 61.02 -38.20 -23.66
C ALA M 33 60.76 -38.48 -25.14
N ASP M 34 60.64 -37.41 -25.94
CA ASP M 34 60.25 -37.53 -27.34
C ASP M 34 61.34 -38.19 -28.19
N MET M 35 62.58 -38.23 -27.70
CA MET M 35 63.66 -38.86 -28.44
C MET M 35 63.46 -40.38 -28.46
N TRP M 36 62.51 -40.86 -27.64
CA TRP M 36 62.28 -42.28 -27.44
C TRP M 36 61.06 -42.76 -28.23
N GLU M 37 60.45 -41.85 -29.01
CA GLU M 37 59.13 -42.11 -29.55
C GLU M 37 59.13 -43.28 -30.53
N TYR M 38 60.25 -43.51 -31.22
CA TYR M 38 60.35 -44.58 -32.20
C TYR M 38 60.51 -45.94 -31.52
N GLN M 39 61.36 -45.99 -30.48
CA GLN M 39 61.59 -47.20 -29.69
C GLN M 39 60.32 -47.57 -28.92
N MET M 40 59.58 -46.54 -28.49
CA MET M 40 58.41 -46.73 -27.65
C MET M 40 57.25 -47.30 -28.47
N GLU M 41 57.09 -46.81 -29.69
CA GLU M 41 56.05 -47.32 -30.60
C GLU M 41 56.40 -48.76 -31.00
N TYR M 42 57.71 -49.01 -31.21
CA TYR M 42 58.20 -50.29 -31.71
C TYR M 42 57.98 -51.39 -30.68
N LEU M 43 58.23 -51.09 -29.40
CA LEU M 43 58.13 -52.08 -28.34
C LEU M 43 56.67 -52.23 -27.86
N SER M 44 55.93 -51.12 -27.80
CA SER M 44 54.59 -51.15 -27.25
C SER M 44 53.62 -51.90 -28.16
N SER M 45 53.87 -51.85 -29.47
CA SER M 45 53.04 -52.53 -30.45
C SER M 45 53.53 -53.97 -30.65
N ARG M 46 54.49 -54.39 -29.83
CA ARG M 46 55.00 -55.76 -29.83
C ARG M 46 54.91 -56.34 -28.43
N GLY M 47 53.95 -55.84 -27.63
CA GLY M 47 53.53 -56.47 -26.39
C GLY M 47 54.36 -56.05 -25.17
N TYR M 48 54.90 -54.82 -25.19
CA TYR M 48 55.64 -54.28 -24.05
C TYR M 48 55.02 -52.96 -23.61
N ARG M 49 55.20 -52.63 -22.32
CA ARG M 49 54.78 -51.35 -21.76
C ARG M 49 55.98 -50.42 -21.74
N THR M 50 55.86 -49.24 -22.39
CA THR M 50 56.96 -48.30 -22.48
C THR M 50 56.66 -47.05 -21.66
N ILE M 51 57.68 -46.58 -20.93
CA ILE M 51 57.56 -45.44 -20.03
C ILE M 51 58.79 -44.54 -20.20
N ALA M 52 58.53 -43.26 -20.46
CA ALA M 52 59.57 -42.25 -20.61
C ALA M 52 59.13 -40.97 -19.92
N PHE M 53 60.08 -40.33 -19.21
CA PHE M 53 59.83 -39.10 -18.48
C PHE M 53 60.69 -37.98 -19.06
N ASP M 54 60.27 -36.74 -18.82
CA ASP M 54 61.11 -35.56 -19.03
C ASP M 54 61.85 -35.26 -17.73
N ARG M 55 63.18 -35.17 -17.80
CA ARG M 55 64.00 -34.86 -16.64
C ARG M 55 63.63 -33.46 -16.13
N ARG M 56 63.82 -33.21 -14.84
CA ARG M 56 63.55 -31.91 -14.26
C ARG M 56 64.39 -30.86 -14.99
N GLY M 57 63.73 -29.77 -15.42
CA GLY M 57 64.37 -28.70 -16.16
C GLY M 57 64.39 -28.97 -17.66
N PHE M 58 63.82 -30.11 -18.07
CA PHE M 58 63.77 -30.49 -19.47
C PHE M 58 62.33 -30.70 -19.93
N GLY M 59 62.11 -30.52 -21.23
CA GLY M 59 60.83 -30.78 -21.86
C GLY M 59 59.68 -30.04 -21.18
N ARG M 60 58.71 -30.82 -20.69
CA ARG M 60 57.41 -30.32 -20.27
C ARG M 60 57.35 -30.24 -18.75
N SER M 61 58.41 -30.71 -18.08
CA SER M 61 58.48 -30.75 -16.63
C SER M 61 58.69 -29.35 -16.05
N ASP M 62 58.57 -29.25 -14.72
CA ASP M 62 58.91 -28.04 -13.99
C ASP M 62 60.41 -27.79 -14.10
N GLN M 63 60.81 -26.55 -13.82
CA GLN M 63 62.20 -26.14 -13.94
C GLN M 63 62.70 -25.62 -12.59
N PRO M 64 63.05 -26.50 -11.62
CA PRO M 64 63.50 -26.05 -10.31
C PRO M 64 64.96 -25.57 -10.32
N TRP M 65 65.27 -24.67 -9.38
CA TRP M 65 66.60 -24.14 -9.19
C TRP M 65 67.52 -25.20 -8.59
N THR M 66 66.95 -26.04 -7.71
CA THR M 66 67.72 -26.99 -6.91
C THR M 66 67.51 -28.41 -7.44
N GLY M 67 68.44 -29.30 -7.04
CA GLY M 67 68.29 -30.74 -7.19
C GLY M 67 68.69 -31.24 -8.59
N ASN M 68 69.51 -30.45 -9.29
CA ASN M 68 69.94 -30.81 -10.63
C ASN M 68 71.21 -31.66 -10.56
N ASP M 69 71.15 -32.75 -9.78
CA ASP M 69 72.26 -33.65 -9.54
C ASP M 69 71.77 -35.09 -9.71
N TYR M 70 72.72 -36.04 -9.78
CA TYR M 70 72.42 -37.43 -10.10
C TYR M 70 71.67 -38.13 -8.97
N ASP M 71 71.98 -37.76 -7.72
CA ASP M 71 71.29 -38.31 -6.57
C ASP M 71 69.79 -38.06 -6.68
N THR M 72 69.42 -36.82 -7.01
CA THR M 72 68.03 -36.39 -7.11
C THR M 72 67.39 -37.01 -8.36
N PHE M 73 68.16 -37.05 -9.46
CA PHE M 73 67.73 -37.66 -10.71
C PHE M 73 67.32 -39.11 -10.47
N ALA M 74 68.11 -39.83 -9.66
CA ALA M 74 67.88 -41.22 -9.34
C ALA M 74 66.69 -41.38 -8.39
N ASP M 75 66.49 -40.36 -7.53
CA ASP M 75 65.37 -40.35 -6.60
C ASP M 75 64.06 -40.09 -7.35
N ASP M 76 64.16 -39.34 -8.46
CA ASP M 76 63.04 -39.05 -9.33
C ASP M 76 62.57 -40.32 -10.03
N ILE M 77 63.53 -41.09 -10.58
CA ILE M 77 63.26 -42.36 -11.22
C ILE M 77 62.61 -43.30 -10.22
N ALA M 78 63.09 -43.27 -8.97
CA ALA M 78 62.60 -44.12 -7.90
C ALA M 78 61.15 -43.78 -7.56
N GLN M 79 60.81 -42.49 -7.61
CA GLN M 79 59.48 -42.03 -7.23
C GLN M 79 58.46 -42.36 -8.33
N LEU M 80 58.93 -42.44 -9.58
CA LEU M 80 58.10 -42.82 -10.71
C LEU M 80 57.78 -44.32 -10.65
N ILE M 81 58.80 -45.12 -10.32
CA ILE M 81 58.66 -46.57 -10.24
C ILE M 81 57.75 -46.92 -9.06
N GLU M 82 57.78 -46.10 -7.99
CA GLU M 82 56.86 -46.24 -6.87
C GLU M 82 55.45 -45.87 -7.33
N HIS M 83 55.33 -44.72 -8.00
CA HIS M 83 54.05 -44.13 -8.36
C HIS M 83 53.22 -45.11 -9.19
N LEU M 84 53.88 -45.81 -10.12
CA LEU M 84 53.22 -46.71 -11.04
C LEU M 84 53.24 -48.13 -10.51
N ASP M 85 54.06 -48.38 -9.48
CA ASP M 85 54.28 -49.68 -8.87
C ASP M 85 54.76 -50.68 -9.92
N LEU M 86 55.88 -50.34 -10.56
CA LEU M 86 56.47 -51.17 -11.59
C LEU M 86 57.28 -52.30 -10.93
N LYS M 87 57.28 -53.46 -11.60
CA LYS M 87 58.10 -54.59 -11.21
C LYS M 87 58.68 -55.24 -12.46
N GLU M 88 59.90 -55.77 -12.33
CA GLU M 88 60.65 -56.36 -13.43
C GLU M 88 60.79 -55.34 -14.56
N VAL M 89 61.50 -54.24 -14.24
CA VAL M 89 61.64 -53.11 -15.14
C VAL M 89 62.98 -53.23 -15.87
N THR M 90 62.94 -52.95 -17.18
CA THR M 90 64.15 -52.82 -17.98
C THR M 90 64.46 -51.33 -18.13
N LEU M 91 65.51 -50.88 -17.44
CA LEU M 91 65.94 -49.49 -17.47
C LEU M 91 66.81 -49.27 -18.71
N VAL M 92 66.52 -48.20 -19.45
CA VAL M 92 67.25 -47.87 -20.68
C VAL M 92 67.65 -46.41 -20.59
N GLY M 93 68.96 -46.17 -20.43
CA GLY M 93 69.50 -44.83 -20.41
C GLY M 93 70.28 -44.50 -21.69
N PHE M 94 70.23 -43.22 -22.09
CA PHE M 94 71.04 -42.73 -23.18
C PHE M 94 71.80 -41.49 -22.73
N SER M 95 73.10 -41.44 -23.06
CA SER M 95 73.99 -40.34 -22.72
C SER M 95 74.02 -40.15 -21.19
N MET M 96 73.76 -38.93 -20.74
CA MET M 96 73.80 -38.64 -19.31
C MET M 96 72.67 -39.37 -18.61
N GLY M 97 71.73 -39.91 -19.40
CA GLY M 97 70.60 -40.68 -18.90
C GLY M 97 70.99 -42.10 -18.52
N GLY M 98 72.19 -42.51 -18.94
CA GLY M 98 72.77 -43.77 -18.52
C GLY M 98 73.25 -43.70 -17.06
N GLY M 99 73.48 -42.47 -16.59
CA GLY M 99 73.99 -42.23 -15.26
C GLY M 99 72.92 -42.44 -14.19
N ASP M 100 71.73 -41.89 -14.41
CA ASP M 100 70.69 -41.90 -13.38
C ASP M 100 69.98 -43.26 -13.29
N VAL M 101 70.00 -44.02 -14.38
CA VAL M 101 69.49 -45.39 -14.33
C VAL M 101 70.50 -46.28 -13.60
N ALA M 102 71.78 -45.90 -13.68
CA ALA M 102 72.85 -46.60 -12.97
C ALA M 102 72.86 -46.17 -11.51
N ARG M 103 72.60 -44.88 -11.26
CA ARG M 103 72.60 -44.31 -9.93
C ARG M 103 71.36 -44.76 -9.16
N TYR M 104 70.28 -45.08 -9.89
CA TYR M 104 69.06 -45.60 -9.28
C TYR M 104 69.34 -46.95 -8.62
N ILE M 105 70.04 -47.83 -9.34
CA ILE M 105 70.32 -49.19 -8.90
C ILE M 105 71.23 -49.14 -7.66
N ALA M 106 72.23 -48.24 -7.72
CA ALA M 106 73.25 -48.14 -6.68
C ALA M 106 72.64 -47.65 -5.36
N ARG M 107 71.57 -46.86 -5.45
CA ARG M 107 71.00 -46.21 -4.27
C ARG M 107 69.84 -47.02 -3.70
N HIS M 108 68.94 -47.48 -4.58
CA HIS M 108 67.67 -48.07 -4.15
C HIS M 108 67.73 -49.59 -4.18
N GLY M 109 68.45 -50.13 -5.17
CA GLY M 109 68.57 -51.58 -5.30
C GLY M 109 67.91 -52.07 -6.58
N SER M 110 67.90 -53.40 -6.74
CA SER M 110 67.49 -54.02 -7.99
C SER M 110 66.20 -54.83 -7.79
N ALA M 111 65.52 -54.61 -6.66
CA ALA M 111 64.33 -55.36 -6.29
C ALA M 111 63.30 -55.33 -7.43
N ARG M 112 63.19 -54.17 -8.10
CA ARG M 112 62.15 -53.94 -9.10
C ARG M 112 62.72 -53.97 -10.51
N VAL M 113 64.01 -54.32 -10.64
CA VAL M 113 64.71 -54.21 -11.92
C VAL M 113 64.98 -55.59 -12.50
N ALA M 114 64.82 -55.71 -13.82
CA ALA M 114 65.01 -56.95 -14.55
C ALA M 114 66.23 -56.86 -15.47
N GLY M 115 66.49 -55.67 -16.02
CA GLY M 115 67.59 -55.47 -16.96
C GLY M 115 68.04 -54.01 -17.03
N LEU M 116 69.22 -53.79 -17.63
CA LEU M 116 69.79 -52.47 -17.83
C LEU M 116 70.38 -52.33 -19.23
N VAL M 117 70.01 -51.23 -19.91
CA VAL M 117 70.55 -50.90 -21.23
C VAL M 117 71.21 -49.52 -21.13
N LEU M 118 72.49 -49.47 -21.51
CA LEU M 118 73.27 -48.23 -21.50
C LEU M 118 73.63 -47.87 -22.94
N LEU M 119 73.02 -46.79 -23.44
CA LEU M 119 73.17 -46.37 -24.82
C LEU M 119 74.03 -45.12 -24.90
N GLY M 120 75.22 -45.25 -25.50
CA GLY M 120 76.19 -44.17 -25.59
C GLY M 120 76.30 -43.40 -24.28
N ALA M 121 76.35 -44.14 -23.16
CA ALA M 121 76.18 -43.61 -21.82
C ALA M 121 77.51 -43.10 -21.28
N VAL M 122 77.41 -42.16 -20.31
CA VAL M 122 78.53 -41.47 -19.70
C VAL M 122 79.25 -42.38 -18.71
N THR M 123 78.64 -43.52 -18.38
CA THR M 123 79.22 -44.49 -17.45
C THR M 123 80.44 -45.16 -18.08
N PRO M 124 81.49 -45.49 -17.29
CA PRO M 124 81.49 -45.29 -15.84
C PRO M 124 81.97 -43.91 -15.37
N LEU M 125 82.49 -43.10 -16.30
CA LEU M 125 83.05 -41.79 -16.00
C LEU M 125 83.36 -41.08 -17.31
N PHE M 126 82.93 -39.81 -17.40
CA PHE M 126 83.11 -39.01 -18.60
C PHE M 126 84.41 -38.21 -18.49
N GLY M 127 84.42 -37.23 -17.57
CA GLY M 127 85.51 -36.28 -17.43
C GLY M 127 86.73 -36.87 -16.72
N GLN M 128 87.86 -36.19 -16.90
CA GLN M 128 89.17 -36.61 -16.43
C GLN M 128 89.31 -36.38 -14.92
N LYS M 129 89.85 -37.38 -14.23
CA LYS M 129 90.10 -37.33 -12.79
C LYS M 129 91.60 -37.59 -12.54
N PRO M 130 92.12 -37.36 -11.31
CA PRO M 130 93.50 -37.70 -10.97
C PRO M 130 93.83 -39.19 -11.10
N ASP M 131 92.84 -40.05 -10.81
CA ASP M 131 92.99 -41.49 -10.96
C ASP M 131 92.24 -41.98 -12.20
N TYR M 132 92.00 -41.07 -13.15
CA TYR M 132 91.42 -41.42 -14.45
C TYR M 132 91.90 -40.44 -15.53
N PRO M 133 93.21 -40.43 -15.89
CA PRO M 133 93.72 -39.50 -16.90
C PRO M 133 93.21 -39.66 -18.32
N GLN M 134 92.60 -40.82 -18.63
CA GLN M 134 92.21 -41.14 -19.99
C GLN M 134 90.88 -40.47 -20.37
N GLY M 135 90.20 -39.90 -19.36
CA GLY M 135 88.92 -39.24 -19.55
C GLY M 135 89.07 -37.89 -20.26
N VAL M 136 87.93 -37.28 -20.59
CA VAL M 136 87.90 -36.02 -21.31
C VAL M 136 88.31 -34.89 -20.35
N PRO M 137 89.33 -34.06 -20.70
CA PRO M 137 89.73 -32.93 -19.85
C PRO M 137 88.57 -32.00 -19.50
N LEU M 138 88.53 -31.57 -18.24
CA LEU M 138 87.39 -30.85 -17.67
C LEU M 138 87.25 -29.47 -18.30
N ASP M 139 88.28 -29.04 -19.04
CA ASP M 139 88.31 -27.73 -19.67
C ASP M 139 87.31 -27.66 -20.83
N VAL M 140 87.05 -28.81 -21.48
CA VAL M 140 86.09 -28.92 -22.56
C VAL M 140 84.70 -28.56 -22.03
N PHE M 141 84.38 -29.05 -20.83
CA PHE M 141 83.08 -28.88 -20.21
C PHE M 141 82.92 -27.45 -19.69
N ALA M 142 84.05 -26.83 -19.33
CA ALA M 142 84.09 -25.43 -18.93
C ALA M 142 83.81 -24.54 -20.14
N ARG M 143 84.17 -25.03 -21.33
CA ARG M 143 83.89 -24.35 -22.59
C ARG M 143 82.39 -24.41 -22.89
N PHE M 144 81.77 -25.55 -22.56
CA PHE M 144 80.35 -25.73 -22.79
C PHE M 144 79.56 -24.67 -22.02
N LYS M 145 79.84 -24.58 -20.71
CA LYS M 145 79.12 -23.69 -19.81
C LYS M 145 79.26 -22.24 -20.28
N THR M 146 80.45 -21.88 -20.77
CA THR M 146 80.72 -20.51 -21.20
C THR M 146 79.83 -20.15 -22.38
N GLU M 147 79.72 -21.05 -23.36
CA GLU M 147 78.94 -20.82 -24.56
C GLU M 147 77.44 -20.80 -24.24
N LEU M 148 77.02 -21.70 -23.35
CA LEU M 148 75.63 -21.81 -22.89
C LEU M 148 75.20 -20.54 -22.17
N LEU M 149 76.11 -19.96 -21.38
CA LEU M 149 75.81 -18.78 -20.57
C LEU M 149 75.98 -17.52 -21.40
N LYS M 150 76.25 -17.68 -22.70
CA LYS M 150 76.29 -16.58 -23.65
C LYS M 150 75.08 -16.69 -24.57
N ASP M 151 74.89 -17.87 -25.17
CA ASP M 151 73.91 -18.08 -26.22
C ASP M 151 73.63 -19.57 -26.36
N ARG M 152 72.74 -20.09 -25.51
CA ARG M 152 72.48 -21.53 -25.47
C ARG M 152 71.83 -21.99 -26.77
N ALA M 153 70.93 -21.16 -27.32
CA ALA M 153 70.18 -21.46 -28.52
C ALA M 153 71.13 -21.77 -29.67
N GLN M 154 72.15 -20.93 -29.86
CA GLN M 154 73.10 -21.10 -30.95
C GLN M 154 74.02 -22.27 -30.66
N PHE M 155 74.31 -22.51 -29.36
CA PHE M 155 75.11 -23.64 -28.95
C PHE M 155 74.45 -24.96 -29.39
N ILE M 156 73.13 -25.05 -29.15
CA ILE M 156 72.36 -26.25 -29.43
C ILE M 156 72.32 -26.47 -30.94
N SER M 157 72.12 -25.37 -31.69
CA SER M 157 72.12 -25.42 -33.14
C SER M 157 73.45 -25.99 -33.65
N ASP M 158 74.56 -25.53 -33.05
CA ASP M 158 75.90 -25.89 -33.48
C ASP M 158 76.25 -27.30 -33.03
N PHE M 159 75.60 -27.78 -31.96
CA PHE M 159 75.87 -29.09 -31.37
C PHE M 159 75.31 -30.19 -32.26
N ASN M 160 74.35 -29.83 -33.14
CA ASN M 160 73.70 -30.77 -34.04
C ASN M 160 74.72 -31.55 -34.85
N ALA M 161 75.68 -30.82 -35.45
CA ALA M 161 76.63 -31.39 -36.39
C ALA M 161 77.43 -32.54 -35.76
N PRO M 162 78.20 -32.33 -34.67
CA PRO M 162 78.94 -33.42 -34.04
C PRO M 162 78.07 -34.51 -33.40
N PHE M 163 76.88 -34.12 -32.93
CA PHE M 163 75.96 -35.02 -32.24
C PHE M 163 75.49 -36.13 -33.18
N TYR M 164 75.15 -35.77 -34.41
CA TYR M 164 74.60 -36.69 -35.39
C TYR M 164 75.68 -37.21 -36.33
N GLY M 165 76.86 -36.59 -36.30
CA GLY M 165 77.97 -36.99 -37.15
C GLY M 165 77.79 -36.50 -38.58
N ILE M 166 77.10 -35.37 -38.74
CA ILE M 166 76.83 -34.76 -40.03
C ILE M 166 78.14 -34.27 -40.63
N ASN M 167 79.06 -33.84 -39.76
CA ASN M 167 80.40 -33.41 -40.13
C ASN M 167 81.23 -34.59 -40.66
N LYS M 168 80.77 -35.82 -40.40
CA LYS M 168 81.49 -37.02 -40.80
C LYS M 168 80.65 -37.85 -41.77
N GLY M 169 79.76 -37.16 -42.50
CA GLY M 169 79.00 -37.75 -43.60
C GLY M 169 77.87 -38.67 -43.15
N GLN M 170 77.22 -38.33 -42.03
CA GLN M 170 75.97 -38.96 -41.65
C GLN M 170 74.83 -38.10 -42.20
N VAL M 171 73.78 -38.76 -42.70
CA VAL M 171 72.67 -38.06 -43.34
C VAL M 171 71.53 -37.92 -42.32
N VAL M 172 71.22 -36.67 -41.97
CA VAL M 172 70.18 -36.35 -41.00
C VAL M 172 69.37 -35.18 -41.57
N SER M 173 68.05 -35.39 -41.70
CA SER M 173 67.17 -34.41 -42.34
C SER M 173 67.06 -33.14 -41.51
N CYS M 174 66.59 -32.06 -42.15
CA CYS M 174 66.43 -30.76 -41.53
C CYS M 174 65.35 -30.85 -40.44
N GLY M 175 64.30 -31.63 -40.72
CA GLY M 175 63.20 -31.84 -39.79
C GLY M 175 63.68 -32.32 -38.42
N VAL M 176 64.62 -33.26 -38.42
CA VAL M 176 65.17 -33.81 -37.18
C VAL M 176 65.97 -32.73 -36.45
N GLN M 177 66.72 -31.93 -37.21
CA GLN M 177 67.55 -30.88 -36.62
C GLN M 177 66.67 -29.82 -35.97
N THR M 178 65.55 -29.50 -36.64
CA THR M 178 64.56 -28.54 -36.14
C THR M 178 63.92 -29.06 -34.85
N GLN M 179 63.51 -30.34 -34.85
CA GLN M 179 62.87 -30.94 -33.70
C GLN M 179 63.84 -30.98 -32.51
N THR M 180 65.11 -31.29 -32.79
CA THR M 180 66.14 -31.35 -31.76
C THR M 180 66.21 -29.99 -31.06
N LEU M 181 66.24 -28.93 -31.86
CA LEU M 181 66.47 -27.57 -31.37
C LEU M 181 65.22 -27.05 -30.66
N GLN M 182 64.03 -27.48 -31.13
CA GLN M 182 62.76 -27.10 -30.55
C GLN M 182 62.63 -27.68 -29.14
N ILE M 183 62.98 -28.96 -28.99
CA ILE M 183 62.87 -29.70 -27.75
C ILE M 183 63.84 -29.12 -26.71
N ALA M 184 65.07 -28.82 -27.13
CA ALA M 184 66.12 -28.30 -26.27
C ALA M 184 65.71 -26.95 -25.67
N LEU M 185 64.95 -26.17 -26.44
CA LEU M 185 64.64 -24.79 -26.08
C LEU M 185 63.53 -24.74 -25.03
N LEU M 186 62.84 -25.86 -24.79
CA LEU M 186 61.82 -25.93 -23.77
C LEU M 186 62.47 -25.96 -22.39
N ALA M 187 63.76 -26.30 -22.37
CA ALA M 187 64.47 -26.64 -21.14
C ALA M 187 64.88 -25.37 -20.39
N SER M 188 65.17 -25.56 -19.10
CA SER M 188 65.71 -24.56 -18.20
C SER M 188 67.18 -24.31 -18.55
N LEU M 189 67.59 -23.04 -18.60
CA LEU M 189 68.99 -22.69 -18.80
C LEU M 189 69.81 -23.24 -17.64
N LYS M 190 69.28 -23.09 -16.42
CA LYS M 190 69.95 -23.48 -15.19
C LYS M 190 70.21 -24.99 -15.18
N ALA M 191 69.21 -25.77 -15.59
CA ALA M 191 69.32 -27.22 -15.62
C ALA M 191 70.25 -27.67 -16.75
N THR M 192 70.24 -26.92 -17.86
CA THR M 192 71.10 -27.18 -19.00
C THR M 192 72.57 -27.10 -18.58
N VAL M 193 72.90 -26.05 -17.82
CA VAL M 193 74.26 -25.79 -17.38
C VAL M 193 74.65 -26.74 -16.25
N ASP M 194 73.72 -26.94 -15.30
CA ASP M 194 73.95 -27.76 -14.12
C ASP M 194 74.26 -29.20 -14.51
N CYS M 195 73.63 -29.67 -15.59
CA CYS M 195 73.81 -31.05 -16.05
C CYS M 195 75.23 -31.29 -16.56
N VAL M 196 75.85 -30.23 -17.10
CA VAL M 196 77.21 -30.30 -17.61
C VAL M 196 78.17 -30.63 -16.47
N THR M 197 78.02 -29.93 -15.34
CA THR M 197 78.81 -30.19 -14.14
C THR M 197 78.60 -31.64 -13.69
N ALA M 198 77.33 -32.08 -13.72
CA ALA M 198 76.95 -33.38 -13.20
C ALA M 198 77.52 -34.51 -14.07
N PHE M 199 77.35 -34.43 -15.39
CA PHE M 199 77.78 -35.52 -16.27
C PHE M 199 79.29 -35.48 -16.50
N ALA M 200 79.93 -34.35 -16.19
CA ALA M 200 81.36 -34.21 -16.39
C ALA M 200 82.13 -34.84 -15.22
N GLU M 201 81.58 -34.71 -14.01
CA GLU M 201 82.37 -34.91 -12.81
C GLU M 201 81.86 -36.06 -11.95
N THR M 202 80.66 -36.58 -12.27
CA THR M 202 80.09 -37.66 -11.46
C THR M 202 80.78 -38.98 -11.79
N ASP M 203 81.24 -39.65 -10.73
CA ASP M 203 81.97 -40.92 -10.82
C ASP M 203 80.99 -42.07 -10.59
N PHE M 204 80.89 -42.96 -11.58
CA PHE M 204 79.93 -44.05 -11.52
C PHE M 204 80.65 -45.39 -11.37
N ARG M 205 81.96 -45.34 -11.06
CA ARG M 205 82.76 -46.55 -10.94
C ARG M 205 82.29 -47.39 -9.75
N PRO M 206 81.98 -46.81 -8.57
CA PRO M 206 81.34 -47.58 -7.48
C PRO M 206 79.97 -48.15 -7.86
N ASP M 207 79.31 -47.52 -8.84
CA ASP M 207 77.97 -47.89 -9.25
C ASP M 207 77.99 -49.16 -10.10
N MET M 208 79.10 -49.37 -10.81
CA MET M 208 79.25 -50.46 -11.76
C MET M 208 79.27 -51.80 -11.02
N ALA M 209 79.86 -51.80 -9.82
CA ALA M 209 80.04 -53.01 -9.02
C ALA M 209 78.77 -53.33 -8.24
N LYS M 210 77.74 -52.48 -8.35
CA LYS M 210 76.49 -52.68 -7.65
C LYS M 210 75.38 -53.07 -8.63
N ILE M 211 75.77 -53.30 -9.89
CA ILE M 211 74.83 -53.72 -10.93
C ILE M 211 74.89 -55.25 -11.03
N ASP M 212 73.87 -55.90 -10.46
CA ASP M 212 73.78 -57.35 -10.38
C ASP M 212 72.65 -57.83 -11.29
N VAL M 213 72.52 -57.17 -12.44
CA VAL M 213 71.39 -57.34 -13.33
C VAL M 213 71.92 -57.46 -14.75
N PRO M 214 71.36 -58.37 -15.59
CA PRO M 214 71.75 -58.47 -17.00
C PRO M 214 71.85 -57.10 -17.67
N THR M 215 72.98 -56.83 -18.32
CA THR M 215 73.27 -55.52 -18.89
C THR M 215 73.66 -55.66 -20.37
N LEU M 216 73.10 -54.77 -21.20
CA LEU M 216 73.55 -54.61 -22.58
C LEU M 216 74.06 -53.18 -22.77
N VAL M 217 75.27 -53.07 -23.32
CA VAL M 217 75.88 -51.79 -23.62
C VAL M 217 76.02 -51.66 -25.13
N ILE M 218 75.39 -50.62 -25.69
CA ILE M 218 75.50 -50.29 -27.10
C ILE M 218 76.13 -48.92 -27.23
N HIS M 219 77.13 -48.80 -28.12
CA HIS M 219 77.89 -47.56 -28.27
C HIS M 219 78.44 -47.48 -29.70
N GLY M 220 78.34 -46.29 -30.29
CA GLY M 220 78.96 -46.02 -31.58
C GLY M 220 80.43 -45.65 -31.42
N ASP M 221 81.28 -46.17 -32.31
CA ASP M 221 82.70 -45.91 -32.20
C ASP M 221 83.10 -44.72 -33.08
N GLY M 222 82.09 -44.05 -33.67
CA GLY M 222 82.27 -42.74 -34.28
C GLY M 222 81.75 -41.63 -33.39
N ASP M 223 81.57 -41.95 -32.09
CA ASP M 223 80.97 -41.04 -31.12
C ASP M 223 81.95 -39.90 -30.81
N GLN M 224 81.56 -38.68 -31.18
CA GLN M 224 82.39 -37.50 -31.02
C GLN M 224 82.12 -36.82 -29.69
N ILE M 225 81.04 -37.22 -29.02
CA ILE M 225 80.58 -36.54 -27.81
C ILE M 225 81.07 -37.29 -26.58
N VAL M 226 80.70 -38.58 -26.49
CA VAL M 226 81.05 -39.43 -25.37
C VAL M 226 81.92 -40.57 -25.90
N PRO M 227 83.26 -40.52 -25.73
CA PRO M 227 84.18 -41.44 -26.41
C PRO M 227 84.03 -42.88 -25.94
N PHE M 228 83.82 -43.78 -26.90
CA PHE M 228 83.57 -45.20 -26.67
C PHE M 228 84.67 -45.83 -25.82
N GLU M 229 85.92 -45.42 -26.08
CA GLU M 229 87.11 -46.04 -25.52
C GLU M 229 87.16 -45.91 -23.99
N THR M 230 86.63 -44.81 -23.45
CA THR M 230 86.74 -44.52 -22.03
C THR M 230 85.39 -44.53 -21.33
N THR M 231 84.32 -44.89 -22.06
CA THR M 231 83.00 -45.00 -21.46
C THR M 231 82.42 -46.39 -21.68
N GLY M 232 81.57 -46.53 -22.69
CA GLY M 232 80.86 -47.76 -23.02
C GLY M 232 81.74 -49.01 -22.92
N LYS M 233 82.96 -48.93 -23.45
CA LYS M 233 83.90 -50.03 -23.47
C LYS M 233 84.26 -50.46 -22.04
N VAL M 234 84.56 -49.47 -21.17
CA VAL M 234 85.02 -49.74 -19.82
C VAL M 234 83.87 -50.27 -18.97
N ALA M 235 82.66 -49.74 -19.23
CA ALA M 235 81.45 -50.09 -18.48
C ALA M 235 81.05 -51.54 -18.73
N ALA M 236 81.26 -52.02 -19.96
CA ALA M 236 80.90 -53.39 -20.34
C ALA M 236 81.90 -54.39 -19.75
N GLU M 237 83.00 -53.87 -19.22
CA GLU M 237 84.03 -54.70 -18.60
C GLU M 237 83.88 -54.69 -17.09
N LEU M 238 83.39 -53.57 -16.54
CA LEU M 238 83.25 -53.38 -15.10
C LEU M 238 82.01 -54.11 -14.58
N ILE M 239 80.91 -54.04 -15.34
CA ILE M 239 79.67 -54.71 -14.97
C ILE M 239 79.82 -56.20 -15.29
N LYS M 240 79.44 -57.04 -14.33
CA LYS M 240 79.49 -58.49 -14.49
C LYS M 240 78.35 -58.94 -15.40
N GLY M 241 78.68 -59.83 -16.34
CA GLY M 241 77.73 -60.44 -17.25
C GLY M 241 77.17 -59.44 -18.26
N ALA M 242 77.91 -58.36 -18.50
CA ALA M 242 77.49 -57.31 -19.41
C ALA M 242 77.86 -57.69 -20.83
N GLU M 243 76.92 -57.46 -21.76
CA GLU M 243 77.13 -57.71 -23.17
C GLU M 243 77.36 -56.37 -23.87
N LEU M 244 78.29 -56.37 -24.83
CA LEU M 244 78.65 -55.15 -25.55
C LEU M 244 78.38 -55.33 -27.04
N LYS M 245 77.70 -54.34 -27.63
CA LYS M 245 77.57 -54.22 -29.08
C LYS M 245 78.07 -52.85 -29.52
N VAL M 246 78.89 -52.84 -30.58
CA VAL M 246 79.45 -51.62 -31.12
C VAL M 246 78.90 -51.39 -32.53
N TYR M 247 78.25 -50.25 -32.74
CA TYR M 247 77.81 -49.83 -34.06
C TYR M 247 78.94 -49.06 -34.74
N LYS M 248 79.40 -49.61 -35.87
CA LYS M 248 80.58 -49.12 -36.58
C LYS M 248 80.31 -47.75 -37.20
N ASP M 249 81.16 -46.78 -36.81
CA ASP M 249 81.16 -45.42 -37.34
C ASP M 249 79.95 -44.62 -36.86
N ALA M 250 79.13 -45.23 -36.00
CA ALA M 250 77.89 -44.61 -35.52
C ALA M 250 78.21 -43.41 -34.63
N PRO M 251 77.43 -42.31 -34.72
CA PRO M 251 77.66 -41.12 -33.89
C PRO M 251 77.05 -41.27 -32.50
N HIS M 252 76.99 -40.15 -31.77
CA HIS M 252 76.36 -40.11 -30.47
C HIS M 252 74.85 -40.33 -30.61
N GLY M 253 74.23 -39.63 -31.57
CA GLY M 253 72.80 -39.69 -31.77
C GLY M 253 72.38 -40.87 -32.64
N PHE M 254 72.72 -42.08 -32.20
CA PHE M 254 72.52 -43.28 -33.00
C PHE M 254 71.08 -43.79 -32.90
N ALA M 255 70.31 -43.24 -31.94
CA ALA M 255 68.89 -43.52 -31.83
C ALA M 255 68.14 -42.98 -33.05
N VAL M 256 68.76 -42.04 -33.77
CA VAL M 256 68.19 -41.47 -34.98
C VAL M 256 68.77 -42.17 -36.21
N THR M 257 70.10 -42.28 -36.26
CA THR M 257 70.80 -42.72 -37.46
C THR M 257 70.77 -44.25 -37.60
N HIS M 258 70.68 -44.94 -36.45
CA HIS M 258 70.66 -46.39 -36.41
C HIS M 258 69.42 -46.86 -35.65
N ALA M 259 68.27 -46.26 -35.99
CA ALA M 259 67.04 -46.44 -35.24
C ALA M 259 66.56 -47.90 -35.32
N GLN M 260 66.57 -48.47 -36.54
CA GLN M 260 66.04 -49.80 -36.76
C GLN M 260 66.91 -50.85 -36.07
N GLN M 261 68.23 -50.66 -36.14
CA GLN M 261 69.18 -51.60 -35.57
C GLN M 261 69.07 -51.62 -34.04
N LEU M 262 68.76 -50.45 -33.46
CA LEU M 262 68.59 -50.29 -32.02
C LEU M 262 67.28 -50.93 -31.58
N ASN M 263 66.20 -50.70 -32.34
CA ASN M 263 64.88 -51.25 -32.08
C ASN M 263 64.98 -52.78 -31.98
N GLU M 264 65.70 -53.38 -32.94
CA GLU M 264 65.82 -54.82 -33.06
C GLU M 264 66.69 -55.38 -31.92
N ASP M 265 67.71 -54.62 -31.51
CA ASP M 265 68.63 -55.03 -30.46
C ASP M 265 67.93 -54.98 -29.09
N LEU M 266 67.05 -54.00 -28.90
CA LEU M 266 66.30 -53.87 -27.66
C LEU M 266 65.28 -55.00 -27.53
N LEU M 267 64.64 -55.36 -28.65
CA LEU M 267 63.64 -56.42 -28.65
C LEU M 267 64.32 -57.77 -28.40
N ALA M 268 65.51 -57.96 -29.00
CA ALA M 268 66.30 -59.17 -28.85
C ALA M 268 66.71 -59.36 -27.39
N PHE M 269 67.03 -58.24 -26.72
CA PHE M 269 67.46 -58.24 -25.33
C PHE M 269 66.31 -58.64 -24.40
N LEU M 270 65.11 -58.08 -24.66
CA LEU M 270 63.96 -58.28 -23.80
C LEU M 270 63.45 -59.73 -23.89
N LYS M 271 63.89 -60.46 -24.92
CA LYS M 271 63.42 -61.81 -25.17
C LYS M 271 64.44 -62.85 -24.72
N ARG M 272 65.60 -62.38 -24.22
CA ARG M 272 66.75 -63.23 -23.92
C ARG M 272 66.33 -64.43 -23.05
N SER N 2 55.77 -23.75 -11.98
CA SER N 2 54.66 -23.43 -11.03
C SER N 2 53.57 -22.65 -11.75
N CYS N 3 52.37 -22.64 -11.16
CA CYS N 3 51.32 -21.72 -11.58
C CYS N 3 50.51 -21.22 -10.39
N PHE N 4 49.77 -20.13 -10.61
CA PHE N 4 48.74 -19.68 -9.70
C PHE N 4 47.51 -19.29 -10.53
N VAL N 5 46.34 -19.34 -9.89
CA VAL N 5 45.07 -19.06 -10.56
C VAL N 5 44.67 -17.62 -10.23
N ALA N 6 44.44 -16.82 -11.27
CA ALA N 6 43.99 -15.45 -11.14
C ALA N 6 42.52 -15.43 -10.68
N LYS N 7 41.99 -14.22 -10.46
CA LYS N 7 40.63 -14.04 -9.96
C LYS N 7 39.63 -14.67 -10.92
N ASP N 8 39.81 -14.41 -12.23
CA ASP N 8 38.83 -14.77 -13.24
C ASP N 8 38.99 -16.25 -13.63
N GLY N 9 39.99 -16.92 -13.06
CA GLY N 9 40.19 -18.35 -13.26
C GLY N 9 41.40 -18.66 -14.14
N THR N 10 41.97 -17.63 -14.77
CA THR N 10 43.10 -17.78 -15.67
C THR N 10 44.30 -18.32 -14.90
N GLN N 11 44.90 -19.39 -15.41
CA GLN N 11 46.08 -19.98 -14.82
C GLN N 11 47.31 -19.34 -15.46
N ILE N 12 48.25 -18.92 -14.60
CA ILE N 12 49.43 -18.17 -15.03
C ILE N 12 50.67 -18.91 -14.57
N TYR N 13 51.55 -19.24 -15.54
CA TYR N 13 52.80 -19.95 -15.29
C TYR N 13 53.84 -18.97 -14.74
N PHE N 14 54.68 -19.46 -13.81
CA PHE N 14 55.81 -18.68 -13.33
C PHE N 14 56.95 -19.60 -12.89
N LYS N 15 58.16 -19.00 -12.84
CA LYS N 15 59.35 -19.66 -12.32
C LYS N 15 59.75 -18.96 -11.01
N ASP N 16 60.26 -19.76 -10.07
CA ASP N 16 60.66 -19.27 -8.75
C ASP N 16 62.03 -19.85 -8.43
N TRP N 17 63.08 -19.04 -8.64
CA TRP N 17 64.45 -19.51 -8.58
C TRP N 17 65.19 -18.86 -7.39
N GLY N 18 65.93 -19.70 -6.65
CA GLY N 18 66.87 -19.25 -5.64
C GLY N 18 66.18 -18.76 -4.37
N SER N 19 66.96 -18.17 -3.47
CA SER N 19 66.42 -17.62 -2.23
C SER N 19 67.14 -16.32 -1.86
N GLY N 20 66.45 -15.49 -1.07
CA GLY N 20 66.91 -14.16 -0.72
C GLY N 20 65.85 -13.11 -1.07
N LYS N 21 66.29 -11.85 -1.21
CA LYS N 21 65.40 -10.75 -1.54
C LYS N 21 64.87 -10.93 -2.96
N PRO N 22 63.53 -10.95 -3.14
CA PRO N 22 62.92 -11.29 -4.43
C PRO N 22 63.02 -10.19 -5.49
N VAL N 23 63.25 -10.61 -6.73
CA VAL N 23 63.27 -9.74 -7.89
C VAL N 23 62.27 -10.30 -8.91
N LEU N 24 61.22 -9.53 -9.20
CA LEU N 24 60.10 -10.02 -10.00
C LEU N 24 60.11 -9.35 -11.37
N PHE N 25 60.27 -10.19 -12.41
CA PHE N 25 60.48 -9.77 -13.78
C PHE N 25 59.17 -9.80 -14.57
N SER N 26 59.02 -8.83 -15.49
CA SER N 26 57.83 -8.67 -16.31
C SER N 26 58.24 -8.52 -17.78
N HIS N 27 57.90 -9.54 -18.59
CA HIS N 27 58.41 -9.69 -19.94
C HIS N 27 57.72 -8.70 -20.88
N GLY N 28 58.33 -8.49 -22.05
CA GLY N 28 57.82 -7.58 -23.07
C GLY N 28 56.82 -8.25 -24.00
N TRP N 29 56.41 -7.53 -25.04
CA TRP N 29 55.46 -8.00 -26.04
C TRP N 29 56.07 -9.16 -26.82
N LEU N 30 55.24 -10.18 -27.10
CA LEU N 30 55.59 -11.29 -27.99
C LEU N 30 56.59 -12.24 -27.35
N LEU N 31 56.85 -12.10 -26.04
CA LEU N 31 57.85 -12.90 -25.37
C LEU N 31 57.20 -13.65 -24.20
N ASP N 32 58.02 -14.31 -23.39
CA ASP N 32 57.59 -14.93 -22.15
C ASP N 32 58.72 -14.84 -21.13
N ALA N 33 58.62 -15.60 -20.03
CA ALA N 33 59.55 -15.52 -18.91
C ALA N 33 60.95 -16.01 -19.30
N ASP N 34 61.09 -16.59 -20.50
CA ASP N 34 62.37 -17.14 -20.91
C ASP N 34 63.32 -16.04 -21.40
N MET N 35 62.79 -14.82 -21.63
CA MET N 35 63.63 -13.72 -22.06
C MET N 35 64.50 -13.25 -20.89
N TRP N 36 64.23 -13.81 -19.70
CA TRP N 36 64.81 -13.36 -18.44
C TRP N 36 65.81 -14.37 -17.89
N GLU N 37 66.07 -15.46 -18.63
CA GLU N 37 66.75 -16.62 -18.06
C GLU N 37 68.20 -16.29 -17.68
N TYR N 38 68.86 -15.46 -18.49
CA TYR N 38 70.26 -15.10 -18.24
C TYR N 38 70.36 -14.17 -17.03
N GLN N 39 69.42 -13.22 -16.93
CA GLN N 39 69.34 -12.28 -15.82
C GLN N 39 68.99 -13.03 -14.53
N MET N 40 68.21 -14.10 -14.66
CA MET N 40 67.71 -14.84 -13.50
C MET N 40 68.80 -15.75 -12.95
N GLU N 41 69.52 -16.42 -13.85
CA GLU N 41 70.61 -17.32 -13.46
C GLU N 41 71.71 -16.49 -12.79
N TYR N 42 71.98 -15.30 -13.37
CA TYR N 42 73.01 -14.40 -12.90
C TYR N 42 72.77 -14.01 -11.44
N LEU N 43 71.52 -13.64 -11.12
CA LEU N 43 71.19 -13.07 -9.82
C LEU N 43 71.01 -14.17 -8.77
N SER N 44 70.40 -15.29 -9.17
CA SER N 44 70.03 -16.35 -8.24
C SER N 44 71.26 -17.11 -7.73
N SER N 45 72.31 -17.17 -8.55
CA SER N 45 73.56 -17.80 -8.11
C SER N 45 74.43 -16.79 -7.37
N ARG N 46 73.90 -15.58 -7.16
CA ARG N 46 74.58 -14.53 -6.42
C ARG N 46 73.77 -14.14 -5.18
N GLY N 47 72.83 -15.00 -4.78
CA GLY N 47 72.21 -14.93 -3.47
C GLY N 47 70.88 -14.17 -3.46
N TYR N 48 70.26 -14.02 -4.63
CA TYR N 48 68.96 -13.37 -4.75
C TYR N 48 67.90 -14.38 -5.16
N ARG N 49 66.63 -13.98 -5.02
CA ARG N 49 65.49 -14.81 -5.43
C ARG N 49 64.85 -14.19 -6.66
N THR N 50 64.81 -14.95 -7.76
CA THR N 50 64.27 -14.44 -9.01
C THR N 50 62.94 -15.12 -9.34
N ILE N 51 62.01 -14.32 -9.88
CA ILE N 51 60.65 -14.73 -10.16
C ILE N 51 60.23 -14.10 -11.48
N ALA N 52 59.84 -14.94 -12.45
CA ALA N 52 59.37 -14.47 -13.74
C ALA N 52 58.08 -15.20 -14.11
N PHE N 53 57.10 -14.45 -14.63
CA PHE N 53 55.83 -15.01 -15.03
C PHE N 53 55.63 -14.84 -16.52
N ASP N 54 54.80 -15.72 -17.10
CA ASP N 54 54.27 -15.55 -18.44
C ASP N 54 52.95 -14.80 -18.34
N ARG N 55 52.86 -13.65 -19.02
CA ARG N 55 51.65 -12.84 -19.05
C ARG N 55 50.50 -13.66 -19.64
N ARG N 56 49.28 -13.37 -19.17
CA ARG N 56 48.08 -14.03 -19.67
C ARG N 56 48.04 -13.89 -21.19
N GLY N 57 47.93 -15.04 -21.87
CA GLY N 57 47.88 -15.09 -23.32
C GLY N 57 49.25 -15.33 -23.94
N PHE N 58 50.27 -15.49 -23.09
CA PHE N 58 51.63 -15.66 -23.56
C PHE N 58 52.29 -16.90 -22.95
N GLY N 59 53.23 -17.47 -23.70
CA GLY N 59 54.03 -18.61 -23.26
C GLY N 59 53.15 -19.77 -22.81
N ARG N 60 53.37 -20.20 -21.56
CA ARG N 60 52.79 -21.42 -21.02
C ARG N 60 51.60 -21.10 -20.13
N SER N 61 51.05 -19.88 -20.26
CA SER N 61 49.89 -19.46 -19.49
C SER N 61 48.60 -19.73 -20.28
N ASP N 62 47.45 -19.51 -19.63
CA ASP N 62 46.17 -19.58 -20.30
C ASP N 62 46.01 -18.39 -21.25
N GLN N 63 45.08 -18.52 -22.20
CA GLN N 63 44.86 -17.53 -23.24
C GLN N 63 43.40 -17.07 -23.21
N PRO N 64 42.98 -16.25 -22.22
CA PRO N 64 41.57 -15.89 -22.07
C PRO N 64 41.17 -14.84 -23.11
N TRP N 65 39.86 -14.74 -23.38
CA TRP N 65 39.35 -13.75 -24.32
C TRP N 65 39.32 -12.38 -23.63
N THR N 66 38.94 -12.39 -22.34
CA THR N 66 38.84 -11.18 -21.54
C THR N 66 40.18 -10.88 -20.89
N GLY N 67 40.27 -9.72 -20.21
CA GLY N 67 41.52 -9.20 -19.69
C GLY N 67 42.25 -8.38 -20.75
N ASN N 68 43.55 -8.63 -20.90
CA ASN N 68 44.35 -8.07 -21.99
C ASN N 68 44.32 -6.54 -21.92
N ASP N 69 44.24 -6.02 -20.69
CA ASP N 69 44.37 -4.61 -20.38
C ASP N 69 45.31 -4.46 -19.19
N TYR N 70 45.81 -3.24 -18.96
CA TYR N 70 46.87 -3.00 -18.00
C TYR N 70 46.37 -3.11 -16.56
N ASP N 71 45.08 -2.86 -16.34
CA ASP N 71 44.50 -2.94 -15.00
C ASP N 71 44.51 -4.39 -14.51
N THR N 72 44.17 -5.32 -15.40
CA THR N 72 44.12 -6.74 -15.06
C THR N 72 45.54 -7.31 -15.00
N PHE N 73 46.45 -6.74 -15.79
CA PHE N 73 47.86 -7.13 -15.77
C PHE N 73 48.48 -6.83 -14.41
N ALA N 74 48.15 -5.64 -13.88
CA ALA N 74 48.67 -5.16 -12.61
C ALA N 74 48.11 -6.02 -11.47
N ASP N 75 46.84 -6.44 -11.62
CA ASP N 75 46.15 -7.26 -10.64
C ASP N 75 46.69 -8.69 -10.67
N ASP N 76 47.22 -9.11 -11.83
CA ASP N 76 47.88 -10.39 -11.97
C ASP N 76 49.18 -10.39 -11.18
N ILE N 77 49.95 -9.29 -11.28
CA ILE N 77 51.18 -9.13 -10.54
C ILE N 77 50.89 -9.12 -9.04
N ALA N 78 49.75 -8.50 -8.67
CA ALA N 78 49.32 -8.38 -7.28
C ALA N 78 49.11 -9.77 -6.66
N GLN N 79 48.34 -10.63 -7.35
CA GLN N 79 47.96 -11.94 -6.87
C GLN N 79 49.17 -12.87 -6.77
N LEU N 80 50.13 -12.72 -7.68
CA LEU N 80 51.37 -13.48 -7.64
C LEU N 80 52.16 -13.15 -6.39
N ILE N 81 52.21 -11.85 -6.06
CA ILE N 81 52.92 -11.37 -4.88
C ILE N 81 52.21 -11.85 -3.61
N GLU N 82 50.86 -11.87 -3.65
CA GLU N 82 50.06 -12.34 -2.52
C GLU N 82 50.25 -13.85 -2.37
N HIS N 83 50.34 -14.55 -3.50
CA HIS N 83 50.44 -16.00 -3.54
C HIS N 83 51.72 -16.46 -2.85
N LEU N 84 52.84 -15.79 -3.16
CA LEU N 84 54.15 -16.19 -2.67
C LEU N 84 54.49 -15.43 -1.39
N ASP N 85 53.69 -14.39 -1.10
CA ASP N 85 53.86 -13.54 0.08
C ASP N 85 55.23 -12.87 0.04
N LEU N 86 55.42 -12.02 -0.98
CA LEU N 86 56.68 -11.36 -1.24
C LEU N 86 56.75 -10.05 -0.47
N LYS N 87 57.92 -9.78 0.10
CA LYS N 87 58.24 -8.49 0.71
C LYS N 87 59.57 -8.00 0.14
N GLU N 88 59.70 -6.67 0.02
CA GLU N 88 60.91 -6.02 -0.43
C GLU N 88 61.22 -6.41 -1.88
N VAL N 89 60.18 -6.35 -2.73
CA VAL N 89 60.24 -6.81 -4.10
C VAL N 89 60.92 -5.75 -4.96
N THR N 90 61.72 -6.21 -5.93
CA THR N 90 62.28 -5.33 -6.94
C THR N 90 61.62 -5.66 -8.27
N LEU N 91 60.77 -4.75 -8.76
CA LEU N 91 60.03 -4.93 -9.99
C LEU N 91 60.90 -4.51 -11.17
N VAL N 92 61.07 -5.43 -12.13
CA VAL N 92 61.79 -5.14 -13.36
C VAL N 92 60.81 -5.39 -14.52
N GLY N 93 60.61 -4.36 -15.34
CA GLY N 93 59.70 -4.46 -16.48
C GLY N 93 60.38 -4.06 -17.78
N PHE N 94 60.16 -4.86 -18.82
CA PHE N 94 60.73 -4.61 -20.14
C PHE N 94 59.60 -4.31 -21.14
N SER N 95 59.86 -3.32 -22.02
CA SER N 95 58.93 -2.91 -23.07
C SER N 95 57.57 -2.54 -22.49
N MET N 96 56.53 -3.27 -22.90
CA MET N 96 55.18 -3.06 -22.39
C MET N 96 55.08 -3.61 -20.98
N GLY N 97 56.04 -4.47 -20.61
CA GLY N 97 56.10 -5.06 -19.28
C GLY N 97 56.38 -4.02 -18.19
N GLY N 98 56.96 -2.89 -18.61
CA GLY N 98 57.17 -1.75 -17.73
C GLY N 98 55.85 -1.09 -17.35
N GLY N 99 54.85 -1.26 -18.21
CA GLY N 99 53.51 -0.73 -18.01
C GLY N 99 52.80 -1.37 -16.82
N ASP N 100 52.93 -2.69 -16.69
CA ASP N 100 52.18 -3.41 -15.68
C ASP N 100 52.84 -3.32 -14.30
N VAL N 101 54.17 -3.14 -14.27
CA VAL N 101 54.85 -2.94 -12.99
C VAL N 101 54.53 -1.55 -12.45
N ALA N 102 54.35 -0.58 -13.35
CA ALA N 102 54.06 0.79 -13.01
C ALA N 102 52.60 0.92 -12.57
N ARG N 103 51.73 0.09 -13.16
CA ARG N 103 50.30 0.14 -12.90
C ARG N 103 50.00 -0.56 -11.57
N TYR N 104 50.84 -1.54 -11.20
CA TYR N 104 50.70 -2.25 -9.93
C TYR N 104 50.93 -1.28 -8.76
N ILE N 105 52.01 -0.49 -8.86
CA ILE N 105 52.39 0.46 -7.83
C ILE N 105 51.28 1.49 -7.64
N ALA N 106 50.69 1.93 -8.77
CA ALA N 106 49.69 2.97 -8.77
C ALA N 106 48.38 2.48 -8.16
N ARG N 107 48.15 1.15 -8.22
CA ARG N 107 46.86 0.57 -7.89
C ARG N 107 46.90 -0.15 -6.55
N HIS N 108 48.09 -0.55 -6.09
CA HIS N 108 48.19 -1.39 -4.90
C HIS N 108 49.18 -0.80 -3.89
N GLY N 109 49.83 0.30 -4.26
CA GLY N 109 50.84 0.92 -3.40
C GLY N 109 52.17 0.20 -3.51
N SER N 110 53.18 0.70 -2.78
CA SER N 110 54.51 0.13 -2.79
C SER N 110 54.89 -0.40 -1.41
N ALA N 111 53.89 -0.97 -0.72
CA ALA N 111 54.06 -1.50 0.63
C ALA N 111 54.99 -2.71 0.61
N ARG N 112 55.09 -3.37 -0.56
CA ARG N 112 55.84 -4.61 -0.70
C ARG N 112 57.02 -4.39 -1.66
N VAL N 113 57.09 -3.21 -2.25
CA VAL N 113 58.09 -2.86 -3.26
C VAL N 113 59.27 -2.19 -2.57
N ALA N 114 60.49 -2.55 -3.00
CA ALA N 114 61.72 -1.97 -2.50
C ALA N 114 62.41 -1.17 -3.61
N GLY N 115 62.12 -1.53 -4.87
CA GLY N 115 62.73 -0.87 -6.01
C GLY N 115 61.98 -1.16 -7.31
N LEU N 116 62.25 -0.34 -8.33
CA LEU N 116 61.60 -0.45 -9.63
C LEU N 116 62.62 -0.18 -10.73
N VAL N 117 62.66 -1.07 -11.73
CA VAL N 117 63.57 -0.95 -12.86
C VAL N 117 62.75 -1.03 -14.14
N LEU N 118 62.94 -0.02 -15.02
CA LEU N 118 62.16 0.05 -16.25
C LEU N 118 63.09 0.04 -17.48
N LEU N 119 63.18 -1.14 -18.10
CA LEU N 119 64.05 -1.40 -19.25
C LEU N 119 63.25 -1.19 -20.53
N GLY N 120 63.72 -0.26 -21.38
CA GLY N 120 63.07 0.07 -22.63
C GLY N 120 61.55 0.14 -22.51
N ALA N 121 61.08 0.67 -21.37
CA ALA N 121 59.67 0.66 -21.01
C ALA N 121 58.86 1.62 -21.88
N VAL N 122 57.55 1.36 -21.96
CA VAL N 122 56.62 2.18 -22.72
C VAL N 122 56.23 3.40 -21.90
N THR N 123 56.61 3.40 -20.62
CA THR N 123 56.32 4.48 -19.69
C THR N 123 57.10 5.74 -20.09
N PRO N 124 56.51 6.95 -19.95
CA PRO N 124 55.16 7.12 -19.41
C PRO N 124 54.02 7.06 -20.42
N LEU N 125 54.35 7.21 -21.71
CA LEU N 125 53.34 7.19 -22.77
C LEU N 125 54.00 6.88 -24.11
N PHE N 126 53.33 6.01 -24.88
CA PHE N 126 53.86 5.47 -26.12
C PHE N 126 53.16 6.10 -27.31
N GLY N 127 51.82 6.09 -27.29
CA GLY N 127 51.02 6.53 -28.41
C GLY N 127 50.75 8.03 -28.42
N GLN N 128 50.14 8.50 -29.51
CA GLN N 128 49.89 9.92 -29.72
C GLN N 128 48.51 10.28 -29.17
N LYS N 129 48.48 11.36 -28.36
CA LYS N 129 47.28 11.85 -27.72
C LYS N 129 47.03 13.29 -28.16
N PRO N 130 45.91 13.93 -27.72
CA PRO N 130 45.72 15.37 -27.92
C PRO N 130 46.76 16.22 -27.21
N ASP N 131 47.07 15.89 -25.96
CA ASP N 131 48.00 16.65 -25.14
C ASP N 131 49.38 15.97 -25.12
N TYR N 132 49.62 15.09 -26.10
CA TYR N 132 50.91 14.45 -26.28
C TYR N 132 51.17 14.26 -27.77
N PRO N 133 51.51 15.34 -28.52
CA PRO N 133 51.76 15.23 -29.96
C PRO N 133 53.11 14.60 -30.32
N GLN N 134 54.05 14.61 -29.36
CA GLN N 134 55.39 14.07 -29.58
C GLN N 134 55.35 12.54 -29.60
N GLY N 135 54.19 11.97 -29.25
CA GLY N 135 53.99 10.53 -29.19
C GLY N 135 53.90 9.90 -30.59
N VAL N 136 54.02 8.58 -30.63
CA VAL N 136 53.98 7.82 -31.87
C VAL N 136 52.56 7.84 -32.42
N PRO N 137 52.35 8.22 -33.70
CA PRO N 137 51.02 8.22 -34.31
C PRO N 137 50.33 6.87 -34.17
N LEU N 138 49.02 6.91 -33.85
CA LEU N 138 48.24 5.71 -33.58
C LEU N 138 47.94 4.96 -34.87
N ASP N 139 48.45 5.48 -35.99
CA ASP N 139 48.21 4.91 -37.30
C ASP N 139 49.24 3.80 -37.56
N VAL N 140 50.38 3.86 -36.85
CA VAL N 140 51.45 2.89 -37.02
C VAL N 140 51.10 1.63 -36.22
N PHE N 141 50.14 1.75 -35.31
CA PHE N 141 49.72 0.65 -34.45
C PHE N 141 48.54 -0.09 -35.08
N ALA N 142 47.75 0.63 -35.90
CA ALA N 142 46.66 0.03 -36.65
C ALA N 142 47.23 -0.76 -37.84
N ARG N 143 48.47 -0.44 -38.22
CA ARG N 143 49.20 -1.14 -39.27
C ARG N 143 49.69 -2.49 -38.74
N PHE N 144 50.03 -2.52 -37.45
CA PHE N 144 50.46 -3.75 -36.79
C PHE N 144 49.29 -4.74 -36.74
N LYS N 145 48.14 -4.25 -36.27
CA LYS N 145 46.94 -5.06 -36.05
C LYS N 145 46.49 -5.73 -37.34
N THR N 146 46.48 -4.97 -38.44
CA THR N 146 46.00 -5.46 -39.73
C THR N 146 46.92 -6.54 -40.27
N GLU N 147 48.24 -6.40 -40.03
CA GLU N 147 49.21 -7.37 -40.49
C GLU N 147 49.25 -8.57 -39.55
N LEU N 148 48.85 -8.36 -38.29
CA LEU N 148 48.75 -9.42 -37.30
C LEU N 148 47.50 -10.26 -37.55
N LEU N 149 46.48 -9.64 -38.16
CA LEU N 149 45.21 -10.31 -38.44
C LEU N 149 45.25 -10.98 -39.80
N LYS N 150 46.33 -10.75 -40.56
CA LYS N 150 46.52 -11.42 -41.84
C LYS N 150 47.45 -12.62 -41.67
N ASP N 151 48.59 -12.39 -40.99
CA ASP N 151 49.66 -13.38 -40.89
C ASP N 151 50.63 -12.95 -39.79
N ARG N 152 50.39 -13.43 -38.57
CA ARG N 152 51.11 -12.96 -37.39
C ARG N 152 52.50 -13.60 -37.32
N ALA N 153 52.61 -14.83 -37.82
CA ALA N 153 53.84 -15.60 -37.74
C ALA N 153 54.93 -14.92 -38.57
N GLN N 154 54.54 -14.43 -39.75
CA GLN N 154 55.46 -13.72 -40.64
C GLN N 154 55.77 -12.35 -40.07
N PHE N 155 54.85 -11.79 -39.27
CA PHE N 155 55.05 -10.48 -38.66
C PHE N 155 56.13 -10.57 -37.59
N ILE N 156 56.03 -11.58 -36.73
CA ILE N 156 56.97 -11.79 -35.63
C ILE N 156 58.37 -12.01 -36.21
N SER N 157 58.44 -12.79 -37.29
CA SER N 157 59.69 -13.10 -37.96
C SER N 157 60.34 -11.83 -38.49
N ASP N 158 59.53 -10.95 -39.09
CA ASP N 158 60.00 -9.71 -39.68
C ASP N 158 60.39 -8.70 -38.59
N PHE N 159 59.75 -8.82 -37.42
CA PHE N 159 59.92 -7.88 -36.32
C PHE N 159 61.34 -7.97 -35.76
N ASN N 160 61.99 -9.13 -35.95
CA ASN N 160 63.28 -9.46 -35.35
C ASN N 160 64.34 -8.43 -35.74
N ALA N 161 64.30 -7.97 -37.00
CA ALA N 161 65.29 -7.05 -37.53
C ALA N 161 65.27 -5.73 -36.76
N PRO N 162 64.17 -4.95 -36.77
CA PRO N 162 64.12 -3.68 -36.02
C PRO N 162 64.03 -3.83 -34.50
N PHE N 163 63.81 -5.06 -34.01
CA PHE N 163 63.75 -5.34 -32.59
C PHE N 163 65.15 -5.41 -32.00
N TYR N 164 66.03 -6.16 -32.68
CA TYR N 164 67.39 -6.42 -32.22
C TYR N 164 68.38 -5.45 -32.87
N GLY N 165 67.91 -4.70 -33.87
CA GLY N 165 68.73 -3.74 -34.59
C GLY N 165 69.66 -4.43 -35.59
N ILE N 166 69.21 -5.58 -36.10
CA ILE N 166 69.96 -6.39 -37.06
C ILE N 166 70.17 -5.60 -38.34
N ASN N 167 69.22 -4.68 -38.64
CA ASN N 167 69.29 -3.85 -39.82
C ASN N 167 70.28 -2.71 -39.60
N LYS N 168 70.74 -2.52 -38.35
CA LYS N 168 71.63 -1.43 -38.01
C LYS N 168 72.96 -1.96 -37.45
N GLY N 169 73.34 -3.17 -37.86
CA GLY N 169 74.68 -3.69 -37.65
C GLY N 169 74.85 -4.49 -36.36
N GLN N 170 73.74 -4.75 -35.66
CA GLN N 170 73.76 -5.54 -34.43
C GLN N 170 73.78 -7.03 -34.78
N VAL N 171 74.68 -7.77 -34.13
CA VAL N 171 74.86 -9.19 -34.41
C VAL N 171 74.04 -10.01 -33.42
N VAL N 172 73.09 -10.79 -33.97
CA VAL N 172 72.28 -11.72 -33.21
C VAL N 172 72.21 -13.03 -34.00
N SER N 173 72.38 -14.15 -33.28
CA SER N 173 72.48 -15.47 -33.88
C SER N 173 71.13 -15.94 -34.43
N CYS N 174 71.20 -16.86 -35.40
CA CYS N 174 70.04 -17.58 -35.91
C CYS N 174 69.32 -18.29 -34.78
N GLY N 175 70.10 -18.72 -33.78
CA GLY N 175 69.60 -19.43 -32.61
C GLY N 175 68.62 -18.59 -31.79
N VAL N 176 68.98 -17.32 -31.54
CA VAL N 176 68.16 -16.41 -30.77
C VAL N 176 66.91 -16.04 -31.58
N GLN N 177 67.09 -15.83 -32.89
CA GLN N 177 65.98 -15.49 -33.78
C GLN N 177 64.94 -16.61 -33.79
N THR N 178 65.42 -17.88 -33.83
CA THR N 178 64.57 -19.05 -33.82
C THR N 178 63.83 -19.18 -32.48
N GLN N 179 64.53 -18.85 -31.38
CA GLN N 179 63.96 -18.96 -30.05
C GLN N 179 62.86 -17.92 -29.84
N THR N 180 63.08 -16.71 -30.38
CA THR N 180 62.16 -15.60 -30.22
C THR N 180 60.85 -15.89 -30.95
N LEU N 181 60.96 -16.50 -32.13
CA LEU N 181 59.81 -16.85 -32.96
C LEU N 181 59.04 -18.01 -32.32
N GLN N 182 59.77 -18.99 -31.77
CA GLN N 182 59.17 -20.15 -31.13
C GLN N 182 58.33 -19.72 -29.93
N ILE N 183 58.90 -18.85 -29.09
CA ILE N 183 58.24 -18.37 -27.88
C ILE N 183 56.99 -17.56 -28.25
N ALA N 184 57.11 -16.74 -29.30
CA ALA N 184 56.06 -15.82 -29.72
C ALA N 184 54.86 -16.59 -30.28
N LEU N 185 55.12 -17.78 -30.84
CA LEU N 185 54.09 -18.58 -31.48
C LEU N 185 53.27 -19.35 -30.45
N LEU N 186 53.74 -19.37 -29.19
CA LEU N 186 53.00 -20.03 -28.11
C LEU N 186 51.75 -19.20 -27.76
N ALA N 187 51.79 -17.90 -28.06
CA ALA N 187 50.84 -16.94 -27.55
C ALA N 187 49.54 -16.96 -28.35
N SER N 188 48.47 -16.45 -27.71
CA SER N 188 47.18 -16.20 -28.32
C SER N 188 47.28 -15.05 -29.32
N LEU N 189 46.57 -15.20 -30.45
CA LEU N 189 46.43 -14.14 -31.44
C LEU N 189 45.70 -12.95 -30.80
N LYS N 190 44.65 -13.26 -30.04
CA LYS N 190 43.83 -12.25 -29.38
C LYS N 190 44.69 -11.43 -28.42
N ALA N 191 45.57 -12.11 -27.67
CA ALA N 191 46.43 -11.46 -26.69
C ALA N 191 47.46 -10.57 -27.38
N THR N 192 48.00 -11.06 -28.51
CA THR N 192 48.98 -10.33 -29.30
C THR N 192 48.39 -9.00 -29.77
N VAL N 193 47.15 -9.05 -30.29
CA VAL N 193 46.53 -7.89 -30.93
C VAL N 193 45.98 -6.93 -29.87
N ASP N 194 45.44 -7.47 -28.77
CA ASP N 194 44.88 -6.67 -27.71
C ASP N 194 45.97 -5.85 -27.01
N CYS N 195 47.18 -6.42 -26.93
CA CYS N 195 48.29 -5.76 -26.24
C CYS N 195 48.71 -4.49 -26.98
N VAL N 196 48.59 -4.52 -28.31
CA VAL N 196 48.86 -3.35 -29.14
C VAL N 196 48.00 -2.19 -28.66
N THR N 197 46.68 -2.42 -28.59
CA THR N 197 45.74 -1.43 -28.08
C THR N 197 46.20 -0.95 -26.70
N ALA N 198 46.58 -1.90 -25.85
CA ALA N 198 46.90 -1.64 -24.45
C ALA N 198 48.12 -0.71 -24.34
N PHE N 199 49.18 -1.01 -25.09
CA PHE N 199 50.43 -0.28 -24.91
C PHE N 199 50.51 0.96 -25.79
N ALA N 200 49.50 1.17 -26.64
CA ALA N 200 49.51 2.30 -27.55
C ALA N 200 48.71 3.47 -26.99
N GLU N 201 47.68 3.16 -26.20
CA GLU N 201 46.69 4.16 -25.83
C GLU N 201 46.62 4.35 -24.31
N THR N 202 47.17 3.39 -23.55
CA THR N 202 47.14 3.48 -22.09
C THR N 202 48.11 4.56 -21.62
N ASP N 203 47.60 5.44 -20.74
CA ASP N 203 48.32 6.58 -20.20
C ASP N 203 48.92 6.18 -18.85
N PHE N 204 50.21 6.50 -18.65
CA PHE N 204 50.91 6.15 -17.42
C PHE N 204 51.47 7.40 -16.73
N ARG N 205 50.98 8.58 -17.14
CA ARG N 205 51.46 9.84 -16.58
C ARG N 205 51.03 10.00 -15.12
N PRO N 206 49.76 9.69 -14.74
CA PRO N 206 49.35 9.68 -13.33
C PRO N 206 50.10 8.65 -12.48
N ASP N 207 50.59 7.59 -13.14
CA ASP N 207 51.27 6.49 -12.46
C ASP N 207 52.66 6.97 -11.99
N MET N 208 53.27 7.87 -12.77
CA MET N 208 54.64 8.31 -12.55
C MET N 208 54.75 8.99 -11.19
N ALA N 209 53.73 9.79 -10.84
CA ALA N 209 53.73 10.60 -9.62
C ALA N 209 53.43 9.75 -8.39
N LYS N 210 52.91 8.53 -8.63
CA LYS N 210 52.54 7.61 -7.56
C LYS N 210 53.70 6.67 -7.24
N ILE N 211 54.81 6.78 -7.99
CA ILE N 211 55.98 5.96 -7.75
C ILE N 211 56.86 6.67 -6.72
N ASP N 212 57.10 5.97 -5.59
CA ASP N 212 57.81 6.53 -4.45
C ASP N 212 58.87 5.56 -3.95
N VAL N 213 59.54 4.87 -4.87
CA VAL N 213 60.60 3.93 -4.56
C VAL N 213 61.85 4.31 -5.36
N PRO N 214 63.06 3.87 -4.94
CA PRO N 214 64.25 3.96 -5.79
C PRO N 214 64.00 3.33 -7.16
N THR N 215 64.31 4.09 -8.23
CA THR N 215 63.92 3.74 -9.58
C THR N 215 65.11 3.89 -10.53
N LEU N 216 65.29 2.88 -11.39
CA LEU N 216 66.31 2.92 -12.43
C LEU N 216 65.66 2.75 -13.80
N VAL N 217 65.97 3.66 -14.73
CA VAL N 217 65.48 3.59 -16.09
C VAL N 217 66.67 3.34 -17.02
N ILE N 218 66.64 2.19 -17.70
CA ILE N 218 67.65 1.88 -18.71
C ILE N 218 66.96 1.80 -20.06
N HIS N 219 67.55 2.46 -21.07
CA HIS N 219 66.96 2.57 -22.38
C HIS N 219 68.07 2.77 -23.42
N GLY N 220 67.87 2.18 -24.60
CA GLY N 220 68.80 2.34 -25.72
C GLY N 220 68.39 3.50 -26.62
N ASP N 221 69.39 4.29 -27.05
CA ASP N 221 69.15 5.49 -27.83
C ASP N 221 69.05 5.16 -29.32
N GLY N 222 69.26 3.87 -29.66
CA GLY N 222 69.02 3.36 -30.99
C GLY N 222 67.80 2.46 -31.03
N ASP N 223 66.85 2.74 -30.13
CA ASP N 223 65.63 1.96 -29.99
C ASP N 223 64.67 2.32 -31.12
N GLN N 224 64.42 1.35 -32.00
CA GLN N 224 63.64 1.55 -33.20
C GLN N 224 62.15 1.30 -32.92
N ILE N 225 61.86 0.67 -31.77
CA ILE N 225 60.51 0.24 -31.46
C ILE N 225 59.88 1.24 -30.48
N VAL N 226 60.53 1.44 -29.33
CA VAL N 226 60.09 2.41 -28.34
C VAL N 226 61.08 3.58 -28.33
N PRO N 227 60.76 4.72 -29.00
CA PRO N 227 61.68 5.85 -29.09
C PRO N 227 62.00 6.50 -27.74
N PHE N 228 63.31 6.60 -27.46
CA PHE N 228 63.84 6.99 -26.15
C PHE N 228 63.33 8.35 -25.72
N GLU N 229 63.33 9.31 -26.66
CA GLU N 229 63.09 10.72 -26.39
C GLU N 229 61.78 10.93 -25.63
N THR N 230 60.74 10.17 -26.00
CA THR N 230 59.39 10.43 -25.54
C THR N 230 58.94 9.38 -24.50
N THR N 231 59.85 8.48 -24.12
CA THR N 231 59.52 7.43 -23.16
C THR N 231 60.52 7.44 -22.00
N GLY N 232 61.62 6.69 -22.15
CA GLY N 232 62.62 6.50 -21.11
C GLY N 232 63.09 7.81 -20.48
N LYS N 233 63.37 8.81 -21.32
CA LYS N 233 63.90 10.09 -20.88
C LYS N 233 62.88 10.80 -19.98
N VAL N 234 61.64 10.90 -20.46
CA VAL N 234 60.58 11.62 -19.76
C VAL N 234 60.24 10.89 -18.45
N ALA N 235 60.31 9.56 -18.49
CA ALA N 235 59.93 8.71 -17.36
C ALA N 235 60.90 8.91 -16.19
N ALA N 236 62.17 9.17 -16.51
CA ALA N 236 63.20 9.42 -15.51
C ALA N 236 63.04 10.80 -14.90
N GLU N 237 62.36 11.70 -15.63
CA GLU N 237 62.12 13.07 -15.18
C GLU N 237 60.98 13.09 -14.17
N LEU N 238 59.86 12.45 -14.53
CA LEU N 238 58.61 12.55 -13.81
C LEU N 238 58.67 11.77 -12.49
N ILE N 239 59.52 10.75 -12.43
CA ILE N 239 59.72 9.98 -11.21
C ILE N 239 60.75 10.70 -10.35
N LYS N 240 60.41 10.91 -9.08
CA LYS N 240 61.27 11.62 -8.14
C LYS N 240 62.43 10.72 -7.74
N GLY N 241 63.65 11.21 -7.99
CA GLY N 241 64.88 10.56 -7.56
C GLY N 241 65.20 9.32 -8.39
N ALA N 242 64.78 9.33 -9.67
CA ALA N 242 65.04 8.23 -10.57
C ALA N 242 66.43 8.38 -11.19
N GLU N 243 67.09 7.23 -11.43
CA GLU N 243 68.35 7.18 -12.14
C GLU N 243 68.11 6.74 -13.58
N LEU N 244 68.92 7.26 -14.50
CA LEU N 244 68.80 6.99 -15.92
C LEU N 244 70.15 6.57 -16.50
N LYS N 245 70.14 5.45 -17.24
CA LYS N 245 71.32 4.97 -17.95
C LYS N 245 70.95 4.75 -19.42
N VAL N 246 71.72 5.40 -20.31
CA VAL N 246 71.47 5.33 -21.74
C VAL N 246 72.57 4.47 -22.38
N TYR N 247 72.19 3.27 -22.82
CA TYR N 247 73.08 2.39 -23.55
C TYR N 247 73.27 2.92 -24.97
N LYS N 248 74.52 3.22 -25.33
CA LYS N 248 74.83 3.87 -26.60
C LYS N 248 74.54 2.92 -27.76
N ASP N 249 73.69 3.37 -28.68
CA ASP N 249 73.31 2.69 -29.92
C ASP N 249 72.63 1.35 -29.64
N ALA N 250 72.07 1.19 -28.43
CA ALA N 250 71.42 -0.04 -28.04
C ALA N 250 70.04 -0.13 -28.68
N PRO N 251 69.63 -1.33 -29.18
CA PRO N 251 68.31 -1.51 -29.78
C PRO N 251 67.23 -1.70 -28.70
N HIS N 252 66.04 -2.13 -29.14
CA HIS N 252 64.94 -2.35 -28.21
C HIS N 252 65.26 -3.56 -27.32
N GLY N 253 65.60 -4.69 -27.95
CA GLY N 253 65.89 -5.92 -27.24
C GLY N 253 67.36 -6.00 -26.81
N PHE N 254 67.73 -5.15 -25.84
CA PHE N 254 69.10 -5.03 -25.39
C PHE N 254 69.37 -5.98 -24.22
N ALA N 255 68.33 -6.73 -23.82
CA ALA N 255 68.45 -7.80 -22.85
C ALA N 255 69.25 -8.96 -23.45
N VAL N 256 69.40 -8.93 -24.79
CA VAL N 256 70.19 -9.89 -25.54
C VAL N 256 71.55 -9.27 -25.89
N THR N 257 71.53 -8.18 -26.66
CA THR N 257 72.72 -7.59 -27.24
C THR N 257 73.68 -7.07 -26.17
N HIS N 258 73.10 -6.48 -25.11
CA HIS N 258 73.87 -5.91 -24.02
C HIS N 258 73.52 -6.63 -22.72
N ALA N 259 73.60 -7.96 -22.76
CA ALA N 259 73.14 -8.82 -21.67
C ALA N 259 74.04 -8.66 -20.44
N GLN N 260 75.35 -8.66 -20.66
CA GLN N 260 76.33 -8.60 -19.59
C GLN N 260 76.26 -7.24 -18.88
N GLN N 261 76.10 -6.17 -19.66
CA GLN N 261 76.06 -4.81 -19.12
C GLN N 261 74.81 -4.65 -18.24
N LEU N 262 73.71 -5.28 -18.64
CA LEU N 262 72.45 -5.23 -17.91
C LEU N 262 72.58 -6.00 -16.60
N ASN N 263 73.22 -7.18 -16.66
CA ASN N 263 73.41 -8.04 -15.50
C ASN N 263 74.15 -7.28 -14.40
N GLU N 264 75.16 -6.51 -14.79
CA GLU N 264 76.02 -5.79 -13.86
C GLU N 264 75.26 -4.59 -13.27
N ASP N 265 74.42 -3.97 -14.09
CA ASP N 265 73.65 -2.79 -13.69
C ASP N 265 72.53 -3.18 -12.74
N LEU N 266 71.97 -4.37 -12.94
CA LEU N 266 70.88 -4.88 -12.11
C LEU N 266 71.40 -5.23 -10.72
N LEU N 267 72.63 -5.76 -10.67
CA LEU N 267 73.23 -6.20 -9.42
C LEU N 267 73.69 -4.99 -8.62
N ALA N 268 74.10 -3.93 -9.34
CA ALA N 268 74.53 -2.68 -8.73
C ALA N 268 73.35 -1.97 -8.08
N PHE N 269 72.19 -2.03 -8.75
CA PHE N 269 70.98 -1.35 -8.32
C PHE N 269 70.46 -1.97 -7.02
N LEU N 270 70.48 -3.30 -6.95
CA LEU N 270 70.20 -4.03 -5.71
C LEU N 270 71.32 -3.74 -4.73
N LYS N 271 70.97 -3.67 -3.43
CA LYS N 271 71.90 -3.32 -2.35
C LYS N 271 72.61 -2.00 -2.62
N ARG N 272 71.84 -0.95 -2.89
CA ARG N 272 72.38 0.32 -3.39
C ARG N 272 73.07 1.08 -2.26
N SER O 2 42.31 -23.65 -20.73
CA SER O 2 41.36 -24.58 -20.03
C SER O 2 41.68 -26.02 -20.43
N CYS O 3 41.19 -26.96 -19.62
CA CYS O 3 41.24 -28.39 -19.92
C CYS O 3 40.14 -29.12 -19.17
N PHE O 4 39.72 -30.27 -19.71
CA PHE O 4 38.86 -31.21 -19.01
C PHE O 4 39.49 -32.60 -19.08
N VAL O 5 38.98 -33.50 -18.22
CA VAL O 5 39.43 -34.89 -18.18
C VAL O 5 38.41 -35.74 -18.93
N ALA O 6 38.90 -36.60 -19.83
CA ALA O 6 38.08 -37.55 -20.56
C ALA O 6 37.83 -38.76 -19.67
N LYS O 7 37.11 -39.76 -20.20
CA LYS O 7 36.66 -40.92 -19.45
C LYS O 7 37.85 -41.77 -19.00
N ASP O 8 38.85 -41.92 -19.88
CA ASP O 8 39.97 -42.81 -19.63
C ASP O 8 41.08 -42.11 -18.83
N GLY O 9 40.90 -40.80 -18.59
CA GLY O 9 41.82 -40.05 -17.76
C GLY O 9 42.63 -39.02 -18.55
N THR O 10 42.54 -39.09 -19.89
CA THR O 10 43.25 -38.20 -20.80
C THR O 10 42.78 -36.75 -20.57
N GLN O 11 43.75 -35.84 -20.45
CA GLN O 11 43.47 -34.43 -20.30
C GLN O 11 43.46 -33.77 -21.69
N ILE O 12 42.40 -33.00 -21.96
CA ILE O 12 42.22 -32.34 -23.25
C ILE O 12 42.24 -30.83 -23.04
N TYR O 13 43.16 -30.15 -23.75
CA TYR O 13 43.25 -28.71 -23.74
C TYR O 13 42.20 -28.12 -24.68
N PHE O 14 41.62 -26.98 -24.29
CA PHE O 14 40.73 -26.23 -25.17
C PHE O 14 40.76 -24.73 -24.86
N LYS O 15 40.43 -23.92 -25.86
CA LYS O 15 40.21 -22.49 -25.72
C LYS O 15 38.71 -22.22 -25.73
N ASP O 16 38.29 -21.13 -25.06
CA ASP O 16 36.90 -20.74 -24.95
C ASP O 16 36.83 -19.22 -24.91
N TRP O 17 36.46 -18.61 -26.06
CA TRP O 17 36.50 -17.17 -26.25
C TRP O 17 35.10 -16.59 -26.42
N GLY O 18 34.88 -15.43 -25.79
CA GLY O 18 33.72 -14.59 -26.07
C GLY O 18 32.42 -15.15 -25.51
N SER O 19 31.30 -14.58 -25.97
CA SER O 19 29.97 -14.98 -25.52
C SER O 19 28.97 -14.95 -26.68
N GLY O 20 27.79 -15.52 -26.45
CA GLY O 20 26.79 -15.70 -27.49
C GLY O 20 26.70 -17.15 -27.93
N LYS O 21 26.09 -17.37 -29.11
CA LYS O 21 25.91 -18.69 -29.69
C LYS O 21 27.26 -19.36 -29.93
N PRO O 22 27.47 -20.61 -29.44
CA PRO O 22 28.78 -21.26 -29.50
C PRO O 22 29.10 -21.95 -30.83
N VAL O 23 30.33 -21.77 -31.29
CA VAL O 23 30.86 -22.46 -32.45
C VAL O 23 32.08 -23.28 -32.00
N LEU O 24 31.99 -24.61 -32.17
CA LEU O 24 33.00 -25.53 -31.69
C LEU O 24 33.78 -26.08 -32.89
N PHE O 25 35.10 -25.88 -32.85
CA PHE O 25 35.99 -26.20 -33.98
C PHE O 25 36.73 -27.51 -33.70
N SER O 26 36.91 -28.30 -34.76
CA SER O 26 37.66 -29.55 -34.69
C SER O 26 38.78 -29.52 -35.73
N HIS O 27 40.03 -29.53 -35.27
CA HIS O 27 41.20 -29.35 -36.12
C HIS O 27 41.52 -30.64 -36.87
N GLY O 28 42.34 -30.50 -37.92
CA GLY O 28 42.73 -31.60 -38.78
C GLY O 28 44.04 -32.26 -38.33
N TRP O 29 44.53 -33.17 -39.18
CA TRP O 29 45.71 -33.98 -38.91
C TRP O 29 46.96 -33.11 -38.87
N LEU O 30 47.80 -33.33 -37.85
CA LEU O 30 49.11 -32.71 -37.68
C LEU O 30 48.99 -31.31 -37.10
N LEU O 31 47.81 -30.93 -36.61
CA LEU O 31 47.57 -29.56 -36.18
C LEU O 31 47.09 -29.53 -34.74
N ASP O 32 46.49 -28.40 -34.35
CA ASP O 32 45.85 -28.22 -33.05
C ASP O 32 44.91 -27.02 -33.13
N ALA O 33 44.36 -26.62 -31.97
CA ALA O 33 43.36 -25.58 -31.88
C ALA O 33 43.83 -24.27 -32.52
N ASP O 34 45.15 -24.11 -32.64
CA ASP O 34 45.74 -22.86 -33.09
C ASP O 34 45.49 -22.60 -34.58
N MET O 35 45.02 -23.62 -35.31
CA MET O 35 44.77 -23.44 -36.74
C MET O 35 43.53 -22.58 -36.93
N TRP O 36 42.73 -22.45 -35.86
CA TRP O 36 41.42 -21.82 -35.93
C TRP O 36 41.48 -20.39 -35.42
N GLU O 37 42.69 -19.89 -35.11
CA GLU O 37 42.85 -18.68 -34.32
C GLU O 37 42.30 -17.46 -35.07
N TYR O 38 42.35 -17.48 -36.41
CA TYR O 38 41.92 -16.37 -37.23
C TYR O 38 40.40 -16.37 -37.40
N GLN O 39 39.83 -17.57 -37.57
CA GLN O 39 38.39 -17.74 -37.64
C GLN O 39 37.76 -17.44 -36.29
N MET O 40 38.47 -17.82 -35.21
CA MET O 40 38.00 -17.69 -33.84
C MET O 40 37.94 -16.22 -33.44
N GLU O 41 38.95 -15.44 -33.89
CA GLU O 41 39.02 -14.02 -33.58
C GLU O 41 37.94 -13.29 -34.36
N TYR O 42 37.77 -13.69 -35.63
CA TYR O 42 36.83 -13.07 -36.55
C TYR O 42 35.42 -13.17 -35.99
N LEU O 43 35.06 -14.33 -35.44
CA LEU O 43 33.69 -14.61 -35.02
C LEU O 43 33.42 -14.09 -33.62
N SER O 44 34.43 -14.14 -32.74
CA SER O 44 34.22 -13.84 -31.33
C SER O 44 34.08 -12.34 -31.07
N SER O 45 34.73 -11.52 -31.92
CA SER O 45 34.58 -10.08 -31.82
C SER O 45 33.39 -9.60 -32.65
N ARG O 46 32.62 -10.56 -33.17
CA ARG O 46 31.38 -10.27 -33.90
C ARG O 46 30.21 -10.98 -33.23
N GLY O 47 30.31 -11.16 -31.90
CA GLY O 47 29.21 -11.57 -31.06
C GLY O 47 28.95 -13.08 -31.09
N TYR O 48 30.02 -13.87 -31.15
CA TYR O 48 29.94 -15.33 -31.12
C TYR O 48 30.92 -15.87 -30.08
N ARG O 49 30.56 -17.01 -29.48
CA ARG O 49 31.44 -17.72 -28.57
C ARG O 49 32.09 -18.87 -29.34
N THR O 50 33.43 -18.89 -29.35
CA THR O 50 34.16 -19.87 -30.17
C THR O 50 34.98 -20.79 -29.26
N ILE O 51 34.92 -22.09 -29.56
CA ILE O 51 35.57 -23.12 -28.78
C ILE O 51 36.37 -24.00 -29.72
N ALA O 52 37.66 -24.21 -29.40
CA ALA O 52 38.52 -25.10 -30.14
C ALA O 52 39.37 -25.94 -29.17
N PHE O 53 39.45 -27.24 -29.42
CA PHE O 53 40.17 -28.16 -28.56
C PHE O 53 41.39 -28.72 -29.29
N ASP O 54 42.32 -29.29 -28.52
CA ASP O 54 43.40 -30.11 -29.04
C ASP O 54 43.00 -31.57 -28.86
N ARG O 55 42.90 -32.30 -29.99
CA ARG O 55 42.56 -33.71 -29.99
C ARG O 55 43.61 -34.46 -29.16
N ARG O 56 43.19 -35.56 -28.53
CA ARG O 56 44.12 -36.42 -27.80
C ARG O 56 45.32 -36.75 -28.68
N GLY O 57 46.52 -36.55 -28.12
CA GLY O 57 47.77 -36.86 -28.80
C GLY O 57 48.33 -35.68 -29.61
N PHE O 58 47.61 -34.55 -29.63
CA PHE O 58 48.02 -33.39 -30.41
C PHE O 58 48.11 -32.15 -29.53
N GLY O 59 49.04 -31.27 -29.88
CA GLY O 59 49.17 -29.97 -29.25
C GLY O 59 49.51 -30.07 -27.76
N ARG O 60 48.62 -29.51 -26.93
CA ARG O 60 48.86 -29.32 -25.51
C ARG O 60 48.13 -30.38 -24.70
N SER O 61 47.59 -31.40 -25.37
CA SER O 61 46.81 -32.45 -24.72
C SER O 61 47.69 -33.66 -24.43
N ASP O 62 47.21 -34.52 -23.52
CA ASP O 62 47.85 -35.78 -23.18
C ASP O 62 47.97 -36.66 -24.43
N GLN O 63 48.93 -37.59 -24.39
CA GLN O 63 49.25 -38.45 -25.53
C GLN O 63 49.07 -39.91 -25.13
N PRO O 64 47.82 -40.44 -25.03
CA PRO O 64 47.59 -41.80 -24.57
C PRO O 64 47.82 -42.82 -25.67
N TRP O 65 48.17 -44.05 -25.27
CA TRP O 65 48.45 -45.14 -26.20
C TRP O 65 47.17 -45.61 -26.89
N THR O 66 46.07 -45.66 -26.12
CA THR O 66 44.81 -46.23 -26.59
C THR O 66 43.79 -45.13 -26.84
N GLY O 67 42.74 -45.49 -27.59
CA GLY O 67 41.58 -44.63 -27.79
C GLY O 67 41.75 -43.65 -28.94
N ASN O 68 42.66 -43.95 -29.87
CA ASN O 68 42.94 -43.08 -31.00
C ASN O 68 42.08 -43.48 -32.18
N ASP O 69 40.75 -43.34 -32.02
CA ASP O 69 39.76 -43.75 -33.00
C ASP O 69 38.58 -42.78 -32.96
N TYR O 70 37.71 -42.88 -33.96
CA TYR O 70 36.64 -41.90 -34.15
C TYR O 70 35.54 -42.03 -33.11
N ASP O 71 35.39 -43.23 -32.54
CA ASP O 71 34.40 -43.44 -31.50
C ASP O 71 34.81 -42.67 -30.24
N THR O 72 36.11 -42.69 -29.92
CA THR O 72 36.61 -41.99 -28.75
C THR O 72 36.70 -40.49 -29.04
N PHE O 73 37.07 -40.13 -30.27
CA PHE O 73 37.13 -38.73 -30.69
C PHE O 73 35.77 -38.07 -30.48
N ALA O 74 34.70 -38.79 -30.85
CA ALA O 74 33.33 -38.30 -30.76
C ALA O 74 32.92 -38.20 -29.29
N ASP O 75 33.43 -39.13 -28.47
CA ASP O 75 33.15 -39.18 -27.04
C ASP O 75 33.92 -38.06 -26.32
N ASP O 76 35.09 -37.70 -26.86
CA ASP O 76 35.87 -36.57 -26.37
C ASP O 76 35.08 -35.27 -26.58
N ILE O 77 34.42 -35.17 -27.74
CA ILE O 77 33.63 -34.00 -28.11
C ILE O 77 32.39 -33.92 -27.22
N ALA O 78 31.78 -35.08 -26.94
CA ALA O 78 30.56 -35.16 -26.15
C ALA O 78 30.79 -34.62 -24.74
N GLN O 79 31.92 -35.01 -24.14
CA GLN O 79 32.26 -34.63 -22.77
C GLN O 79 32.54 -33.14 -22.69
N LEU O 80 33.16 -32.57 -23.73
CA LEU O 80 33.47 -31.16 -23.78
C LEU O 80 32.18 -30.34 -23.83
N ILE O 81 31.18 -30.84 -24.56
CA ILE O 81 29.90 -30.18 -24.71
C ILE O 81 29.12 -30.26 -23.39
N GLU O 82 29.24 -31.40 -22.69
CA GLU O 82 28.58 -31.60 -21.41
C GLU O 82 29.30 -30.80 -20.31
N HIS O 83 30.60 -30.57 -20.52
CA HIS O 83 31.43 -29.82 -19.58
C HIS O 83 30.97 -28.36 -19.53
N LEU O 84 30.72 -27.79 -20.71
CA LEU O 84 30.39 -26.37 -20.84
C LEU O 84 28.88 -26.17 -20.90
N ASP O 85 28.13 -27.28 -20.95
CA ASP O 85 26.68 -27.33 -21.04
C ASP O 85 26.21 -26.48 -22.22
N LEU O 86 26.75 -26.79 -23.41
CA LEU O 86 26.51 -26.03 -24.62
C LEU O 86 25.18 -26.43 -25.24
N LYS O 87 24.52 -25.44 -25.86
CA LYS O 87 23.27 -25.63 -26.59
C LYS O 87 23.36 -24.83 -27.90
N GLU O 88 22.62 -25.29 -28.92
CA GLU O 88 22.57 -24.65 -30.23
C GLU O 88 24.00 -24.50 -30.79
N VAL O 89 24.77 -25.60 -30.74
CA VAL O 89 26.18 -25.58 -31.11
C VAL O 89 26.30 -25.73 -32.62
N THR O 90 27.20 -24.94 -33.22
CA THR O 90 27.61 -25.14 -34.60
C THR O 90 28.96 -25.87 -34.60
N LEU O 91 28.96 -27.09 -35.12
CA LEU O 91 30.16 -27.92 -35.22
C LEU O 91 30.88 -27.59 -36.54
N VAL O 92 32.19 -27.33 -36.45
CA VAL O 92 33.01 -27.09 -37.63
C VAL O 92 34.21 -28.04 -37.58
N GLY O 93 34.32 -28.89 -38.60
CA GLY O 93 35.42 -29.83 -38.70
C GLY O 93 36.25 -29.60 -39.96
N PHE O 94 37.58 -29.64 -39.80
CA PHE O 94 38.49 -29.59 -40.93
C PHE O 94 39.19 -30.95 -41.06
N SER O 95 39.45 -31.35 -42.31
CA SER O 95 40.21 -32.55 -42.62
C SER O 95 39.61 -33.75 -41.88
N MET O 96 40.44 -34.46 -41.11
CA MET O 96 40.00 -35.64 -40.38
C MET O 96 39.06 -35.24 -39.25
N GLY O 97 39.06 -33.95 -38.89
CA GLY O 97 38.20 -33.40 -37.85
C GLY O 97 36.73 -33.36 -38.27
N GLY O 98 36.50 -33.26 -39.59
CA GLY O 98 35.16 -33.37 -40.14
C GLY O 98 34.52 -34.71 -39.76
N GLY O 99 35.37 -35.72 -39.54
CA GLY O 99 34.95 -37.06 -39.19
C GLY O 99 34.32 -37.14 -37.80
N ASP O 100 34.96 -36.52 -36.79
CA ASP O 100 34.59 -36.76 -35.40
C ASP O 100 33.38 -35.93 -34.99
N VAL O 101 33.16 -34.79 -35.66
CA VAL O 101 31.97 -33.99 -35.42
C VAL O 101 30.76 -34.67 -36.07
N ALA O 102 31.01 -35.39 -37.17
CA ALA O 102 30.00 -36.19 -37.84
C ALA O 102 29.69 -37.43 -37.01
N ARG O 103 30.73 -38.03 -36.43
CA ARG O 103 30.62 -39.24 -35.63
C ARG O 103 29.94 -38.91 -34.29
N TYR O 104 30.11 -37.67 -33.82
CA TYR O 104 29.46 -37.20 -32.60
C TYR O 104 27.94 -37.24 -32.78
N ILE O 105 27.46 -36.62 -33.86
CA ILE O 105 26.04 -36.51 -34.18
C ILE O 105 25.42 -37.91 -34.21
N ALA O 106 26.09 -38.85 -34.89
CA ALA O 106 25.58 -40.19 -35.11
C ALA O 106 25.47 -40.96 -33.79
N ARG O 107 26.43 -40.75 -32.87
CA ARG O 107 26.55 -41.51 -31.64
C ARG O 107 25.69 -40.92 -30.52
N HIS O 108 25.52 -39.59 -30.53
CA HIS O 108 24.98 -38.87 -29.38
C HIS O 108 23.66 -38.19 -29.70
N GLY O 109 23.39 -38.00 -31.00
CA GLY O 109 22.21 -37.26 -31.42
C GLY O 109 22.52 -35.77 -31.64
N SER O 110 21.49 -35.02 -32.01
CA SER O 110 21.66 -33.66 -32.51
C SER O 110 20.94 -32.66 -31.60
N ALA O 111 20.59 -33.10 -30.38
CA ALA O 111 19.74 -32.32 -29.49
C ALA O 111 20.46 -31.07 -28.98
N ARG O 112 21.78 -30.97 -29.22
CA ARG O 112 22.56 -29.83 -28.75
C ARG O 112 23.17 -29.08 -29.94
N VAL O 113 22.81 -29.51 -31.16
CA VAL O 113 23.48 -29.07 -32.37
C VAL O 113 22.50 -28.25 -33.22
N ALA O 114 22.94 -27.06 -33.66
CA ALA O 114 22.13 -26.17 -34.46
C ALA O 114 22.65 -26.13 -35.90
N GLY O 115 23.89 -26.57 -36.11
CA GLY O 115 24.50 -26.59 -37.43
C GLY O 115 25.75 -27.46 -37.51
N LEU O 116 26.19 -27.73 -38.74
CA LEU O 116 27.41 -28.48 -39.02
C LEU O 116 28.07 -27.90 -40.27
N VAL O 117 29.40 -27.71 -40.19
CA VAL O 117 30.19 -27.27 -41.31
C VAL O 117 31.37 -28.23 -41.50
N LEU O 118 31.55 -28.69 -42.74
CA LEU O 118 32.62 -29.60 -43.09
C LEU O 118 33.54 -28.90 -44.09
N LEU O 119 34.82 -28.75 -43.69
CA LEU O 119 35.83 -28.08 -44.50
C LEU O 119 36.87 -29.11 -44.92
N GLY O 120 37.04 -29.29 -46.23
CA GLY O 120 37.98 -30.26 -46.77
C GLY O 120 37.96 -31.57 -46.01
N ALA O 121 36.75 -31.97 -45.58
CA ALA O 121 36.56 -33.08 -44.65
C ALA O 121 36.72 -34.42 -45.35
N VAL O 122 37.07 -35.45 -44.57
CA VAL O 122 37.30 -36.80 -45.07
C VAL O 122 35.98 -37.50 -45.35
N THR O 123 34.88 -36.89 -44.87
CA THR O 123 33.54 -37.47 -44.98
C THR O 123 33.12 -37.59 -46.44
N PRO O 124 32.37 -38.66 -46.82
CA PRO O 124 31.97 -39.72 -45.90
C PRO O 124 32.91 -40.93 -45.86
N LEU O 125 33.86 -40.99 -46.80
CA LEU O 125 34.81 -42.10 -46.85
C LEU O 125 36.04 -41.65 -47.64
N PHE O 126 37.21 -41.77 -47.00
CA PHE O 126 38.47 -41.35 -47.58
C PHE O 126 39.13 -42.52 -48.33
N GLY O 127 39.32 -43.64 -47.61
CA GLY O 127 40.05 -44.78 -48.13
C GLY O 127 39.18 -45.72 -48.96
N GLN O 128 39.85 -46.56 -49.77
CA GLN O 128 39.21 -47.54 -50.62
C GLN O 128 38.57 -48.62 -49.76
N LYS O 129 37.37 -49.04 -50.16
CA LYS O 129 36.65 -50.12 -49.50
C LYS O 129 36.15 -51.11 -50.56
N PRO O 130 35.87 -52.38 -50.18
CA PRO O 130 35.30 -53.36 -51.10
C PRO O 130 34.09 -52.85 -51.87
N ASP O 131 33.26 -52.04 -51.20
CA ASP O 131 32.05 -51.48 -51.80
C ASP O 131 32.26 -50.02 -52.22
N TYR O 132 33.48 -49.50 -51.99
CA TYR O 132 33.82 -48.13 -52.34
C TYR O 132 35.18 -48.11 -53.04
N PRO O 133 35.30 -48.60 -54.30
CA PRO O 133 36.59 -48.69 -54.97
C PRO O 133 37.11 -47.38 -55.55
N GLN O 134 36.29 -46.33 -55.51
CA GLN O 134 36.69 -45.01 -56.00
C GLN O 134 37.54 -44.30 -54.95
N GLY O 135 37.56 -44.87 -53.73
CA GLY O 135 38.32 -44.31 -52.62
C GLY O 135 39.82 -44.43 -52.81
N VAL O 136 40.57 -43.56 -52.13
CA VAL O 136 42.02 -43.49 -52.22
C VAL O 136 42.62 -44.83 -51.79
N PRO O 137 43.44 -45.49 -52.64
CA PRO O 137 43.99 -46.81 -52.35
C PRO O 137 44.72 -46.88 -51.01
N LEU O 138 44.67 -48.06 -50.37
CA LEU O 138 45.15 -48.24 -49.01
C LEU O 138 46.67 -48.19 -48.94
N ASP O 139 47.35 -48.46 -50.06
CA ASP O 139 48.81 -48.49 -50.09
C ASP O 139 49.40 -47.08 -49.97
N VAL O 140 48.61 -46.06 -50.38
CA VAL O 140 49.00 -44.68 -50.24
C VAL O 140 49.20 -44.37 -48.76
N PHE O 141 48.24 -44.79 -47.93
CA PHE O 141 48.25 -44.51 -46.51
C PHE O 141 49.30 -45.38 -45.81
N ALA O 142 49.51 -46.59 -46.35
CA ALA O 142 50.51 -47.49 -45.83
C ALA O 142 51.91 -46.88 -45.99
N ARG O 143 52.05 -46.01 -46.99
CA ARG O 143 53.32 -45.39 -47.33
C ARG O 143 53.57 -44.16 -46.45
N PHE O 144 52.48 -43.50 -46.02
CA PHE O 144 52.56 -42.43 -45.05
C PHE O 144 53.14 -42.99 -43.74
N LYS O 145 52.65 -44.17 -43.35
CA LYS O 145 53.04 -44.81 -42.10
C LYS O 145 54.53 -45.18 -42.13
N THR O 146 54.99 -45.70 -43.28
CA THR O 146 56.37 -46.15 -43.43
C THR O 146 57.34 -44.98 -43.26
N GLU O 147 56.96 -43.82 -43.81
CA GLU O 147 57.78 -42.61 -43.77
C GLU O 147 57.73 -42.00 -42.37
N LEU O 148 56.56 -42.07 -41.73
CA LEU O 148 56.34 -41.45 -40.43
C LEU O 148 57.08 -42.23 -39.34
N LEU O 149 57.21 -43.55 -39.53
CA LEU O 149 57.87 -44.41 -38.54
C LEU O 149 59.39 -44.39 -38.76
N LYS O 150 59.85 -43.64 -39.77
CA LYS O 150 61.28 -43.42 -39.98
C LYS O 150 61.66 -42.02 -39.54
N ASP O 151 60.92 -41.01 -40.04
CA ASP O 151 61.21 -39.61 -39.80
C ASP O 151 59.94 -38.79 -40.00
N ARG O 152 59.20 -38.57 -38.91
CA ARG O 152 57.92 -37.87 -38.98
C ARG O 152 58.15 -36.37 -39.18
N ALA O 153 59.22 -35.85 -38.57
CA ALA O 153 59.54 -34.44 -38.61
C ALA O 153 59.74 -33.96 -40.04
N GLN O 154 60.46 -34.76 -40.84
CA GLN O 154 60.75 -34.42 -42.23
C GLN O 154 59.53 -34.68 -43.10
N PHE O 155 58.66 -35.62 -42.68
CA PHE O 155 57.42 -35.88 -43.37
C PHE O 155 56.49 -34.66 -43.27
N ILE O 156 56.38 -34.10 -42.05
CA ILE O 156 55.56 -32.92 -41.81
C ILE O 156 56.07 -31.77 -42.66
N SER O 157 57.40 -31.57 -42.64
CA SER O 157 58.06 -30.50 -43.37
C SER O 157 57.73 -30.58 -44.85
N ASP O 158 57.84 -31.80 -45.41
CA ASP O 158 57.60 -32.05 -46.83
C ASP O 158 56.12 -31.92 -47.16
N PHE O 159 55.28 -32.21 -46.17
CA PHE O 159 53.83 -32.25 -46.36
C PHE O 159 53.26 -30.87 -46.63
N ASN O 160 54.05 -29.82 -46.31
CA ASN O 160 53.62 -28.44 -46.42
C ASN O 160 53.31 -28.07 -47.87
N ALA O 161 54.11 -28.59 -48.81
CA ALA O 161 54.01 -28.21 -50.22
C ALA O 161 52.67 -28.66 -50.81
N PRO O 162 52.30 -29.96 -50.78
CA PRO O 162 51.00 -30.38 -51.29
C PRO O 162 49.80 -30.04 -50.41
N PHE O 163 50.05 -29.64 -49.16
CA PHE O 163 49.01 -29.25 -48.22
C PHE O 163 48.50 -27.85 -48.56
N TYR O 164 49.43 -26.92 -48.80
CA TYR O 164 49.11 -25.52 -49.04
C TYR O 164 49.09 -25.21 -50.53
N GLY O 165 49.52 -26.18 -51.35
CA GLY O 165 49.54 -26.02 -52.80
C GLY O 165 50.69 -25.13 -53.25
N ILE O 166 51.79 -25.16 -52.48
CA ILE O 166 53.01 -24.40 -52.75
C ILE O 166 53.59 -24.84 -54.10
N ASN O 167 53.35 -26.10 -54.45
CA ASN O 167 53.84 -26.68 -55.68
C ASN O 167 52.95 -26.29 -56.87
N LYS O 168 51.79 -25.68 -56.58
CA LYS O 168 50.86 -25.27 -57.62
C LYS O 168 50.67 -23.76 -57.63
N GLY O 169 51.65 -23.03 -57.11
CA GLY O 169 51.73 -21.58 -57.29
C GLY O 169 51.12 -20.78 -56.14
N GLN O 170 50.66 -21.46 -55.10
CA GLN O 170 50.11 -20.79 -53.93
C GLN O 170 51.23 -20.09 -53.17
N VAL O 171 50.89 -18.97 -52.53
CA VAL O 171 51.86 -18.17 -51.80
C VAL O 171 51.61 -18.32 -50.31
N VAL O 172 52.59 -18.90 -49.60
CA VAL O 172 52.54 -19.05 -48.15
C VAL O 172 53.89 -18.63 -47.59
N SER O 173 53.84 -17.79 -46.53
CA SER O 173 55.04 -17.28 -45.89
C SER O 173 55.77 -18.38 -45.13
N CYS O 174 57.08 -18.17 -44.89
CA CYS O 174 57.90 -19.13 -44.17
C CYS O 174 57.46 -19.21 -42.71
N GLY O 175 56.85 -18.12 -42.22
CA GLY O 175 56.33 -18.04 -40.85
C GLY O 175 55.19 -19.04 -40.60
N VAL O 176 54.25 -19.12 -41.55
CA VAL O 176 53.12 -20.04 -41.43
C VAL O 176 53.64 -21.47 -41.54
N GLN O 177 54.63 -21.68 -42.42
CA GLN O 177 55.24 -22.97 -42.60
C GLN O 177 55.97 -23.39 -41.32
N THR O 178 56.69 -22.44 -40.71
CA THR O 178 57.43 -22.67 -39.48
C THR O 178 56.45 -23.03 -38.36
N GLN O 179 55.35 -22.29 -38.28
CA GLN O 179 54.36 -22.49 -37.22
C GLN O 179 53.72 -23.86 -37.34
N THR O 180 53.47 -24.30 -38.58
CA THR O 180 52.81 -25.57 -38.87
C THR O 180 53.67 -26.74 -38.41
N LEU O 181 54.98 -26.64 -38.64
CA LEU O 181 55.92 -27.68 -38.25
C LEU O 181 56.07 -27.71 -36.72
N GLN O 182 56.08 -26.52 -36.08
CA GLN O 182 56.23 -26.42 -34.64
C GLN O 182 55.05 -27.10 -33.94
N ILE O 183 53.84 -26.88 -34.45
CA ILE O 183 52.62 -27.42 -33.85
C ILE O 183 52.57 -28.93 -34.05
N ALA O 184 53.07 -29.40 -35.20
CA ALA O 184 52.99 -30.80 -35.56
C ALA O 184 53.92 -31.63 -34.69
N LEU O 185 55.03 -31.02 -34.24
CA LEU O 185 56.06 -31.70 -33.47
C LEU O 185 55.61 -31.88 -32.02
N LEU O 186 54.62 -31.08 -31.60
CA LEU O 186 54.03 -31.19 -30.26
C LEU O 186 53.31 -32.53 -30.13
N ALA O 187 52.77 -33.02 -31.24
CA ALA O 187 51.90 -34.19 -31.27
C ALA O 187 52.70 -35.47 -31.01
N SER O 188 51.99 -36.49 -30.49
CA SER O 188 52.50 -37.83 -30.29
C SER O 188 52.71 -38.54 -31.63
N LEU O 189 53.81 -39.28 -31.74
CA LEU O 189 54.07 -40.13 -32.88
C LEU O 189 52.99 -41.21 -32.97
N LYS O 190 52.62 -41.76 -31.81
CA LYS O 190 51.60 -42.81 -31.76
C LYS O 190 50.28 -42.30 -32.32
N ALA O 191 49.89 -41.09 -31.90
CA ALA O 191 48.63 -40.49 -32.35
C ALA O 191 48.71 -40.11 -33.82
N THR O 192 49.91 -39.76 -34.29
CA THR O 192 50.13 -39.36 -35.67
C THR O 192 49.86 -40.55 -36.61
N VAL O 193 50.29 -41.75 -36.20
CA VAL O 193 50.20 -42.94 -37.03
C VAL O 193 48.81 -43.57 -36.91
N ASP O 194 48.25 -43.56 -35.70
CA ASP O 194 46.93 -44.13 -35.43
C ASP O 194 45.85 -43.35 -36.20
N CYS O 195 46.04 -42.04 -36.33
CA CYS O 195 45.07 -41.21 -37.02
C CYS O 195 45.01 -41.57 -38.51
N VAL O 196 46.15 -42.03 -39.04
CA VAL O 196 46.20 -42.46 -40.44
C VAL O 196 45.24 -43.62 -40.64
N THR O 197 45.32 -44.61 -39.74
CA THR O 197 44.45 -45.79 -39.76
C THR O 197 43.00 -45.33 -39.66
N ALA O 198 42.76 -44.32 -38.82
CA ALA O 198 41.42 -43.83 -38.54
C ALA O 198 40.78 -43.22 -39.78
N PHE O 199 41.45 -42.22 -40.39
CA PHE O 199 40.84 -41.48 -41.48
C PHE O 199 40.92 -42.24 -42.80
N ALA O 200 41.75 -43.30 -42.85
CA ALA O 200 41.84 -44.13 -44.04
C ALA O 200 40.69 -45.14 -44.07
N GLU O 201 40.28 -45.63 -42.89
CA GLU O 201 39.52 -46.86 -42.81
C GLU O 201 38.14 -46.66 -42.19
N THR O 202 37.84 -45.45 -41.68
CA THR O 202 36.55 -45.24 -41.02
C THR O 202 35.50 -44.82 -42.04
N ASP O 203 34.40 -45.60 -42.09
CA ASP O 203 33.28 -45.39 -42.99
C ASP O 203 32.23 -44.54 -42.30
N PHE O 204 32.02 -43.32 -42.82
CA PHE O 204 31.10 -42.35 -42.24
C PHE O 204 29.81 -42.28 -43.06
N ARG O 205 29.58 -43.29 -43.91
CA ARG O 205 28.40 -43.31 -44.76
C ARG O 205 27.13 -43.56 -43.96
N PRO O 206 27.13 -44.49 -42.96
CA PRO O 206 25.99 -44.63 -42.05
C PRO O 206 25.71 -43.38 -41.20
N ASP O 207 26.72 -42.52 -41.04
CA ASP O 207 26.60 -41.30 -40.25
C ASP O 207 25.82 -40.25 -41.03
N MET O 208 26.07 -40.18 -42.34
CA MET O 208 25.54 -39.15 -43.22
C MET O 208 24.01 -39.09 -43.12
N ALA O 209 23.40 -40.27 -42.90
CA ALA O 209 21.95 -40.43 -42.90
C ALA O 209 21.37 -40.08 -41.53
N LYS O 210 22.24 -39.70 -40.60
CA LYS O 210 21.82 -39.35 -39.24
C LYS O 210 22.05 -37.86 -38.98
N ILE O 211 22.64 -37.17 -39.95
CA ILE O 211 22.77 -35.71 -39.91
C ILE O 211 21.44 -35.11 -40.36
N ASP O 212 20.82 -34.32 -39.47
CA ASP O 212 19.47 -33.81 -39.67
C ASP O 212 19.41 -32.30 -39.48
N VAL O 213 20.59 -31.67 -39.31
CA VAL O 213 20.68 -30.22 -39.11
C VAL O 213 21.20 -29.57 -40.39
N PRO O 214 21.00 -28.25 -40.58
CA PRO O 214 21.57 -27.53 -41.73
C PRO O 214 23.09 -27.72 -41.79
N THR O 215 23.58 -28.12 -42.96
CA THR O 215 24.99 -28.42 -43.16
C THR O 215 25.54 -27.61 -44.32
N LEU O 216 26.78 -27.13 -44.15
CA LEU O 216 27.53 -26.48 -45.22
C LEU O 216 28.80 -27.27 -45.49
N VAL O 217 29.03 -27.61 -46.76
CA VAL O 217 30.24 -28.32 -47.17
C VAL O 217 31.07 -27.38 -48.05
N ILE O 218 32.24 -27.02 -47.53
CA ILE O 218 33.24 -26.27 -48.30
C ILE O 218 34.39 -27.21 -48.61
N HIS O 219 34.95 -27.08 -49.83
CA HIS O 219 36.02 -27.95 -50.28
C HIS O 219 36.70 -27.31 -51.49
N GLY O 220 38.03 -27.44 -51.57
CA GLY O 220 38.80 -26.96 -52.71
C GLY O 220 38.86 -28.01 -53.81
N ASP O 221 38.84 -27.55 -55.08
CA ASP O 221 38.86 -28.46 -56.22
C ASP O 221 40.30 -28.71 -56.67
N GLY O 222 41.25 -28.02 -56.02
CA GLY O 222 42.67 -28.23 -56.23
C GLY O 222 43.31 -28.94 -55.05
N ASP O 223 42.47 -29.56 -54.21
CA ASP O 223 42.88 -30.28 -53.01
C ASP O 223 43.65 -31.53 -53.42
N GLN O 224 44.87 -31.67 -52.89
CA GLN O 224 45.77 -32.74 -53.27
C GLN O 224 45.77 -33.82 -52.19
N ILE O 225 45.30 -33.45 -50.99
CA ILE O 225 45.34 -34.32 -49.83
C ILE O 225 44.05 -35.15 -49.78
N VAL O 226 42.90 -34.46 -49.69
CA VAL O 226 41.60 -35.12 -49.64
C VAL O 226 40.84 -34.74 -50.91
N PRO O 227 40.75 -35.66 -51.91
CA PRO O 227 40.16 -35.36 -53.21
C PRO O 227 38.67 -35.01 -53.14
N PHE O 228 38.31 -33.88 -53.75
CA PHE O 228 36.97 -33.30 -53.71
C PHE O 228 35.93 -34.27 -54.28
N GLU O 229 36.32 -34.97 -55.35
CA GLU O 229 35.42 -35.75 -56.18
C GLU O 229 34.75 -36.88 -55.38
N THR O 230 35.45 -37.38 -54.36
CA THR O 230 35.06 -38.61 -53.68
C THR O 230 34.76 -38.35 -52.21
N THR O 231 34.91 -37.10 -51.77
CA THR O 231 34.70 -36.75 -50.37
C THR O 231 33.62 -35.69 -50.23
N GLY O 232 34.00 -34.42 -50.46
CA GLY O 232 33.12 -33.27 -50.23
C GLY O 232 31.95 -33.20 -51.21
N LYS O 233 32.14 -33.78 -52.41
CA LYS O 233 31.10 -33.79 -53.43
C LYS O 233 30.04 -34.83 -53.06
N VAL O 234 30.48 -35.94 -52.47
CA VAL O 234 29.60 -37.04 -52.11
C VAL O 234 28.95 -36.74 -50.76
N ALA O 235 29.62 -35.91 -49.94
CA ALA O 235 29.13 -35.54 -48.62
C ALA O 235 27.89 -34.65 -48.74
N ALA O 236 27.92 -33.74 -49.74
CA ALA O 236 26.87 -32.75 -49.93
C ALA O 236 25.66 -33.37 -50.65
N GLU O 237 25.79 -34.63 -51.06
CA GLU O 237 24.72 -35.36 -51.75
C GLU O 237 23.92 -36.18 -50.74
N LEU O 238 24.64 -36.80 -49.78
CA LEU O 238 24.05 -37.77 -48.88
C LEU O 238 23.40 -37.09 -47.68
N ILE O 239 23.83 -35.85 -47.38
CA ILE O 239 23.25 -35.06 -46.30
C ILE O 239 22.06 -34.30 -46.86
N LYS O 240 20.89 -34.46 -46.22
CA LYS O 240 19.64 -33.90 -46.72
C LYS O 240 19.65 -32.38 -46.50
N GLY O 241 19.51 -31.65 -47.61
CA GLY O 241 19.45 -30.20 -47.61
C GLY O 241 20.77 -29.56 -47.18
N ALA O 242 21.88 -30.09 -47.69
CA ALA O 242 23.21 -29.57 -47.41
C ALA O 242 23.62 -28.61 -48.53
N GLU O 243 24.35 -27.55 -48.17
CA GLU O 243 24.87 -26.60 -49.15
C GLU O 243 26.32 -26.95 -49.47
N LEU O 244 26.72 -26.62 -50.70
CA LEU O 244 28.04 -26.94 -51.22
C LEU O 244 28.67 -25.70 -51.82
N LYS O 245 29.83 -25.30 -51.26
CA LYS O 245 30.63 -24.21 -51.79
C LYS O 245 31.99 -24.76 -52.21
N VAL O 246 32.38 -24.47 -53.47
CA VAL O 246 33.63 -24.96 -54.01
C VAL O 246 34.55 -23.78 -54.31
N TYR O 247 35.68 -23.74 -53.59
CA TYR O 247 36.70 -22.73 -53.80
C TYR O 247 37.55 -23.13 -55.01
N LYS O 248 37.69 -22.20 -55.96
CA LYS O 248 38.34 -22.49 -57.23
C LYS O 248 39.85 -22.53 -57.05
N ASP O 249 40.45 -23.66 -57.43
CA ASP O 249 41.89 -23.92 -57.39
C ASP O 249 42.43 -23.73 -55.98
N ALA O 250 41.66 -24.18 -54.98
CA ALA O 250 41.99 -24.02 -53.58
C ALA O 250 42.66 -25.29 -53.05
N PRO O 251 43.70 -25.17 -52.20
CA PRO O 251 44.38 -26.35 -51.65
C PRO O 251 43.61 -26.99 -50.50
N HIS O 252 44.26 -27.90 -49.78
CA HIS O 252 43.68 -28.52 -48.61
C HIS O 252 43.67 -27.53 -47.45
N GLY O 253 44.81 -26.89 -47.21
CA GLY O 253 44.93 -25.86 -46.19
C GLY O 253 44.46 -24.50 -46.71
N PHE O 254 43.15 -24.39 -46.98
CA PHE O 254 42.60 -23.16 -47.53
C PHE O 254 42.26 -22.19 -46.39
N ALA O 255 42.18 -22.71 -45.16
CA ALA O 255 41.92 -21.90 -43.98
C ALA O 255 43.04 -20.89 -43.78
N VAL O 256 44.17 -21.12 -44.46
CA VAL O 256 45.30 -20.20 -44.47
C VAL O 256 45.24 -19.36 -45.74
N THR O 257 45.10 -20.03 -46.89
CA THR O 257 45.22 -19.39 -48.20
C THR O 257 44.02 -18.49 -48.48
N HIS O 258 42.80 -19.01 -48.28
CA HIS O 258 41.56 -18.28 -48.54
C HIS O 258 40.94 -17.84 -47.21
N ALA O 259 41.76 -17.23 -46.36
CA ALA O 259 41.43 -16.93 -44.97
C ALA O 259 40.18 -16.05 -44.88
N GLN O 260 40.13 -14.99 -45.69
CA GLN O 260 39.07 -14.00 -45.60
C GLN O 260 37.75 -14.59 -46.10
N GLN O 261 37.82 -15.35 -47.20
CA GLN O 261 36.65 -15.91 -47.87
C GLN O 261 35.95 -16.91 -46.94
N LEU O 262 36.74 -17.68 -46.19
CA LEU O 262 36.20 -18.68 -45.26
C LEU O 262 35.57 -17.99 -44.06
N ASN O 263 36.15 -16.86 -43.65
CA ASN O 263 35.67 -16.09 -42.52
C ASN O 263 34.24 -15.62 -42.77
N GLU O 264 34.03 -15.04 -43.97
CA GLU O 264 32.77 -14.43 -44.34
C GLU O 264 31.68 -15.48 -44.55
N ASP O 265 32.10 -16.66 -45.04
CA ASP O 265 31.18 -17.74 -45.35
C ASP O 265 30.73 -18.45 -44.08
N LEU O 266 31.56 -18.40 -43.02
CA LEU O 266 31.22 -18.99 -41.73
C LEU O 266 30.25 -18.07 -41.00
N LEU O 267 30.41 -16.76 -41.18
CA LEU O 267 29.55 -15.75 -40.58
C LEU O 267 28.16 -15.79 -41.24
N ALA O 268 28.14 -15.98 -42.57
CA ALA O 268 26.93 -15.96 -43.38
C ALA O 268 26.05 -17.18 -43.07
N PHE O 269 26.70 -18.30 -42.72
CA PHE O 269 25.99 -19.53 -42.37
C PHE O 269 25.39 -19.41 -40.96
N LEU O 270 26.06 -18.65 -40.10
CA LEU O 270 25.61 -18.47 -38.72
C LEU O 270 24.43 -17.52 -38.66
N LYS O 271 24.29 -16.66 -39.69
CA LYS O 271 23.27 -15.61 -39.70
C LYS O 271 21.98 -16.09 -40.34
N ARG O 272 22.07 -17.13 -41.20
CA ARG O 272 20.97 -17.58 -42.03
C ARG O 272 19.65 -17.59 -41.24
C15 ZIZ P . -14.67 28.24 14.09
C14 ZIZ P . -14.27 27.32 12.95
O6 ZIZ P . -14.96 27.22 11.92
N6 ZIZ P . -13.14 26.62 13.11
C13 ZIZ P . -12.55 25.78 12.07
C12 ZIZ P . -11.83 26.66 11.05
O5 ZIZ P . -11.99 27.88 11.10
N3 ZIZ P . -11.02 26.08 10.13
C2 ZIZ P . -10.53 24.72 10.10
N2 ZIZ P . -9.09 24.83 10.26
C8 ZIZ P . -8.34 24.19 11.18
O3 ZIZ P . -7.18 24.51 11.42
C9 ZIZ P . -8.92 22.98 11.92
N5 ZIZ P . -7.89 22.29 12.70
C10 ZIZ P . -7.42 22.82 13.83
C11 ZIZ P . -6.27 22.11 14.49
O4 ZIZ P . -7.88 23.88 14.30
C1 ZIZ P . -8.45 25.69 9.29
N1 ZIZ P . -9.09 27.00 9.28
C4 ZIZ P . -8.49 28.18 9.50
O1 ZIZ P . -9.10 29.25 9.49
C5 ZIZ P . -6.99 28.21 9.74
N4 ZIZ P . -6.47 29.55 10.03
C6 ZIZ P . -6.37 30.51 9.11
C7 ZIZ P . -5.73 31.81 9.56
O2 ZIZ P . -6.77 30.35 7.94
C3 ZIZ P . -10.51 26.84 9.01
C15 ZIZ Q . -6.15 40.60 46.23
C14 ZIZ Q . -5.05 40.75 45.20
O6 ZIZ Q . -5.29 40.84 43.99
N6 ZIZ Q . -3.80 40.75 45.68
C13 ZIZ Q . -2.58 40.78 44.87
C12 ZIZ Q . -2.65 41.69 43.66
O5 ZIZ Q . -3.23 42.77 43.77
N3 ZIZ Q . -2.06 41.33 42.50
C2 ZIZ Q . -1.18 40.18 42.30
N2 ZIZ Q . 0.02 40.56 41.58
C8 ZIZ Q . 1.31 40.31 41.92
O3 ZIZ Q . 2.26 40.75 41.27
C9 ZIZ Q . 1.61 39.42 43.12
N5 ZIZ Q . 2.90 38.75 42.94
C10 ZIZ Q . 3.79 38.57 43.92
C11 ZIZ Q . 5.09 37.89 43.54
O4 ZIZ Q . 3.56 38.93 45.08
C1 ZIZ Q . -0.27 41.30 40.37
N1 ZIZ Q . -0.98 42.48 40.81
C4 ZIZ Q . -0.47 43.73 40.79
O1 ZIZ Q . 0.66 43.96 40.37
C5 ZIZ Q . -1.31 44.87 41.35
N4 ZIZ Q . -1.12 46.12 40.60
C6 ZIZ Q . -0.11 46.94 40.82
C7 ZIZ Q . -0.05 48.20 39.97
O2 ZIZ Q . 0.76 46.70 41.66
C3 ZIZ Q . -2.30 42.10 41.30
C1 GOL R . -11.23 40.46 14.79
O1 GOL R . -11.12 39.25 15.52
C2 GOL R . -11.60 40.21 13.34
O2 GOL R . -12.61 39.21 13.25
C3 GOL R . -12.01 41.46 12.59
O3 GOL R . -11.26 41.58 11.39
C1 GOL S . 4.89 26.52 15.50
O1 GOL S . 5.15 25.12 15.42
C2 GOL S . 3.42 26.82 15.37
O2 GOL S . 3.11 27.15 14.02
C3 GOL S . 2.89 27.88 16.30
O3 GOL S . 3.17 27.58 17.67
C1 GOL T . -15.74 21.06 23.66
O1 GOL T . -16.86 21.69 23.05
C2 GOL T . -14.46 21.79 23.34
O2 GOL T . -14.29 21.90 21.92
C3 GOL T . -14.38 23.15 23.98
O3 GOL T . -13.08 23.74 23.82
C15 ZIZ U . -31.62 0.58 -12.43
C14 ZIZ U . -30.67 0.28 -11.28
O6 ZIZ U . -30.41 -0.87 -10.93
N6 ZIZ U . -30.11 1.34 -10.67
C13 ZIZ U . -29.23 1.24 -9.51
C12 ZIZ U . -30.05 1.08 -8.24
O5 ZIZ U . -31.19 0.65 -8.33
N3 ZIZ U . -29.50 1.43 -7.05
C2 ZIZ U . -30.27 1.32 -5.82
N2 ZIZ U . -30.37 2.65 -5.28
C8 ZIZ U . -31.48 3.42 -5.32
O3 ZIZ U . -32.39 3.24 -6.11
C9 ZIZ U . -31.69 4.47 -4.22
N5 ZIZ U . -32.06 3.69 -3.05
C10 ZIZ U . -33.29 3.43 -2.59
C11 ZIZ U . -34.46 4.13 -3.27
O4 ZIZ U . -33.47 2.60 -1.69
C1 ZIZ U . -29.06 3.09 -4.86
N1 ZIZ U . -28.33 3.21 -6.11
C4 ZIZ U . -27.90 4.38 -6.63
O1 ZIZ U . -27.28 4.44 -7.69
C5 ZIZ U . -28.19 5.66 -5.87
N4 ZIZ U . -27.80 6.90 -6.55
C6 ZIZ U . -26.54 7.32 -6.70
C7 ZIZ U . -26.36 8.68 -7.33
O2 ZIZ U . -25.57 6.63 -6.35
C3 ZIZ U . -28.17 1.94 -6.79
C15 ZIZ V . -56.20 22.52 -25.16
C14 ZIZ V . -55.57 23.81 -24.66
O6 ZIZ V . -55.31 24.75 -25.42
N6 ZIZ V . -55.31 23.87 -23.35
C13 ZIZ V . -54.66 25.02 -22.73
C12 ZIZ V . -53.14 24.91 -22.81
O5 ZIZ V . -52.64 24.55 -23.88
N3 ZIZ V . -52.41 25.18 -21.72
C2 ZIZ V . -52.97 25.52 -20.42
N2 ZIZ V . -52.68 26.92 -20.19
C8 ZIZ V . -53.68 27.81 -19.99
O3 ZIZ V . -54.86 27.54 -20.16
C9 ZIZ V . -53.33 29.20 -19.46
N5 ZIZ V . -54.18 29.55 -18.33
C10 ZIZ V . -54.28 28.81 -17.22
C11 ZIZ V . -55.14 29.38 -16.11
O4 ZIZ V . -53.70 27.71 -17.10
C1 ZIZ V . -51.27 27.24 -20.27
N1 ZIZ V . -50.70 26.70 -21.50
C4 ZIZ V . -50.05 27.39 -22.47
O1 ZIZ V . -49.42 26.83 -23.35
C5 ZIZ V . -50.20 28.91 -22.53
N4 ZIZ V . -50.17 29.25 -23.95
C6 ZIZ V . -49.13 29.84 -24.54
C7 ZIZ V . -49.12 29.83 -26.06
O2 ZIZ V . -48.23 30.40 -23.88
C3 ZIZ V . -50.96 25.29 -21.66
C1 GOL W . -33.41 46.84 -17.85
O1 GOL W . -34.60 47.58 -17.55
C2 GOL W . -33.25 46.62 -19.34
O2 GOL W . -34.51 46.73 -20.01
C3 GOL W . -32.24 47.53 -19.98
O3 GOL W . -31.05 47.63 -19.20
C1 GOL X . -33.15 14.19 1.58
O1 GOL X . -34.19 13.92 2.50
C2 GOL X . -33.63 15.03 0.42
O2 GOL X . -34.76 15.80 0.81
C3 GOL X . -33.96 14.22 -0.82
O3 GOL X . -34.91 14.88 -1.65
C1 GOL Y . -31.98 38.87 0.34
O1 GOL Y . -31.39 37.83 1.13
C2 GOL Y . -32.92 39.73 1.16
O2 GOL Y . -34.01 38.95 1.67
C3 GOL Y . -32.24 40.49 2.27
O3 GOL Y . -33.19 41.19 3.07
C1 GOL Z . -43.32 -1.98 -10.79
O1 GOL Z . -42.53 -2.44 -11.88
C2 GOL Z . -42.96 -0.58 -10.35
O2 GOL Z . -41.69 -0.56 -9.70
C3 GOL Z . -42.99 0.44 -11.48
O3 GOL Z . -42.68 1.75 -10.99
C1 GOL AA . -26.44 8.38 -17.55
O1 GOL AA . -26.19 7.07 -18.04
C2 GOL AA . -26.87 9.33 -18.65
O2 GOL AA . -27.84 10.28 -18.18
C3 GOL AA . -25.71 10.03 -19.34
O3 GOL AA . -24.72 10.45 -18.41
C1 GOL BA . -53.48 10.28 -45.82
O1 GOL BA . -53.80 8.91 -45.60
C2 GOL BA . -54.26 11.19 -44.89
O2 GOL BA . -53.74 12.52 -44.97
C3 GOL BA . -55.75 11.19 -45.14
O3 GOL BA . -56.42 12.14 -44.33
C15 ZIZ CA . -37.41 -32.32 32.56
C14 ZIZ CA . -37.00 -33.78 32.57
O6 ZIZ CA . -37.74 -34.66 33.05
N6 ZIZ CA . -35.83 -34.08 32.03
C13 ZIZ CA . -34.92 -33.12 31.42
C12 ZIZ CA . -33.51 -33.26 31.98
O5 ZIZ CA . -33.22 -32.65 33.01
N3 ZIZ CA . -32.64 -34.06 31.34
C2 ZIZ CA . -32.94 -34.85 30.17
N2 ZIZ CA . -32.29 -36.15 30.22
C8 ZIZ CA . -32.06 -36.84 29.09
O3 ZIZ CA . -32.31 -36.38 27.98
C9 ZIZ CA . -31.51 -38.26 29.19
N5 ZIZ CA . -31.31 -38.77 27.83
C10 ZIZ CA . -32.29 -39.27 27.08
C11 ZIZ CA . -31.93 -39.58 25.64
O4 ZIZ CA . -33.42 -39.49 27.53
C1 ZIZ CA . -31.92 -36.60 31.55
N1 ZIZ CA . -31.20 -35.61 32.33
C4 ZIZ CA . -30.54 -35.85 33.48
O1 ZIZ CA . -29.97 -34.98 34.12
C5 ZIZ CA . -30.49 -37.29 34.01
N4 ZIZ CA . -29.63 -37.31 35.19
C6 ZIZ CA . -29.46 -38.36 35.98
C7 ZIZ CA . -28.56 -38.17 37.17
O2 ZIZ CA . -30.03 -39.44 35.76
C3 ZIZ CA . -31.26 -34.28 31.76
C1 GOL DA . -12.92 -13.05 34.64
O1 GOL DA . -13.11 -14.38 35.09
C2 GOL DA . -11.86 -12.32 35.44
O2 GOL DA . -12.42 -11.13 36.02
C3 GOL DA . -11.21 -13.16 36.51
O3 GOL DA . -9.79 -12.96 36.53
C15 ZIZ EA . -16.10 -5.46 26.17
C14 ZIZ EA . -14.76 -5.46 25.47
O6 ZIZ EA . -14.20 -4.41 25.12
N6 ZIZ EA . -14.23 -6.66 25.21
C13 ZIZ EA . -12.93 -6.86 24.60
C12 ZIZ EA . -12.91 -6.48 23.12
O5 ZIZ EA . -13.95 -6.56 22.48
N3 ZIZ EA . -11.72 -6.12 22.57
C2 ZIZ EA . -11.53 -5.75 21.19
N2 ZIZ EA . -10.84 -6.88 20.61
C8 ZIZ EA . -11.37 -7.64 19.64
O3 ZIZ EA . -10.78 -8.60 19.14
C9 ZIZ EA . -12.78 -7.32 19.15
N5 ZIZ EA . -13.52 -8.48 18.68
C10 ZIZ EA . -13.57 -8.82 17.39
C11 ZIZ EA . -14.48 -9.99 17.03
O4 ZIZ EA . -12.93 -8.22 16.53
C1 ZIZ EA . -9.55 -7.13 21.25
N1 ZIZ EA . -9.76 -7.27 22.67
C4 ZIZ EA . -9.37 -8.32 23.42
O1 ZIZ EA . -9.68 -8.45 24.61
C5 ZIZ EA . -8.50 -9.41 22.81
N4 ZIZ EA . -8.62 -10.67 23.51
C6 ZIZ EA . -7.82 -11.06 24.50
C7 ZIZ EA . -8.08 -12.43 25.11
O2 ZIZ EA . -6.88 -10.35 24.89
C3 ZIZ EA . -10.45 -6.14 23.25
C1 GOL FA . -10.88 -20.44 17.81
O1 GOL FA . -11.99 -21.20 17.35
C2 GOL FA . -10.07 -19.86 16.68
O2 GOL FA . -9.04 -19.01 17.18
C3 GOL FA . -9.48 -20.91 15.76
O3 GOL FA . -9.58 -20.51 14.39
C1 GOL GA . -26.14 -8.47 21.44
O1 GOL GA . -25.10 -9.45 21.50
C2 GOL GA . -25.63 -7.13 20.97
O2 GOL GA . -26.66 -6.16 21.02
C3 GOL GA . -25.01 -7.17 19.58
O3 GOL GA . -23.68 -6.65 19.59
C1 GOL HA . 0.68 -12.15 -4.95
O1 GOL HA . 0.83 -11.95 -3.54
C2 GOL HA . 0.94 -10.88 -5.73
O2 GOL HA . 0.16 -9.80 -5.22
C3 GOL HA . 2.40 -10.49 -5.80
O3 GOL HA . 2.65 -9.56 -6.85
C1 GOL IA . 33.09 -4.05 9.06
O1 GOL IA . 31.67 -3.91 9.13
C2 GOL IA . 33.76 -2.69 9.08
O2 GOL IA . 35.08 -2.81 9.60
C3 GOL IA . 33.77 -2.02 7.73
O3 GOL IA . 34.21 -0.66 7.81
C15 ZIZ JA . -4.16 0.10 -7.75
C14 ZIZ JA . -4.36 0.87 -6.47
O6 ZIZ JA . -5.49 1.01 -5.95
N6 ZIZ JA . -3.26 1.40 -5.93
C13 ZIZ JA . -3.25 2.43 -4.90
C12 ZIZ JA . -3.22 1.88 -3.48
O5 ZIZ JA . -3.06 0.68 -3.32
N3 ZIZ JA . -3.30 2.77 -2.46
C2 ZIZ JA . -3.12 4.20 -2.57
N2 ZIZ JA . -1.86 4.45 -1.91
C8 ZIZ JA . -0.76 4.87 -2.55
O3 ZIZ JA . -0.62 4.82 -3.76
C9 ZIZ JA . 0.33 5.56 -1.73
N5 ZIZ JA . -0.10 6.95 -1.62
C10 ZIZ JA . 0.73 7.98 -1.66
C11 ZIZ JA . 2.21 7.67 -1.76
O4 ZIZ JA . 0.31 9.15 -1.64
C1 ZIZ JA . -1.87 4.06 -0.51
N1 ZIZ JA . -2.15 2.64 -0.59
C4 ZIZ JA . -1.32 1.60 -0.40
O1 ZIZ JA . -1.71 0.43 -0.49
C5 ZIZ JA . 0.15 1.86 -0.12
N4 ZIZ JA . 0.94 0.70 -0.54
C6 ZIZ JA . 0.92 -0.47 0.11
C7 ZIZ JA . 1.77 -1.58 -0.48
O2 ZIZ JA . 0.25 -0.64 1.15
C3 ZIZ JA . -3.51 2.41 -1.08
C15 ZIZ KA . 23.09 -5.52 -29.29
C14 ZIZ KA . 23.34 -5.94 -27.85
O6 ZIZ KA . 22.48 -5.77 -26.96
N6 ZIZ KA . 24.51 -6.51 -27.59
C13 ZIZ KA . 24.91 -6.99 -26.27
C12 ZIZ KA . 25.01 -5.84 -25.29
O5 ZIZ KA . 25.23 -4.72 -25.74
N3 ZIZ KA . 24.89 -6.06 -23.95
C2 ZIZ KA . 24.81 -4.95 -23.03
N2 ZIZ KA . 25.87 -5.11 -22.06
C8 ZIZ KA . 26.98 -4.33 -22.02
O3 ZIZ KA . 27.15 -3.40 -22.81
C9 ZIZ KA . 28.07 -4.62 -21.00
N5 ZIZ KA . 28.82 -3.40 -20.69
C10 ZIZ KA . 29.74 -2.87 -21.51
C11 ZIZ KA . 30.39 -1.56 -21.04
O4 ZIZ KA . 30.02 -3.40 -22.59
C1 ZIZ KA . 25.53 -6.23 -21.21
N1 ZIZ KA . 25.61 -7.42 -22.05
C4 ZIZ KA . 26.32 -8.48 -21.61
O1 ZIZ KA . 26.78 -8.53 -20.47
C5 ZIZ KA . 26.64 -9.62 -22.56
N4 ZIZ KA . 26.63 -10.91 -21.88
C6 ZIZ KA . 27.60 -11.36 -21.09
C7 ZIZ KA . 27.38 -12.70 -20.42
O2 ZIZ KA . 28.65 -10.71 -20.91
C3 ZIZ KA . 24.85 -7.35 -23.28
C1 GOL LA . 12.00 6.47 2.52
O1 GOL LA . 11.38 7.73 2.26
C2 GOL LA . 11.46 5.37 1.63
O2 GOL LA . 10.03 5.26 1.75
C3 GOL LA . 11.83 5.50 0.18
O3 GOL LA . 11.54 4.30 -0.55
C1 GOL MA . 12.65 23.25 -31.75
O1 GOL MA . 12.10 23.03 -33.05
C2 GOL MA . 12.10 22.26 -30.75
O2 GOL MA . 12.35 20.92 -31.19
C3 GOL MA . 12.64 22.47 -29.35
O3 GOL MA . 11.58 22.79 -28.45
C1 GOL NA . 30.92 35.09 -2.75
O1 GOL NA . 31.10 35.09 -4.16
C2 GOL NA . 31.24 33.74 -2.14
O2 GOL NA . 32.63 33.44 -2.24
C3 GOL NA . 30.77 33.61 -0.70
O3 GOL NA . 31.03 32.31 -0.18
C1 GOL OA . 23.95 5.97 -12.80
O1 GOL OA . 25.13 5.60 -12.08
C2 GOL OA . 23.20 7.09 -12.11
O2 GOL OA . 23.00 6.78 -10.73
C3 GOL OA . 23.86 8.44 -12.27
O3 GOL OA . 23.59 9.02 -13.55
C1 GOL PA . 0.58 6.75 -15.76
O1 GOL PA . 1.58 6.16 -14.92
C2 GOL PA . -0.74 6.84 -15.04
O2 GOL PA . -0.71 7.91 -14.08
C3 GOL PA . -1.94 6.96 -15.94
O3 GOL PA . -1.87 8.12 -16.77
C1 GOL QA . 9.07 -3.75 -26.11
O1 GOL QA . 9.02 -4.55 -27.29
C2 GOL QA . 9.67 -2.39 -26.39
O2 GOL QA . 9.00 -1.78 -27.49
C3 GOL QA . 11.17 -2.43 -26.63
O3 GOL QA . 11.62 -1.32 -27.40
C1 GOL RA . 1.64 -29.15 -24.42
O1 GOL RA . 2.31 -30.26 -23.82
C2 GOL RA . 1.82 -27.90 -23.60
O2 GOL RA . 3.18 -27.77 -23.18
C3 GOL RA . 1.37 -26.64 -24.31
O3 GOL RA . 0.54 -25.85 -23.47
C1 GOL SA . 82.79 -32.97 -27.51
O1 GOL SA . 84.05 -33.35 -26.95
C2 GOL SA . 82.95 -32.02 -28.68
O2 GOL SA . 82.06 -32.38 -29.73
C3 GOL SA . 82.79 -30.56 -28.31
O3 GOL SA . 81.78 -29.91 -29.06
C1 GOL TA . 50.24 -41.02 -21.40
O1 GOL TA . 50.66 -41.29 -20.06
C2 GOL TA . 49.92 -39.56 -21.62
O2 GOL TA . 49.06 -39.08 -20.59
C3 GOL TA . 51.14 -38.68 -21.74
O3 GOL TA . 50.85 -37.44 -22.39
C1 GOL UA . 59.43 -23.58 -12.66
O1 GOL UA . 59.27 -24.37 -13.82
C2 GOL UA . 59.43 -24.41 -11.39
O2 GOL UA . 58.15 -25.01 -11.20
C3 GOL UA . 59.85 -23.64 -10.15
O3 GOL UA . 59.31 -22.32 -10.14
C15 ZIZ VA . 42.85 -30.66 -17.25
C14 ZIZ VA . 43.62 -30.86 -15.95
O6 ZIZ VA . 44.84 -30.59 -15.87
N6 ZIZ VA . 42.93 -31.31 -14.91
C13 ZIZ VA . 43.52 -31.59 -13.60
C12 ZIZ VA . 43.93 -30.34 -12.83
O5 ZIZ VA . 43.44 -29.26 -13.13
N3 ZIZ VA . 44.83 -30.45 -11.82
C2 ZIZ VA . 45.26 -29.34 -11.02
N2 ZIZ VA . 46.60 -29.01 -11.47
C8 ZIZ VA . 47.14 -27.77 -11.49
O3 ZIZ VA . 48.23 -27.53 -12.00
C9 ZIZ VA . 46.38 -26.61 -10.83
N5 ZIZ VA . 47.22 -25.43 -10.81
C10 ZIZ VA . 46.89 -24.30 -11.41
C11 ZIZ VA . 47.94 -23.19 -11.44
O4 ZIZ VA . 45.77 -24.15 -11.93
C1 ZIZ VA . 47.35 -30.17 -11.89
N1 ZIZ VA . 46.92 -31.34 -11.16
C4 ZIZ VA . 47.67 -32.04 -10.29
O1 ZIZ VA . 47.28 -33.05 -9.73
C5 ZIZ VA . 49.08 -31.54 -9.99
N4 ZIZ VA . 50.11 -32.43 -10.53
C6 ZIZ VA . 50.42 -32.47 -11.82
C7 ZIZ VA . 51.53 -33.42 -12.23
O2 ZIZ VA . 49.83 -31.77 -12.66
C3 ZIZ VA . 45.53 -31.67 -11.46
C15 ZIZ WA . 60.02 -20.85 -46.04
C14 ZIZ WA . 60.75 -21.61 -44.94
O6 ZIZ WA . 60.14 -22.08 -43.95
N6 ZIZ WA . 62.06 -21.77 -45.09
C13 ZIZ WA . 62.91 -22.45 -44.11
C12 ZIZ WA . 63.13 -21.59 -42.87
O5 ZIZ WA . 62.74 -20.42 -42.90
N3 ZIZ WA . 63.74 -22.12 -41.79
C2 ZIZ WA . 63.89 -21.33 -40.57
N2 ZIZ WA . 65.31 -21.20 -40.35
C8 ZIZ WA . 66.04 -20.07 -40.41
O3 ZIZ WA . 65.52 -18.95 -40.56
C9 ZIZ WA . 67.56 -20.17 -40.37
N5 ZIZ WA . 68.20 -19.16 -39.54
C10 ZIZ WA . 68.51 -17.94 -39.97
C11 ZIZ WA . 69.30 -17.06 -39.03
O4 ZIZ WA . 68.16 -17.55 -41.10
C1 ZIZ WA . 65.88 -22.51 -40.08
N1 ZIZ WA . 65.73 -23.28 -41.31
C4 ZIZ WA . 66.81 -23.67 -42.01
O1 ZIZ WA . 67.90 -23.11 -41.93
C5 ZIZ WA . 66.73 -24.96 -42.82
N4 ZIZ WA . 67.69 -25.84 -42.18
C6 ZIZ WA . 68.06 -27.05 -42.58
C7 ZIZ WA . 67.41 -27.59 -43.83
O2 ZIZ WA . 68.92 -27.70 -41.96
C3 ZIZ WA . 64.33 -23.43 -41.69
C1 GOL XA . 42.43 -20.47 -23.10
O1 GOL XA . 43.51 -21.21 -22.56
C2 GOL XA . 41.18 -20.59 -22.24
O2 GOL XA . 40.06 -19.99 -22.89
C3 GOL XA . 41.35 -20.02 -20.85
O3 GOL XA . 41.63 -21.05 -19.91
#